data_3VT2
#
_entry.id   3VT2
#
_cell.length_a   107.226
_cell.length_b   121.972
_cell.length_c   405.208
_cell.angle_alpha   90.000
_cell.angle_beta   90.000
_cell.angle_gamma   90.000
#
_symmetry.space_group_name_H-M   'P 21 21 21'
#
loop_
_entity.id
_entity.type
_entity.pdbx_description
1 polymer 'Ricin B lectin'
2 non-polymer '1-methylethyl 1-thio-beta-D-galactopyranoside'
3 non-polymer GLYCEROL
#
_entity_poly.entity_id   1
_entity_poly.type   'polypeptide(L)'
_entity_poly.pdbx_seq_one_letter_code
;MGSSHHHHHHSSGLVPRGSHMASMTGGQQMGRGSEFAAEGVIVNGTQFKDTSGNVIHAHGGGMLKHGDYYYWYGEYRDDS
NLFLGVSCYRSKDLVNWEYRGEVLSRNSAPELNHCNIERPKVMYNASTGEFVMWMHWENGINYGQARAAVAYSKTPDGKF
TYIRSFRPMQDTGVMDHGLPGYMSRDCNVFVDTDGKGYFISAANENMDLHLYELTPDYKNIASLKAKLFVGQQREAPCLI
KRNGYYYLITSGCTGWNPNQAKYAYSKDLASGWSQLYNLGNSTTYRSQPTFIIPVQGSSGTSYLYMGDRWAGAWGGKVND
SQYVWLPLNFISDTTLELPYYDSVKIDASSGIISEYIPDTTRYKLVNKNSGKVLDVLDGSVDNAAQIVQWTDNGSLSQQW
YLVDVGGGYKKIVNVKSGRALDVKDESKEDGGVLIQYTSNGGYNQHWKFTDIGDGYYKISSRHCGKLIDVRKWSTEDGGI
IQQWSDAGGTNQHWKLVLVSSPEPSPSPSPQVVKGDVNGDLKVNST
;
_entity_poly.pdbx_strand_id   A,B,C,D,E,F
#
# COMPACT_ATOMS: atom_id res chain seq x y z
N GLU A 39 39.56 8.02 -16.76
CA GLU A 39 38.73 7.63 -17.89
C GLU A 39 38.58 6.12 -17.92
N GLY A 40 37.97 5.58 -16.86
CA GLY A 40 37.77 4.14 -16.76
C GLY A 40 36.41 3.69 -17.23
N VAL A 41 36.23 3.62 -18.55
CA VAL A 41 34.96 3.23 -19.13
C VAL A 41 35.11 1.97 -19.97
N ILE A 42 34.19 1.04 -19.81
CA ILE A 42 34.22 -0.22 -20.55
C ILE A 42 33.01 -0.35 -21.47
N VAL A 43 33.22 -0.89 -22.66
CA VAL A 43 32.14 -1.10 -23.62
C VAL A 43 31.81 -2.58 -23.73
N ASN A 44 30.67 -2.98 -23.19
CA ASN A 44 30.23 -4.37 -23.23
C ASN A 44 29.90 -4.84 -24.63
N GLY A 45 29.90 -6.16 -24.82
CA GLY A 45 29.58 -6.75 -26.10
C GLY A 45 30.71 -6.61 -27.10
N THR A 46 31.92 -6.38 -26.61
CA THR A 46 33.09 -6.24 -27.46
C THR A 46 34.28 -7.01 -26.90
N GLN A 47 35.38 -7.01 -27.64
CA GLN A 47 36.60 -7.64 -27.18
C GLN A 47 37.58 -6.59 -26.65
N PHE A 48 37.79 -6.60 -25.34
CA PHE A 48 38.68 -5.63 -24.71
C PHE A 48 40.09 -5.75 -25.30
N LYS A 49 40.89 -4.70 -25.11
CA LYS A 49 42.27 -4.71 -25.58
C LYS A 49 43.24 -4.31 -24.47
N ASP A 50 44.34 -5.05 -24.36
CA ASP A 50 45.35 -4.77 -23.35
C ASP A 50 46.14 -3.50 -23.69
N THR A 51 47.03 -3.11 -22.77
CA THR A 51 47.83 -1.90 -22.95
C THR A 51 48.68 -1.97 -24.21
N SER A 52 49.00 -3.18 -24.64
CA SER A 52 49.83 -3.38 -25.83
C SER A 52 49.06 -3.04 -27.10
N GLY A 53 47.74 -3.06 -27.01
CA GLY A 53 46.89 -2.75 -28.16
C GLY A 53 46.37 -4.00 -28.84
N ASN A 54 46.56 -5.15 -28.19
CA ASN A 54 46.10 -6.42 -28.74
C ASN A 54 44.86 -6.95 -28.03
N VAL A 55 44.04 -7.70 -28.76
CA VAL A 55 42.80 -8.25 -28.22
C VAL A 55 43.08 -9.21 -27.07
N ILE A 56 42.44 -8.96 -25.92
CA ILE A 56 42.59 -9.82 -24.75
C ILE A 56 41.91 -11.17 -24.97
N HIS A 57 42.62 -12.24 -24.66
CA HIS A 57 42.10 -13.59 -24.83
C HIS A 57 42.09 -14.37 -23.52
N ALA A 58 41.10 -14.09 -22.67
CA ALA A 58 40.94 -14.79 -21.41
C ALA A 58 39.48 -15.24 -21.23
N HIS A 59 39.02 -16.08 -22.15
CA HIS A 59 37.63 -16.51 -22.15
C HIS A 59 37.31 -17.47 -21.00
N GLY A 60 36.11 -17.37 -20.48
CA GLY A 60 35.66 -18.23 -19.39
C GLY A 60 36.57 -18.18 -18.18
N GLY A 61 37.29 -17.07 -18.03
CA GLY A 61 38.27 -16.95 -16.97
C GLY A 61 37.71 -16.42 -15.67
N GLY A 62 38.60 -16.03 -14.77
CA GLY A 62 38.22 -15.47 -13.49
C GLY A 62 39.15 -14.35 -13.08
N MET A 63 39.11 -13.96 -11.81
CA MET A 63 39.94 -12.86 -11.33
C MET A 63 40.35 -13.04 -9.87
N LEU A 64 41.51 -12.50 -9.52
CA LEU A 64 42.03 -12.61 -8.16
C LEU A 64 42.60 -11.27 -7.70
N LYS A 65 42.25 -10.86 -6.49
CA LYS A 65 42.75 -9.62 -5.92
C LYS A 65 43.80 -9.90 -4.85
N HIS A 66 45.06 -9.61 -5.18
CA HIS A 66 46.16 -9.84 -4.24
C HIS A 66 47.08 -8.62 -4.19
N GLY A 67 47.30 -8.10 -2.99
CA GLY A 67 48.18 -6.95 -2.81
C GLY A 67 47.58 -5.67 -3.37
N ASP A 68 48.09 -5.23 -4.51
CA ASP A 68 47.63 -3.99 -5.12
C ASP A 68 47.20 -4.22 -6.56
N TYR A 69 47.02 -5.48 -6.95
CA TYR A 69 46.72 -5.81 -8.34
C TYR A 69 45.52 -6.73 -8.50
N TYR A 70 44.82 -6.56 -9.61
CA TYR A 70 43.74 -7.47 -9.98
C TYR A 70 44.21 -8.34 -11.14
N TYR A 71 44.21 -9.66 -10.93
CA TYR A 71 44.70 -10.59 -11.94
C TYR A 71 43.55 -11.26 -12.69
N TRP A 72 43.55 -11.11 -14.01
CA TRP A 72 42.53 -11.72 -14.84
C TRP A 72 43.07 -12.93 -15.58
N TYR A 73 42.62 -14.12 -15.19
CA TYR A 73 43.03 -15.36 -15.83
C TYR A 73 41.94 -15.81 -16.79
N GLY A 74 42.32 -16.66 -17.75
CA GLY A 74 41.37 -17.17 -18.72
C GLY A 74 42.03 -18.04 -19.77
N GLU A 75 41.21 -18.77 -20.52
CA GLU A 75 41.72 -19.67 -21.56
C GLU A 75 41.39 -19.17 -22.96
N TYR A 76 42.03 -19.78 -23.96
CA TYR A 76 41.79 -19.44 -25.35
C TYR A 76 42.32 -20.53 -26.27
N ARG A 77 41.50 -20.94 -27.23
CA ARG A 77 41.90 -21.97 -28.20
C ARG A 77 42.96 -21.43 -29.16
N ASP A 78 43.55 -22.33 -29.93
CA ASP A 78 44.59 -21.97 -30.89
C ASP A 78 44.06 -21.95 -32.33
N ASP A 79 44.15 -23.09 -33.01
CA ASP A 79 43.66 -23.21 -34.37
C ASP A 79 42.86 -24.50 -34.53
N SER A 80 43.19 -25.49 -33.71
CA SER A 80 42.49 -26.78 -33.75
C SER A 80 41.37 -26.81 -32.70
N ASN A 81 40.97 -25.63 -32.25
CA ASN A 81 39.92 -25.52 -31.24
C ASN A 81 40.29 -26.29 -29.97
N LEU A 82 41.59 -26.36 -29.69
CA LEU A 82 42.06 -27.07 -28.50
C LEU A 82 42.77 -26.12 -27.55
N PHE A 83 43.04 -26.60 -26.33
CA PHE A 83 43.69 -25.78 -25.32
C PHE A 83 45.10 -25.37 -25.72
N LEU A 84 45.33 -24.06 -25.82
CA LEU A 84 46.66 -23.54 -26.12
C LEU A 84 47.35 -23.10 -24.84
N GLY A 85 46.71 -22.20 -24.09
CA GLY A 85 47.28 -21.71 -22.85
C GLY A 85 46.32 -20.88 -22.03
N VAL A 86 46.67 -20.67 -20.77
CA VAL A 86 45.85 -19.86 -19.86
C VAL A 86 46.52 -18.52 -19.63
N SER A 87 46.02 -17.48 -20.29
CA SER A 87 46.62 -16.15 -20.21
C SER A 87 46.42 -15.50 -18.85
N CYS A 88 47.18 -14.44 -18.59
CA CYS A 88 47.08 -13.71 -17.34
C CYS A 88 47.31 -12.22 -17.56
N TYR A 89 46.37 -11.41 -17.05
CA TYR A 89 46.48 -9.96 -17.18
C TYR A 89 46.41 -9.28 -15.81
N ARG A 90 47.28 -8.31 -15.60
CA ARG A 90 47.29 -7.55 -14.36
C ARG A 90 46.86 -6.12 -14.58
N SER A 91 46.22 -5.52 -13.58
CA SER A 91 45.74 -4.15 -13.68
C SER A 91 45.35 -3.58 -12.32
N LYS A 92 45.38 -2.26 -12.20
CA LYS A 92 44.97 -1.58 -10.98
C LYS A 92 43.65 -0.82 -11.19
N ASP A 93 43.40 -0.42 -12.43
CA ASP A 93 42.22 0.37 -12.76
C ASP A 93 41.09 -0.49 -13.32
N LEU A 94 41.38 -1.75 -13.58
CA LEU A 94 40.39 -2.70 -14.08
C LEU A 94 39.91 -2.36 -15.49
N VAL A 95 40.58 -1.41 -16.14
CA VAL A 95 40.24 -1.02 -17.51
C VAL A 95 41.41 -1.24 -18.45
N ASN A 96 42.60 -0.82 -18.01
CA ASN A 96 43.81 -1.04 -18.78
C ASN A 96 44.57 -2.27 -18.31
N TRP A 97 44.50 -3.34 -19.10
CA TRP A 97 45.12 -4.61 -18.72
C TRP A 97 46.50 -4.78 -19.32
N GLU A 98 47.39 -5.41 -18.56
CA GLU A 98 48.77 -5.63 -18.99
C GLU A 98 49.05 -7.11 -19.19
N TYR A 99 49.57 -7.46 -20.36
CA TYR A 99 49.85 -8.86 -20.69
C TYR A 99 51.02 -9.39 -19.85
N ARG A 100 50.87 -10.61 -19.36
CA ARG A 100 51.90 -11.23 -18.53
C ARG A 100 52.30 -12.63 -19.02
N GLY A 101 51.74 -13.04 -20.15
CA GLY A 101 52.07 -14.34 -20.73
C GLY A 101 51.15 -15.45 -20.26
N GLU A 102 51.48 -16.67 -20.65
CA GLU A 102 50.68 -17.84 -20.26
C GLU A 102 51.19 -18.48 -18.98
N VAL A 103 50.43 -18.34 -17.90
CA VAL A 103 50.78 -18.96 -16.64
C VAL A 103 50.68 -20.48 -16.75
N LEU A 104 49.94 -20.94 -17.76
CA LEU A 104 49.80 -22.36 -18.03
C LEU A 104 49.78 -22.58 -19.54
N SER A 105 50.59 -23.52 -20.02
CA SER A 105 50.70 -23.75 -21.45
C SER A 105 50.41 -25.20 -21.81
N ARG A 106 50.23 -25.45 -23.10
CA ARG A 106 50.03 -26.82 -23.59
C ARG A 106 51.32 -27.61 -23.47
N ASN A 107 52.38 -26.93 -23.04
CA ASN A 107 53.68 -27.55 -22.86
C ASN A 107 53.97 -27.85 -21.39
N SER A 108 53.13 -27.33 -20.52
CA SER A 108 53.32 -27.49 -19.08
C SER A 108 53.21 -28.95 -18.65
N ALA A 109 52.57 -29.77 -19.47
CA ALA A 109 52.36 -31.18 -19.15
C ALA A 109 52.07 -32.00 -20.40
N PRO A 110 52.37 -33.31 -20.36
CA PRO A 110 52.10 -34.22 -21.47
C PRO A 110 50.63 -34.25 -21.84
N GLU A 111 49.77 -34.24 -20.82
CA GLU A 111 48.33 -34.26 -21.04
C GLU A 111 47.84 -33.02 -21.77
N LEU A 112 48.49 -31.90 -21.50
CA LEU A 112 48.06 -30.61 -22.05
C LEU A 112 48.43 -30.43 -23.52
N ASN A 113 49.14 -31.41 -24.07
CA ASN A 113 49.54 -31.36 -25.48
C ASN A 113 48.35 -31.47 -26.41
N HIS A 114 47.29 -32.12 -25.95
CA HIS A 114 46.10 -32.34 -26.76
C HIS A 114 44.88 -32.54 -25.88
N CYS A 115 44.21 -31.43 -25.53
CA CYS A 115 43.07 -31.49 -24.62
C CYS A 115 42.22 -30.22 -24.67
N ASN A 116 41.10 -30.26 -23.97
CA ASN A 116 40.23 -29.10 -23.81
C ASN A 116 40.25 -28.60 -22.37
N ILE A 117 40.60 -27.34 -22.18
CA ILE A 117 40.57 -26.72 -20.85
C ILE A 117 39.67 -25.50 -20.83
N GLU A 118 38.72 -25.50 -19.90
CA GLU A 118 37.73 -24.43 -19.80
C GLU A 118 37.57 -23.97 -18.36
N ARG A 119 37.18 -22.71 -18.18
CA ARG A 119 36.88 -22.15 -16.87
C ARG A 119 37.98 -22.37 -15.84
N PRO A 120 39.17 -21.81 -16.11
CA PRO A 120 40.27 -21.86 -15.15
C PRO A 120 40.14 -20.78 -14.09
N LYS A 121 40.15 -21.18 -12.81
CA LYS A 121 40.02 -20.24 -11.71
C LYS A 121 41.21 -20.35 -10.76
N VAL A 122 41.55 -19.24 -10.11
CA VAL A 122 42.69 -19.22 -9.18
C VAL A 122 42.32 -18.67 -7.82
N MET A 123 42.77 -19.34 -6.76
CA MET A 123 42.51 -18.92 -5.39
C MET A 123 43.80 -18.85 -4.60
N TYR A 124 43.82 -18.03 -3.56
CA TYR A 124 45.02 -17.84 -2.75
C TYR A 124 44.96 -18.57 -1.41
N ASN A 125 46.11 -19.11 -0.99
CA ASN A 125 46.22 -19.78 0.29
C ASN A 125 47.07 -18.96 1.26
N ALA A 126 46.45 -18.48 2.33
CA ALA A 126 47.13 -17.62 3.29
C ALA A 126 48.27 -18.34 4.02
N SER A 127 48.02 -19.58 4.43
CA SER A 127 49.01 -20.35 5.18
C SER A 127 50.27 -20.62 4.36
N THR A 128 50.11 -21.29 3.22
CA THR A 128 51.23 -21.66 2.38
C THR A 128 51.88 -20.44 1.75
N GLY A 129 51.07 -19.59 1.12
CA GLY A 129 51.57 -18.41 0.44
C GLY A 129 51.72 -18.64 -1.05
N GLU A 130 51.04 -19.67 -1.55
CA GLU A 130 51.09 -20.00 -2.97
C GLU A 130 49.70 -19.88 -3.60
N PHE A 131 49.66 -19.93 -4.93
CA PHE A 131 48.40 -19.77 -5.65
C PHE A 131 47.96 -21.06 -6.33
N VAL A 132 46.84 -21.61 -5.88
CA VAL A 132 46.30 -22.84 -6.45
C VAL A 132 45.32 -22.53 -7.59
N MET A 133 45.45 -23.24 -8.69
CA MET A 133 44.61 -23.01 -9.86
C MET A 133 43.82 -24.26 -10.24
N TRP A 134 42.50 -24.10 -10.34
CA TRP A 134 41.62 -25.20 -10.75
C TRP A 134 41.05 -24.96 -12.14
N MET A 135 40.51 -25.99 -12.75
CA MET A 135 39.99 -25.89 -14.11
C MET A 135 39.21 -27.12 -14.53
N HIS A 136 38.75 -27.12 -15.78
CA HIS A 136 38.01 -28.24 -16.35
C HIS A 136 38.83 -28.88 -17.47
N TRP A 137 39.04 -30.18 -17.38
CA TRP A 137 39.89 -30.88 -18.35
C TRP A 137 39.11 -31.91 -19.16
N GLU A 138 39.46 -32.01 -20.44
CA GLU A 138 38.85 -33.00 -21.34
C GLU A 138 39.90 -33.53 -22.32
N ASN A 139 39.59 -34.67 -22.94
CA ASN A 139 40.51 -35.31 -23.87
C ASN A 139 40.86 -34.45 -25.09
N GLY A 140 39.87 -33.75 -25.61
CA GLY A 140 40.04 -32.99 -26.84
C GLY A 140 39.44 -33.74 -28.02
N ILE A 141 39.08 -35.00 -27.77
CA ILE A 141 38.43 -35.82 -28.77
C ILE A 141 36.95 -35.94 -28.44
N ASN A 142 36.64 -35.97 -27.14
CA ASN A 142 35.27 -36.06 -26.67
C ASN A 142 35.11 -35.50 -25.27
N TYR A 143 33.91 -35.65 -24.71
CA TYR A 143 33.61 -35.13 -23.38
C TYR A 143 33.27 -36.23 -22.37
N GLY A 144 33.88 -37.40 -22.55
CA GLY A 144 33.68 -38.50 -21.64
C GLY A 144 34.48 -38.33 -20.36
N GLN A 145 35.63 -37.67 -20.47
CA GLN A 145 36.51 -37.47 -19.33
C GLN A 145 36.15 -36.21 -18.56
N ALA A 146 35.00 -36.23 -17.90
CA ALA A 146 34.57 -35.10 -17.09
C ALA A 146 35.40 -35.02 -15.81
N ARG A 147 36.60 -34.45 -15.93
CA ARG A 147 37.51 -34.37 -14.80
C ARG A 147 38.04 -32.95 -14.60
N ALA A 148 38.47 -32.65 -13.39
CA ALA A 148 39.07 -31.37 -13.08
C ALA A 148 40.59 -31.44 -13.21
N ALA A 149 41.26 -30.33 -12.94
CA ALA A 149 42.72 -30.26 -13.00
C ALA A 149 43.25 -29.21 -12.04
N VAL A 150 44.45 -29.45 -11.52
CA VAL A 150 45.03 -28.55 -10.53
C VAL A 150 46.45 -28.12 -10.90
N ALA A 151 46.78 -26.88 -10.56
CA ALA A 151 48.13 -26.35 -10.73
C ALA A 151 48.42 -25.35 -9.62
N TYR A 152 49.65 -24.85 -9.56
CA TYR A 152 50.00 -23.87 -8.53
C TYR A 152 51.33 -23.17 -8.83
N SER A 153 51.57 -22.08 -8.13
CA SER A 153 52.79 -21.29 -8.31
C SER A 153 53.01 -20.38 -7.10
N LYS A 154 54.27 -20.08 -6.82
CA LYS A 154 54.62 -19.18 -5.72
C LYS A 154 54.25 -17.75 -6.08
N THR A 155 54.18 -17.47 -7.38
CA THR A 155 53.85 -16.13 -7.87
C THR A 155 52.59 -16.15 -8.72
N PRO A 156 51.89 -15.01 -8.80
CA PRO A 156 50.64 -14.90 -9.56
C PRO A 156 50.85 -14.95 -11.07
N ASP A 157 51.79 -14.16 -11.56
CA ASP A 157 52.05 -14.07 -12.99
C ASP A 157 53.19 -14.99 -13.41
N GLY A 158 53.55 -15.92 -12.53
CA GLY A 158 54.61 -16.86 -12.81
C GLY A 158 54.09 -18.14 -13.46
N LYS A 159 55.01 -18.90 -14.06
CA LYS A 159 54.63 -20.14 -14.73
C LYS A 159 54.17 -21.20 -13.74
N PHE A 160 52.87 -21.49 -13.77
CA PHE A 160 52.28 -22.50 -12.90
C PHE A 160 52.79 -23.90 -13.25
N THR A 161 52.87 -24.75 -12.24
CA THR A 161 53.31 -26.14 -12.46
C THR A 161 52.11 -27.09 -12.38
N TYR A 162 51.77 -27.69 -13.51
CA TYR A 162 50.65 -28.61 -13.58
C TYR A 162 50.86 -29.81 -12.66
N ILE A 163 49.80 -30.21 -11.98
CA ILE A 163 49.87 -31.35 -11.06
C ILE A 163 49.25 -32.61 -11.67
N ARG A 164 47.92 -32.64 -11.71
CA ARG A 164 47.20 -33.83 -12.16
C ARG A 164 45.73 -33.53 -12.47
N SER A 165 45.20 -34.21 -13.47
CA SER A 165 43.77 -34.15 -13.76
C SER A 165 43.09 -35.40 -13.21
N PHE A 166 41.89 -35.24 -12.68
CA PHE A 166 41.21 -36.35 -12.04
C PHE A 166 39.73 -36.09 -11.83
N ARG A 167 38.97 -37.16 -11.59
CA ARG A 167 37.57 -37.05 -11.25
C ARG A 167 37.40 -37.22 -9.75
N PRO A 168 36.94 -36.15 -9.08
CA PRO A 168 36.83 -36.09 -7.62
C PRO A 168 36.24 -37.35 -7.02
N MET A 169 36.71 -37.71 -5.82
CA MET A 169 36.17 -38.84 -5.08
C MET A 169 36.39 -40.17 -5.82
N GLN A 170 37.60 -40.39 -6.30
CA GLN A 170 37.93 -41.62 -7.03
C GLN A 170 38.10 -42.81 -6.09
N ASP A 171 38.71 -42.56 -4.94
CA ASP A 171 39.03 -43.64 -3.99
C ASP A 171 37.80 -44.19 -3.28
N THR A 172 36.74 -43.38 -3.18
CA THR A 172 35.51 -43.82 -2.54
C THR A 172 34.91 -45.00 -3.30
N GLY A 173 35.35 -45.18 -4.54
CA GLY A 173 34.91 -46.30 -5.36
C GLY A 173 33.57 -46.05 -6.03
N VAL A 174 33.00 -44.88 -5.78
CA VAL A 174 31.70 -44.52 -6.35
C VAL A 174 31.78 -44.39 -7.87
N MET A 175 30.78 -44.94 -8.56
CA MET A 175 30.74 -44.87 -10.02
C MET A 175 29.77 -43.80 -10.50
N ASP A 176 30.24 -42.95 -11.41
CA ASP A 176 29.40 -41.91 -11.99
C ASP A 176 29.37 -42.02 -13.52
N HIS A 177 28.42 -42.79 -14.02
CA HIS A 177 28.25 -43.00 -15.46
C HIS A 177 29.38 -43.86 -16.07
N GLY A 178 29.77 -44.90 -15.35
CA GLY A 178 30.71 -45.88 -15.89
C GLY A 178 32.17 -45.60 -15.60
N LEU A 179 32.47 -44.40 -15.13
CA LEU A 179 33.85 -44.02 -14.84
C LEU A 179 34.06 -43.75 -13.36
N PRO A 180 35.30 -43.94 -12.87
CA PRO A 180 35.64 -43.71 -11.47
C PRO A 180 35.65 -42.22 -11.11
N GLY A 181 34.90 -41.85 -10.09
CA GLY A 181 34.86 -40.47 -9.63
C GLY A 181 33.70 -39.68 -10.21
N TYR A 182 33.17 -38.75 -9.43
CA TYR A 182 32.08 -37.89 -9.87
C TYR A 182 32.53 -37.05 -11.06
N MET A 183 31.63 -36.86 -12.02
CA MET A 183 31.92 -36.01 -13.17
C MET A 183 32.15 -34.57 -12.73
N SER A 184 33.06 -33.89 -13.41
CA SER A 184 33.39 -32.51 -13.05
C SER A 184 33.65 -31.66 -14.30
N ARG A 185 32.63 -30.91 -14.72
CA ARG A 185 32.77 -30.05 -15.89
C ARG A 185 32.88 -28.57 -15.51
N ASP A 186 31.85 -27.79 -15.81
CA ASP A 186 31.84 -26.38 -15.43
C ASP A 186 32.16 -26.23 -13.95
N CYS A 187 33.16 -25.41 -13.64
CA CYS A 187 33.66 -25.31 -12.27
C CYS A 187 33.93 -23.88 -11.84
N ASN A 188 34.31 -23.73 -10.57
CA ASN A 188 34.67 -22.43 -10.00
C ASN A 188 35.18 -22.61 -8.57
N VAL A 189 35.95 -21.65 -8.08
CA VAL A 189 36.52 -21.74 -6.73
C VAL A 189 35.98 -20.65 -5.82
N PHE A 190 36.12 -20.87 -4.51
CA PHE A 190 35.64 -19.91 -3.52
C PHE A 190 36.40 -20.04 -2.20
N VAL A 191 36.81 -18.91 -1.65
CA VAL A 191 37.52 -18.88 -0.38
C VAL A 191 36.66 -18.26 0.72
N ASP A 192 36.29 -19.06 1.71
CA ASP A 192 35.46 -18.57 2.81
C ASP A 192 36.27 -17.69 3.75
N THR A 193 35.58 -16.99 4.65
CA THR A 193 36.23 -16.10 5.60
C THR A 193 37.18 -16.86 6.52
N ASP A 194 36.78 -18.08 6.90
CA ASP A 194 37.58 -18.89 7.80
C ASP A 194 38.82 -19.48 7.13
N GLY A 195 39.11 -19.01 5.92
CA GLY A 195 40.28 -19.46 5.18
C GLY A 195 40.19 -20.89 4.71
N LYS A 196 38.97 -21.35 4.43
CA LYS A 196 38.75 -22.71 3.93
C LYS A 196 38.37 -22.69 2.46
N GLY A 197 39.07 -23.49 1.66
CA GLY A 197 38.86 -23.51 0.22
C GLY A 197 37.70 -24.38 -0.21
N TYR A 198 37.04 -23.99 -1.30
CA TYR A 198 35.91 -24.75 -1.82
C TYR A 198 35.95 -24.84 -3.34
N PHE A 199 35.58 -26.01 -3.87
CA PHE A 199 35.55 -26.23 -5.30
C PHE A 199 34.16 -26.68 -5.75
N ILE A 200 33.58 -25.93 -6.68
CA ILE A 200 32.25 -26.23 -7.18
C ILE A 200 32.29 -26.66 -8.65
N SER A 201 31.53 -27.68 -9.00
CA SER A 201 31.49 -28.16 -10.38
C SER A 201 30.20 -28.92 -10.68
N ALA A 202 29.89 -29.08 -11.97
CA ALA A 202 28.70 -29.78 -12.39
C ALA A 202 28.95 -31.28 -12.51
N ALA A 203 28.22 -32.06 -11.72
CA ALA A 203 28.36 -33.52 -11.73
C ALA A 203 27.07 -34.19 -12.19
N ASN A 204 27.13 -35.51 -12.33
CA ASN A 204 25.96 -36.29 -12.73
C ASN A 204 25.37 -35.77 -14.05
N GLU A 205 26.22 -35.65 -15.07
CA GLU A 205 25.79 -35.13 -16.37
C GLU A 205 25.26 -33.71 -16.28
N ASN A 206 25.99 -32.85 -15.55
CA ASN A 206 25.61 -31.45 -15.38
C ASN A 206 24.23 -31.27 -14.74
N MET A 207 23.66 -32.36 -14.25
CA MET A 207 22.34 -32.31 -13.63
C MET A 207 22.41 -31.83 -12.19
N ASP A 208 23.51 -32.13 -11.53
CA ASP A 208 23.71 -31.73 -10.13
C ASP A 208 24.95 -30.88 -9.98
N LEU A 209 24.98 -30.04 -8.95
CA LEU A 209 26.16 -29.25 -8.61
C LEU A 209 26.82 -29.78 -7.34
N HIS A 210 28.10 -30.09 -7.44
CA HIS A 210 28.84 -30.61 -6.30
C HIS A 210 29.79 -29.58 -5.71
N LEU A 211 29.56 -29.24 -4.44
CA LEU A 211 30.44 -28.32 -3.73
C LEU A 211 31.42 -29.11 -2.88
N TYR A 212 32.67 -29.18 -3.33
CA TYR A 212 33.70 -29.94 -2.63
C TYR A 212 34.50 -29.04 -1.69
N GLU A 213 34.72 -29.52 -0.47
CA GLU A 213 35.57 -28.82 0.48
C GLU A 213 37.02 -29.26 0.28
N LEU A 214 37.91 -28.28 0.10
CA LEU A 214 39.31 -28.58 -0.18
C LEU A 214 40.15 -28.72 1.08
N THR A 215 41.20 -29.52 0.99
CA THR A 215 42.16 -29.66 2.08
C THR A 215 42.86 -28.32 2.32
N PRO A 216 43.50 -28.16 3.50
CA PRO A 216 44.15 -26.91 3.88
C PRO A 216 45.07 -26.33 2.81
N ASP A 217 45.62 -27.17 1.94
CA ASP A 217 46.55 -26.71 0.91
C ASP A 217 45.84 -26.32 -0.38
N TYR A 218 44.51 -26.47 -0.40
CA TYR A 218 43.69 -26.09 -1.54
C TYR A 218 43.94 -26.93 -2.79
N LYS A 219 44.91 -27.83 -2.72
CA LYS A 219 45.31 -28.60 -3.89
C LYS A 219 44.58 -29.93 -4.02
N ASN A 220 43.83 -30.31 -2.99
CA ASN A 220 43.12 -31.58 -2.99
C ASN A 220 41.70 -31.46 -2.42
N ILE A 221 40.88 -32.47 -2.67
CA ILE A 221 39.51 -32.50 -2.17
C ILE A 221 39.44 -33.26 -0.85
N ALA A 222 38.95 -32.60 0.19
CA ALA A 222 38.85 -33.20 1.51
C ALA A 222 37.52 -33.94 1.70
N SER A 223 36.45 -33.42 1.11
CA SER A 223 35.14 -34.02 1.24
C SER A 223 34.11 -33.34 0.35
N LEU A 224 32.95 -33.98 0.18
CA LEU A 224 31.85 -33.39 -0.56
C LEU A 224 30.96 -32.62 0.42
N LYS A 225 31.07 -31.30 0.38
CA LYS A 225 30.34 -30.45 1.31
C LYS A 225 28.83 -30.62 1.18
N ALA A 226 28.31 -30.53 -0.04
CA ALA A 226 26.89 -30.68 -0.27
C ALA A 226 26.55 -30.84 -1.76
N LYS A 227 25.46 -31.55 -2.04
CA LYS A 227 24.97 -31.69 -3.41
C LYS A 227 23.85 -30.68 -3.64
N LEU A 228 24.17 -29.59 -4.34
CA LEU A 228 23.25 -28.48 -4.49
C LEU A 228 22.45 -28.53 -5.79
N PHE A 229 21.15 -28.28 -5.68
CA PHE A 229 20.27 -28.18 -6.84
C PHE A 229 20.30 -29.43 -7.71
N VAL A 230 19.81 -30.54 -7.16
CA VAL A 230 19.77 -31.80 -7.90
C VAL A 230 18.66 -31.81 -8.93
N GLY A 231 18.97 -32.29 -10.14
CA GLY A 231 18.00 -32.41 -11.20
C GLY A 231 17.61 -31.08 -11.81
N GLN A 232 18.12 -29.99 -11.24
CA GLN A 232 17.83 -28.66 -11.75
C GLN A 232 18.66 -28.36 -13.00
N GLN A 233 19.79 -29.05 -13.12
CA GLN A 233 20.67 -28.91 -14.28
C GLN A 233 21.18 -27.49 -14.48
N ARG A 234 21.96 -27.00 -13.54
CA ARG A 234 22.57 -25.67 -13.65
C ARG A 234 24.07 -25.78 -13.86
N GLU A 235 24.62 -24.96 -14.75
CA GLU A 235 26.05 -24.95 -15.02
C GLU A 235 26.63 -23.55 -14.83
N ALA A 236 27.93 -23.43 -15.10
CA ALA A 236 28.62 -22.15 -14.96
C ALA A 236 28.32 -21.47 -13.64
N PRO A 237 28.64 -22.14 -12.52
CA PRO A 237 28.33 -21.59 -11.20
C PRO A 237 29.34 -20.56 -10.73
N CYS A 238 28.87 -19.59 -9.94
CA CYS A 238 29.74 -18.59 -9.34
C CYS A 238 29.39 -18.45 -7.86
N LEU A 239 30.33 -18.83 -6.99
CA LEU A 239 30.08 -18.80 -5.55
C LEU A 239 30.71 -17.60 -4.87
N ILE A 240 29.91 -16.84 -4.14
CA ILE A 240 30.38 -15.66 -3.42
C ILE A 240 29.63 -15.50 -2.10
N LYS A 241 30.14 -14.63 -1.23
CA LYS A 241 29.44 -14.30 0.01
C LYS A 241 29.55 -12.80 0.28
N ARG A 242 28.57 -12.27 1.00
CA ARG A 242 28.56 -10.84 1.28
C ARG A 242 28.49 -10.58 2.79
N ASN A 243 27.29 -10.67 3.35
CA ASN A 243 27.09 -10.40 4.77
C ASN A 243 26.52 -11.62 5.49
N GLY A 244 27.33 -12.66 5.63
CA GLY A 244 26.91 -13.88 6.27
C GLY A 244 26.00 -14.70 5.37
N TYR A 245 25.82 -14.22 4.14
CA TYR A 245 24.98 -14.91 3.16
C TYR A 245 25.78 -15.37 1.95
N TYR A 246 25.67 -16.65 1.62
CA TYR A 246 26.31 -17.20 0.43
C TYR A 246 25.38 -17.07 -0.76
N TYR A 247 25.93 -16.66 -1.90
CA TYR A 247 25.14 -16.49 -3.12
C TYR A 247 25.70 -17.33 -4.26
N LEU A 248 24.81 -18.04 -4.95
CA LEU A 248 25.23 -18.92 -6.03
C LEU A 248 24.58 -18.52 -7.36
N ILE A 249 25.37 -17.90 -8.23
CA ILE A 249 24.88 -17.47 -9.54
C ILE A 249 25.12 -18.55 -10.59
N THR A 250 24.06 -18.96 -11.26
CA THR A 250 24.16 -19.97 -12.31
C THR A 250 23.67 -19.42 -13.64
N SER A 251 23.69 -20.26 -14.67
CA SER A 251 23.27 -19.84 -16.00
C SER A 251 22.67 -20.98 -16.81
N GLY A 252 21.73 -21.70 -16.20
CA GLY A 252 21.08 -22.81 -16.87
C GLY A 252 22.08 -23.68 -17.61
N CYS A 253 21.69 -24.18 -18.77
CA CYS A 253 22.57 -25.01 -19.59
C CYS A 253 22.06 -25.13 -21.02
N THR A 254 22.43 -24.17 -21.86
CA THR A 254 21.98 -24.16 -23.26
C THR A 254 23.12 -23.93 -24.24
N GLY A 255 24.21 -24.69 -24.07
CA GLY A 255 25.36 -24.56 -24.94
C GLY A 255 25.87 -23.14 -25.06
N TRP A 256 26.21 -22.74 -26.29
CA TRP A 256 26.65 -21.38 -26.55
C TRP A 256 25.52 -20.37 -26.35
N ASN A 257 24.34 -20.73 -26.83
CA ASN A 257 23.18 -19.84 -26.76
C ASN A 257 22.91 -19.35 -25.34
N PRO A 258 22.95 -18.02 -25.16
CA PRO A 258 22.67 -17.40 -23.85
C PRO A 258 21.30 -17.80 -23.32
N ASN A 259 21.16 -17.89 -22.01
CA ASN A 259 19.90 -18.29 -21.40
C ASN A 259 19.57 -17.52 -20.14
N GLN A 260 18.46 -17.89 -19.49
CA GLN A 260 18.02 -17.25 -18.26
C GLN A 260 18.92 -17.62 -17.10
N ALA A 261 19.67 -16.65 -16.60
CA ALA A 261 20.52 -16.86 -15.44
C ALA A 261 19.72 -16.74 -14.15
N LYS A 262 20.13 -17.46 -13.12
CA LYS A 262 19.43 -17.42 -11.83
C LYS A 262 20.43 -17.39 -10.68
N TYR A 263 19.91 -17.18 -9.47
CA TYR A 263 20.75 -17.14 -8.28
C TYR A 263 20.03 -17.69 -7.07
N ALA A 264 20.78 -17.97 -6.01
CA ALA A 264 20.22 -18.48 -4.77
C ALA A 264 21.07 -18.04 -3.58
N TYR A 265 20.52 -18.13 -2.38
CA TYR A 265 21.24 -17.70 -1.18
C TYR A 265 21.06 -18.69 -0.04
N SER A 266 21.96 -18.60 0.95
CA SER A 266 21.90 -19.47 2.12
C SER A 266 22.87 -18.97 3.19
N LYS A 267 22.51 -19.19 4.45
CA LYS A 267 23.36 -18.78 5.56
C LYS A 267 24.52 -19.76 5.76
N ASP A 268 24.33 -20.99 5.31
CA ASP A 268 25.34 -22.03 5.42
C ASP A 268 25.55 -22.76 4.10
N LEU A 269 26.78 -23.15 3.82
CA LEU A 269 27.10 -23.88 2.60
C LEU A 269 26.53 -25.29 2.64
N ALA A 270 26.44 -25.86 3.83
CA ALA A 270 25.95 -27.23 4.00
C ALA A 270 24.48 -27.35 3.60
N SER A 271 23.65 -26.46 4.12
CA SER A 271 22.22 -26.50 3.83
C SER A 271 21.57 -25.13 4.04
N GLY A 272 20.27 -25.06 3.80
CA GLY A 272 19.51 -23.84 4.00
C GLY A 272 19.44 -22.98 2.74
N TRP A 273 19.75 -23.58 1.60
CA TRP A 273 19.73 -22.86 0.34
C TRP A 273 18.32 -22.56 -0.14
N SER A 274 18.14 -21.39 -0.73
CA SER A 274 16.83 -20.95 -1.20
C SER A 274 16.53 -21.52 -2.58
N GLN A 275 15.50 -20.96 -3.21
CA GLN A 275 15.11 -21.37 -4.56
C GLN A 275 15.96 -20.65 -5.59
N LEU A 276 15.73 -20.95 -6.87
CA LEU A 276 16.43 -20.28 -7.95
C LEU A 276 15.67 -19.06 -8.44
N TYR A 277 16.08 -17.89 -7.99
CA TYR A 277 15.44 -16.64 -8.40
C TYR A 277 16.09 -16.07 -9.66
N ASN A 278 15.25 -15.73 -10.64
CA ASN A 278 15.73 -15.22 -11.91
C ASN A 278 16.64 -14.00 -11.76
N LEU A 279 17.68 -13.95 -12.59
CA LEU A 279 18.60 -12.83 -12.60
C LEU A 279 18.85 -12.38 -14.03
N GLY A 280 18.81 -11.07 -14.26
CA GLY A 280 18.95 -10.53 -15.60
C GLY A 280 17.76 -10.87 -16.45
N ASN A 281 17.89 -10.71 -17.76
CA ASN A 281 16.79 -11.02 -18.67
C ASN A 281 16.81 -12.48 -19.13
N SER A 282 16.10 -12.76 -20.22
CA SER A 282 15.93 -14.12 -20.71
C SER A 282 17.21 -14.70 -21.32
N THR A 283 18.19 -13.83 -21.58
CA THR A 283 19.45 -14.27 -22.18
C THR A 283 20.64 -13.76 -21.40
N THR A 284 20.41 -13.32 -20.17
CA THR A 284 21.46 -12.73 -19.35
C THR A 284 22.23 -11.69 -20.15
N TYR A 285 21.50 -10.92 -20.95
CA TYR A 285 22.09 -9.87 -21.78
C TYR A 285 23.09 -10.48 -22.76
N ARG A 286 22.69 -11.56 -23.41
CA ARG A 286 23.55 -12.28 -24.35
C ARG A 286 24.93 -12.57 -23.76
N SER A 287 24.95 -13.33 -22.66
CA SER A 287 26.21 -13.72 -22.03
C SER A 287 26.01 -14.85 -21.04
N GLN A 288 27.12 -15.40 -20.54
CA GLN A 288 27.06 -16.48 -19.57
C GLN A 288 28.04 -16.23 -18.43
N PRO A 289 27.53 -16.18 -17.19
CA PRO A 289 28.31 -15.93 -15.98
C PRO A 289 29.58 -16.76 -15.93
N THR A 290 30.66 -16.17 -15.45
CA THR A 290 31.94 -16.86 -15.36
C THR A 290 32.58 -16.67 -13.99
N PHE A 291 32.45 -15.46 -13.44
CA PHE A 291 33.02 -15.16 -12.14
C PHE A 291 32.51 -13.82 -11.59
N ILE A 292 32.49 -13.72 -10.26
CA ILE A 292 32.07 -12.49 -9.60
C ILE A 292 33.02 -12.15 -8.45
N ILE A 293 33.66 -10.99 -8.53
CA ILE A 293 34.64 -10.59 -7.52
C ILE A 293 34.26 -9.27 -6.86
N PRO A 294 34.38 -9.21 -5.52
CA PRO A 294 34.13 -7.97 -4.77
C PRO A 294 35.21 -6.92 -5.05
N VAL A 295 34.79 -5.75 -5.53
CA VAL A 295 35.72 -4.65 -5.74
C VAL A 295 35.66 -3.67 -4.57
N GLN A 296 36.63 -3.77 -3.67
CA GLN A 296 36.65 -2.94 -2.47
C GLN A 296 37.47 -1.67 -2.67
N GLY A 297 36.96 -0.56 -2.16
CA GLY A 297 37.63 0.72 -2.28
C GLY A 297 37.46 1.59 -1.04
N SER A 298 37.60 2.90 -1.23
CA SER A 298 37.49 3.85 -0.12
C SER A 298 36.04 4.06 0.30
N SER A 299 35.16 4.25 -0.68
CA SER A 299 33.74 4.47 -0.39
C SER A 299 33.05 3.20 0.08
N GLY A 300 33.31 2.09 -0.60
CA GLY A 300 32.70 0.82 -0.24
C GLY A 300 33.04 -0.30 -1.20
N THR A 301 32.27 -1.38 -1.15
CA THR A 301 32.50 -2.53 -2.01
C THR A 301 31.42 -2.68 -3.07
N SER A 302 31.85 -2.86 -4.32
CA SER A 302 30.91 -3.07 -5.43
C SER A 302 31.24 -4.35 -6.17
N TYR A 303 30.44 -5.39 -5.95
CA TYR A 303 30.65 -6.69 -6.59
C TYR A 303 30.53 -6.60 -8.11
N LEU A 304 31.58 -7.06 -8.80
CA LEU A 304 31.61 -7.02 -10.25
C LEU A 304 31.23 -8.35 -10.88
N TYR A 305 30.37 -8.29 -11.90
CA TYR A 305 29.98 -9.48 -12.65
C TYR A 305 30.66 -9.49 -14.02
N MET A 306 31.15 -10.65 -14.42
CA MET A 306 31.76 -10.81 -15.73
C MET A 306 31.37 -12.14 -16.36
N GLY A 307 31.05 -12.09 -17.65
CA GLY A 307 30.63 -13.28 -18.38
C GLY A 307 31.19 -13.31 -19.78
N ASP A 308 30.72 -14.26 -20.58
CA ASP A 308 31.21 -14.42 -21.95
C ASP A 308 30.09 -14.42 -22.97
N ARG A 309 30.27 -13.65 -24.03
CA ARG A 309 29.37 -13.69 -25.17
C ARG A 309 30.01 -14.59 -26.23
N TRP A 310 29.87 -15.90 -26.02
CA TRP A 310 30.53 -16.89 -26.87
C TRP A 310 30.18 -16.70 -28.34
N ALA A 311 31.21 -16.63 -29.17
CA ALA A 311 31.04 -16.45 -30.60
C ALA A 311 30.33 -17.64 -31.24
N GLY A 312 30.30 -18.76 -30.52
CA GLY A 312 29.64 -19.95 -31.00
C GLY A 312 28.16 -19.72 -31.25
N ALA A 313 27.63 -18.65 -30.65
CA ALA A 313 26.23 -18.31 -30.81
C ALA A 313 25.89 -17.98 -32.26
N TRP A 314 26.84 -17.34 -32.95
CA TRP A 314 26.64 -16.97 -34.35
C TRP A 314 27.60 -17.72 -35.28
N GLY A 315 28.10 -18.85 -34.81
CA GLY A 315 28.97 -19.69 -35.63
C GLY A 315 30.38 -19.15 -35.77
N GLY A 316 31.00 -18.83 -34.64
CA GLY A 316 32.37 -18.32 -34.63
C GLY A 316 33.27 -19.12 -33.71
N LYS A 317 34.57 -18.97 -33.88
CA LYS A 317 35.54 -19.65 -33.03
C LYS A 317 35.56 -19.03 -31.64
N VAL A 318 35.99 -19.82 -30.65
CA VAL A 318 36.01 -19.36 -29.27
C VAL A 318 36.79 -18.07 -29.10
N ASN A 319 37.87 -17.93 -29.85
CA ASN A 319 38.73 -16.73 -29.75
C ASN A 319 38.01 -15.45 -30.17
N ASP A 320 36.90 -15.60 -30.87
CA ASP A 320 36.12 -14.44 -31.31
C ASP A 320 35.03 -14.07 -30.31
N SER A 321 35.08 -14.70 -29.14
CA SER A 321 34.10 -14.42 -28.10
C SER A 321 34.38 -13.07 -27.42
N GLN A 322 33.31 -12.37 -27.08
CA GLN A 322 33.42 -11.05 -26.46
C GLN A 322 33.08 -11.13 -24.97
N TYR A 323 33.33 -10.04 -24.24
CA TYR A 323 33.11 -10.03 -22.80
C TYR A 323 31.98 -9.07 -22.40
N VAL A 324 31.34 -9.37 -21.28
CA VAL A 324 30.27 -8.54 -20.76
C VAL A 324 30.43 -8.33 -19.25
N TRP A 325 30.83 -7.14 -18.85
CA TRP A 325 31.01 -6.82 -17.44
C TRP A 325 29.91 -5.89 -16.93
N LEU A 326 29.31 -6.27 -15.81
CA LEU A 326 28.21 -5.51 -15.23
C LEU A 326 28.31 -5.50 -13.70
N PRO A 327 27.78 -4.44 -13.08
CA PRO A 327 27.76 -4.35 -11.62
C PRO A 327 26.65 -5.20 -11.02
N LEU A 328 26.97 -5.96 -9.97
CA LEU A 328 25.98 -6.77 -9.28
C LEU A 328 25.50 -6.06 -8.03
N ASN A 329 24.29 -5.50 -8.09
CA ASN A 329 23.75 -4.71 -6.98
C ASN A 329 22.91 -5.55 -6.02
N PHE A 330 22.96 -5.20 -4.74
CA PHE A 330 22.22 -5.92 -3.71
C PHE A 330 21.15 -5.05 -3.07
N ILE A 331 19.92 -5.18 -3.55
CA ILE A 331 18.78 -4.46 -2.97
C ILE A 331 18.65 -4.82 -1.49
N SER A 332 18.69 -6.12 -1.21
CA SER A 332 18.64 -6.61 0.16
C SER A 332 19.47 -7.88 0.27
N ASP A 333 19.56 -8.43 1.47
CA ASP A 333 20.32 -9.64 1.70
C ASP A 333 19.73 -10.83 0.96
N THR A 334 18.51 -10.67 0.46
CA THR A 334 17.80 -11.74 -0.22
C THR A 334 17.38 -11.36 -1.65
N THR A 335 17.63 -10.11 -2.02
CA THR A 335 17.26 -9.63 -3.35
C THR A 335 18.44 -9.05 -4.10
N LEU A 336 18.77 -9.68 -5.24
CA LEU A 336 19.90 -9.25 -6.05
C LEU A 336 19.45 -8.63 -7.37
N GLU A 337 20.29 -7.75 -7.91
CA GLU A 337 19.99 -7.05 -9.15
C GLU A 337 21.19 -7.10 -10.10
N LEU A 338 20.92 -7.41 -11.37
CA LEU A 338 21.97 -7.43 -12.37
C LEU A 338 21.53 -6.64 -13.60
N PRO A 339 21.72 -5.31 -13.56
CA PRO A 339 21.31 -4.40 -14.64
C PRO A 339 22.24 -4.46 -15.83
N TYR A 340 21.75 -4.05 -16.99
CA TYR A 340 22.57 -4.01 -18.20
C TYR A 340 22.89 -2.60 -18.64
N TYR A 341 24.14 -2.19 -18.46
CA TYR A 341 24.60 -0.89 -18.91
C TYR A 341 25.51 -1.06 -20.12
N ASP A 342 25.12 -0.48 -21.25
CA ASP A 342 25.90 -0.62 -22.47
C ASP A 342 27.33 -0.15 -22.27
N SER A 343 27.52 0.73 -21.29
CA SER A 343 28.84 1.22 -20.93
C SER A 343 28.97 1.35 -19.41
N VAL A 344 29.99 0.72 -18.85
CA VAL A 344 30.17 0.70 -17.40
C VAL A 344 31.40 1.49 -16.97
N LYS A 345 31.23 2.37 -15.99
CA LYS A 345 32.34 3.13 -15.44
C LYS A 345 32.80 2.51 -14.13
N ILE A 346 34.10 2.29 -14.00
CA ILE A 346 34.66 1.65 -12.81
C ILE A 346 35.80 2.48 -12.22
N ASP A 347 35.74 2.71 -10.91
CA ASP A 347 36.81 3.41 -10.21
C ASP A 347 37.29 2.55 -9.04
N ALA A 348 38.21 1.64 -9.34
CA ALA A 348 38.69 0.67 -8.35
C ALA A 348 39.17 1.31 -7.06
N SER A 349 39.79 2.49 -7.17
CA SER A 349 40.32 3.18 -6.01
C SER A 349 39.23 3.47 -4.97
N SER A 350 38.08 3.95 -5.44
CA SER A 350 36.97 4.26 -4.56
C SER A 350 36.09 3.03 -4.34
N GLY A 351 36.14 2.10 -5.29
CA GLY A 351 35.34 0.88 -5.20
C GLY A 351 33.91 1.11 -5.61
N ILE A 352 33.73 1.79 -6.74
CA ILE A 352 32.39 2.11 -7.24
C ILE A 352 32.21 1.63 -8.68
N ILE A 353 31.14 0.88 -8.90
CA ILE A 353 30.80 0.41 -10.24
C ILE A 353 29.40 0.85 -10.62
N SER A 354 29.30 1.82 -11.53
CA SER A 354 28.02 2.36 -11.93
C SER A 354 27.91 2.48 -13.45
N GLU A 355 26.78 3.03 -13.91
CA GLU A 355 26.54 3.19 -15.34
C GLU A 355 27.29 4.41 -15.90
N TYR A 356 27.75 4.29 -17.14
CA TYR A 356 28.38 5.42 -17.80
C TYR A 356 27.38 6.15 -18.68
N ILE A 357 27.17 7.43 -18.40
CA ILE A 357 26.22 8.23 -19.15
C ILE A 357 26.93 9.13 -20.16
N PRO A 358 26.74 8.84 -21.46
CA PRO A 358 27.36 9.60 -22.55
C PRO A 358 27.01 11.08 -22.50
N ASP A 359 25.76 11.40 -22.19
CA ASP A 359 25.31 12.78 -22.13
C ASP A 359 24.86 13.15 -20.72
N THR A 360 25.69 13.90 -20.01
CA THR A 360 25.43 14.24 -18.62
C THR A 360 24.38 15.34 -18.47
N THR A 361 23.82 15.77 -19.60
CA THR A 361 22.80 16.81 -19.58
C THR A 361 21.57 16.40 -18.77
N ARG A 362 21.22 17.21 -17.78
CA ARG A 362 20.06 16.97 -16.93
C ARG A 362 18.78 17.51 -17.58
N TYR A 363 17.65 16.93 -17.22
CA TYR A 363 16.36 17.36 -17.74
C TYR A 363 15.24 17.20 -16.72
N LYS A 364 14.14 17.90 -16.93
CA LYS A 364 12.93 17.70 -16.16
C LYS A 364 11.73 17.78 -17.09
N LEU A 365 10.81 16.84 -16.93
CA LEU A 365 9.65 16.73 -17.82
C LEU A 365 8.41 17.38 -17.21
N VAL A 366 8.04 18.54 -17.73
CA VAL A 366 6.88 19.25 -17.22
C VAL A 366 5.64 18.92 -18.03
N ASN A 367 4.51 18.73 -17.35
CA ASN A 367 3.26 18.41 -18.03
C ASN A 367 2.52 19.66 -18.47
N LYS A 368 2.02 19.66 -19.70
CA LYS A 368 1.32 20.81 -20.25
C LYS A 368 0.06 21.15 -19.46
N ASN A 369 -0.69 20.12 -19.07
CA ASN A 369 -1.96 20.32 -18.41
C ASN A 369 -1.85 20.73 -16.94
N SER A 370 -1.11 19.95 -16.16
CA SER A 370 -0.99 20.18 -14.73
C SER A 370 0.07 21.24 -14.42
N GLY A 371 1.12 21.29 -15.24
CA GLY A 371 2.22 22.21 -15.02
C GLY A 371 3.27 21.64 -14.08
N LYS A 372 2.98 20.46 -13.53
CA LYS A 372 3.92 19.80 -12.63
C LYS A 372 4.91 18.95 -13.41
N VAL A 373 5.98 18.52 -12.72
CA VAL A 373 7.06 17.79 -13.37
C VAL A 373 7.10 16.32 -12.97
N LEU A 374 7.81 15.52 -13.77
CA LEU A 374 7.94 14.10 -13.51
C LEU A 374 8.86 13.84 -12.31
N ASP A 375 8.36 13.03 -11.38
CA ASP A 375 9.09 12.77 -10.14
C ASP A 375 8.86 11.32 -9.71
N VAL A 376 9.68 10.85 -8.78
CA VAL A 376 9.49 9.53 -8.19
C VAL A 376 8.79 9.69 -6.83
N LEU A 377 7.83 8.81 -6.57
CA LEU A 377 7.06 8.88 -5.32
C LEU A 377 7.98 8.93 -4.10
N ASP A 378 7.82 9.98 -3.30
CA ASP A 378 8.63 10.16 -2.09
C ASP A 378 10.12 10.25 -2.43
N GLY A 379 10.44 10.55 -3.68
CA GLY A 379 11.82 10.64 -4.11
C GLY A 379 12.60 9.40 -3.73
N SER A 380 11.91 8.26 -3.65
CA SER A 380 12.50 7.02 -3.20
C SER A 380 13.51 6.47 -4.20
N VAL A 381 14.46 5.69 -3.70
CA VAL A 381 15.45 5.02 -4.54
C VAL A 381 15.25 3.52 -4.49
N ASP A 382 14.11 3.09 -3.94
CA ASP A 382 13.77 1.67 -3.91
C ASP A 382 13.31 1.21 -5.29
N ASN A 383 13.83 0.07 -5.74
CA ASN A 383 13.51 -0.44 -7.05
C ASN A 383 12.00 -0.62 -7.24
N ALA A 384 11.55 -0.39 -8.48
CA ALA A 384 10.13 -0.50 -8.83
C ALA A 384 9.28 0.56 -8.12
N ALA A 385 9.89 1.69 -7.81
CA ALA A 385 9.18 2.79 -7.16
C ALA A 385 8.21 3.45 -8.12
N GLN A 386 7.03 3.81 -7.61
CA GLN A 386 5.99 4.44 -8.43
C GLN A 386 6.42 5.82 -8.91
N ILE A 387 6.17 6.09 -10.19
CA ILE A 387 6.46 7.40 -10.76
C ILE A 387 5.22 8.28 -10.72
N VAL A 388 5.37 9.48 -10.16
CA VAL A 388 4.25 10.40 -10.00
C VAL A 388 4.63 11.81 -10.44
N GLN A 389 3.63 12.66 -10.63
CA GLN A 389 3.86 14.06 -10.96
C GLN A 389 3.98 14.87 -9.67
N TRP A 390 4.80 15.91 -9.70
CA TRP A 390 5.01 16.73 -8.51
C TRP A 390 5.37 18.16 -8.87
N THR A 391 5.16 19.08 -7.92
CA THR A 391 5.49 20.48 -8.12
C THR A 391 6.98 20.67 -8.33
N ASP A 392 7.34 21.49 -9.32
CA ASP A 392 8.75 21.78 -9.61
C ASP A 392 9.43 22.35 -8.38
N ASN A 393 10.19 21.52 -7.67
CA ASN A 393 10.88 21.95 -6.46
C ASN A 393 12.39 21.81 -6.57
N GLY A 394 12.89 21.62 -7.79
CA GLY A 394 14.32 21.55 -8.04
C GLY A 394 15.02 20.41 -7.32
N SER A 395 14.26 19.37 -7.01
CA SER A 395 14.82 18.21 -6.32
C SER A 395 15.56 17.30 -7.30
N LEU A 396 16.37 16.39 -6.76
CA LEU A 396 17.12 15.44 -7.58
C LEU A 396 16.19 14.44 -8.27
N SER A 397 15.16 14.01 -7.55
CA SER A 397 14.23 13.02 -8.06
C SER A 397 13.52 13.51 -9.33
N GLN A 398 13.55 14.82 -9.56
CA GLN A 398 12.87 15.41 -10.70
C GLN A 398 13.84 15.71 -11.85
N GLN A 399 15.04 15.14 -11.76
CA GLN A 399 16.05 15.33 -12.79
C GLN A 399 16.34 14.01 -13.51
N TRP A 400 16.39 14.06 -14.83
CA TRP A 400 16.52 12.85 -15.63
C TRP A 400 17.55 12.99 -16.75
N TYR A 401 18.32 11.93 -16.97
CA TYR A 401 19.24 11.85 -18.10
C TYR A 401 18.52 11.26 -19.31
N LEU A 402 19.07 11.49 -20.50
CA LEU A 402 18.53 10.89 -21.71
C LEU A 402 19.62 10.14 -22.49
N VAL A 403 19.64 8.83 -22.32
CA VAL A 403 20.66 7.98 -22.96
C VAL A 403 20.13 7.33 -24.23
N ASP A 404 20.72 7.68 -25.37
CA ASP A 404 20.33 7.10 -26.64
C ASP A 404 20.59 5.59 -26.63
N VAL A 405 19.62 4.82 -27.12
CA VAL A 405 19.75 3.36 -27.13
C VAL A 405 19.43 2.77 -28.50
N GLY A 406 19.75 3.50 -29.55
CA GLY A 406 19.51 3.02 -30.91
C GLY A 406 18.15 3.44 -31.44
N GLY A 407 18.05 3.56 -32.75
CA GLY A 407 16.82 4.01 -33.39
C GLY A 407 16.44 5.41 -32.94
N GLY A 408 15.15 5.69 -32.94
CA GLY A 408 14.65 6.99 -32.50
C GLY A 408 14.24 6.96 -31.04
N TYR A 409 14.60 5.88 -30.35
CA TYR A 409 14.21 5.71 -28.95
C TYR A 409 15.36 6.04 -28.00
N LYS A 410 15.01 6.35 -26.76
CA LYS A 410 16.00 6.73 -25.76
C LYS A 410 15.62 6.16 -24.39
N LYS A 411 16.56 6.20 -23.46
CA LYS A 411 16.32 5.70 -22.11
C LYS A 411 16.25 6.87 -21.15
N ILE A 412 15.18 6.93 -20.36
CA ILE A 412 14.99 8.00 -19.39
C ILE A 412 15.45 7.56 -18.01
N VAL A 413 16.61 8.06 -17.59
CA VAL A 413 17.18 7.63 -16.32
C VAL A 413 17.10 8.72 -15.26
N ASN A 414 16.86 8.31 -14.02
CA ASN A 414 16.77 9.25 -12.90
C ASN A 414 18.15 9.57 -12.34
N VAL A 415 18.28 10.74 -11.73
CA VAL A 415 19.57 11.18 -11.20
C VAL A 415 19.81 10.69 -9.77
N LYS A 416 18.81 10.87 -8.91
CA LYS A 416 18.94 10.51 -7.50
C LYS A 416 19.25 9.02 -7.32
N SER A 417 18.51 8.18 -8.03
CA SER A 417 18.69 6.74 -7.91
C SER A 417 19.57 6.18 -9.03
N GLY A 418 19.10 6.30 -10.27
CA GLY A 418 19.85 5.83 -11.42
C GLY A 418 19.09 4.79 -12.23
N ARG A 419 17.88 4.47 -11.79
CA ARG A 419 17.03 3.54 -12.53
C ARG A 419 16.35 4.23 -13.70
N ALA A 420 15.84 3.42 -14.63
CA ALA A 420 15.23 3.90 -15.86
C ALA A 420 13.71 3.89 -15.78
N LEU A 421 13.07 4.76 -16.55
CA LEU A 421 11.62 4.80 -16.63
C LEU A 421 11.13 3.49 -17.27
N ASP A 422 10.25 2.79 -16.57
CA ASP A 422 9.84 1.45 -16.98
C ASP A 422 8.33 1.25 -16.85
N VAL A 423 7.73 0.64 -17.86
CA VAL A 423 6.33 0.26 -17.80
C VAL A 423 6.19 -1.07 -17.07
N LYS A 424 5.69 -1.02 -15.84
CA LYS A 424 5.61 -2.20 -14.98
C LYS A 424 5.08 -3.44 -15.69
N ASP A 425 5.82 -4.54 -15.56
CA ASP A 425 5.40 -5.83 -16.10
C ASP A 425 5.19 -5.82 -17.60
N GLU A 426 5.94 -4.97 -18.30
CA GLU A 426 5.84 -4.86 -19.76
C GLU A 426 4.38 -4.84 -20.22
N SER A 427 3.54 -4.12 -19.48
CA SER A 427 2.12 -4.02 -19.81
C SER A 427 1.92 -3.32 -21.14
N LYS A 428 0.92 -3.77 -21.91
CA LYS A 428 0.58 -3.15 -23.17
C LYS A 428 -0.86 -2.63 -23.16
N GLU A 429 -1.41 -2.47 -21.96
CA GLU A 429 -2.79 -2.04 -21.81
C GLU A 429 -2.87 -0.63 -21.22
N ASP A 430 -4.01 0.03 -21.43
CA ASP A 430 -4.22 1.36 -20.87
C ASP A 430 -4.23 1.31 -19.34
N GLY A 431 -3.74 2.38 -18.72
CA GLY A 431 -3.69 2.45 -17.28
C GLY A 431 -2.47 1.76 -16.70
N GLY A 432 -1.59 1.30 -17.60
CA GLY A 432 -0.37 0.63 -17.18
C GLY A 432 0.53 1.55 -16.36
N VAL A 433 0.69 1.20 -15.09
CA VAL A 433 1.51 2.01 -14.18
C VAL A 433 2.95 2.13 -14.64
N LEU A 434 3.51 3.34 -14.53
CA LEU A 434 4.92 3.58 -14.82
C LEU A 434 5.74 3.65 -13.55
N ILE A 435 6.87 2.95 -13.54
CA ILE A 435 7.75 2.92 -12.38
C ILE A 435 9.20 3.04 -12.83
N GLN A 436 10.12 3.18 -11.87
CA GLN A 436 11.54 3.15 -12.17
C GLN A 436 12.10 1.78 -11.82
N TYR A 437 12.72 1.14 -12.79
CA TYR A 437 13.20 -0.23 -12.60
C TYR A 437 14.64 -0.37 -13.08
N THR A 438 15.29 -1.44 -12.66
CA THR A 438 16.66 -1.72 -13.07
C THR A 438 16.74 -1.80 -14.60
N SER A 439 17.81 -1.24 -15.16
CA SER A 439 18.01 -1.29 -16.60
C SER A 439 18.17 -2.74 -17.08
N ASN A 440 17.30 -3.16 -17.99
CA ASN A 440 17.34 -4.52 -18.50
C ASN A 440 17.22 -4.58 -20.03
N GLY A 441 17.50 -3.47 -20.69
CA GLY A 441 17.46 -3.40 -22.14
C GLY A 441 16.11 -3.75 -22.74
N GLY A 442 15.08 -3.78 -21.89
CA GLY A 442 13.74 -4.11 -22.35
C GLY A 442 13.12 -2.99 -23.15
N TYR A 443 12.28 -3.35 -24.13
CA TYR A 443 11.63 -2.35 -24.97
C TYR A 443 10.65 -1.49 -24.16
N ASN A 444 10.26 -1.99 -22.99
CA ASN A 444 9.38 -1.23 -22.12
C ASN A 444 10.13 -0.15 -21.34
N GLN A 445 11.37 0.09 -21.75
CA GLN A 445 12.20 1.11 -21.14
C GLN A 445 12.74 2.08 -22.19
N HIS A 446 12.36 1.85 -23.44
CA HIS A 446 12.75 2.73 -24.54
C HIS A 446 11.62 3.67 -24.91
N TRP A 447 11.94 4.96 -25.02
CA TRP A 447 10.93 5.97 -25.28
C TRP A 447 11.30 6.84 -26.47
N LYS A 448 10.33 7.15 -27.32
CA LYS A 448 10.55 8.03 -28.46
C LYS A 448 9.83 9.36 -28.28
N PHE A 449 10.54 10.46 -28.55
CA PHE A 449 9.97 11.79 -28.41
C PHE A 449 9.45 12.31 -29.75
N THR A 450 8.18 12.67 -29.79
CA THR A 450 7.56 13.20 -31.00
C THR A 450 7.17 14.66 -30.82
N ASP A 451 7.89 15.54 -31.51
CA ASP A 451 7.67 16.97 -31.39
C ASP A 451 6.29 17.38 -31.91
N ILE A 452 5.55 18.13 -31.09
CA ILE A 452 4.24 18.63 -31.48
C ILE A 452 4.24 20.15 -31.54
N GLY A 453 5.37 20.75 -31.18
CA GLY A 453 5.52 22.19 -31.24
C GLY A 453 5.64 22.88 -29.90
N ASP A 454 6.25 24.05 -29.90
CA ASP A 454 6.37 24.88 -28.70
C ASP A 454 7.17 24.19 -27.59
N GLY A 455 8.01 23.24 -27.98
CA GLY A 455 8.88 22.56 -27.02
C GLY A 455 8.23 21.42 -26.28
N TYR A 456 7.05 20.99 -26.75
CA TYR A 456 6.36 19.87 -26.14
C TYR A 456 6.43 18.62 -27.02
N TYR A 457 6.47 17.45 -26.38
CA TYR A 457 6.60 16.19 -27.09
C TYR A 457 5.57 15.17 -26.63
N LYS A 458 5.40 14.11 -27.41
CA LYS A 458 4.59 12.97 -27.02
C LYS A 458 5.49 11.76 -26.83
N ILE A 459 5.76 11.43 -25.58
CA ILE A 459 6.70 10.36 -25.25
C ILE A 459 6.03 8.99 -25.26
N SER A 460 6.26 8.23 -26.33
CA SER A 460 5.65 6.91 -26.47
C SER A 460 6.66 5.80 -26.15
N SER A 461 6.14 4.68 -25.65
CA SER A 461 7.00 3.53 -25.36
C SER A 461 7.25 2.74 -26.64
N ARG A 462 8.33 1.96 -26.64
CA ARG A 462 8.69 1.18 -27.82
C ARG A 462 7.96 -0.16 -27.82
N HIS A 463 7.35 -0.50 -26.69
CA HIS A 463 6.70 -1.79 -26.54
C HIS A 463 5.33 -1.83 -27.23
N CYS A 464 4.51 -0.82 -26.97
CA CYS A 464 3.17 -0.76 -27.54
C CYS A 464 2.89 0.56 -28.27
N GLY A 465 3.59 1.61 -27.86
CA GLY A 465 3.45 2.90 -28.52
C GLY A 465 2.54 3.86 -27.78
N LYS A 466 2.08 3.46 -26.59
CA LYS A 466 1.22 4.31 -25.77
C LYS A 466 2.05 5.41 -25.09
N LEU A 467 1.43 6.57 -24.90
CA LEU A 467 2.13 7.72 -24.37
C LEU A 467 2.18 7.74 -22.85
N ILE A 468 3.11 8.53 -22.30
CA ILE A 468 3.17 8.76 -20.86
C ILE A 468 1.98 9.64 -20.46
N ASP A 469 1.12 9.10 -19.62
CA ASP A 469 -0.15 9.76 -19.30
C ASP A 469 -0.29 10.03 -17.82
N VAL A 470 -0.82 11.20 -17.47
CA VAL A 470 -1.14 11.52 -16.09
C VAL A 470 -2.55 11.02 -15.76
N ARG A 471 -2.62 10.02 -14.88
CA ARG A 471 -3.89 9.36 -14.57
C ARG A 471 -4.99 10.35 -14.23
N LYS A 472 -6.10 10.24 -14.97
CA LYS A 472 -7.30 11.03 -14.69
C LYS A 472 -7.05 12.54 -14.75
N TRP A 473 -6.12 12.95 -15.61
CA TRP A 473 -5.83 14.36 -15.81
C TRP A 473 -5.54 15.08 -14.49
N SER A 474 -4.98 14.35 -13.53
CA SER A 474 -4.70 14.90 -12.22
C SER A 474 -3.89 16.20 -12.30
N THR A 475 -4.16 17.13 -11.40
CA THR A 475 -3.47 18.41 -11.37
C THR A 475 -2.84 18.66 -10.01
N GLU A 476 -2.90 17.64 -9.14
CA GLU A 476 -2.38 17.77 -7.79
C GLU A 476 -1.10 16.96 -7.61
N ASP A 477 -0.42 17.18 -6.50
CA ASP A 477 0.80 16.43 -6.18
C ASP A 477 0.48 14.96 -5.93
N GLY A 478 1.38 14.09 -6.37
CA GLY A 478 1.20 12.65 -6.19
C GLY A 478 0.42 12.01 -7.32
N GLY A 479 0.11 12.80 -8.35
CA GLY A 479 -0.61 12.30 -9.50
C GLY A 479 0.08 11.12 -10.13
N ILE A 480 -0.61 9.98 -10.16
CA ILE A 480 -0.05 8.74 -10.71
C ILE A 480 0.27 8.85 -12.19
N ILE A 481 1.54 8.67 -12.54
CA ILE A 481 1.96 8.65 -13.93
C ILE A 481 1.79 7.25 -14.50
N GLN A 482 1.12 7.15 -15.64
CA GLN A 482 0.78 5.85 -16.21
C GLN A 482 1.01 5.79 -17.71
N GLN A 483 0.45 4.75 -18.33
CA GLN A 483 0.56 4.54 -19.77
C GLN A 483 -0.83 4.54 -20.37
N TRP A 484 -1.01 5.28 -21.46
CA TRP A 484 -2.33 5.39 -22.09
C TRP A 484 -2.20 5.66 -23.59
N SER A 485 -3.15 5.15 -24.35
CA SER A 485 -3.17 5.36 -25.80
C SER A 485 -3.28 6.84 -26.14
N ASP A 486 -2.74 7.25 -27.27
CA ASP A 486 -2.78 8.64 -27.70
C ASP A 486 -4.23 9.11 -27.86
N ALA A 487 -4.62 10.07 -27.04
CA ALA A 487 -5.97 10.62 -27.09
C ALA A 487 -5.96 12.11 -27.44
N GLY A 488 -4.76 12.66 -27.62
CA GLY A 488 -4.61 14.06 -27.96
C GLY A 488 -4.79 14.97 -26.77
N GLY A 489 -4.91 14.38 -25.59
CA GLY A 489 -5.08 15.16 -24.37
C GLY A 489 -3.84 15.94 -24.00
N THR A 490 -4.02 17.05 -23.29
CA THR A 490 -2.90 17.89 -22.90
C THR A 490 -2.14 17.26 -21.73
N ASN A 491 -2.77 16.30 -21.08
CA ASN A 491 -2.14 15.57 -19.97
C ASN A 491 -1.14 14.54 -20.49
N GLN A 492 -1.02 14.46 -21.80
CA GLN A 492 -0.11 13.51 -22.44
C GLN A 492 1.05 14.23 -23.10
N HIS A 493 1.03 15.57 -23.04
CA HIS A 493 2.06 16.39 -23.65
C HIS A 493 3.07 16.85 -22.60
N TRP A 494 4.35 16.64 -22.88
CA TRP A 494 5.41 16.99 -21.94
C TRP A 494 6.45 17.90 -22.58
N LYS A 495 6.96 18.86 -21.80
CA LYS A 495 7.98 19.77 -22.29
C LYS A 495 9.34 19.43 -21.69
N LEU A 496 10.38 19.45 -22.53
CA LEU A 496 11.72 19.13 -22.08
C LEU A 496 12.44 20.38 -21.63
N VAL A 497 12.84 20.42 -20.36
CA VAL A 497 13.47 21.60 -19.78
C VAL A 497 14.87 21.31 -19.24
N LEU A 498 15.84 22.10 -19.69
CA LEU A 498 17.22 21.96 -19.23
C LEU A 498 17.35 22.35 -17.76
N VAL A 499 18.52 22.08 -17.18
CA VAL A 499 18.79 22.44 -15.79
C VAL A 499 20.18 23.05 -15.63
N GLU B 39 85.93 -60.77 -6.82
CA GLU B 39 85.82 -60.66 -5.37
C GLU B 39 84.58 -59.85 -4.97
N GLY B 40 83.43 -60.52 -4.98
CA GLY B 40 82.16 -59.88 -4.64
C GLY B 40 81.92 -59.84 -3.15
N VAL B 41 82.87 -59.26 -2.41
CA VAL B 41 82.77 -59.17 -0.97
C VAL B 41 82.34 -57.77 -0.53
N ILE B 42 81.56 -57.69 0.54
CA ILE B 42 81.07 -56.42 1.06
C ILE B 42 81.42 -56.25 2.53
N VAL B 43 82.04 -55.13 2.87
CA VAL B 43 82.41 -54.85 4.24
C VAL B 43 81.32 -54.03 4.94
N ASN B 44 80.51 -54.70 5.75
CA ASN B 44 79.41 -54.04 6.46
C ASN B 44 79.91 -53.00 7.46
N GLY B 45 79.01 -52.10 7.86
CA GLY B 45 79.34 -51.06 8.82
C GLY B 45 80.22 -49.98 8.24
N THR B 46 80.17 -49.82 6.91
CA THR B 46 80.95 -48.79 6.24
C THR B 46 80.14 -48.12 5.14
N GLN B 47 80.73 -47.11 4.51
CA GLN B 47 80.10 -46.43 3.39
C GLN B 47 80.63 -46.94 2.07
N PHE B 48 79.79 -47.66 1.34
CA PHE B 48 80.17 -48.20 0.04
C PHE B 48 80.60 -47.08 -0.89
N LYS B 49 81.36 -47.42 -1.93
CA LYS B 49 81.83 -46.43 -2.89
C LYS B 49 81.45 -46.77 -4.32
N ASP B 50 81.19 -45.74 -5.12
CA ASP B 50 80.90 -45.94 -6.53
C ASP B 50 82.18 -46.24 -7.30
N THR B 51 82.03 -46.53 -8.60
CA THR B 51 83.18 -46.86 -9.44
C THR B 51 84.14 -45.69 -9.57
N SER B 52 83.70 -44.52 -9.14
CA SER B 52 84.52 -43.31 -9.23
C SER B 52 85.40 -43.12 -8.00
N GLY B 53 85.11 -43.88 -6.95
CA GLY B 53 85.87 -43.79 -5.72
C GLY B 53 85.23 -42.87 -4.70
N ASN B 54 84.02 -42.42 -5.00
CA ASN B 54 83.28 -41.53 -4.11
C ASN B 54 82.24 -42.28 -3.29
N VAL B 55 82.00 -41.81 -2.08
CA VAL B 55 81.05 -42.46 -1.17
C VAL B 55 79.62 -42.41 -1.72
N ILE B 56 78.97 -43.57 -1.74
CA ILE B 56 77.59 -43.65 -2.19
C ILE B 56 76.64 -43.04 -1.18
N HIS B 57 75.71 -42.22 -1.66
CA HIS B 57 74.75 -41.55 -0.79
C HIS B 57 73.30 -41.86 -1.16
N ALA B 58 72.89 -43.11 -0.93
CA ALA B 58 71.52 -43.55 -1.18
C ALA B 58 70.91 -44.11 0.10
N HIS B 59 70.74 -43.23 1.09
CA HIS B 59 70.26 -43.64 2.40
C HIS B 59 68.77 -43.94 2.42
N GLY B 60 68.36 -44.88 3.27
CA GLY B 60 66.97 -45.24 3.41
C GLY B 60 66.26 -45.52 2.10
N GLY B 61 67.01 -46.08 1.15
CA GLY B 61 66.46 -46.35 -0.17
C GLY B 61 66.24 -47.82 -0.44
N GLY B 62 65.67 -48.12 -1.60
CA GLY B 62 65.40 -49.49 -2.00
C GLY B 62 66.12 -49.85 -3.28
N MET B 63 65.67 -50.93 -3.93
CA MET B 63 66.30 -51.38 -5.16
C MET B 63 65.34 -52.18 -6.04
N LEU B 64 65.42 -51.96 -7.34
CA LEU B 64 64.54 -52.65 -8.29
C LEU B 64 65.33 -53.32 -9.40
N LYS B 65 64.85 -54.49 -9.85
CA LYS B 65 65.51 -55.23 -10.91
C LYS B 65 64.68 -55.21 -12.19
N HIS B 66 65.17 -54.49 -13.20
CA HIS B 66 64.47 -54.40 -14.48
C HIS B 66 65.44 -54.58 -15.64
N GLY B 67 65.27 -55.70 -16.36
CA GLY B 67 66.12 -56.00 -17.50
C GLY B 67 67.35 -56.78 -17.12
N ASP B 68 68.51 -56.11 -17.19
CA ASP B 68 69.77 -56.74 -16.84
C ASP B 68 70.56 -55.86 -15.86
N TYR B 69 69.84 -55.09 -15.06
CA TYR B 69 70.48 -54.18 -14.11
C TYR B 69 69.72 -54.05 -12.80
N TYR B 70 70.48 -53.91 -11.70
CA TYR B 70 69.90 -53.58 -10.41
C TYR B 70 70.02 -52.09 -10.16
N TYR B 71 68.90 -51.43 -9.87
CA TYR B 71 68.90 -49.99 -9.62
C TYR B 71 68.67 -49.66 -8.15
N TRP B 72 69.65 -49.00 -7.54
CA TRP B 72 69.57 -48.62 -6.14
C TRP B 72 69.22 -47.14 -5.99
N TYR B 73 68.04 -46.86 -5.46
CA TYR B 73 67.59 -45.50 -5.25
C TYR B 73 67.67 -45.12 -3.77
N GLY B 74 68.00 -43.86 -3.49
CA GLY B 74 68.11 -43.38 -2.13
C GLY B 74 68.12 -41.87 -2.05
N GLU B 75 68.13 -41.34 -0.83
CA GLU B 75 68.10 -39.89 -0.63
C GLU B 75 69.19 -39.43 0.33
N TYR B 76 69.54 -38.15 0.26
CA TYR B 76 70.56 -37.57 1.12
C TYR B 76 70.23 -36.14 1.49
N ARG B 77 70.61 -35.72 2.70
CA ARG B 77 70.31 -34.39 3.19
C ARG B 77 71.18 -33.32 2.55
N ASP B 78 70.83 -32.06 2.79
CA ASP B 78 71.64 -30.93 2.31
C ASP B 78 72.44 -30.33 3.45
N ASP B 79 72.87 -29.08 3.27
CA ASP B 79 73.65 -28.38 4.27
C ASP B 79 72.76 -27.95 5.43
N SER B 80 71.45 -28.00 5.23
CA SER B 80 70.49 -27.59 6.26
C SER B 80 69.65 -28.76 6.76
N ASN B 81 70.01 -29.97 6.34
CA ASN B 81 69.29 -31.17 6.75
C ASN B 81 67.88 -31.24 6.18
N LEU B 82 67.74 -30.97 4.88
CA LEU B 82 66.44 -31.04 4.22
C LEU B 82 66.40 -32.12 3.16
N PHE B 83 66.68 -31.74 1.91
CA PHE B 83 66.61 -32.68 0.80
C PHE B 83 67.16 -32.05 -0.48
N LEU B 84 68.10 -32.74 -1.11
CA LEU B 84 68.72 -32.24 -2.33
C LEU B 84 68.28 -33.03 -3.57
N GLY B 85 68.18 -34.35 -3.41
CA GLY B 85 67.75 -35.18 -4.52
C GLY B 85 67.81 -36.68 -4.24
N VAL B 86 67.11 -37.45 -5.06
CA VAL B 86 67.12 -38.90 -4.98
C VAL B 86 68.11 -39.49 -5.98
N SER B 87 69.23 -39.99 -5.47
CA SER B 87 70.29 -40.53 -6.31
C SER B 87 69.94 -41.90 -6.87
N CYS B 88 70.64 -42.28 -7.95
CA CYS B 88 70.42 -43.58 -8.59
C CYS B 88 71.74 -44.25 -8.94
N TYR B 89 71.91 -45.48 -8.46
CA TYR B 89 73.09 -46.27 -8.78
C TYR B 89 72.67 -47.60 -9.39
N ARG B 90 73.35 -48.01 -10.46
CA ARG B 90 73.03 -49.27 -11.12
C ARG B 90 74.23 -50.20 -11.22
N SER B 91 73.97 -51.50 -11.08
CA SER B 91 75.01 -52.51 -11.15
C SER B 91 74.38 -53.89 -11.34
N LYS B 92 75.12 -54.80 -11.96
CA LYS B 92 74.63 -56.14 -12.20
C LYS B 92 75.34 -57.19 -11.35
N ASP B 93 76.35 -56.77 -10.59
CA ASP B 93 77.05 -57.67 -9.69
C ASP B 93 76.84 -57.27 -8.23
N LEU B 94 76.13 -56.17 -8.02
CA LEU B 94 75.76 -55.72 -6.68
C LEU B 94 76.96 -55.34 -5.82
N VAL B 95 78.10 -55.10 -6.45
CA VAL B 95 79.31 -54.72 -5.71
C VAL B 95 79.91 -53.43 -6.26
N ASN B 96 79.96 -53.32 -7.58
CA ASN B 96 80.48 -52.13 -8.24
C ASN B 96 79.36 -51.26 -8.78
N TRP B 97 79.04 -50.18 -8.07
CA TRP B 97 77.91 -49.33 -8.44
C TRP B 97 78.34 -48.13 -9.29
N GLU B 98 77.56 -47.86 -10.32
CA GLU B 98 77.82 -46.73 -11.21
C GLU B 98 76.82 -45.60 -10.95
N TYR B 99 77.34 -44.43 -10.57
CA TYR B 99 76.51 -43.27 -10.28
C TYR B 99 75.71 -42.84 -11.51
N ARG B 100 74.43 -42.55 -11.31
CA ARG B 100 73.54 -42.19 -12.41
C ARG B 100 72.87 -40.84 -12.21
N GLY B 101 73.42 -40.02 -11.31
CA GLY B 101 72.87 -38.71 -11.05
C GLY B 101 71.65 -38.75 -10.15
N GLU B 102 70.82 -37.71 -10.24
CA GLU B 102 69.60 -37.63 -9.44
C GLU B 102 68.35 -37.80 -10.30
N VAL B 103 67.55 -38.79 -9.98
CA VAL B 103 66.27 -39.01 -10.66
C VAL B 103 65.24 -38.02 -10.14
N LEU B 104 65.51 -37.47 -8.96
CA LEU B 104 64.65 -36.46 -8.36
C LEU B 104 65.54 -35.41 -7.71
N SER B 105 65.09 -34.16 -7.70
CA SER B 105 65.89 -33.07 -7.17
C SER B 105 65.05 -32.02 -6.46
N ARG B 106 65.73 -31.14 -5.73
CA ARG B 106 65.09 -30.05 -5.02
C ARG B 106 64.49 -29.04 -6.01
N ASN B 107 64.97 -29.10 -7.25
CA ASN B 107 64.50 -28.19 -8.29
C ASN B 107 63.47 -28.82 -9.20
N SER B 108 63.11 -30.07 -8.91
CA SER B 108 62.19 -30.81 -9.76
C SER B 108 60.76 -30.26 -9.68
N ALA B 109 60.42 -29.66 -8.54
CA ALA B 109 59.09 -29.10 -8.33
C ALA B 109 59.13 -27.94 -7.34
N PRO B 110 58.24 -26.97 -7.52
CA PRO B 110 58.18 -25.79 -6.65
C PRO B 110 57.83 -26.17 -5.22
N GLU B 111 57.20 -27.33 -5.05
CA GLU B 111 56.82 -27.82 -3.74
C GLU B 111 58.01 -28.50 -3.06
N LEU B 112 59.01 -28.85 -3.85
CA LEU B 112 60.17 -29.59 -3.35
C LEU B 112 61.38 -28.68 -3.18
N ASN B 113 61.16 -27.37 -3.15
CA ASN B 113 62.24 -26.41 -2.93
C ASN B 113 62.73 -26.44 -1.50
N HIS B 114 61.82 -26.64 -0.57
CA HIS B 114 62.15 -26.68 0.85
C HIS B 114 61.26 -27.69 1.57
N CYS B 115 61.76 -28.90 1.74
CA CYS B 115 60.97 -29.96 2.37
C CYS B 115 61.85 -31.10 2.86
N ASN B 116 61.22 -32.07 3.52
CA ASN B 116 61.93 -33.24 4.05
C ASN B 116 61.41 -34.52 3.42
N ILE B 117 62.26 -35.18 2.63
CA ILE B 117 61.88 -36.42 1.97
C ILE B 117 62.72 -37.60 2.47
N GLU B 118 62.06 -38.70 2.79
CA GLU B 118 62.75 -39.89 3.29
C GLU B 118 62.04 -41.17 2.87
N ARG B 119 62.80 -42.26 2.80
CA ARG B 119 62.27 -43.57 2.43
C ARG B 119 61.71 -43.61 1.01
N PRO B 120 62.54 -43.26 0.01
CA PRO B 120 62.10 -43.31 -1.39
C PRO B 120 62.20 -44.72 -1.98
N LYS B 121 61.08 -45.23 -2.49
CA LYS B 121 61.05 -46.56 -3.08
C LYS B 121 60.43 -46.50 -4.48
N VAL B 122 60.94 -47.31 -5.39
CA VAL B 122 60.44 -47.33 -6.75
C VAL B 122 59.85 -48.69 -7.13
N MET B 123 58.95 -48.68 -8.11
CA MET B 123 58.28 -49.90 -8.55
C MET B 123 57.94 -49.82 -10.04
N TYR B 124 58.03 -50.95 -10.73
CA TYR B 124 57.73 -50.99 -12.16
C TYR B 124 56.35 -51.57 -12.44
N ASN B 125 55.75 -51.14 -13.54
CA ASN B 125 54.44 -51.61 -13.94
C ASN B 125 54.43 -52.10 -15.39
N ALA B 126 54.05 -53.36 -15.58
CA ALA B 126 54.07 -53.98 -16.90
C ALA B 126 53.02 -53.39 -17.84
N SER B 127 51.86 -53.05 -17.30
CA SER B 127 50.76 -52.52 -18.10
C SER B 127 51.11 -51.17 -18.72
N THR B 128 51.54 -50.22 -17.90
CA THR B 128 51.88 -48.88 -18.38
C THR B 128 53.25 -48.85 -19.05
N GLY B 129 54.21 -49.58 -18.49
CA GLY B 129 55.55 -49.62 -19.03
C GLY B 129 56.45 -48.55 -18.47
N GLU B 130 56.01 -47.91 -17.40
CA GLU B 130 56.79 -46.86 -16.75
C GLU B 130 56.99 -47.15 -15.27
N PHE B 131 57.93 -46.44 -14.65
CA PHE B 131 58.25 -46.65 -13.25
C PHE B 131 57.60 -45.58 -12.38
N VAL B 132 57.06 -46.00 -11.23
CA VAL B 132 56.42 -45.09 -10.30
C VAL B 132 57.19 -45.03 -8.98
N MET B 133 57.52 -43.82 -8.54
CA MET B 133 58.27 -43.62 -7.30
C MET B 133 57.38 -43.11 -6.18
N TRP B 134 57.56 -43.64 -4.98
CA TRP B 134 56.84 -43.18 -3.80
C TRP B 134 57.83 -42.74 -2.73
N MET B 135 57.34 -42.00 -1.73
CA MET B 135 58.22 -41.47 -0.70
C MET B 135 57.44 -40.82 0.45
N HIS B 136 58.18 -40.41 1.48
CA HIS B 136 57.60 -39.71 2.62
C HIS B 136 57.90 -38.22 2.50
N TRP B 137 56.86 -37.40 2.64
CA TRP B 137 57.01 -35.96 2.45
C TRP B 137 56.73 -35.17 3.73
N GLU B 138 57.55 -34.14 3.96
CA GLU B 138 57.36 -33.25 5.10
C GLU B 138 57.69 -31.81 4.69
N ASN B 139 57.10 -30.85 5.40
CA ASN B 139 57.26 -29.44 5.04
C ASN B 139 58.68 -28.91 5.21
N GLY B 140 59.42 -29.46 6.17
CA GLY B 140 60.80 -29.07 6.39
C GLY B 140 61.00 -28.25 7.65
N ILE B 141 59.91 -27.88 8.31
CA ILE B 141 59.98 -27.11 9.54
C ILE B 141 59.52 -27.96 10.72
N ASN B 142 58.65 -28.92 10.45
CA ASN B 142 58.18 -29.85 11.47
C ASN B 142 57.72 -31.18 10.86
N TYR B 143 57.00 -31.96 11.66
CA TYR B 143 56.50 -33.26 11.21
C TYR B 143 54.99 -33.38 11.43
N GLY B 144 54.25 -32.36 11.02
CA GLY B 144 52.81 -32.36 11.16
C GLY B 144 52.09 -32.83 9.92
N GLN B 145 52.64 -32.50 8.76
CA GLN B 145 52.04 -32.86 7.48
C GLN B 145 51.85 -34.37 7.36
N ALA B 146 52.94 -35.12 7.55
CA ALA B 146 52.91 -36.57 7.48
C ALA B 146 52.12 -37.07 6.28
N ARG B 147 52.70 -36.92 5.09
CA ARG B 147 52.03 -37.31 3.86
C ARG B 147 52.97 -38.04 2.92
N ALA B 148 52.40 -38.75 1.96
CA ALA B 148 53.19 -39.48 0.96
C ALA B 148 53.26 -38.70 -0.34
N ALA B 149 54.30 -38.98 -1.14
CA ALA B 149 54.48 -38.30 -2.42
C ALA B 149 54.63 -39.31 -3.56
N VAL B 150 54.35 -38.86 -4.78
CA VAL B 150 54.41 -39.74 -5.94
C VAL B 150 55.19 -39.10 -7.09
N ALA B 151 55.88 -39.95 -7.85
CA ALA B 151 56.61 -39.51 -9.04
C ALA B 151 56.63 -40.65 -10.05
N TYR B 152 57.03 -40.35 -11.29
CA TYR B 152 57.12 -41.39 -12.32
C TYR B 152 58.04 -40.99 -13.47
N SER B 153 58.51 -41.99 -14.21
CA SER B 153 59.39 -41.78 -15.35
C SER B 153 59.32 -42.96 -16.31
N LYS B 154 59.66 -42.72 -17.57
CA LYS B 154 59.64 -43.78 -18.58
C LYS B 154 60.87 -44.67 -18.44
N THR B 155 61.97 -44.07 -17.98
CA THR B 155 63.22 -44.80 -17.79
C THR B 155 63.68 -44.72 -16.34
N PRO B 156 64.38 -45.76 -15.87
CA PRO B 156 64.84 -45.84 -14.47
C PRO B 156 65.82 -44.72 -14.13
N ASP B 157 66.94 -44.66 -14.83
CA ASP B 157 67.94 -43.64 -14.59
C ASP B 157 67.49 -42.26 -15.09
N GLY B 158 66.34 -42.23 -15.76
CA GLY B 158 65.81 -40.99 -16.29
C GLY B 158 65.24 -40.08 -15.22
N LYS B 159 65.17 -38.78 -15.52
CA LYS B 159 64.66 -37.79 -14.58
C LYS B 159 63.15 -37.95 -14.39
N PHE B 160 62.75 -38.24 -13.16
CA PHE B 160 61.33 -38.38 -12.83
C PHE B 160 60.64 -37.01 -12.79
N THR B 161 59.32 -37.02 -12.90
CA THR B 161 58.54 -35.79 -12.80
C THR B 161 57.59 -35.90 -11.62
N TYR B 162 57.81 -35.04 -10.62
CA TYR B 162 57.02 -35.06 -9.40
C TYR B 162 55.56 -34.69 -9.65
N ILE B 163 54.66 -35.41 -8.99
CA ILE B 163 53.22 -35.16 -9.15
C ILE B 163 52.67 -34.35 -7.98
N ARG B 164 52.48 -35.01 -6.84
CA ARG B 164 51.85 -34.36 -5.69
C ARG B 164 52.17 -35.09 -4.38
N SER B 165 52.07 -34.35 -3.28
CA SER B 165 52.16 -34.94 -1.95
C SER B 165 50.78 -34.90 -1.32
N PHE B 166 50.40 -35.98 -0.66
CA PHE B 166 49.05 -36.06 -0.09
C PHE B 166 48.97 -37.12 1.01
N ARG B 167 47.98 -36.96 1.89
CA ARG B 167 47.72 -37.94 2.93
C ARG B 167 46.70 -38.95 2.43
N PRO B 168 47.04 -40.24 2.49
CA PRO B 168 46.19 -41.33 1.98
C PRO B 168 44.72 -41.16 2.32
N MET B 169 43.86 -41.21 1.32
CA MET B 169 42.42 -41.14 1.54
C MET B 169 42.00 -39.81 2.13
N GLN B 170 42.14 -38.74 1.35
CA GLN B 170 41.82 -37.39 1.82
C GLN B 170 40.32 -37.07 1.71
N ASP B 171 39.73 -37.47 0.59
CA ASP B 171 38.35 -37.10 0.27
C ASP B 171 37.31 -37.96 0.99
N THR B 172 37.76 -39.05 1.61
CA THR B 172 36.85 -39.92 2.35
C THR B 172 36.31 -39.24 3.60
N GLY B 173 36.74 -37.99 3.82
CA GLY B 173 36.27 -37.20 4.94
C GLY B 173 36.87 -37.61 6.26
N VAL B 174 37.66 -38.69 6.25
CA VAL B 174 38.29 -39.21 7.46
C VAL B 174 39.38 -38.26 7.95
N MET B 175 39.45 -38.10 9.27
CA MET B 175 40.45 -37.23 9.87
C MET B 175 41.37 -38.00 10.80
N ASP B 176 42.67 -37.80 10.65
CA ASP B 176 43.65 -38.47 11.49
C ASP B 176 44.55 -37.45 12.18
N HIS B 177 44.21 -37.12 13.42
CA HIS B 177 44.96 -36.15 14.21
C HIS B 177 44.98 -34.76 13.59
N GLY B 178 43.80 -34.15 13.48
CA GLY B 178 43.69 -32.78 13.01
C GLY B 178 43.54 -32.61 11.52
N LEU B 179 44.44 -33.25 10.76
CA LEU B 179 44.44 -33.11 9.31
C LEU B 179 43.59 -34.17 8.62
N PRO B 180 43.06 -33.84 7.43
CA PRO B 180 42.23 -34.75 6.63
C PRO B 180 43.06 -35.83 5.94
N GLY B 181 42.67 -37.09 6.11
CA GLY B 181 43.37 -38.20 5.51
C GLY B 181 44.38 -38.83 6.46
N TYR B 182 44.60 -40.13 6.32
CA TYR B 182 45.55 -40.84 7.17
C TYR B 182 46.95 -40.27 6.98
N MET B 183 47.70 -40.20 8.07
CA MET B 183 49.06 -39.66 8.02
C MET B 183 50.07 -40.73 7.62
N SER B 184 50.72 -40.52 6.49
CA SER B 184 51.67 -41.49 5.95
C SER B 184 53.12 -41.05 6.20
N ARG B 185 53.79 -41.75 7.11
CA ARG B 185 55.19 -41.47 7.41
C ARG B 185 56.11 -42.47 6.73
N ASP B 186 56.66 -43.39 7.51
CA ASP B 186 57.53 -44.43 6.96
C ASP B 186 56.77 -45.24 5.93
N CYS B 187 57.36 -45.42 4.75
CA CYS B 187 56.67 -46.05 3.64
C CYS B 187 57.52 -47.05 2.87
N ASN B 188 56.86 -47.81 1.99
CA ASN B 188 57.54 -48.79 1.15
C ASN B 188 56.57 -49.39 0.14
N VAL B 189 57.08 -49.82 -1.01
CA VAL B 189 56.24 -50.33 -2.08
C VAL B 189 56.32 -51.85 -2.23
N PHE B 190 55.31 -52.44 -2.87
CA PHE B 190 55.27 -53.87 -3.10
C PHE B 190 54.40 -54.23 -4.30
N VAL B 191 54.96 -55.02 -5.22
CA VAL B 191 54.23 -55.46 -6.40
C VAL B 191 53.89 -56.94 -6.31
N ASP B 192 52.60 -57.26 -6.27
CA ASP B 192 52.16 -58.64 -6.13
C ASP B 192 52.39 -59.42 -7.42
N THR B 193 52.05 -60.71 -7.40
CA THR B 193 52.23 -61.57 -8.55
C THR B 193 51.19 -61.31 -9.63
N ASP B 194 49.97 -60.96 -9.19
CA ASP B 194 48.87 -60.71 -10.12
C ASP B 194 49.02 -59.36 -10.82
N GLY B 195 50.07 -58.63 -10.47
CA GLY B 195 50.36 -57.36 -11.12
C GLY B 195 49.74 -56.15 -10.42
N LYS B 196 49.18 -56.38 -9.23
CA LYS B 196 48.60 -55.29 -8.45
C LYS B 196 49.67 -54.57 -7.63
N GLY B 197 49.56 -53.25 -7.57
CA GLY B 197 50.49 -52.45 -6.80
C GLY B 197 49.98 -52.15 -5.40
N TYR B 198 50.89 -52.06 -4.45
CA TYR B 198 50.52 -51.78 -3.07
C TYR B 198 51.49 -50.80 -2.41
N PHE B 199 50.96 -49.99 -1.49
CA PHE B 199 51.76 -49.01 -0.78
C PHE B 199 51.45 -49.07 0.72
N ILE B 200 52.45 -49.45 1.50
CA ILE B 200 52.27 -49.57 2.95
C ILE B 200 53.03 -48.47 3.70
N SER B 201 52.38 -47.91 4.72
CA SER B 201 52.99 -46.85 5.51
C SER B 201 52.47 -46.85 6.94
N ALA B 202 53.18 -46.14 7.81
CA ALA B 202 52.79 -46.02 9.22
C ALA B 202 51.80 -44.88 9.40
N ALA B 203 50.65 -45.19 10.00
CA ALA B 203 49.61 -44.19 10.21
C ALA B 203 49.21 -44.08 11.68
N ASN B 204 48.23 -43.23 11.96
CA ASN B 204 47.75 -43.03 13.32
C ASN B 204 48.90 -42.73 14.29
N GLU B 205 49.73 -41.77 13.93
CA GLU B 205 50.87 -41.37 14.75
C GLU B 205 51.84 -42.54 14.94
N ASN B 206 52.07 -43.30 13.87
CA ASN B 206 53.01 -44.41 13.89
C ASN B 206 52.57 -45.59 14.74
N MET B 207 51.33 -45.54 15.24
CA MET B 207 50.81 -46.60 16.08
C MET B 207 50.29 -47.79 15.26
N ASP B 208 49.81 -47.49 14.06
CA ASP B 208 49.25 -48.53 13.19
C ASP B 208 49.92 -48.57 11.83
N LEU B 209 49.73 -49.67 11.11
CA LEU B 209 50.23 -49.79 9.75
C LEU B 209 49.07 -49.91 8.76
N HIS B 210 49.17 -49.18 7.65
CA HIS B 210 48.13 -49.20 6.63
C HIS B 210 48.66 -49.63 5.28
N LEU B 211 48.10 -50.70 4.75
CA LEU B 211 48.45 -51.18 3.42
C LEU B 211 47.41 -50.72 2.40
N TYR B 212 47.81 -49.79 1.53
CA TYR B 212 46.89 -49.21 0.56
C TYR B 212 47.01 -49.90 -0.79
N GLU B 213 45.89 -50.37 -1.32
CA GLU B 213 45.84 -50.93 -2.67
C GLU B 213 45.77 -49.81 -3.69
N LEU B 214 46.76 -49.75 -4.56
CA LEU B 214 46.87 -48.69 -5.56
C LEU B 214 46.04 -49.00 -6.81
N THR B 215 45.71 -47.95 -7.56
CA THR B 215 45.05 -48.09 -8.85
C THR B 215 46.05 -48.65 -9.86
N PRO B 216 45.55 -49.33 -10.90
CA PRO B 216 46.37 -49.98 -11.92
C PRO B 216 47.54 -49.13 -12.43
N ASP B 217 47.49 -47.82 -12.27
CA ASP B 217 48.56 -46.95 -12.76
C ASP B 217 49.64 -46.69 -11.71
N TYR B 218 49.43 -47.19 -10.50
CA TYR B 218 50.40 -47.07 -9.42
C TYR B 218 50.64 -45.63 -8.97
N LYS B 219 49.98 -44.68 -9.62
CA LYS B 219 50.22 -43.26 -9.33
C LYS B 219 49.23 -42.69 -8.32
N ASN B 220 48.23 -43.48 -7.94
CA ASN B 220 47.24 -43.05 -6.97
C ASN B 220 46.78 -44.19 -6.06
N ILE B 221 46.15 -43.84 -4.95
CA ILE B 221 45.64 -44.83 -4.01
C ILE B 221 44.15 -45.11 -4.26
N ALA B 222 43.85 -46.34 -4.65
CA ALA B 222 42.47 -46.74 -4.91
C ALA B 222 41.69 -46.92 -3.61
N SER B 223 42.33 -47.58 -2.64
CA SER B 223 41.70 -47.83 -1.35
C SER B 223 42.71 -48.48 -0.40
N LEU B 224 42.26 -48.80 0.81
CA LEU B 224 43.10 -49.52 1.76
C LEU B 224 42.60 -50.96 1.88
N LYS B 225 43.52 -51.90 2.02
CA LYS B 225 43.17 -53.32 2.05
C LYS B 225 42.93 -53.82 3.47
N ALA B 226 43.80 -53.43 4.39
CA ALA B 226 43.65 -53.83 5.80
C ALA B 226 44.58 -53.06 6.72
N LYS B 227 44.20 -52.99 8.00
CA LYS B 227 45.03 -52.38 9.03
C LYS B 227 45.87 -53.46 9.71
N LEU B 228 47.18 -53.24 9.77
CA LEU B 228 48.08 -54.26 10.30
C LEU B 228 48.78 -53.83 11.59
N PHE B 229 48.72 -54.71 12.58
CA PHE B 229 49.42 -54.51 13.85
C PHE B 229 49.09 -53.16 14.49
N VAL B 230 47.83 -52.98 14.85
CA VAL B 230 47.40 -51.75 15.51
C VAL B 230 47.94 -51.68 16.93
N GLY B 231 48.59 -50.56 17.25
CA GLY B 231 49.15 -50.36 18.58
C GLY B 231 50.55 -50.93 18.72
N GLN B 232 51.01 -51.61 17.68
CA GLN B 232 52.35 -52.21 17.70
C GLN B 232 53.43 -51.16 17.53
N GLN B 233 53.09 -50.06 16.86
CA GLN B 233 54.01 -48.95 16.67
C GLN B 233 55.25 -49.38 15.92
N ARG B 234 55.06 -50.02 14.76
CA ARG B 234 56.16 -50.47 13.94
C ARG B 234 56.55 -49.41 12.90
N GLU B 235 57.83 -49.37 12.57
CA GLU B 235 58.33 -48.37 11.62
C GLU B 235 58.61 -48.98 10.25
N ALA B 236 59.85 -49.40 10.03
CA ALA B 236 60.27 -50.00 8.77
C ALA B 236 59.20 -50.91 8.18
N PRO B 237 58.65 -50.51 7.02
CA PRO B 237 57.60 -51.28 6.34
C PRO B 237 58.13 -52.12 5.19
N CYS B 238 58.99 -53.10 5.47
CA CYS B 238 59.52 -53.97 4.42
C CYS B 238 58.54 -55.08 4.07
N LEU B 239 58.03 -55.06 2.83
CA LEU B 239 57.05 -56.05 2.38
C LEU B 239 57.57 -56.89 1.23
N ILE B 240 57.52 -58.21 1.39
CA ILE B 240 57.99 -59.14 0.37
C ILE B 240 57.07 -60.36 0.26
N LYS B 241 57.24 -61.14 -0.80
CA LYS B 241 56.45 -62.34 -1.00
C LYS B 241 57.31 -63.51 -1.48
N ARG B 242 57.02 -64.70 -0.97
CA ARG B 242 57.79 -65.89 -1.30
C ARG B 242 57.00 -67.17 -1.05
N ASN B 243 57.01 -68.08 -2.03
CA ASN B 243 56.33 -69.35 -1.89
C ASN B 243 54.86 -69.24 -1.48
N GLY B 244 54.17 -68.28 -2.08
CA GLY B 244 52.76 -68.07 -1.80
C GLY B 244 52.52 -67.48 -0.42
N TYR B 245 53.60 -67.05 0.23
CA TYR B 245 53.51 -66.44 1.54
C TYR B 245 53.88 -64.95 1.51
N TYR B 246 53.17 -64.16 2.30
CA TYR B 246 53.49 -62.74 2.44
C TYR B 246 54.26 -62.51 3.73
N TYR B 247 55.42 -61.86 3.60
CA TYR B 247 56.26 -61.58 4.77
C TYR B 247 56.40 -60.07 4.99
N LEU B 248 56.34 -59.67 6.25
CA LEU B 248 56.43 -58.26 6.60
C LEU B 248 57.50 -57.99 7.64
N ILE B 249 58.64 -57.46 7.20
CA ILE B 249 59.74 -57.14 8.10
C ILE B 249 59.64 -55.69 8.59
N THR B 250 59.68 -55.52 9.91
CA THR B 250 59.53 -54.20 10.51
C THR B 250 60.58 -53.93 11.59
N SER B 251 60.59 -52.70 12.09
CA SER B 251 61.50 -52.31 13.16
C SER B 251 60.79 -51.41 14.15
N GLY B 252 61.15 -51.52 15.43
CA GLY B 252 60.52 -50.74 16.48
C GLY B 252 60.65 -49.25 16.26
N CYS B 253 59.92 -48.48 17.07
CA CYS B 253 59.92 -47.03 16.95
C CYS B 253 60.75 -46.37 18.04
N THR B 254 62.02 -46.11 17.72
CA THR B 254 62.94 -45.49 18.69
C THR B 254 63.91 -44.53 18.03
N GLY B 255 63.44 -43.80 17.03
CA GLY B 255 64.27 -42.81 16.35
C GLY B 255 65.53 -43.39 15.75
N TRP B 256 66.64 -42.69 15.93
CA TRP B 256 67.93 -43.13 15.40
C TRP B 256 68.38 -44.43 16.07
N ASN B 257 68.10 -44.55 17.37
CA ASN B 257 68.51 -45.71 18.14
C ASN B 257 68.10 -47.03 17.48
N PRO B 258 69.11 -47.83 17.07
CA PRO B 258 68.85 -49.16 16.52
C PRO B 258 68.11 -50.02 17.54
N ASN B 259 67.14 -50.79 17.09
CA ASN B 259 66.34 -51.60 18.00
C ASN B 259 66.07 -53.00 17.47
N GLN B 260 65.11 -53.68 18.07
CA GLN B 260 64.77 -55.05 17.71
C GLN B 260 63.84 -55.11 16.51
N ALA B 261 64.29 -55.77 15.45
CA ALA B 261 63.46 -55.95 14.26
C ALA B 261 62.60 -57.19 14.39
N LYS B 262 61.40 -57.14 13.80
CA LYS B 262 60.48 -58.27 13.87
C LYS B 262 59.82 -58.52 12.51
N TYR B 263 59.16 -59.67 12.38
CA TYR B 263 58.48 -60.02 11.13
C TYR B 263 57.22 -60.83 11.39
N ALA B 264 56.44 -61.03 10.34
CA ALA B 264 55.22 -61.83 10.40
C ALA B 264 54.85 -62.32 9.01
N TYR B 265 54.08 -63.40 8.95
CA TYR B 265 53.69 -64.00 7.68
C TYR B 265 52.19 -64.20 7.58
N SER B 266 51.69 -64.34 6.35
CA SER B 266 50.27 -64.55 6.11
C SER B 266 50.02 -65.04 4.68
N LYS B 267 48.95 -65.80 4.50
CA LYS B 267 48.59 -66.32 3.19
C LYS B 267 47.92 -65.24 2.33
N ASP B 268 47.23 -64.32 3.00
CA ASP B 268 46.59 -63.20 2.32
C ASP B 268 47.05 -61.88 2.93
N LEU B 269 46.66 -60.77 2.30
CA LEU B 269 47.03 -59.44 2.80
C LEU B 269 45.94 -58.86 3.68
N ALA B 270 44.70 -59.28 3.44
CA ALA B 270 43.56 -58.78 4.21
C ALA B 270 43.54 -59.34 5.62
N SER B 271 43.82 -60.63 5.76
CA SER B 271 43.80 -61.28 7.06
C SER B 271 44.69 -62.52 7.08
N GLY B 272 44.88 -63.09 8.27
CA GLY B 272 45.67 -64.30 8.42
C GLY B 272 47.11 -64.01 8.83
N TRP B 273 47.35 -62.80 9.33
CA TRP B 273 48.69 -62.41 9.76
C TRP B 273 49.05 -62.99 11.11
N SER B 274 50.25 -63.55 11.20
CA SER B 274 50.73 -64.17 12.43
C SER B 274 51.26 -63.12 13.39
N GLN B 275 51.56 -63.54 14.61
CA GLN B 275 52.13 -62.64 15.62
C GLN B 275 53.56 -62.23 15.24
N LEU B 276 54.07 -61.21 15.91
CA LEU B 276 55.41 -60.71 15.62
C LEU B 276 56.50 -61.63 16.17
N TYR B 277 57.47 -61.94 15.33
CA TYR B 277 58.59 -62.79 15.74
C TYR B 277 59.90 -62.03 15.60
N ASN B 278 60.78 -62.16 16.60
CA ASN B 278 62.04 -61.46 16.60
C ASN B 278 62.95 -61.83 15.42
N LEU B 279 63.76 -60.87 14.99
CA LEU B 279 64.68 -61.09 13.88
C LEU B 279 65.97 -60.34 14.15
N GLY B 280 67.08 -61.07 14.23
CA GLY B 280 68.37 -60.47 14.55
C GLY B 280 68.48 -60.20 16.03
N ASN B 281 69.55 -59.52 16.43
CA ASN B 281 69.77 -59.21 17.84
C ASN B 281 68.91 -58.04 18.33
N SER B 282 69.24 -57.52 19.50
CA SER B 282 68.44 -56.46 20.13
C SER B 282 68.55 -55.12 19.40
N THR B 283 69.55 -55.00 18.54
CA THR B 283 69.77 -53.74 17.81
C THR B 283 69.79 -53.95 16.31
N THR B 284 69.31 -55.11 15.87
CA THR B 284 69.34 -55.47 14.45
C THR B 284 70.73 -55.20 13.87
N TYR B 285 71.75 -55.50 14.66
CA TYR B 285 73.13 -55.32 14.25
C TYR B 285 73.42 -53.87 13.89
N ARG B 286 72.94 -52.96 14.74
CA ARG B 286 73.13 -51.52 14.52
C ARG B 286 72.68 -51.08 13.13
N SER B 287 71.40 -51.29 12.84
CA SER B 287 70.83 -50.88 11.55
C SER B 287 69.31 -50.85 11.62
N GLN B 288 68.69 -50.36 10.55
CA GLN B 288 67.24 -50.35 10.44
C GLN B 288 66.81 -50.80 9.05
N PRO B 289 65.95 -51.82 8.98
CA PRO B 289 65.48 -52.38 7.71
C PRO B 289 64.83 -51.32 6.83
N THR B 290 65.24 -51.26 5.56
CA THR B 290 64.69 -50.28 4.63
C THR B 290 64.04 -50.94 3.43
N PHE B 291 64.57 -52.08 3.02
CA PHE B 291 64.02 -52.83 1.89
C PHE B 291 64.67 -54.21 1.75
N ILE B 292 63.89 -55.18 1.30
CA ILE B 292 64.39 -56.52 1.04
C ILE B 292 64.06 -56.92 -0.39
N ILE B 293 65.06 -57.42 -1.11
CA ILE B 293 64.89 -57.74 -2.53
C ILE B 293 65.35 -59.15 -2.88
N PRO B 294 64.51 -59.88 -3.63
CA PRO B 294 64.86 -61.23 -4.13
C PRO B 294 65.97 -61.15 -5.18
N VAL B 295 67.02 -61.95 -5.01
CA VAL B 295 68.12 -61.98 -5.96
C VAL B 295 68.06 -63.23 -6.82
N GLN B 296 67.73 -63.05 -8.10
CA GLN B 296 67.58 -64.17 -9.02
C GLN B 296 68.93 -64.66 -9.55
N GLY B 297 69.10 -65.98 -9.59
CA GLY B 297 70.32 -66.57 -10.08
C GLY B 297 70.08 -67.90 -10.77
N SER B 298 71.17 -68.57 -11.14
CA SER B 298 71.07 -69.85 -11.83
C SER B 298 70.83 -71.00 -10.86
N SER B 299 71.59 -71.00 -9.76
CA SER B 299 71.51 -72.08 -8.79
C SER B 299 70.27 -71.98 -7.89
N GLY B 300 69.75 -70.77 -7.76
CA GLY B 300 68.58 -70.54 -6.93
C GLY B 300 68.37 -69.07 -6.60
N THR B 301 67.54 -68.82 -5.59
CA THR B 301 67.24 -67.45 -5.18
C THR B 301 67.60 -67.19 -3.71
N SER B 302 68.20 -66.04 -3.46
CA SER B 302 68.55 -65.63 -2.11
C SER B 302 68.11 -64.19 -1.87
N TYR B 303 67.41 -63.96 -0.77
CA TYR B 303 66.87 -62.64 -0.45
C TYR B 303 67.90 -61.74 0.23
N LEU B 304 68.03 -60.52 -0.30
CA LEU B 304 68.99 -59.56 0.24
C LEU B 304 68.32 -58.54 1.14
N TYR B 305 68.82 -58.43 2.37
CA TYR B 305 68.31 -57.46 3.33
C TYR B 305 69.14 -56.18 3.29
N MET B 306 68.48 -55.05 3.07
CA MET B 306 69.14 -53.75 3.07
C MET B 306 68.77 -52.96 4.33
N GLY B 307 69.79 -52.48 5.03
CA GLY B 307 69.57 -51.72 6.25
C GLY B 307 70.42 -50.47 6.32
N ASP B 308 70.01 -49.52 7.16
CA ASP B 308 70.75 -48.28 7.31
C ASP B 308 71.30 -48.12 8.72
N ARG B 309 72.59 -47.79 8.80
CA ARG B 309 73.22 -47.47 10.08
C ARG B 309 73.25 -45.96 10.26
N TRP B 310 72.17 -45.41 10.78
CA TRP B 310 72.02 -43.97 10.90
C TRP B 310 73.10 -43.35 11.79
N ALA B 311 73.79 -42.35 11.24
CA ALA B 311 74.84 -41.66 11.97
C ALA B 311 74.27 -40.90 13.17
N GLY B 312 72.97 -40.67 13.15
CA GLY B 312 72.30 -39.99 14.25
C GLY B 312 72.43 -40.77 15.55
N ALA B 313 72.81 -42.04 15.45
CA ALA B 313 73.00 -42.88 16.62
C ALA B 313 74.13 -42.35 17.48
N TRP B 314 75.09 -41.68 16.84
CA TRP B 314 76.23 -41.10 17.57
C TRP B 314 76.33 -39.59 17.32
N GLY B 315 75.19 -38.95 17.09
CA GLY B 315 75.13 -37.52 16.90
C GLY B 315 75.82 -37.04 15.63
N GLY B 316 75.70 -37.84 14.57
CA GLY B 316 76.29 -37.50 13.30
C GLY B 316 75.26 -37.11 12.25
N LYS B 317 75.72 -36.42 11.22
CA LYS B 317 74.85 -36.01 10.12
C LYS B 317 74.32 -37.20 9.35
N VAL B 318 73.13 -37.06 8.78
CA VAL B 318 72.50 -38.15 8.03
C VAL B 318 73.37 -38.58 6.86
N ASN B 319 74.12 -37.64 6.29
CA ASN B 319 75.01 -37.93 5.17
C ASN B 319 76.17 -38.85 5.54
N ASP B 320 76.41 -39.00 6.84
CA ASP B 320 77.50 -39.84 7.32
C ASP B 320 77.06 -41.28 7.58
N SER B 321 75.75 -41.52 7.47
CA SER B 321 75.20 -42.84 7.73
C SER B 321 75.80 -43.89 6.80
N GLN B 322 75.85 -45.13 7.28
CA GLN B 322 76.42 -46.24 6.51
C GLN B 322 75.35 -47.25 6.12
N TYR B 323 75.77 -48.34 5.50
CA TYR B 323 74.84 -49.38 5.06
C TYR B 323 75.15 -50.72 5.70
N VAL B 324 74.13 -51.57 5.82
CA VAL B 324 74.29 -52.91 6.37
C VAL B 324 73.49 -53.92 5.56
N TRP B 325 74.16 -54.65 4.68
CA TRP B 325 73.51 -55.66 3.86
C TRP B 325 73.77 -57.07 4.37
N LEU B 326 72.70 -57.85 4.49
CA LEU B 326 72.80 -59.22 5.00
C LEU B 326 71.86 -60.15 4.24
N PRO B 327 72.19 -61.44 4.17
CA PRO B 327 71.34 -62.44 3.53
C PRO B 327 70.17 -62.84 4.42
N LEU B 328 68.95 -62.70 3.90
CA LEU B 328 67.76 -63.14 4.64
C LEU B 328 67.42 -64.58 4.30
N ASN B 329 67.77 -65.49 5.20
CA ASN B 329 67.55 -66.91 4.97
C ASN B 329 66.20 -67.41 5.46
N PHE B 330 65.54 -68.22 4.64
CA PHE B 330 64.26 -68.81 5.01
C PHE B 330 64.42 -70.27 5.41
N ILE B 331 64.75 -70.50 6.68
CA ILE B 331 64.89 -71.86 7.20
C ILE B 331 63.62 -72.66 6.93
N SER B 332 62.48 -71.99 7.06
CA SER B 332 61.18 -72.59 6.83
C SER B 332 60.19 -71.52 6.37
N ASP B 333 58.96 -71.94 6.09
CA ASP B 333 57.92 -71.00 5.69
C ASP B 333 57.50 -70.13 6.87
N THR B 334 57.77 -70.62 8.08
CA THR B 334 57.40 -69.89 9.30
C THR B 334 58.63 -69.61 10.16
N THR B 335 59.79 -69.55 9.53
CA THR B 335 61.04 -69.32 10.24
C THR B 335 62.07 -68.60 9.37
N LEU B 336 62.37 -67.36 9.74
CA LEU B 336 63.38 -66.58 9.02
C LEU B 336 64.59 -66.33 9.89
N GLU B 337 65.74 -66.07 9.25
CA GLU B 337 66.96 -65.78 9.97
C GLU B 337 67.76 -64.64 9.33
N LEU B 338 68.14 -63.68 10.15
CA LEU B 338 68.96 -62.56 9.69
C LEU B 338 70.33 -62.60 10.36
N PRO B 339 71.27 -63.34 9.76
CA PRO B 339 72.63 -63.48 10.29
C PRO B 339 73.48 -62.25 10.01
N TYR B 340 74.46 -61.98 10.86
CA TYR B 340 75.37 -60.87 10.64
C TYR B 340 76.77 -61.36 10.28
N TYR B 341 77.24 -61.00 9.09
CA TYR B 341 78.57 -61.33 8.65
C TYR B 341 79.32 -60.04 8.34
N ASP B 342 80.39 -59.78 9.09
CA ASP B 342 81.18 -58.57 8.90
C ASP B 342 81.58 -58.42 7.44
N SER B 343 81.70 -59.54 6.74
CA SER B 343 81.99 -59.54 5.30
C SER B 343 81.06 -60.51 4.59
N VAL B 344 80.30 -60.01 3.63
CA VAL B 344 79.34 -60.83 2.91
C VAL B 344 79.68 -60.95 1.42
N LYS B 345 79.76 -62.18 0.93
CA LYS B 345 80.04 -62.43 -0.47
C LYS B 345 78.75 -62.72 -1.23
N ILE B 346 78.61 -62.12 -2.41
CA ILE B 346 77.41 -62.28 -3.22
C ILE B 346 77.72 -62.51 -4.69
N ASP B 347 76.91 -63.37 -5.33
CA ASP B 347 77.06 -63.65 -6.75
C ASP B 347 75.72 -63.49 -7.44
N ALA B 348 75.60 -62.46 -8.28
CA ALA B 348 74.33 -62.16 -8.94
C ALA B 348 73.91 -63.26 -9.92
N SER B 349 74.83 -63.64 -10.81
CA SER B 349 74.54 -64.66 -11.81
C SER B 349 74.17 -65.99 -11.16
N SER B 350 74.75 -66.28 -10.01
CA SER B 350 74.50 -67.52 -9.30
C SER B 350 73.27 -67.41 -8.42
N GLY B 351 73.04 -66.22 -7.86
CA GLY B 351 71.93 -66.00 -6.97
C GLY B 351 72.24 -66.48 -5.56
N ILE B 352 73.49 -66.36 -5.15
CA ILE B 352 73.92 -66.81 -3.83
C ILE B 352 74.39 -65.65 -2.95
N ILE B 353 73.97 -65.68 -1.70
CA ILE B 353 74.39 -64.68 -0.72
C ILE B 353 74.80 -65.38 0.57
N SER B 354 76.08 -65.26 0.93
CA SER B 354 76.60 -65.91 2.13
C SER B 354 77.79 -65.17 2.71
N GLU B 355 78.31 -65.67 3.83
CA GLU B 355 79.46 -65.07 4.48
C GLU B 355 80.74 -65.30 3.69
N TYR B 356 81.62 -64.31 3.67
CA TYR B 356 82.91 -64.45 3.01
C TYR B 356 83.98 -64.88 4.00
N ILE B 357 84.52 -66.07 3.79
CA ILE B 357 85.57 -66.61 4.65
C ILE B 357 86.89 -66.63 3.92
N PRO B 358 87.80 -65.70 4.28
CA PRO B 358 89.12 -65.58 3.66
C PRO B 358 89.91 -66.88 3.71
N ASP B 359 89.76 -67.62 4.80
CA ASP B 359 90.48 -68.88 4.97
C ASP B 359 89.51 -70.03 5.19
N THR B 360 89.34 -70.88 4.17
CA THR B 360 88.39 -71.98 4.23
C THR B 360 89.02 -73.28 4.71
N THR B 361 90.22 -73.19 5.27
CA THR B 361 90.90 -74.37 5.79
C THR B 361 90.13 -75.00 6.94
N ARG B 362 89.72 -76.25 6.77
CA ARG B 362 88.98 -76.96 7.81
C ARG B 362 89.87 -77.35 8.98
N TYR B 363 89.25 -77.49 10.16
CA TYR B 363 89.98 -77.86 11.36
C TYR B 363 89.18 -78.84 12.24
N LYS B 364 89.88 -79.52 13.13
CA LYS B 364 89.25 -80.39 14.12
C LYS B 364 89.81 -80.10 15.50
N LEU B 365 88.94 -80.15 16.51
CA LEU B 365 89.34 -79.87 17.88
C LEU B 365 89.27 -81.12 18.75
N VAL B 366 90.42 -81.66 19.11
CA VAL B 366 90.46 -82.86 19.94
C VAL B 366 90.78 -82.49 21.39
N ASN B 367 90.09 -83.14 22.33
CA ASN B 367 90.31 -82.88 23.75
C ASN B 367 91.42 -83.75 24.31
N LYS B 368 92.30 -83.15 25.11
CA LYS B 368 93.42 -83.86 25.70
C LYS B 368 92.93 -85.08 26.49
N ASN B 369 92.01 -84.83 27.41
CA ASN B 369 91.50 -85.90 28.28
C ASN B 369 90.72 -86.97 27.51
N SER B 370 89.52 -86.62 27.06
CA SER B 370 88.64 -87.58 26.41
C SER B 370 89.23 -88.13 25.11
N GLY B 371 89.97 -87.30 24.41
CA GLY B 371 90.54 -87.68 23.13
C GLY B 371 89.54 -87.54 22.00
N LYS B 372 88.31 -87.15 22.34
CA LYS B 372 87.27 -86.97 21.35
C LYS B 372 87.34 -85.58 20.73
N VAL B 373 86.52 -85.35 19.70
CA VAL B 373 86.56 -84.10 18.97
C VAL B 373 85.25 -83.31 19.10
N LEU B 374 85.34 -82.01 18.87
CA LEU B 374 84.18 -81.13 18.91
C LEU B 374 83.21 -81.48 17.79
N ASP B 375 81.96 -81.77 18.16
CA ASP B 375 80.96 -82.19 17.19
C ASP B 375 79.56 -81.75 17.59
N VAL B 376 78.70 -81.51 16.60
CA VAL B 376 77.33 -81.14 16.86
C VAL B 376 76.48 -82.39 17.08
N LEU B 377 75.69 -82.39 18.14
CA LEU B 377 74.86 -83.54 18.49
C LEU B 377 74.00 -83.97 17.29
N ASP B 378 74.09 -85.25 16.94
CA ASP B 378 73.33 -85.81 15.82
C ASP B 378 73.69 -85.14 14.50
N GLY B 379 74.81 -84.41 14.48
CA GLY B 379 75.24 -83.70 13.30
C GLY B 379 74.16 -82.77 12.78
N SER B 380 73.31 -82.31 13.69
CA SER B 380 72.17 -81.48 13.32
C SER B 380 72.61 -80.12 12.78
N VAL B 381 71.80 -79.58 11.88
CA VAL B 381 72.06 -78.25 11.33
C VAL B 381 71.04 -77.25 11.88
N ASP B 382 70.23 -77.72 12.83
CA ASP B 382 69.23 -76.86 13.45
C ASP B 382 69.87 -75.83 14.36
N ASN B 383 69.14 -74.77 14.66
CA ASN B 383 69.61 -73.73 15.57
C ASN B 383 69.53 -74.15 17.03
N ALA B 384 70.44 -73.64 17.84
CA ALA B 384 70.48 -73.96 19.27
C ALA B 384 70.72 -75.45 19.49
N ALA B 385 71.34 -76.10 18.51
CA ALA B 385 71.69 -77.51 18.61
C ALA B 385 72.80 -77.72 19.62
N GLN B 386 72.63 -78.72 20.49
CA GLN B 386 73.61 -79.00 21.54
C GLN B 386 74.97 -79.41 20.96
N ILE B 387 76.05 -78.90 21.56
CA ILE B 387 77.40 -79.25 21.15
C ILE B 387 77.99 -80.31 22.07
N VAL B 388 78.39 -81.44 21.48
CA VAL B 388 78.94 -82.55 22.26
C VAL B 388 80.23 -83.08 21.66
N GLN B 389 80.99 -83.83 22.46
CA GLN B 389 82.21 -84.45 21.98
C GLN B 389 81.90 -85.83 21.41
N TRP B 390 82.70 -86.27 20.45
CA TRP B 390 82.46 -87.55 19.81
C TRP B 390 83.75 -88.13 19.23
N THR B 391 83.80 -89.44 19.07
CA THR B 391 84.97 -90.12 18.52
C THR B 391 85.21 -89.69 17.07
N ASP B 392 86.47 -89.44 16.74
CA ASP B 392 86.84 -89.02 15.39
C ASP B 392 86.36 -90.03 14.36
N ASN B 393 85.34 -89.66 13.60
CA ASN B 393 84.77 -90.54 12.58
C ASN B 393 84.91 -89.98 11.17
N GLY B 394 85.04 -88.66 11.08
CA GLY B 394 85.20 -88.00 9.80
C GLY B 394 83.92 -87.36 9.30
N SER B 395 82.84 -87.55 10.03
CA SER B 395 81.55 -86.98 9.67
C SER B 395 81.69 -85.48 9.39
N LEU B 396 80.85 -84.97 8.50
CA LEU B 396 80.88 -83.55 8.15
C LEU B 396 80.34 -82.68 9.27
N SER B 397 80.79 -82.91 10.49
CA SER B 397 80.33 -82.13 11.63
C SER B 397 81.50 -81.82 12.57
N GLN B 398 82.58 -82.58 12.43
CA GLN B 398 83.75 -82.41 13.28
C GLN B 398 84.67 -81.32 12.74
N GLN B 399 84.35 -80.79 11.56
CA GLN B 399 85.15 -79.74 10.94
C GLN B 399 84.62 -78.36 11.29
N TRP B 400 85.54 -77.39 11.37
CA TRP B 400 85.17 -76.03 11.75
C TRP B 400 86.01 -74.99 11.02
N TYR B 401 85.36 -73.91 10.58
CA TYR B 401 86.05 -72.78 9.99
C TYR B 401 86.58 -71.85 11.07
N LEU B 402 87.49 -70.96 10.70
CA LEU B 402 88.01 -69.97 11.63
C LEU B 402 88.03 -68.58 11.00
N VAL B 403 87.09 -67.73 11.43
CA VAL B 403 86.96 -66.40 10.88
C VAL B 403 87.47 -65.34 11.85
N ASP B 404 88.55 -64.67 11.47
CA ASP B 404 89.12 -63.60 12.28
C ASP B 404 88.10 -62.46 12.42
N VAL B 405 87.82 -62.06 13.65
CA VAL B 405 86.82 -61.02 13.90
C VAL B 405 87.42 -59.82 14.63
N GLY B 406 88.69 -59.53 14.33
CA GLY B 406 89.38 -58.42 14.97
C GLY B 406 90.03 -58.83 16.27
N GLY B 407 91.21 -58.28 16.53
CA GLY B 407 91.97 -58.62 17.72
C GLY B 407 92.45 -60.06 17.68
N GLY B 408 92.75 -60.61 18.84
CA GLY B 408 93.20 -61.98 18.94
C GLY B 408 92.04 -62.95 19.00
N TYR B 409 90.84 -62.46 18.69
CA TYR B 409 89.63 -63.27 18.74
C TYR B 409 89.25 -63.81 17.37
N LYS B 410 88.59 -64.96 17.35
CA LYS B 410 88.16 -65.59 16.11
C LYS B 410 86.80 -66.25 16.32
N LYS B 411 86.07 -66.46 15.22
CA LYS B 411 84.77 -67.10 15.28
C LYS B 411 84.83 -68.55 14.80
N ILE B 412 84.39 -69.46 15.65
CA ILE B 412 84.38 -70.88 15.30
C ILE B 412 83.07 -71.23 14.60
N VAL B 413 83.16 -71.62 13.33
CA VAL B 413 81.97 -71.90 12.54
C VAL B 413 81.95 -73.35 12.04
N ASN B 414 80.84 -74.04 12.29
CA ASN B 414 80.67 -75.40 11.80
C ASN B 414 80.67 -75.44 10.28
N VAL B 415 81.14 -76.54 9.71
CA VAL B 415 81.21 -76.67 8.25
C VAL B 415 79.88 -77.12 7.66
N LYS B 416 79.30 -78.17 8.23
CA LYS B 416 78.01 -78.68 7.77
C LYS B 416 76.97 -77.57 7.78
N SER B 417 76.77 -76.97 8.94
CA SER B 417 75.87 -75.84 9.10
C SER B 417 76.68 -74.57 9.33
N GLY B 418 76.34 -73.51 8.60
CA GLY B 418 77.07 -72.26 8.69
C GLY B 418 76.96 -71.57 10.03
N ARG B 419 76.38 -72.26 11.00
CA ARG B 419 76.20 -71.70 12.34
C ARG B 419 77.51 -71.73 13.11
N ALA B 420 77.66 -70.78 14.04
CA ALA B 420 78.91 -70.64 14.78
C ALA B 420 78.79 -71.11 16.23
N LEU B 421 79.94 -71.44 16.82
CA LEU B 421 79.99 -71.83 18.22
C LEU B 421 79.50 -70.66 19.08
N ASP B 422 78.55 -70.95 19.97
CA ASP B 422 77.87 -69.91 20.74
C ASP B 422 77.61 -70.34 22.18
N VAL B 423 77.85 -69.42 23.11
CA VAL B 423 77.51 -69.65 24.52
C VAL B 423 76.05 -69.27 24.76
N LYS B 424 75.22 -70.28 25.01
CA LYS B 424 73.77 -70.09 25.14
C LYS B 424 73.41 -68.96 26.11
N ASP B 425 72.55 -68.07 25.65
CA ASP B 425 72.02 -66.98 26.48
C ASP B 425 73.11 -66.07 27.04
N GLU B 426 74.24 -65.99 26.34
CA GLU B 426 75.34 -65.13 26.76
C GLU B 426 75.67 -65.29 28.24
N SER B 427 75.67 -66.53 28.71
CA SER B 427 75.93 -66.82 30.12
C SER B 427 77.36 -66.43 30.51
N LYS B 428 77.50 -65.90 31.71
CA LYS B 428 78.80 -65.52 32.25
C LYS B 428 79.20 -66.37 33.45
N GLU B 429 78.67 -67.58 33.53
CA GLU B 429 78.92 -68.43 34.68
C GLU B 429 79.29 -69.86 34.29
N ASP B 430 79.88 -70.59 35.23
CA ASP B 430 80.32 -71.96 35.00
C ASP B 430 79.14 -72.86 34.66
N GLY B 431 79.35 -73.81 33.76
CA GLY B 431 78.32 -74.74 33.37
C GLY B 431 77.46 -74.25 32.22
N GLY B 432 77.86 -73.12 31.64
CA GLY B 432 77.15 -72.54 30.52
C GLY B 432 77.22 -73.41 29.28
N VAL B 433 76.11 -74.07 28.97
CA VAL B 433 76.04 -74.96 27.82
C VAL B 433 76.41 -74.25 26.52
N LEU B 434 77.16 -74.94 25.66
CA LEU B 434 77.53 -74.41 24.36
C LEU B 434 76.66 -75.00 23.25
N ILE B 435 76.26 -74.16 22.30
CA ILE B 435 75.44 -74.59 21.18
C ILE B 435 75.89 -73.89 19.90
N GLN B 436 75.32 -74.33 18.78
CA GLN B 436 75.56 -73.64 17.50
C GLN B 436 74.40 -72.70 17.20
N TYR B 437 74.71 -71.43 16.99
CA TYR B 437 73.68 -70.43 16.79
C TYR B 437 74.00 -69.52 15.62
N THR B 438 73.01 -68.78 15.15
CA THR B 438 73.20 -67.85 14.04
C THR B 438 74.20 -66.77 14.41
N SER B 439 75.13 -66.50 13.50
CA SER B 439 76.13 -65.45 13.73
C SER B 439 75.45 -64.11 13.98
N ASN B 440 75.60 -63.58 15.19
CA ASN B 440 74.96 -62.32 15.55
C ASN B 440 75.94 -61.26 16.04
N GLY B 441 77.22 -61.46 15.73
CA GLY B 441 78.24 -60.51 16.12
C GLY B 441 78.42 -60.39 17.62
N GLY B 442 77.73 -61.24 18.37
CA GLY B 442 77.83 -61.23 19.82
C GLY B 442 79.18 -61.71 20.30
N TYR B 443 79.65 -61.15 21.41
CA TYR B 443 80.95 -61.52 21.96
C TYR B 443 80.96 -62.96 22.48
N ASN B 444 79.79 -63.51 22.75
CA ASN B 444 79.67 -64.89 23.18
C ASN B 444 79.88 -65.85 22.02
N GLN B 445 80.22 -65.30 20.86
CA GLN B 445 80.54 -66.10 19.68
C GLN B 445 81.99 -65.88 19.26
N HIS B 446 82.70 -65.04 20.01
CA HIS B 446 84.12 -64.80 19.76
C HIS B 446 84.98 -65.58 20.75
N TRP B 447 86.08 -66.14 20.26
CA TRP B 447 86.92 -67.00 21.10
C TRP B 447 88.41 -66.62 20.99
N LYS B 448 89.17 -66.98 22.01
CA LYS B 448 90.61 -66.72 22.02
C LYS B 448 91.38 -68.01 21.80
N PHE B 449 92.67 -67.88 21.49
CA PHE B 449 93.54 -69.04 21.35
C PHE B 449 94.89 -68.80 22.02
N THR B 450 95.00 -69.20 23.28
CA THR B 450 96.24 -69.04 24.04
C THR B 450 97.07 -70.32 24.03
N ASP B 451 98.33 -70.20 23.63
CA ASP B 451 99.21 -71.35 23.54
C ASP B 451 99.67 -71.82 24.92
N ILE B 452 99.68 -73.13 25.12
CA ILE B 452 100.09 -73.70 26.40
C ILE B 452 101.08 -74.85 26.23
N GLY B 453 101.63 -74.98 25.03
CA GLY B 453 102.57 -76.05 24.73
C GLY B 453 101.97 -77.07 23.78
N ASP B 454 102.82 -77.64 22.93
CA ASP B 454 102.38 -78.62 21.94
C ASP B 454 101.33 -78.03 21.00
N GLY B 455 100.43 -78.89 20.52
CA GLY B 455 99.38 -78.47 19.62
C GLY B 455 98.09 -78.17 20.35
N TYR B 456 98.17 -78.05 21.67
CA TYR B 456 97.00 -77.78 22.50
C TYR B 456 96.87 -76.30 22.88
N TYR B 457 95.64 -75.84 22.99
CA TYR B 457 95.38 -74.44 23.33
C TYR B 457 94.18 -74.33 24.27
N LYS B 458 94.03 -73.16 24.89
CA LYS B 458 92.91 -72.89 25.77
C LYS B 458 91.98 -71.86 25.14
N ILE B 459 90.88 -72.34 24.57
CA ILE B 459 89.93 -71.48 23.85
C ILE B 459 88.94 -70.83 24.82
N SER B 460 89.15 -69.56 25.10
CA SER B 460 88.30 -68.84 26.05
C SER B 460 87.32 -67.93 25.31
N SER B 461 86.20 -67.65 25.95
CA SER B 461 85.17 -66.80 25.36
C SER B 461 85.47 -65.33 25.61
N ARG B 462 85.07 -64.49 24.66
CA ARG B 462 85.32 -63.05 24.75
C ARG B 462 84.34 -62.39 25.72
N HIS B 463 83.27 -63.11 26.06
CA HIS B 463 82.20 -62.55 26.89
C HIS B 463 82.61 -62.42 28.35
N CYS B 464 83.17 -63.48 28.92
CA CYS B 464 83.53 -63.49 30.33
C CYS B 464 84.93 -64.04 30.60
N GLY B 465 85.55 -64.62 29.57
CA GLY B 465 86.89 -65.14 29.71
C GLY B 465 86.94 -66.63 29.96
N LYS B 466 85.83 -67.18 30.47
CA LYS B 466 85.74 -68.62 30.72
C LYS B 466 85.95 -69.40 29.42
N LEU B 467 86.64 -70.54 29.52
CA LEU B 467 87.02 -71.29 28.34
C LEU B 467 86.24 -72.59 28.18
N ILE B 468 86.39 -73.21 27.01
CA ILE B 468 85.66 -74.44 26.68
C ILE B 468 86.05 -75.59 27.61
N ASP B 469 85.05 -76.27 28.15
CA ASP B 469 85.29 -77.32 29.13
C ASP B 469 84.33 -78.49 28.95
N VAL B 470 84.87 -79.71 28.98
CA VAL B 470 84.06 -80.91 28.88
C VAL B 470 83.44 -81.26 30.23
N ARG B 471 82.11 -81.37 30.27
CA ARG B 471 81.40 -81.68 31.49
C ARG B 471 81.98 -82.87 32.24
N LYS B 472 82.44 -82.61 33.47
CA LYS B 472 82.87 -83.66 34.38
C LYS B 472 84.03 -84.50 33.81
N TRP B 473 84.83 -83.90 32.94
CA TRP B 473 85.96 -84.60 32.33
C TRP B 473 85.48 -85.83 31.55
N SER B 474 84.22 -85.82 31.13
CA SER B 474 83.62 -86.96 30.44
C SER B 474 84.52 -87.51 29.34
N THR B 475 84.52 -88.82 29.18
CA THR B 475 85.35 -89.47 28.18
C THR B 475 84.49 -90.31 27.24
N GLU B 476 83.19 -90.07 27.29
CA GLU B 476 82.24 -90.84 26.49
C GLU B 476 81.62 -90.00 25.38
N ASP B 477 80.98 -90.66 24.43
CA ASP B 477 80.31 -89.98 23.34
C ASP B 477 79.10 -89.20 23.83
N GLY B 478 78.89 -88.01 23.27
CA GLY B 478 77.76 -87.18 23.65
C GLY B 478 78.02 -86.31 24.87
N GLY B 479 79.29 -86.28 25.29
CA GLY B 479 79.68 -85.47 26.43
C GLY B 479 79.41 -84.00 26.21
N ILE B 480 78.55 -83.42 27.05
CA ILE B 480 78.16 -82.02 26.91
C ILE B 480 79.35 -81.07 27.02
N ILE B 481 79.53 -80.24 26.01
CA ILE B 481 80.60 -79.25 26.01
C ILE B 481 80.08 -77.91 26.51
N GLN B 482 80.79 -77.32 27.47
CA GLN B 482 80.33 -76.11 28.14
C GLN B 482 81.47 -75.12 28.32
N GLN B 483 81.21 -74.08 29.11
CA GLN B 483 82.24 -73.11 29.47
C GLN B 483 82.53 -73.23 30.95
N TRP B 484 83.78 -72.97 31.34
CA TRP B 484 84.19 -73.08 32.73
C TRP B 484 85.48 -72.30 32.97
N SER B 485 85.67 -71.85 34.21
CA SER B 485 86.87 -71.11 34.57
C SER B 485 88.11 -71.95 34.35
N ASP B 486 89.22 -71.30 34.02
CA ASP B 486 90.49 -71.99 33.81
C ASP B 486 90.91 -72.72 35.08
N ALA B 487 90.80 -74.05 35.08
CA ALA B 487 91.16 -74.85 36.25
C ALA B 487 92.44 -75.64 36.01
N GLY B 488 93.02 -75.49 34.82
CA GLY B 488 94.24 -76.18 34.48
C GLY B 488 94.01 -77.66 34.20
N GLY B 489 92.75 -78.03 34.05
CA GLY B 489 92.39 -79.41 33.78
C GLY B 489 92.61 -79.79 32.34
N THR B 490 93.02 -81.04 32.10
CA THR B 490 93.30 -81.50 30.75
C THR B 490 92.07 -81.42 29.85
N ASN B 491 90.90 -81.46 30.47
CA ASN B 491 89.64 -81.37 29.71
C ASN B 491 89.42 -79.97 29.16
N GLN B 492 90.30 -79.05 29.53
CA GLN B 492 90.20 -77.66 29.09
C GLN B 492 91.21 -77.36 27.98
N HIS B 493 91.95 -78.38 27.57
CA HIS B 493 92.96 -78.23 26.53
C HIS B 493 92.51 -78.87 25.23
N TRP B 494 92.59 -78.11 24.14
CA TRP B 494 92.13 -78.58 22.84
C TRP B 494 93.21 -78.51 21.77
N LYS B 495 93.32 -79.55 20.96
CA LYS B 495 94.31 -79.60 19.90
C LYS B 495 93.68 -79.31 18.55
N LEU B 496 94.28 -78.39 17.81
CA LEU B 496 93.77 -78.00 16.49
C LEU B 496 94.44 -78.81 15.39
N VAL B 497 93.65 -79.65 14.72
CA VAL B 497 94.18 -80.53 13.68
C VAL B 497 93.63 -80.18 12.31
N LEU B 498 94.52 -80.12 11.31
CA LEU B 498 94.13 -79.76 9.96
C LEU B 498 93.48 -80.94 9.23
N VAL B 499 92.73 -80.65 8.18
CA VAL B 499 92.07 -81.68 7.39
C VAL B 499 92.22 -81.41 5.89
N GLY C 18 -46.97 48.66 7.00
CA GLY C 18 -46.33 49.74 6.27
C GLY C 18 -46.33 49.49 4.77
N SER C 19 -45.87 50.48 4.01
CA SER C 19 -45.83 50.38 2.56
C SER C 19 -44.47 50.79 2.00
N HIS C 20 -43.91 51.87 2.55
CA HIS C 20 -42.63 52.38 2.07
C HIS C 20 -41.57 52.34 3.17
N MET C 21 -41.54 51.25 3.93
CA MET C 21 -40.57 51.12 5.01
C MET C 21 -39.20 50.68 4.50
N ALA C 22 -38.18 51.48 4.82
CA ALA C 22 -36.81 51.14 4.47
C ALA C 22 -36.40 49.85 5.18
N SER C 23 -35.72 48.97 4.45
CA SER C 23 -35.32 47.68 4.99
C SER C 23 -34.26 47.83 6.07
N MET C 24 -34.27 46.90 7.02
CA MET C 24 -33.24 46.85 8.05
C MET C 24 -31.86 46.90 7.39
N THR C 25 -30.92 47.55 8.05
CA THR C 25 -29.58 47.73 7.49
C THR C 25 -29.00 46.42 6.96
N GLY C 26 -28.67 46.40 5.67
CA GLY C 26 -28.13 45.22 5.03
C GLY C 26 -29.16 44.11 4.87
N GLY C 27 -30.43 44.48 4.97
CA GLY C 27 -31.51 43.52 4.86
C GLY C 27 -32.02 43.04 6.20
N GLN C 28 -33.10 42.27 6.19
CA GLN C 28 -33.68 41.74 7.43
C GLN C 28 -32.77 40.68 8.05
N GLN C 29 -32.24 40.98 9.24
CA GLN C 29 -31.31 40.08 9.91
C GLN C 29 -32.02 38.86 10.50
N MET C 30 -33.28 39.07 10.91
CA MET C 30 -34.07 38.00 11.52
C MET C 30 -35.07 37.44 10.52
N GLY C 31 -35.62 36.27 10.82
CA GLY C 31 -36.65 35.66 9.99
C GLY C 31 -36.15 34.54 9.10
N ARG C 32 -34.83 34.47 8.92
CA ARG C 32 -34.23 33.45 8.06
C ARG C 32 -34.30 32.05 8.66
N GLY C 33 -34.84 31.12 7.89
CA GLY C 33 -34.91 29.72 8.31
C GLY C 33 -33.75 28.93 7.77
N SER C 34 -32.81 28.59 8.65
CA SER C 34 -31.60 27.86 8.27
C SER C 34 -31.91 26.69 7.34
N GLU C 35 -31.14 26.58 6.27
CA GLU C 35 -31.34 25.51 5.30
C GLU C 35 -30.75 24.19 5.79
N PHE C 36 -30.35 24.17 7.06
CA PHE C 36 -29.78 22.97 7.66
C PHE C 36 -30.84 22.20 8.44
N ALA C 37 -31.85 22.91 8.93
CA ALA C 37 -32.95 22.30 9.65
C ALA C 37 -34.14 22.13 8.72
N ALA C 38 -34.90 23.21 8.54
CA ALA C 38 -36.07 23.22 7.67
C ALA C 38 -36.69 21.83 7.49
N GLU C 39 -36.83 21.43 6.23
CA GLU C 39 -37.37 20.11 5.88
C GLU C 39 -37.36 19.92 4.37
N GLY C 40 -37.08 18.70 3.93
CA GLY C 40 -37.07 18.38 2.51
C GLY C 40 -36.21 19.35 1.69
N VAL C 41 -35.06 19.71 2.25
CA VAL C 41 -34.15 20.61 1.57
C VAL C 41 -32.73 20.05 1.52
N ILE C 42 -32.19 19.93 0.31
CA ILE C 42 -30.84 19.42 0.11
C ILE C 42 -29.86 20.58 -0.10
N VAL C 43 -28.78 20.58 0.66
CA VAL C 43 -27.78 21.63 0.55
C VAL C 43 -26.51 21.13 -0.15
N ASN C 44 -26.33 21.55 -1.39
CA ASN C 44 -25.14 21.18 -2.15
C ASN C 44 -23.88 21.77 -1.54
N GLY C 45 -22.86 20.94 -1.36
CA GLY C 45 -21.62 21.37 -0.76
C GLY C 45 -21.44 20.79 0.63
N THR C 46 -22.48 20.15 1.13
CA THR C 46 -22.45 19.54 2.45
C THR C 46 -22.53 18.03 2.34
N GLN C 47 -21.99 17.32 3.33
CA GLN C 47 -22.04 15.88 3.36
C GLN C 47 -23.48 15.38 3.37
N PHE C 48 -23.74 14.33 2.59
CA PHE C 48 -25.09 13.77 2.50
C PHE C 48 -25.19 12.50 3.35
N LYS C 49 -25.90 12.62 4.47
CA LYS C 49 -26.02 11.51 5.42
C LYS C 49 -27.31 10.72 5.26
N ASP C 50 -27.35 9.52 5.81
CA ASP C 50 -28.53 8.68 5.75
C ASP C 50 -29.36 8.78 7.04
N THR C 51 -30.30 7.87 7.21
CA THR C 51 -31.19 7.88 8.36
C THR C 51 -30.42 7.65 9.66
N SER C 52 -29.34 6.88 9.58
CA SER C 52 -28.54 6.54 10.76
C SER C 52 -27.42 7.55 11.01
N GLY C 53 -27.52 8.72 10.38
CA GLY C 53 -26.55 9.77 10.56
C GLY C 53 -25.18 9.45 9.98
N ASN C 54 -25.14 8.46 9.09
CA ASN C 54 -23.89 8.05 8.46
C ASN C 54 -23.79 8.54 7.02
N VAL C 55 -22.60 8.97 6.63
CA VAL C 55 -22.38 9.48 5.28
C VAL C 55 -22.74 8.41 4.24
N ILE C 56 -23.49 8.84 3.23
CA ILE C 56 -23.90 7.93 2.16
C ILE C 56 -22.78 7.72 1.15
N HIS C 57 -22.49 6.46 0.86
CA HIS C 57 -21.45 6.12 -0.09
C HIS C 57 -22.01 5.37 -1.31
N ALA C 58 -22.63 6.12 -2.22
CA ALA C 58 -23.17 5.57 -3.44
C ALA C 58 -22.72 6.43 -4.62
N HIS C 59 -21.44 6.32 -4.98
CA HIS C 59 -20.86 7.17 -6.01
C HIS C 59 -21.09 6.61 -7.42
N GLY C 60 -21.22 7.52 -8.38
CA GLY C 60 -21.42 7.14 -9.76
C GLY C 60 -22.65 6.28 -9.98
N GLY C 61 -23.58 6.32 -9.03
CA GLY C 61 -24.76 5.49 -9.09
C GLY C 61 -25.99 6.18 -9.64
N GLY C 62 -27.01 5.39 -9.96
CA GLY C 62 -28.27 5.93 -10.43
C GLY C 62 -29.38 5.70 -9.44
N MET C 63 -30.61 6.02 -9.84
CA MET C 63 -31.77 5.85 -8.98
C MET C 63 -32.90 5.12 -9.70
N LEU C 64 -33.72 4.42 -8.93
CA LEU C 64 -34.81 3.62 -9.49
C LEU C 64 -36.11 3.84 -8.74
N LYS C 65 -37.17 4.16 -9.46
CA LYS C 65 -38.49 4.33 -8.88
C LYS C 65 -39.27 3.02 -8.99
N HIS C 66 -39.69 2.49 -7.85
CA HIS C 66 -40.45 1.24 -7.83
C HIS C 66 -41.40 1.21 -6.64
N GLY C 67 -42.70 1.17 -6.94
CA GLY C 67 -43.71 1.18 -5.91
C GLY C 67 -43.85 2.55 -5.28
N ASP C 68 -43.69 2.61 -3.96
CA ASP C 68 -43.77 3.87 -3.24
C ASP C 68 -42.38 4.36 -2.86
N TYR C 69 -41.36 3.60 -3.24
CA TYR C 69 -40.00 3.89 -2.81
C TYR C 69 -39.06 4.24 -3.95
N TYR C 70 -38.09 5.10 -3.66
CA TYR C 70 -36.99 5.40 -4.56
C TYR C 70 -35.75 4.64 -4.11
N TYR C 71 -35.06 4.02 -5.05
CA TYR C 71 -33.86 3.26 -4.72
C TYR C 71 -32.61 3.91 -5.30
N TRP C 72 -31.69 4.30 -4.43
CA TRP C 72 -30.45 4.93 -4.85
C TRP C 72 -29.29 3.95 -4.77
N TYR C 73 -28.82 3.50 -5.93
CA TYR C 73 -27.71 2.57 -6.01
C TYR C 73 -26.42 3.32 -6.31
N GLY C 74 -25.31 2.76 -5.85
CA GLY C 74 -24.01 3.37 -6.08
C GLY C 74 -22.88 2.52 -5.52
N GLU C 75 -21.65 2.81 -5.94
CA GLU C 75 -20.50 2.03 -5.52
C GLU C 75 -19.68 2.77 -4.47
N TYR C 76 -18.74 2.06 -3.87
CA TYR C 76 -17.79 2.66 -2.94
C TYR C 76 -16.59 1.75 -2.74
N ARG C 77 -15.39 2.33 -2.81
CA ARG C 77 -14.15 1.59 -2.66
C ARG C 77 -13.80 1.37 -1.18
N ASP C 78 -12.75 0.60 -0.93
CA ASP C 78 -12.31 0.34 0.43
C ASP C 78 -11.02 1.08 0.78
N ASP C 79 -9.93 0.33 0.90
CA ASP C 79 -8.64 0.90 1.25
C ASP C 79 -7.74 1.04 0.02
N SER C 80 -7.61 -0.05 -0.72
CA SER C 80 -6.76 -0.06 -1.92
C SER C 80 -7.45 0.62 -3.10
N ASN C 81 -8.49 1.39 -2.81
CA ASN C 81 -9.24 2.10 -3.85
C ASN C 81 -9.85 1.13 -4.87
N LEU C 82 -10.14 -0.08 -4.41
CA LEU C 82 -10.75 -1.10 -5.26
C LEU C 82 -12.21 -1.31 -4.92
N PHE C 83 -12.96 -1.91 -5.85
CA PHE C 83 -14.37 -2.18 -5.63
C PHE C 83 -14.61 -2.95 -4.34
N LEU C 84 -15.46 -2.40 -3.48
CA LEU C 84 -15.80 -3.05 -2.23
C LEU C 84 -17.24 -3.54 -2.24
N GLY C 85 -18.10 -2.81 -2.95
CA GLY C 85 -19.50 -3.19 -3.05
C GLY C 85 -20.37 -2.07 -3.61
N VAL C 86 -21.60 -2.42 -3.94
CA VAL C 86 -22.58 -1.46 -4.44
C VAL C 86 -23.68 -1.25 -3.40
N SER C 87 -23.69 -0.08 -2.79
CA SER C 87 -24.63 0.22 -1.72
C SER C 87 -26.03 0.53 -2.25
N CYS C 88 -27.03 0.33 -1.40
CA CYS C 88 -28.42 0.55 -1.78
C CYS C 88 -29.17 1.35 -0.70
N TYR C 89 -29.65 2.53 -1.06
CA TYR C 89 -30.44 3.34 -0.15
C TYR C 89 -31.86 3.52 -0.69
N ARG C 90 -32.80 3.75 0.20
CA ARG C 90 -34.20 3.86 -0.18
C ARG C 90 -34.91 4.99 0.57
N SER C 91 -35.74 5.74 -0.14
CA SER C 91 -36.46 6.86 0.45
C SER C 91 -37.79 7.13 -0.26
N LYS C 92 -38.71 7.78 0.45
CA LYS C 92 -39.99 8.15 -0.13
C LYS C 92 -40.00 9.62 -0.55
N ASP C 93 -39.18 10.42 0.12
CA ASP C 93 -39.16 11.87 -0.10
C ASP C 93 -37.87 12.37 -0.74
N LEU C 94 -36.99 11.44 -1.10
CA LEU C 94 -35.73 11.78 -1.74
C LEU C 94 -34.82 12.62 -0.84
N VAL C 95 -35.17 12.70 0.43
CA VAL C 95 -34.38 13.48 1.38
C VAL C 95 -33.85 12.60 2.51
N ASN C 96 -34.71 11.74 3.05
CA ASN C 96 -34.32 10.82 4.11
C ASN C 96 -34.07 9.41 3.58
N TRP C 97 -32.80 9.08 3.35
CA TRP C 97 -32.44 7.78 2.78
C TRP C 97 -32.04 6.78 3.85
N GLU C 98 -32.73 5.64 3.87
CA GLU C 98 -32.41 4.57 4.80
C GLU C 98 -31.49 3.54 4.14
N TYR C 99 -30.37 3.26 4.79
CA TYR C 99 -29.42 2.28 4.28
C TYR C 99 -30.01 0.88 4.31
N ARG C 100 -29.90 0.16 3.20
CA ARG C 100 -30.51 -1.16 3.09
C ARG C 100 -29.47 -2.29 2.95
N GLY C 101 -28.22 -1.90 2.70
CA GLY C 101 -27.15 -2.88 2.60
C GLY C 101 -26.47 -2.88 1.24
N GLU C 102 -25.63 -3.88 1.02
CA GLU C 102 -24.88 -3.99 -0.23
C GLU C 102 -25.57 -4.97 -1.17
N VAL C 103 -26.08 -4.44 -2.29
CA VAL C 103 -26.74 -5.28 -3.28
C VAL C 103 -25.72 -6.09 -4.08
N LEU C 104 -24.48 -5.63 -4.05
CA LEU C 104 -23.37 -6.35 -4.67
C LEU C 104 -22.10 -6.11 -3.87
N SER C 105 -21.23 -7.11 -3.80
CA SER C 105 -20.01 -7.01 -3.02
C SER C 105 -18.83 -7.66 -3.72
N ARG C 106 -17.63 -7.47 -3.16
CA ARG C 106 -16.43 -8.07 -3.71
C ARG C 106 -16.43 -9.58 -3.50
N ASN C 107 -17.37 -10.05 -2.68
CA ASN C 107 -17.49 -11.47 -2.39
C ASN C 107 -18.62 -12.12 -3.18
N SER C 108 -19.24 -11.34 -4.07
CA SER C 108 -20.35 -11.83 -4.88
C SER C 108 -19.86 -12.73 -6.00
N ALA C 109 -18.60 -12.56 -6.38
CA ALA C 109 -18.00 -13.35 -7.46
C ALA C 109 -16.49 -13.24 -7.45
N PRO C 110 -15.80 -14.31 -7.85
CA PRO C 110 -14.33 -14.36 -7.90
C PRO C 110 -13.73 -13.17 -8.65
N GLU C 111 -14.35 -12.76 -9.75
CA GLU C 111 -13.89 -11.63 -10.54
C GLU C 111 -13.97 -10.33 -9.77
N LEU C 112 -14.73 -10.33 -8.68
CA LEU C 112 -14.97 -9.12 -7.92
C LEU C 112 -14.10 -9.02 -6.68
N ASN C 113 -13.35 -10.09 -6.41
CA ASN C 113 -12.44 -10.11 -5.28
C ASN C 113 -11.41 -8.99 -5.33
N HIS C 114 -10.80 -8.82 -6.50
CA HIS C 114 -9.79 -7.78 -6.70
C HIS C 114 -10.00 -7.10 -8.05
N CYS C 115 -11.01 -6.23 -8.12
CA CYS C 115 -11.34 -5.54 -9.36
C CYS C 115 -11.79 -4.12 -9.10
N ASN C 116 -12.37 -3.49 -10.12
CA ASN C 116 -12.85 -2.12 -10.00
C ASN C 116 -14.14 -1.92 -10.79
N ILE C 117 -15.24 -1.66 -10.08
CA ILE C 117 -16.53 -1.43 -10.71
C ILE C 117 -16.89 0.05 -10.68
N GLU C 118 -17.40 0.55 -11.80
CA GLU C 118 -17.74 1.97 -11.91
C GLU C 118 -19.11 2.21 -12.53
N ARG C 119 -19.82 3.20 -11.99
CA ARG C 119 -21.12 3.62 -12.51
C ARG C 119 -22.15 2.51 -12.64
N PRO C 120 -22.53 1.90 -11.50
CA PRO C 120 -23.55 0.86 -11.51
C PRO C 120 -24.96 1.44 -11.64
N LYS C 121 -25.80 0.80 -12.44
CA LYS C 121 -27.18 1.24 -12.63
C LYS C 121 -28.15 0.07 -12.50
N VAL C 122 -29.39 0.37 -12.11
CA VAL C 122 -30.41 -0.66 -11.93
C VAL C 122 -31.69 -0.35 -12.69
N MET C 123 -32.14 -1.30 -13.50
CA MET C 123 -33.36 -1.14 -14.28
C MET C 123 -34.33 -2.27 -13.99
N TYR C 124 -35.63 -1.97 -14.01
CA TYR C 124 -36.65 -2.97 -13.71
C TYR C 124 -37.31 -3.52 -14.97
N ASN C 125 -37.47 -4.84 -15.00
CA ASN C 125 -38.12 -5.51 -16.13
C ASN C 125 -39.52 -5.97 -15.75
N ALA C 126 -40.53 -5.35 -16.37
CA ALA C 126 -41.92 -5.65 -16.04
C ALA C 126 -42.35 -7.05 -16.48
N SER C 127 -41.82 -7.51 -17.61
CA SER C 127 -42.20 -8.79 -18.17
C SER C 127 -41.59 -9.96 -17.40
N THR C 128 -40.40 -9.72 -16.83
CA THR C 128 -39.70 -10.76 -16.09
C THR C 128 -39.89 -10.60 -14.59
N GLY C 129 -40.19 -9.39 -14.16
CA GLY C 129 -40.39 -9.09 -12.76
C GLY C 129 -39.09 -9.06 -11.99
N GLU C 130 -37.98 -9.05 -12.72
CA GLU C 130 -36.65 -9.03 -12.12
C GLU C 130 -35.95 -7.69 -12.31
N PHE C 131 -35.04 -7.37 -11.41
CA PHE C 131 -34.23 -6.16 -11.52
C PHE C 131 -32.86 -6.51 -12.09
N VAL C 132 -32.47 -5.80 -13.15
CA VAL C 132 -31.17 -6.03 -13.78
C VAL C 132 -30.22 -4.88 -13.50
N MET C 133 -28.96 -5.21 -13.25
CA MET C 133 -27.95 -4.23 -12.88
C MET C 133 -26.78 -4.24 -13.86
N TRP C 134 -26.49 -3.08 -14.44
CA TRP C 134 -25.38 -2.94 -15.38
C TRP C 134 -24.31 -2.02 -14.81
N MET C 135 -23.05 -2.27 -15.17
CA MET C 135 -21.94 -1.53 -14.59
C MET C 135 -20.68 -1.61 -15.45
N HIS C 136 -19.70 -0.78 -15.10
CA HIS C 136 -18.41 -0.78 -15.76
C HIS C 136 -17.42 -1.62 -14.97
N TRP C 137 -16.72 -2.53 -15.65
CA TRP C 137 -15.83 -3.46 -14.97
C TRP C 137 -14.37 -3.34 -15.44
N GLU C 138 -13.45 -3.36 -14.47
CA GLU C 138 -12.03 -3.34 -14.75
C GLU C 138 -11.30 -4.32 -13.84
N ASN C 139 -10.16 -4.84 -14.30
CA ASN C 139 -9.44 -5.88 -13.56
C ASN C 139 -8.84 -5.40 -12.23
N GLY C 140 -8.64 -4.10 -12.10
CA GLY C 140 -8.14 -3.54 -10.86
C GLY C 140 -6.66 -3.20 -10.90
N ILE C 141 -6.02 -3.44 -12.03
CA ILE C 141 -4.61 -3.10 -12.19
C ILE C 141 -4.42 -2.12 -13.36
N ASN C 142 -5.35 -2.17 -14.31
CA ASN C 142 -5.31 -1.27 -15.46
C ASN C 142 -6.69 -1.05 -16.07
N TYR C 143 -6.76 -0.27 -17.14
CA TYR C 143 -8.01 0.02 -17.83
C TYR C 143 -8.00 -0.55 -19.25
N GLY C 144 -7.51 -1.77 -19.39
CA GLY C 144 -7.43 -2.40 -20.70
C GLY C 144 -8.65 -3.23 -21.04
N GLN C 145 -9.22 -3.88 -20.04
CA GLN C 145 -10.38 -4.74 -20.25
C GLN C 145 -11.59 -3.98 -20.77
N ALA C 146 -11.95 -2.91 -20.08
CA ALA C 146 -13.10 -2.09 -20.45
C ALA C 146 -14.31 -2.95 -20.77
N ARG C 147 -14.80 -3.69 -19.78
CA ARG C 147 -15.93 -4.59 -19.97
C ARG C 147 -17.20 -4.04 -19.32
N ALA C 148 -18.30 -4.77 -19.50
CA ALA C 148 -19.55 -4.45 -18.86
C ALA C 148 -20.00 -5.66 -18.05
N ALA C 149 -20.52 -5.42 -16.85
CA ALA C 149 -20.95 -6.50 -15.97
C ALA C 149 -22.45 -6.47 -15.73
N VAL C 150 -23.04 -7.65 -15.53
CA VAL C 150 -24.48 -7.76 -15.32
C VAL C 150 -24.79 -8.57 -14.07
N ALA C 151 -25.87 -8.18 -13.39
CA ALA C 151 -26.35 -8.91 -12.22
C ALA C 151 -27.86 -8.73 -12.13
N TYR C 152 -28.53 -9.64 -11.44
CA TYR C 152 -29.99 -9.57 -11.33
C TYR C 152 -30.48 -9.96 -9.94
N SER C 153 -31.69 -9.50 -9.61
CA SER C 153 -32.31 -9.81 -8.32
C SER C 153 -33.83 -9.68 -8.44
N LYS C 154 -34.56 -10.50 -7.69
CA LYS C 154 -36.01 -10.46 -7.72
C LYS C 154 -36.55 -9.28 -6.90
N THR C 155 -35.74 -8.82 -5.96
CA THR C 155 -36.09 -7.67 -5.13
C THR C 155 -35.13 -6.52 -5.37
N PRO C 156 -35.58 -5.28 -5.11
CA PRO C 156 -34.76 -4.09 -5.34
C PRO C 156 -33.61 -3.98 -4.34
N ASP C 157 -33.90 -4.21 -3.07
CA ASP C 157 -32.90 -4.05 -2.02
C ASP C 157 -32.39 -5.40 -1.50
N GLY C 158 -32.17 -6.32 -2.43
CA GLY C 158 -31.68 -7.63 -2.07
C GLY C 158 -30.31 -7.94 -2.65
N LYS C 159 -29.75 -9.08 -2.29
CA LYS C 159 -28.44 -9.49 -2.76
C LYS C 159 -28.49 -9.93 -4.22
N PHE C 160 -28.06 -9.05 -5.12
CA PHE C 160 -28.01 -9.37 -6.54
C PHE C 160 -27.07 -10.54 -6.80
N THR C 161 -27.44 -11.39 -7.74
CA THR C 161 -26.58 -12.49 -8.15
C THR C 161 -25.80 -12.11 -9.41
N TYR C 162 -24.48 -12.03 -9.26
CA TYR C 162 -23.61 -11.64 -10.36
C TYR C 162 -23.70 -12.64 -11.52
N ILE C 163 -23.70 -12.13 -12.74
CA ILE C 163 -23.75 -12.98 -13.92
C ILE C 163 -22.39 -13.12 -14.58
N ARG C 164 -21.93 -12.04 -15.20
CA ARG C 164 -20.65 -12.06 -15.92
C ARG C 164 -20.20 -10.67 -16.34
N SER C 165 -18.98 -10.60 -16.84
CA SER C 165 -18.45 -9.36 -17.40
C SER C 165 -17.91 -9.66 -18.80
N PHE C 166 -18.03 -8.70 -19.72
CA PHE C 166 -17.66 -8.94 -21.10
C PHE C 166 -17.57 -7.66 -21.91
N ARG C 167 -16.95 -7.76 -23.08
CA ARG C 167 -16.93 -6.66 -24.04
C ARG C 167 -17.99 -6.91 -25.11
N PRO C 168 -18.93 -5.97 -25.25
CA PRO C 168 -20.07 -6.11 -26.17
C PRO C 168 -19.65 -6.55 -27.57
N MET C 169 -20.43 -7.46 -28.15
CA MET C 169 -20.21 -7.90 -29.53
C MET C 169 -18.84 -8.55 -29.70
N GLN C 170 -18.40 -9.31 -28.70
CA GLN C 170 -17.08 -9.93 -28.73
C GLN C 170 -16.99 -11.08 -29.72
N ASP C 171 -18.12 -11.72 -29.99
CA ASP C 171 -18.16 -12.84 -30.92
C ASP C 171 -18.45 -12.39 -32.36
N THR C 172 -18.69 -11.09 -32.53
CA THR C 172 -18.98 -10.54 -33.85
C THR C 172 -17.71 -10.49 -34.69
N GLY C 173 -16.57 -10.75 -34.05
CA GLY C 173 -15.29 -10.71 -34.74
C GLY C 173 -14.72 -9.31 -34.82
N VAL C 174 -15.38 -8.37 -34.16
CA VAL C 174 -14.93 -6.98 -34.14
C VAL C 174 -13.77 -6.79 -33.17
N MET C 175 -12.78 -6.02 -33.57
CA MET C 175 -11.63 -5.74 -32.74
C MET C 175 -11.56 -4.26 -32.38
N ASP C 176 -11.63 -3.95 -31.09
CA ASP C 176 -11.55 -2.58 -30.62
C ASP C 176 -10.29 -2.35 -29.80
N HIS C 177 -9.21 -1.96 -30.49
CA HIS C 177 -7.94 -1.68 -29.84
C HIS C 177 -7.30 -2.90 -29.17
N GLY C 178 -7.02 -3.92 -29.98
CA GLY C 178 -6.25 -5.06 -29.52
C GLY C 178 -7.04 -6.21 -28.92
N LEU C 179 -8.31 -5.98 -28.60
CA LEU C 179 -9.13 -7.01 -28.00
C LEU C 179 -10.47 -7.19 -28.70
N PRO C 180 -10.98 -8.44 -28.70
CA PRO C 180 -12.26 -8.77 -29.33
C PRO C 180 -13.43 -8.16 -28.57
N GLY C 181 -14.31 -7.46 -29.29
CA GLY C 181 -15.46 -6.81 -28.68
C GLY C 181 -15.23 -5.34 -28.41
N TYR C 182 -16.27 -4.54 -28.58
CA TYR C 182 -16.16 -3.10 -28.36
C TYR C 182 -15.76 -2.80 -26.92
N MET C 183 -15.10 -1.67 -26.72
CA MET C 183 -14.76 -1.20 -25.38
C MET C 183 -16.01 -0.64 -24.71
N SER C 184 -16.12 -0.85 -23.41
CA SER C 184 -17.29 -0.37 -22.67
C SER C 184 -16.87 0.26 -21.34
N ARG C 185 -16.64 1.57 -21.37
CA ARG C 185 -16.24 2.32 -20.18
C ARG C 185 -17.46 2.87 -19.45
N ASP C 186 -17.57 4.20 -19.39
CA ASP C 186 -18.71 4.85 -18.75
C ASP C 186 -20.01 4.37 -19.37
N CYS C 187 -20.96 3.96 -18.53
CA CYS C 187 -22.20 3.36 -19.01
C CYS C 187 -23.44 3.93 -18.32
N ASN C 188 -24.60 3.52 -18.83
CA ASN C 188 -25.89 3.91 -18.25
C ASN C 188 -27.01 3.12 -18.92
N VAL C 189 -28.11 2.92 -18.20
CA VAL C 189 -29.22 2.15 -18.72
C VAL C 189 -30.44 3.01 -19.03
N PHE C 190 -31.30 2.52 -19.92
CA PHE C 190 -32.50 3.27 -20.30
C PHE C 190 -33.64 2.33 -20.70
N VAL C 191 -34.83 2.62 -20.20
CA VAL C 191 -36.02 1.83 -20.54
C VAL C 191 -37.00 2.68 -21.34
N ASP C 192 -37.20 2.33 -22.60
CA ASP C 192 -38.11 3.05 -23.47
C ASP C 192 -39.56 2.76 -23.08
N THR C 193 -40.49 3.51 -23.67
CA THR C 193 -41.91 3.34 -23.37
C THR C 193 -42.46 2.03 -23.91
N ASP C 194 -41.91 1.59 -25.05
CA ASP C 194 -42.35 0.35 -25.68
C ASP C 194 -41.94 -0.88 -24.88
N GLY C 195 -41.08 -0.69 -23.89
CA GLY C 195 -40.61 -1.78 -23.04
C GLY C 195 -39.22 -2.25 -23.42
N LYS C 196 -38.61 -1.56 -24.38
CA LYS C 196 -37.27 -1.90 -24.83
C LYS C 196 -36.21 -1.47 -23.81
N GLY C 197 -35.27 -2.36 -23.52
CA GLY C 197 -34.17 -2.05 -22.63
C GLY C 197 -32.93 -1.67 -23.41
N TYR C 198 -32.21 -0.66 -22.93
CA TYR C 198 -31.01 -0.18 -23.62
C TYR C 198 -29.83 -0.01 -22.68
N PHE C 199 -28.63 -0.17 -23.22
CA PHE C 199 -27.41 0.00 -22.46
C PHE C 199 -26.40 0.83 -23.26
N ILE C 200 -26.18 2.07 -22.83
CA ILE C 200 -25.28 2.97 -23.53
C ILE C 200 -23.94 3.11 -22.81
N SER C 201 -22.86 3.03 -23.57
CA SER C 201 -21.52 3.12 -22.99
C SER C 201 -20.53 3.74 -23.97
N ALA C 202 -19.43 4.25 -23.43
CA ALA C 202 -18.37 4.85 -24.24
C ALA C 202 -17.46 3.79 -24.82
N ALA C 203 -17.33 3.79 -26.15
CA ALA C 203 -16.51 2.79 -26.84
C ALA C 203 -15.42 3.45 -27.68
N ASN C 204 -14.57 2.63 -28.29
CA ASN C 204 -13.49 3.12 -29.13
C ASN C 204 -12.64 4.16 -28.43
N GLU C 205 -12.08 3.79 -27.28
CA GLU C 205 -11.24 4.70 -26.50
C GLU C 205 -11.99 5.96 -26.10
N ASN C 206 -13.23 5.79 -25.64
CA ASN C 206 -14.04 6.92 -25.17
C ASN C 206 -14.25 8.00 -26.24
N MET C 207 -14.04 7.64 -27.50
CA MET C 207 -14.23 8.58 -28.60
C MET C 207 -15.66 8.57 -29.09
N ASP C 208 -16.29 7.40 -29.07
CA ASP C 208 -17.66 7.26 -29.55
C ASP C 208 -18.58 6.76 -28.44
N LEU C 209 -19.88 6.92 -28.64
CA LEU C 209 -20.87 6.36 -27.72
C LEU C 209 -21.68 5.28 -28.43
N HIS C 210 -21.79 4.12 -27.78
CA HIS C 210 -22.53 3.00 -28.35
C HIS C 210 -23.81 2.74 -27.58
N LEU C 211 -24.93 2.75 -28.28
CA LEU C 211 -26.22 2.42 -27.67
C LEU C 211 -26.60 0.99 -28.02
N TYR C 212 -26.65 0.13 -27.01
CA TYR C 212 -26.96 -1.27 -27.23
C TYR C 212 -28.39 -1.60 -26.84
N GLU C 213 -29.07 -2.38 -27.69
CA GLU C 213 -30.40 -2.85 -27.37
C GLU C 213 -30.30 -4.18 -26.62
N LEU C 214 -30.90 -4.23 -25.44
CA LEU C 214 -30.83 -5.42 -24.60
C LEU C 214 -31.82 -6.49 -25.04
N THR C 215 -31.55 -7.73 -24.65
CA THR C 215 -32.47 -8.83 -24.88
C THR C 215 -33.73 -8.62 -24.05
N PRO C 216 -34.82 -9.34 -24.38
CA PRO C 216 -36.08 -9.19 -23.66
C PRO C 216 -35.95 -9.26 -22.14
N ASP C 217 -34.94 -9.97 -21.63
CA ASP C 217 -34.77 -10.11 -20.20
C ASP C 217 -33.80 -9.09 -19.60
N TYR C 218 -33.31 -8.19 -20.43
CA TYR C 218 -32.42 -7.10 -20.00
C TYR C 218 -31.05 -7.59 -19.52
N LYS C 219 -30.79 -8.89 -19.66
CA LYS C 219 -29.57 -9.47 -19.10
C LYS C 219 -28.46 -9.67 -20.13
N ASN C 220 -28.59 -9.05 -21.30
CA ASN C 220 -27.60 -9.23 -22.35
C ASN C 220 -27.84 -8.31 -23.55
N ILE C 221 -26.77 -7.90 -24.19
CA ILE C 221 -26.85 -7.07 -25.40
C ILE C 221 -27.28 -7.92 -26.59
N ALA C 222 -28.33 -7.47 -27.29
CA ALA C 222 -28.85 -8.18 -28.45
C ALA C 222 -28.24 -7.64 -29.75
N SER C 223 -28.15 -6.32 -29.85
CA SER C 223 -27.63 -5.69 -31.06
C SER C 223 -27.20 -4.24 -30.80
N LEU C 224 -26.47 -3.67 -31.76
CA LEU C 224 -26.02 -2.29 -31.67
C LEU C 224 -27.05 -1.35 -32.29
N LYS C 225 -27.81 -0.66 -31.44
CA LYS C 225 -28.86 0.25 -31.90
C LYS C 225 -28.31 1.34 -32.80
N ALA C 226 -27.26 2.03 -32.32
CA ALA C 226 -26.65 3.11 -33.10
C ALA C 226 -25.37 3.63 -32.47
N LYS C 227 -24.54 4.26 -33.29
CA LYS C 227 -23.32 4.92 -32.82
C LYS C 227 -23.58 6.42 -32.72
N LEU C 228 -23.37 6.99 -31.54
CA LEU C 228 -23.71 8.38 -31.29
C LEU C 228 -22.51 9.26 -30.98
N PHE C 229 -22.42 10.39 -31.68
CA PHE C 229 -21.40 11.40 -31.41
C PHE C 229 -19.99 10.83 -31.50
N VAL C 230 -19.66 10.23 -32.63
CA VAL C 230 -18.34 9.66 -32.85
C VAL C 230 -17.28 10.75 -32.96
N GLY C 231 -16.15 10.55 -32.29
CA GLY C 231 -15.07 11.51 -32.34
C GLY C 231 -15.34 12.75 -31.51
N GLN C 232 -16.52 12.79 -30.88
CA GLN C 232 -16.89 13.91 -30.02
C GLN C 232 -16.32 13.72 -28.62
N GLN C 233 -16.00 12.48 -28.28
CA GLN C 233 -15.39 12.14 -27.01
C GLN C 233 -16.26 12.58 -25.83
N ARG C 234 -17.51 12.09 -25.80
CA ARG C 234 -18.42 12.39 -24.70
C ARG C 234 -18.48 11.25 -23.71
N GLU C 235 -18.48 11.58 -22.42
CA GLU C 235 -18.48 10.57 -21.37
C GLU C 235 -19.69 10.73 -20.44
N ALA C 236 -19.77 9.87 -19.44
CA ALA C 236 -20.86 9.93 -18.46
C ALA C 236 -22.21 10.18 -19.10
N PRO C 237 -22.65 9.27 -19.96
CA PRO C 237 -23.92 9.46 -20.70
C PRO C 237 -25.14 9.25 -19.83
N CYS C 238 -26.12 10.14 -19.99
CA CYS C 238 -27.39 10.01 -19.27
C CYS C 238 -28.54 10.11 -20.28
N LEU C 239 -29.28 9.01 -20.42
CA LEU C 239 -30.34 8.94 -21.42
C LEU C 239 -31.73 8.96 -20.80
N ILE C 240 -32.54 9.94 -21.21
CA ILE C 240 -33.92 10.06 -20.72
C ILE C 240 -34.89 10.38 -21.85
N LYS C 241 -36.17 10.38 -21.53
CA LYS C 241 -37.21 10.69 -22.51
C LYS C 241 -38.40 11.36 -21.84
N ARG C 242 -38.62 12.63 -22.17
CA ARG C 242 -39.71 13.40 -21.56
C ARG C 242 -41.00 13.25 -22.36
N ASN C 243 -41.16 14.06 -23.40
CA ASN C 243 -42.35 14.02 -24.23
C ASN C 243 -42.06 13.60 -25.67
N GLY C 244 -41.79 12.31 -25.87
CA GLY C 244 -41.52 11.79 -27.19
C GLY C 244 -40.14 12.17 -27.69
N TYR C 245 -39.42 12.95 -26.89
CA TYR C 245 -38.06 13.37 -27.25
C TYR C 245 -37.02 12.68 -26.38
N TYR C 246 -36.05 12.04 -27.03
CA TYR C 246 -34.94 11.42 -26.32
C TYR C 246 -33.86 12.45 -26.02
N TYR C 247 -33.45 12.54 -24.76
CA TYR C 247 -32.43 13.50 -24.35
C TYR C 247 -31.17 12.80 -23.88
N LEU C 248 -30.02 13.31 -24.33
CA LEU C 248 -28.74 12.73 -23.96
C LEU C 248 -27.82 13.77 -23.33
N ILE C 249 -27.71 13.71 -22.01
CA ILE C 249 -26.80 14.59 -21.28
C ILE C 249 -25.44 13.92 -21.10
N THR C 250 -24.39 14.59 -21.53
CA THR C 250 -23.05 14.03 -21.45
C THR C 250 -22.04 15.01 -20.86
N SER C 251 -20.84 14.51 -20.59
CA SER C 251 -19.77 15.35 -20.07
C SER C 251 -18.53 15.20 -20.95
N GLY C 252 -17.57 16.10 -20.77
CA GLY C 252 -16.32 16.01 -21.51
C GLY C 252 -15.44 14.91 -20.95
N CYS C 253 -14.28 14.71 -21.55
CA CYS C 253 -13.35 13.69 -21.08
C CYS C 253 -12.08 14.34 -20.53
N THR C 254 -12.08 14.63 -19.24
CA THR C 254 -10.93 15.26 -18.59
C THR C 254 -10.68 14.69 -17.19
N GLY C 255 -10.73 13.38 -17.07
CA GLY C 255 -10.48 12.70 -15.81
C GLY C 255 -11.39 13.17 -14.69
N TRP C 256 -10.80 13.45 -13.53
CA TRP C 256 -11.57 13.92 -12.38
C TRP C 256 -12.03 15.36 -12.59
N ASN C 257 -11.23 16.14 -13.31
CA ASN C 257 -11.53 17.55 -13.55
C ASN C 257 -12.90 17.77 -14.14
N PRO C 258 -13.77 18.48 -13.40
CA PRO C 258 -15.10 18.84 -13.91
C PRO C 258 -14.98 19.65 -15.19
N ASN C 259 -15.94 19.49 -16.09
CA ASN C 259 -15.90 20.18 -17.38
C ASN C 259 -17.29 20.62 -17.85
N GLN C 260 -17.34 21.21 -19.03
CA GLN C 260 -18.60 21.71 -19.58
C GLN C 260 -19.52 20.56 -19.99
N ALA C 261 -20.65 20.45 -19.31
CA ALA C 261 -21.65 19.45 -19.66
C ALA C 261 -22.47 19.91 -20.85
N LYS C 262 -22.83 18.98 -21.73
CA LYS C 262 -23.64 19.31 -22.90
C LYS C 262 -24.82 18.35 -22.99
N TYR C 263 -25.80 18.70 -23.81
CA TYR C 263 -26.96 17.85 -24.01
C TYR C 263 -27.41 17.87 -25.47
N ALA C 264 -28.16 16.84 -25.87
CA ALA C 264 -28.66 16.74 -27.23
C ALA C 264 -29.99 16.00 -27.25
N TYR C 265 -30.87 16.39 -28.17
CA TYR C 265 -32.20 15.80 -28.27
C TYR C 265 -32.45 15.14 -29.61
N SER C 266 -33.47 14.29 -29.66
CA SER C 266 -33.85 13.61 -30.89
C SER C 266 -35.20 12.92 -30.75
N LYS C 267 -35.92 12.80 -31.86
CA LYS C 267 -37.22 12.14 -31.86
C LYS C 267 -37.06 10.64 -32.05
N ASP C 268 -35.84 10.22 -32.37
CA ASP C 268 -35.54 8.81 -32.62
C ASP C 268 -34.20 8.42 -32.02
N LEU C 269 -34.12 7.20 -31.48
CA LEU C 269 -32.90 6.72 -30.86
C LEU C 269 -31.80 6.45 -31.87
N ALA C 270 -32.17 5.89 -33.02
CA ALA C 270 -31.21 5.48 -34.03
C ALA C 270 -30.61 6.65 -34.80
N SER C 271 -31.38 7.72 -34.99
CA SER C 271 -30.92 8.86 -35.75
C SER C 271 -31.74 10.12 -35.45
N GLY C 272 -31.32 11.24 -36.02
CA GLY C 272 -32.03 12.49 -35.87
C GLY C 272 -31.53 13.32 -34.70
N TRP C 273 -30.43 12.88 -34.11
CA TRP C 273 -29.85 13.59 -32.97
C TRP C 273 -29.34 14.97 -33.36
N SER C 274 -29.69 15.97 -32.57
CA SER C 274 -29.25 17.34 -32.80
C SER C 274 -27.80 17.50 -32.37
N GLN C 275 -27.28 18.72 -32.54
CA GLN C 275 -25.92 19.02 -32.09
C GLN C 275 -25.91 19.14 -30.58
N LEU C 276 -24.71 19.34 -30.01
CA LEU C 276 -24.57 19.47 -28.57
C LEU C 276 -24.77 20.91 -28.12
N TYR C 277 -25.58 21.09 -27.08
CA TYR C 277 -25.82 22.41 -26.50
C TYR C 277 -25.31 22.45 -25.07
N ASN C 278 -24.65 23.54 -24.70
CA ASN C 278 -24.10 23.68 -23.35
C ASN C 278 -25.15 23.63 -22.25
N LEU C 279 -24.82 22.95 -21.17
CA LEU C 279 -25.71 22.83 -20.02
C LEU C 279 -24.91 23.10 -18.75
N GLY C 280 -25.37 24.08 -17.97
CA GLY C 280 -24.64 24.50 -16.78
C GLY C 280 -23.41 25.30 -17.18
N ASN C 281 -22.52 25.55 -16.23
CA ASN C 281 -21.31 26.32 -16.51
C ASN C 281 -20.17 25.45 -17.03
N SER C 282 -18.97 26.02 -17.10
CA SER C 282 -17.82 25.35 -17.69
C SER C 282 -17.31 24.17 -16.85
N THR C 283 -17.88 23.99 -15.66
CA THR C 283 -17.46 22.90 -14.78
C THR C 283 -18.67 22.14 -14.26
N THR C 284 -19.83 22.39 -14.84
CA THR C 284 -21.06 21.76 -14.39
C THR C 284 -21.19 21.89 -12.87
N TYR C 285 -20.79 23.05 -12.35
CA TYR C 285 -20.87 23.33 -10.92
C TYR C 285 -20.02 22.33 -10.14
N ARG C 286 -18.80 22.11 -10.63
CA ARG C 286 -17.88 21.14 -10.04
C ARG C 286 -18.56 19.81 -9.76
N SER C 287 -18.97 19.14 -10.83
CA SER C 287 -19.58 17.82 -10.74
C SER C 287 -19.60 17.15 -12.11
N GLN C 288 -20.07 15.92 -12.16
CA GLN C 288 -20.17 15.19 -13.41
C GLN C 288 -21.48 14.42 -13.49
N PRO C 289 -22.20 14.54 -14.61
CA PRO C 289 -23.49 13.87 -14.82
C PRO C 289 -23.39 12.38 -14.51
N THR C 290 -24.36 11.85 -13.79
CA THR C 290 -24.35 10.44 -13.42
C THR C 290 -25.68 9.77 -13.72
N PHE C 291 -26.77 10.49 -13.47
CA PHE C 291 -28.10 9.95 -13.69
C PHE C 291 -29.19 11.02 -13.55
N ILE C 292 -30.21 10.92 -14.38
CA ILE C 292 -31.34 11.84 -14.34
C ILE C 292 -32.65 11.07 -14.24
N ILE C 293 -33.44 11.36 -13.21
CA ILE C 293 -34.66 10.62 -12.95
C ILE C 293 -35.88 11.53 -12.78
N PRO C 294 -36.98 11.17 -13.45
CA PRO C 294 -38.25 11.92 -13.34
C PRO C 294 -38.89 11.75 -11.97
N VAL C 295 -39.28 12.86 -11.36
CA VAL C 295 -39.99 12.84 -10.08
C VAL C 295 -41.44 13.26 -10.29
N GLN C 296 -42.33 12.27 -10.34
CA GLN C 296 -43.74 12.52 -10.63
C GLN C 296 -44.57 12.66 -9.36
N GLY C 297 -45.46 13.65 -9.35
CA GLY C 297 -46.33 13.90 -8.22
C GLY C 297 -47.68 14.46 -8.64
N SER C 298 -48.46 14.92 -7.66
CA SER C 298 -49.78 15.46 -7.92
C SER C 298 -49.73 16.76 -8.72
N SER C 299 -48.72 17.57 -8.46
CA SER C 299 -48.60 18.87 -9.11
C SER C 299 -48.02 18.76 -10.52
N GLY C 300 -47.19 17.74 -10.74
CA GLY C 300 -46.58 17.53 -12.04
C GLY C 300 -45.37 16.63 -11.97
N THR C 301 -44.49 16.73 -12.96
CA THR C 301 -43.28 15.92 -12.99
C THR C 301 -42.03 16.78 -13.18
N SER C 302 -41.14 16.73 -12.20
CA SER C 302 -39.86 17.43 -12.28
C SER C 302 -38.73 16.44 -12.53
N TYR C 303 -37.60 16.91 -13.03
CA TYR C 303 -36.47 16.05 -13.32
C TYR C 303 -35.26 16.35 -12.44
N LEU C 304 -34.80 15.34 -11.71
CA LEU C 304 -33.69 15.50 -10.78
C LEU C 304 -32.36 15.12 -11.42
N TYR C 305 -31.41 16.05 -11.38
CA TYR C 305 -30.06 15.80 -11.89
C TYR C 305 -29.15 15.32 -10.77
N MET C 306 -28.51 14.17 -10.98
CA MET C 306 -27.59 13.63 -10.00
C MET C 306 -26.16 13.70 -10.52
N GLY C 307 -25.33 14.51 -9.87
CA GLY C 307 -23.95 14.68 -10.27
C GLY C 307 -22.98 14.17 -9.22
N ASP C 308 -21.73 13.98 -9.64
CA ASP C 308 -20.68 13.51 -8.74
C ASP C 308 -19.56 14.53 -8.60
N ARG C 309 -19.26 14.90 -7.36
CA ARG C 309 -18.12 15.76 -7.09
C ARG C 309 -16.94 14.91 -6.66
N TRP C 310 -16.15 14.46 -7.64
CA TRP C 310 -15.05 13.55 -7.38
C TRP C 310 -13.92 14.22 -6.60
N ALA C 311 -13.56 13.62 -5.47
CA ALA C 311 -12.50 14.15 -4.63
C ALA C 311 -11.14 14.08 -5.32
N GLY C 312 -11.04 13.20 -6.31
CA GLY C 312 -9.81 13.05 -7.08
C GLY C 312 -9.42 14.34 -7.76
N ALA C 313 -10.39 15.20 -8.01
CA ALA C 313 -10.15 16.49 -8.66
C ALA C 313 -9.18 17.33 -7.84
N TRP C 314 -9.18 17.14 -6.53
CA TRP C 314 -8.28 17.87 -5.64
C TRP C 314 -7.36 16.92 -4.87
N GLY C 315 -7.14 15.73 -5.41
CA GLY C 315 -6.19 14.79 -4.85
C GLY C 315 -6.70 13.97 -3.67
N GLY C 316 -8.03 13.84 -3.57
CA GLY C 316 -8.63 13.09 -2.50
C GLY C 316 -9.02 11.68 -2.93
N LYS C 317 -9.46 10.87 -1.96
CA LYS C 317 -9.90 9.52 -2.26
C LYS C 317 -11.32 9.52 -2.82
N VAL C 318 -11.62 8.52 -3.64
CA VAL C 318 -12.95 8.40 -4.24
C VAL C 318 -14.05 8.40 -3.18
N ASN C 319 -13.79 7.72 -2.06
CA ASN C 319 -14.78 7.65 -0.98
C ASN C 319 -15.04 9.00 -0.34
N ASP C 320 -14.19 9.98 -0.64
CA ASP C 320 -14.35 11.33 -0.10
C ASP C 320 -15.13 12.23 -1.06
N SER C 321 -15.70 11.63 -2.10
CA SER C 321 -16.44 12.38 -3.10
C SER C 321 -17.82 12.78 -2.59
N GLN C 322 -18.27 13.97 -2.98
CA GLN C 322 -19.57 14.47 -2.56
C GLN C 322 -20.59 14.39 -3.69
N TYR C 323 -21.84 14.78 -3.38
CA TYR C 323 -22.90 14.70 -4.36
C TYR C 323 -23.52 16.06 -4.65
N VAL C 324 -23.93 16.27 -5.90
CA VAL C 324 -24.56 17.50 -6.30
C VAL C 324 -25.90 17.22 -6.97
N TRP C 325 -26.99 17.58 -6.30
CA TRP C 325 -28.33 17.38 -6.85
C TRP C 325 -28.97 18.70 -7.27
N LEU C 326 -29.40 18.75 -8.52
CA LEU C 326 -30.01 19.97 -9.07
C LEU C 326 -31.21 19.62 -9.93
N PRO C 327 -32.15 20.56 -10.05
CA PRO C 327 -33.33 20.37 -10.91
C PRO C 327 -33.00 20.63 -12.38
N LEU C 328 -33.42 19.72 -13.25
CA LEU C 328 -33.25 19.89 -14.68
C LEU C 328 -34.54 20.44 -15.30
N ASN C 329 -34.49 21.69 -15.74
CA ASN C 329 -35.68 22.36 -16.24
C ASN C 329 -35.78 22.35 -17.76
N PHE C 330 -36.99 22.10 -18.26
CA PHE C 330 -37.25 22.10 -19.70
C PHE C 330 -38.03 23.35 -20.10
N ILE C 331 -37.30 24.40 -20.48
CA ILE C 331 -37.94 25.62 -20.96
C ILE C 331 -38.81 25.29 -22.17
N SER C 332 -38.31 24.39 -23.01
CA SER C 332 -39.06 23.90 -24.16
C SER C 332 -38.56 22.51 -24.52
N ASP C 333 -39.18 21.89 -25.52
CA ASP C 333 -38.77 20.57 -25.95
C ASP C 333 -37.37 20.60 -26.55
N THR C 334 -36.86 21.79 -26.83
CA THR C 334 -35.56 21.96 -27.45
C THR C 334 -34.59 22.77 -26.60
N THR C 335 -35.11 23.43 -25.57
CA THR C 335 -34.28 24.26 -24.71
C THR C 335 -34.28 23.78 -23.26
N LEU C 336 -33.13 23.27 -22.82
CA LEU C 336 -32.97 22.80 -21.45
C LEU C 336 -32.06 23.75 -20.67
N GLU C 337 -32.23 23.77 -19.34
CA GLU C 337 -31.36 24.57 -18.49
C GLU C 337 -31.13 23.88 -17.15
N LEU C 338 -29.93 24.03 -16.61
CA LEU C 338 -29.58 23.41 -15.33
C LEU C 338 -29.04 24.44 -14.37
N PRO C 339 -29.95 25.09 -13.62
CA PRO C 339 -29.57 26.13 -12.66
C PRO C 339 -28.86 25.53 -11.45
N TYR C 340 -28.05 26.34 -10.76
CA TYR C 340 -27.38 25.89 -9.56
C TYR C 340 -27.97 26.56 -8.32
N TYR C 341 -28.33 25.74 -7.34
CA TYR C 341 -28.89 26.24 -6.09
C TYR C 341 -28.16 25.61 -4.91
N ASP C 342 -27.61 26.44 -4.04
CA ASP C 342 -26.96 25.95 -2.82
C ASP C 342 -27.96 25.13 -2.00
N SER C 343 -29.24 25.49 -2.13
CA SER C 343 -30.30 24.82 -1.41
C SER C 343 -31.44 24.44 -2.35
N VAL C 344 -31.66 23.14 -2.51
CA VAL C 344 -32.72 22.65 -3.38
C VAL C 344 -33.88 22.07 -2.56
N LYS C 345 -35.10 22.41 -2.95
CA LYS C 345 -36.29 21.92 -2.26
C LYS C 345 -36.91 20.78 -3.07
N ILE C 346 -37.09 19.63 -2.43
CA ILE C 346 -37.69 18.48 -3.10
C ILE C 346 -38.97 18.03 -2.41
N ASP C 347 -40.10 18.18 -3.11
CA ASP C 347 -41.37 17.70 -2.60
C ASP C 347 -41.84 16.52 -3.46
N ALA C 348 -41.44 15.32 -3.06
CA ALA C 348 -41.71 14.12 -3.84
C ALA C 348 -43.20 13.94 -4.15
N SER C 349 -44.03 14.09 -3.13
CA SER C 349 -45.48 13.88 -3.29
C SER C 349 -46.08 14.76 -4.38
N SER C 350 -45.65 16.02 -4.43
CA SER C 350 -46.17 16.97 -5.40
C SER C 350 -45.40 16.90 -6.71
N GLY C 351 -44.21 16.31 -6.67
CA GLY C 351 -43.36 16.22 -7.84
C GLY C 351 -42.77 17.57 -8.22
N ILE C 352 -42.39 18.34 -7.20
CA ILE C 352 -41.83 19.66 -7.41
C ILE C 352 -40.38 19.74 -6.93
N ILE C 353 -39.52 20.29 -7.78
CA ILE C 353 -38.12 20.51 -7.42
C ILE C 353 -37.71 21.94 -7.79
N SER C 354 -37.46 22.77 -6.79
CA SER C 354 -37.10 24.16 -7.02
C SER C 354 -36.05 24.65 -6.03
N GLU C 355 -35.70 25.92 -6.13
CA GLU C 355 -34.73 26.53 -5.24
C GLU C 355 -35.35 26.86 -3.88
N TYR C 356 -34.62 26.58 -2.82
CA TYR C 356 -35.07 26.92 -1.47
C TYR C 356 -34.52 28.27 -1.04
N ILE C 357 -35.42 29.21 -0.79
CA ILE C 357 -35.02 30.54 -0.36
C ILE C 357 -35.11 30.64 1.17
N PRO C 358 -33.95 30.68 1.84
CA PRO C 358 -33.87 30.73 3.30
C PRO C 358 -34.62 31.91 3.89
N ASP C 359 -34.53 33.07 3.24
CA ASP C 359 -35.21 34.27 3.72
C ASP C 359 -36.26 34.73 2.70
N THR C 360 -37.53 34.55 3.06
CA THR C 360 -38.63 34.85 2.15
C THR C 360 -39.02 36.33 2.18
N THR C 361 -38.13 37.18 2.68
CA THR C 361 -38.38 38.61 2.70
C THR C 361 -38.31 39.18 1.29
N ARG C 362 -39.37 39.85 0.86
CA ARG C 362 -39.47 40.38 -0.50
C ARG C 362 -39.19 41.87 -0.53
N TYR C 363 -38.23 42.27 -1.37
CA TYR C 363 -37.78 43.65 -1.41
C TYR C 363 -38.12 44.35 -2.72
N LYS C 364 -38.03 45.68 -2.69
CA LYS C 364 -38.08 46.49 -3.90
C LYS C 364 -36.89 47.43 -3.91
N LEU C 365 -36.27 47.60 -5.07
CA LEU C 365 -35.09 48.45 -5.19
C LEU C 365 -35.43 49.78 -5.88
N VAL C 366 -35.46 50.85 -5.11
CA VAL C 366 -35.82 52.16 -5.63
C VAL C 366 -34.58 53.01 -5.90
N ASN C 367 -34.51 53.60 -7.09
CA ASN C 367 -33.43 54.51 -7.44
C ASN C 367 -33.67 55.90 -6.86
N LYS C 368 -32.64 56.49 -6.28
CA LYS C 368 -32.79 57.80 -5.62
C LYS C 368 -33.10 58.92 -6.62
N ASN C 369 -32.41 58.92 -7.75
CA ASN C 369 -32.58 59.97 -8.76
C ASN C 369 -33.92 59.89 -9.46
N SER C 370 -34.32 58.69 -9.86
CA SER C 370 -35.54 58.49 -10.63
C SER C 370 -36.75 58.26 -9.72
N GLY C 371 -36.54 57.55 -8.63
CA GLY C 371 -37.62 57.19 -7.72
C GLY C 371 -38.34 55.94 -8.17
N LYS C 372 -37.91 55.39 -9.31
CA LYS C 372 -38.51 54.18 -9.84
C LYS C 372 -37.83 52.92 -9.29
N VAL C 373 -38.47 51.77 -9.48
CA VAL C 373 -37.99 50.52 -8.89
C VAL C 373 -37.40 49.56 -9.91
N LEU C 374 -36.47 48.73 -9.46
CA LEU C 374 -35.85 47.72 -10.31
C LEU C 374 -36.90 46.73 -10.79
N ASP C 375 -36.96 46.50 -12.09
CA ASP C 375 -37.99 45.65 -12.67
C ASP C 375 -37.47 44.92 -13.91
N VAL C 376 -38.24 43.95 -14.39
CA VAL C 376 -37.91 43.22 -15.60
C VAL C 376 -38.78 43.69 -16.76
N LEU C 377 -38.17 43.87 -17.92
CA LEU C 377 -38.88 44.36 -19.10
C LEU C 377 -40.08 43.48 -19.44
N ASP C 378 -41.25 44.10 -19.57
CA ASP C 378 -42.48 43.39 -19.89
C ASP C 378 -42.86 42.39 -18.81
N GLY C 379 -42.19 42.47 -17.66
CA GLY C 379 -42.42 41.53 -16.58
C GLY C 379 -42.26 40.10 -17.03
N SER C 380 -41.34 39.88 -17.96
CA SER C 380 -41.13 38.57 -18.55
C SER C 380 -40.43 37.61 -17.59
N VAL C 381 -40.67 36.33 -17.77
CA VAL C 381 -39.99 35.30 -16.99
C VAL C 381 -39.00 34.56 -17.88
N ASP C 382 -38.85 35.04 -19.11
CA ASP C 382 -37.93 34.44 -20.07
C ASP C 382 -36.47 34.69 -19.68
N ASN C 383 -35.59 33.75 -20.02
CA ASN C 383 -34.18 33.87 -19.71
C ASN C 383 -33.52 35.00 -20.48
N ALA C 384 -32.56 35.66 -19.85
CA ALA C 384 -31.81 36.74 -20.48
C ALA C 384 -32.66 37.97 -20.75
N ALA C 385 -33.77 38.11 -20.03
CA ALA C 385 -34.65 39.25 -20.18
C ALA C 385 -33.96 40.53 -19.69
N GLN C 386 -34.29 41.65 -20.32
CA GLN C 386 -33.66 42.93 -19.96
C GLN C 386 -34.17 43.49 -18.64
N ILE C 387 -33.26 44.08 -17.86
CA ILE C 387 -33.62 44.70 -16.60
C ILE C 387 -33.78 46.21 -16.75
N VAL C 388 -34.96 46.72 -16.41
CA VAL C 388 -35.23 48.15 -16.52
C VAL C 388 -35.84 48.69 -15.23
N GLN C 389 -36.02 50.00 -15.18
CA GLN C 389 -36.71 50.63 -14.05
C GLN C 389 -38.14 50.95 -14.42
N TRP C 390 -39.01 51.02 -13.43
CA TRP C 390 -40.42 51.27 -13.68
C TRP C 390 -41.10 51.84 -12.45
N THR C 391 -42.21 52.56 -12.65
CA THR C 391 -42.95 53.12 -11.53
C THR C 391 -43.51 52.02 -10.65
N ASP C 392 -43.50 52.25 -9.35
CA ASP C 392 -44.01 51.28 -8.39
C ASP C 392 -45.46 50.92 -8.72
N ASN C 393 -45.66 49.74 -9.29
CA ASN C 393 -47.00 49.29 -9.65
C ASN C 393 -47.43 48.06 -8.84
N GLY C 394 -46.56 47.61 -7.94
CA GLY C 394 -46.90 46.52 -7.04
C GLY C 394 -47.02 45.16 -7.70
N SER C 395 -46.35 44.98 -8.84
CA SER C 395 -46.36 43.70 -9.52
C SER C 395 -45.27 42.78 -8.97
N LEU C 396 -45.30 41.51 -9.34
CA LEU C 396 -44.34 40.54 -8.84
C LEU C 396 -42.95 40.74 -9.44
N SER C 397 -42.91 41.20 -10.68
CA SER C 397 -41.64 41.40 -11.38
C SER C 397 -40.78 42.47 -10.72
N GLN C 398 -41.37 43.25 -9.83
CA GLN C 398 -40.66 44.31 -9.12
C GLN C 398 -40.21 43.85 -7.74
N GLN C 399 -40.58 42.62 -7.39
CA GLN C 399 -40.23 42.07 -6.09
C GLN C 399 -39.03 41.13 -6.21
N TRP C 400 -38.09 41.26 -5.27
CA TRP C 400 -36.85 40.49 -5.33
C TRP C 400 -36.47 39.89 -3.98
N TYR C 401 -35.89 38.69 -4.02
CA TYR C 401 -35.33 38.07 -2.82
C TYR C 401 -33.87 38.45 -2.65
N LEU C 402 -33.32 38.18 -1.48
CA LEU C 402 -31.90 38.36 -1.23
C LEU C 402 -31.31 37.09 -0.63
N VAL C 403 -30.67 36.28 -1.47
CA VAL C 403 -30.11 35.01 -1.03
C VAL C 403 -28.64 35.17 -0.66
N ASP C 404 -28.26 34.67 0.51
CA ASP C 404 -26.88 34.74 0.97
C ASP C 404 -25.99 33.80 0.16
N VAL C 405 -24.84 34.30 -0.28
CA VAL C 405 -23.94 33.51 -1.11
C VAL C 405 -22.52 33.50 -0.55
N GLY C 406 -22.36 34.05 0.64
CA GLY C 406 -21.06 34.07 1.30
C GLY C 406 -20.31 35.37 1.10
N GLY C 407 -19.41 35.68 2.03
CA GLY C 407 -18.62 36.89 1.96
C GLY C 407 -19.46 38.14 2.06
N GLY C 408 -20.67 38.00 2.59
CA GLY C 408 -21.59 39.12 2.71
C GLY C 408 -22.27 39.43 1.40
N TYR C 409 -21.84 38.76 0.34
CA TYR C 409 -22.44 38.95 -0.98
C TYR C 409 -23.85 38.38 -1.04
N LYS C 410 -24.69 38.98 -1.87
CA LYS C 410 -26.07 38.54 -1.99
C LYS C 410 -26.41 38.16 -3.44
N LYS C 411 -27.43 37.33 -3.59
CA LYS C 411 -27.91 36.93 -4.90
C LYS C 411 -29.35 37.40 -5.07
N ILE C 412 -29.52 38.48 -5.82
CA ILE C 412 -30.83 39.11 -6.00
C ILE C 412 -31.72 38.31 -6.95
N VAL C 413 -32.68 37.59 -6.38
CA VAL C 413 -33.56 36.73 -7.16
C VAL C 413 -34.92 37.37 -7.39
N ASN C 414 -35.38 37.35 -8.64
CA ASN C 414 -36.71 37.85 -8.98
C ASN C 414 -37.80 36.90 -8.49
N VAL C 415 -38.76 37.43 -7.75
CA VAL C 415 -39.83 36.62 -7.17
C VAL C 415 -40.69 35.94 -8.25
N LYS C 416 -40.91 36.64 -9.36
CA LYS C 416 -41.76 36.12 -10.42
C LYS C 416 -41.05 35.08 -11.28
N SER C 417 -39.98 35.50 -11.94
CA SER C 417 -39.24 34.61 -12.83
C SER C 417 -38.48 33.53 -12.07
N GLY C 418 -37.92 33.90 -10.92
CA GLY C 418 -37.14 32.98 -10.13
C GLY C 418 -35.68 33.00 -10.55
N ARG C 419 -35.35 33.90 -11.46
CA ARG C 419 -33.99 34.03 -11.97
C ARG C 419 -33.22 35.08 -11.19
N ALA C 420 -31.90 35.08 -11.34
CA ALA C 420 -31.04 35.97 -10.56
C ALA C 420 -30.55 37.16 -11.37
N LEU C 421 -30.40 38.30 -10.70
CA LEU C 421 -29.83 39.49 -11.33
C LEU C 421 -28.45 39.14 -11.86
N ASP C 422 -28.23 39.45 -13.14
CA ASP C 422 -27.02 38.98 -13.82
C ASP C 422 -26.41 40.02 -14.73
N VAL C 423 -25.10 40.17 -14.66
CA VAL C 423 -24.36 41.04 -15.58
C VAL C 423 -24.05 40.27 -16.86
N LYS C 424 -24.76 40.61 -17.94
CA LYS C 424 -24.70 39.85 -19.18
C LYS C 424 -23.27 39.56 -19.65
N ASP C 425 -23.02 38.29 -19.95
CA ASP C 425 -21.75 37.85 -20.51
C ASP C 425 -20.54 38.20 -19.64
N GLU C 426 -20.75 38.21 -18.33
CA GLU C 426 -19.67 38.48 -17.38
C GLU C 426 -18.86 39.70 -17.77
N SER C 427 -19.53 40.74 -18.28
CA SER C 427 -18.86 41.94 -18.74
C SER C 427 -18.17 42.69 -17.61
N LYS C 428 -17.09 43.39 -17.93
CA LYS C 428 -16.39 44.22 -16.96
C LYS C 428 -16.32 45.68 -17.42
N GLU C 429 -17.08 45.99 -18.47
CA GLU C 429 -17.03 47.32 -19.07
C GLU C 429 -18.21 48.18 -18.62
N ASP C 430 -18.04 49.50 -18.63
CA ASP C 430 -19.13 50.41 -18.34
C ASP C 430 -20.26 50.20 -19.35
N GLY C 431 -21.48 50.45 -18.93
CA GLY C 431 -22.62 50.28 -19.80
C GLY C 431 -23.01 48.82 -19.96
N GLY C 432 -22.35 47.96 -19.21
CA GLY C 432 -22.66 46.54 -19.24
C GLY C 432 -24.08 46.26 -18.82
N VAL C 433 -24.93 45.94 -19.79
CA VAL C 433 -26.34 45.69 -19.55
C VAL C 433 -26.59 44.61 -18.50
N LEU C 434 -27.59 44.82 -17.65
CA LEU C 434 -28.01 43.83 -16.67
C LEU C 434 -29.25 43.09 -17.15
N ILE C 435 -29.26 41.78 -16.92
CA ILE C 435 -30.39 40.93 -17.30
C ILE C 435 -30.70 39.93 -16.20
N GLN C 436 -31.82 39.24 -16.34
CA GLN C 436 -32.13 38.12 -15.45
C GLN C 436 -31.72 36.83 -16.14
N TYR C 437 -30.99 35.98 -15.43
CA TYR C 437 -30.46 34.76 -16.02
C TYR C 437 -30.57 33.59 -15.06
N THR C 438 -30.43 32.37 -15.58
CA THR C 438 -30.46 31.18 -14.75
C THR C 438 -29.31 31.23 -13.75
N SER C 439 -29.62 30.93 -12.49
CA SER C 439 -28.59 30.91 -11.46
C SER C 439 -27.49 29.93 -11.82
N ASN C 440 -26.27 30.44 -11.94
CA ASN C 440 -25.13 29.61 -12.32
C ASN C 440 -23.93 29.78 -11.38
N GLY C 441 -24.17 30.42 -10.23
CA GLY C 441 -23.15 30.58 -9.22
C GLY C 441 -21.98 31.44 -9.64
N GLY C 442 -22.12 32.14 -10.76
CA GLY C 442 -21.07 33.02 -11.23
C GLY C 442 -20.99 34.29 -10.40
N TYR C 443 -19.80 34.86 -10.30
CA TYR C 443 -19.59 36.09 -9.54
C TYR C 443 -20.31 37.27 -10.17
N ASN C 444 -20.74 37.12 -11.42
CA ASN C 444 -21.49 38.16 -12.10
C ASN C 444 -22.96 38.13 -11.70
N GLN C 445 -23.28 37.24 -10.77
CA GLN C 445 -24.62 37.16 -10.20
C GLN C 445 -24.59 37.42 -8.70
N HIS C 446 -23.40 37.70 -8.19
CA HIS C 446 -23.23 38.04 -6.79
C HIS C 446 -23.08 39.55 -6.63
N TRP C 447 -23.78 40.10 -5.64
CA TRP C 447 -23.80 41.54 -5.46
C TRP C 447 -23.41 41.96 -4.05
N LYS C 448 -22.82 43.15 -3.94
CA LYS C 448 -22.33 43.67 -2.67
C LYS C 448 -23.08 44.95 -2.28
N PHE C 449 -23.67 44.94 -1.08
CA PHE C 449 -24.45 46.08 -0.62
C PHE C 449 -23.63 46.99 0.30
N THR C 450 -23.26 48.15 -0.22
CA THR C 450 -22.53 49.14 0.56
C THR C 450 -23.45 50.23 1.07
N ASP C 451 -23.50 50.39 2.39
CA ASP C 451 -24.40 51.37 3.00
C ASP C 451 -23.84 52.79 2.88
N ILE C 452 -24.67 53.69 2.36
CA ILE C 452 -24.26 55.08 2.18
C ILE C 452 -25.18 56.06 2.92
N GLY C 453 -26.01 55.53 3.81
CA GLY C 453 -26.86 56.36 4.64
C GLY C 453 -28.23 56.62 4.04
N ASP C 454 -29.15 57.08 4.88
CA ASP C 454 -30.51 57.41 4.44
C ASP C 454 -31.21 56.23 3.79
N GLY C 455 -30.75 55.02 4.09
CA GLY C 455 -31.37 53.81 3.59
C GLY C 455 -31.02 53.50 2.14
N TYR C 456 -29.96 54.12 1.64
CA TYR C 456 -29.51 53.85 0.27
C TYR C 456 -28.21 53.06 0.25
N TYR C 457 -28.04 52.27 -0.82
CA TYR C 457 -26.85 51.42 -0.95
C TYR C 457 -26.18 51.61 -2.31
N LYS C 458 -24.90 51.23 -2.37
CA LYS C 458 -24.20 51.15 -3.64
C LYS C 458 -23.96 49.68 -3.99
N ILE C 459 -24.89 49.11 -4.74
CA ILE C 459 -24.82 47.69 -5.09
C ILE C 459 -23.81 47.44 -6.20
N SER C 460 -22.70 46.79 -5.86
CA SER C 460 -21.65 46.50 -6.82
C SER C 460 -21.57 45.00 -7.11
N SER C 461 -21.12 44.66 -8.30
CA SER C 461 -20.96 43.26 -8.68
C SER C 461 -19.65 42.71 -8.12
N ARG C 462 -19.65 41.42 -7.80
CA ARG C 462 -18.47 40.78 -7.24
C ARG C 462 -17.39 40.57 -8.29
N HIS C 463 -17.80 40.64 -9.56
CA HIS C 463 -16.89 40.39 -10.67
C HIS C 463 -15.91 41.53 -10.89
N CYS C 464 -16.44 42.72 -11.19
CA CYS C 464 -15.60 43.87 -11.51
C CYS C 464 -15.66 44.97 -10.45
N GLY C 465 -16.77 45.02 -9.72
CA GLY C 465 -16.93 46.01 -8.66
C GLY C 465 -17.72 47.23 -9.12
N LYS C 466 -18.29 47.14 -10.32
CA LYS C 466 -19.10 48.23 -10.85
C LYS C 466 -20.50 48.22 -10.24
N LEU C 467 -21.06 49.41 -10.08
CA LEU C 467 -22.34 49.57 -9.39
C LEU C 467 -23.53 49.40 -10.34
N ILE C 468 -24.68 49.05 -9.78
CA ILE C 468 -25.92 49.05 -10.54
C ILE C 468 -26.27 50.48 -10.91
N ASP C 469 -26.44 50.73 -12.20
CA ASP C 469 -26.57 52.10 -12.69
C ASP C 469 -27.76 52.23 -13.64
N VAL C 470 -28.43 53.38 -13.58
CA VAL C 470 -29.50 53.69 -14.51
C VAL C 470 -28.91 54.46 -15.70
N ARG C 471 -29.04 53.88 -16.89
CA ARG C 471 -28.42 54.43 -18.08
C ARG C 471 -28.82 55.89 -18.34
N LYS C 472 -27.81 56.75 -18.43
CA LYS C 472 -28.01 58.17 -18.74
C LYS C 472 -28.92 58.88 -17.75
N TRP C 473 -28.94 58.42 -16.51
CA TRP C 473 -29.74 59.06 -15.46
C TRP C 473 -31.21 59.13 -15.85
N SER C 474 -31.67 58.18 -16.65
CA SER C 474 -33.04 58.19 -17.14
C SER C 474 -34.05 58.25 -15.98
N THR C 475 -35.16 58.92 -16.22
CA THR C 475 -36.20 59.07 -15.20
C THR C 475 -37.56 58.63 -15.74
N GLU C 476 -37.54 57.71 -16.70
CA GLU C 476 -38.77 57.24 -17.32
C GLU C 476 -38.89 55.73 -17.25
N ASP C 477 -40.09 55.23 -17.52
CA ASP C 477 -40.34 53.80 -17.54
C ASP C 477 -39.57 53.15 -18.69
N GLY C 478 -38.98 51.99 -18.42
CA GLY C 478 -38.22 51.27 -19.43
C GLY C 478 -36.75 51.65 -19.42
N GLY C 479 -36.36 52.50 -18.47
CA GLY C 479 -34.97 52.91 -18.35
C GLY C 479 -34.04 51.73 -18.15
N ILE C 480 -33.13 51.55 -19.10
CA ILE C 480 -32.21 50.41 -19.07
C ILE C 480 -31.31 50.42 -17.84
N ILE C 481 -31.22 49.28 -17.16
CA ILE C 481 -30.35 49.13 -16.02
C ILE C 481 -29.04 48.46 -16.43
N GLN C 482 -27.92 49.07 -16.06
CA GLN C 482 -26.61 48.57 -16.45
C GLN C 482 -25.64 48.67 -15.28
N GLN C 483 -24.36 48.40 -15.56
CA GLN C 483 -23.31 48.57 -14.56
C GLN C 483 -22.40 49.72 -14.95
N TRP C 484 -21.83 50.39 -13.96
CA TRP C 484 -20.96 51.53 -14.23
C TRP C 484 -20.03 51.79 -13.05
N SER C 485 -18.88 52.40 -13.32
CA SER C 485 -17.94 52.75 -12.27
C SER C 485 -18.57 53.70 -11.26
N ASP C 486 -18.09 53.64 -10.02
CA ASP C 486 -18.60 54.51 -8.97
C ASP C 486 -18.37 55.97 -9.33
N ALA C 487 -19.44 56.65 -9.72
CA ALA C 487 -19.35 58.05 -10.11
C ALA C 487 -20.00 58.96 -9.07
N GLY C 488 -20.44 58.37 -7.96
CA GLY C 488 -21.05 59.12 -6.89
C GLY C 488 -22.33 59.80 -7.31
N GLY C 489 -23.01 59.22 -8.30
CA GLY C 489 -24.25 59.78 -8.80
C GLY C 489 -25.47 59.16 -8.13
N THR C 490 -26.54 59.94 -8.03
CA THR C 490 -27.77 59.46 -7.41
C THR C 490 -28.46 58.41 -8.27
N ASN C 491 -28.05 58.31 -9.52
CA ASN C 491 -28.57 57.28 -10.41
C ASN C 491 -27.94 55.92 -10.12
N GLN C 492 -27.03 55.90 -9.14
CA GLN C 492 -26.33 54.68 -8.75
C GLN C 492 -26.71 54.24 -7.35
N HIS C 493 -27.51 55.05 -6.68
CA HIS C 493 -27.90 54.77 -5.30
C HIS C 493 -29.30 54.15 -5.24
N TRP C 494 -29.43 53.06 -4.50
CA TRP C 494 -30.68 52.33 -4.42
C TRP C 494 -31.16 52.16 -2.98
N LYS C 495 -32.47 52.23 -2.78
CA LYS C 495 -33.05 52.02 -1.47
C LYS C 495 -33.76 50.68 -1.39
N LEU C 496 -33.39 49.88 -0.38
CA LEU C 496 -33.99 48.57 -0.18
C LEU C 496 -35.26 48.72 0.64
N VAL C 497 -36.39 48.33 0.06
CA VAL C 497 -37.69 48.54 0.70
C VAL C 497 -38.54 47.27 0.75
N LEU C 498 -39.20 47.05 1.89
CA LEU C 498 -40.07 45.91 2.05
C LEU C 498 -41.38 46.09 1.29
N VAL C 499 -41.94 45.00 0.80
CA VAL C 499 -43.19 45.05 0.05
C VAL C 499 -44.40 44.98 0.99
N GLU D 39 -12.51 -57.53 -8.61
CA GLU D 39 -13.49 -56.93 -9.52
C GLU D 39 -12.77 -56.17 -10.63
N GLY D 40 -12.24 -56.91 -11.60
CA GLY D 40 -11.50 -56.31 -12.69
C GLY D 40 -12.30 -55.27 -13.45
N VAL D 41 -13.62 -55.42 -13.45
CA VAL D 41 -14.49 -54.50 -14.17
C VAL D 41 -15.96 -54.72 -13.81
N ILE D 42 -16.84 -54.03 -14.52
CA ILE D 42 -18.28 -54.15 -14.34
C ILE D 42 -18.93 -54.87 -15.51
N VAL D 43 -20.26 -54.93 -15.50
CA VAL D 43 -21.01 -55.59 -16.56
C VAL D 43 -21.87 -54.59 -17.33
N ASN D 44 -21.78 -54.63 -18.65
CA ASN D 44 -22.58 -53.75 -19.49
C ASN D 44 -24.08 -54.03 -19.37
N GLY D 45 -24.89 -53.08 -19.82
CA GLY D 45 -26.33 -53.23 -19.76
C GLY D 45 -26.83 -53.31 -18.33
N THR D 46 -26.13 -52.64 -17.42
CA THR D 46 -26.49 -52.65 -16.01
C THR D 46 -26.28 -51.28 -15.40
N GLN D 47 -26.89 -51.06 -14.22
CA GLN D 47 -26.72 -49.81 -13.50
C GLN D 47 -25.63 -49.95 -12.43
N PHE D 48 -24.51 -49.27 -12.67
CA PHE D 48 -23.38 -49.32 -11.74
C PHE D 48 -23.80 -48.83 -10.35
N LYS D 49 -23.10 -49.31 -9.32
CA LYS D 49 -23.38 -48.90 -7.95
C LYS D 49 -22.17 -48.22 -7.32
N ASP D 50 -22.42 -47.20 -6.52
CA ASP D 50 -21.34 -46.52 -5.81
C ASP D 50 -20.90 -47.34 -4.61
N THR D 51 -19.95 -46.82 -3.85
CA THR D 51 -19.39 -47.56 -2.71
C THR D 51 -20.41 -47.81 -1.61
N SER D 52 -21.57 -47.17 -1.70
CA SER D 52 -22.61 -47.33 -0.69
C SER D 52 -23.68 -48.33 -1.14
N GLY D 53 -23.44 -48.97 -2.29
CA GLY D 53 -24.37 -49.94 -2.83
C GLY D 53 -25.62 -49.31 -3.42
N ASN D 54 -25.52 -48.04 -3.79
CA ASN D 54 -26.65 -47.33 -4.38
C ASN D 54 -26.47 -47.14 -5.88
N VAL D 55 -27.58 -47.07 -6.60
CA VAL D 55 -27.54 -46.91 -8.05
C VAL D 55 -26.96 -45.55 -8.45
N ILE D 56 -25.85 -45.58 -9.17
CA ILE D 56 -25.22 -44.35 -9.65
C ILE D 56 -26.04 -43.72 -10.77
N HIS D 57 -26.32 -42.43 -10.63
CA HIS D 57 -27.12 -41.71 -11.61
C HIS D 57 -26.34 -40.59 -12.30
N ALA D 58 -25.57 -40.95 -13.32
CA ALA D 58 -24.81 -40.00 -14.11
C ALA D 58 -25.10 -40.20 -15.60
N HIS D 59 -26.33 -39.92 -15.99
CA HIS D 59 -26.77 -40.18 -17.36
C HIS D 59 -26.31 -39.08 -18.32
N GLY D 60 -26.06 -39.48 -19.57
CA GLY D 60 -25.63 -38.55 -20.59
C GLY D 60 -24.47 -37.66 -20.17
N GLY D 61 -23.68 -38.12 -19.22
CA GLY D 61 -22.59 -37.33 -18.67
C GLY D 61 -21.25 -37.61 -19.33
N GLY D 62 -20.21 -36.94 -18.84
CA GLY D 62 -18.87 -37.13 -19.35
C GLY D 62 -17.88 -37.40 -18.23
N MET D 63 -16.60 -37.52 -18.59
CA MET D 63 -15.57 -37.80 -17.60
C MET D 63 -14.33 -36.92 -17.78
N LEU D 64 -13.70 -36.55 -16.68
CA LEU D 64 -12.53 -35.68 -16.70
C LEU D 64 -11.42 -36.24 -15.82
N LYS D 65 -10.22 -36.33 -16.37
CA LYS D 65 -9.06 -36.81 -15.63
C LYS D 65 -8.26 -35.64 -15.09
N HIS D 66 -8.21 -35.50 -13.78
CA HIS D 66 -7.49 -34.40 -13.15
C HIS D 66 -6.83 -34.83 -11.84
N GLY D 67 -5.52 -35.02 -11.87
CA GLY D 67 -4.76 -35.41 -10.69
C GLY D 67 -4.69 -36.92 -10.52
N ASP D 68 -5.20 -37.40 -9.39
CA ASP D 68 -5.19 -38.82 -9.09
C ASP D 68 -6.55 -39.45 -9.36
N TYR D 69 -7.59 -38.62 -9.41
CA TYR D 69 -8.95 -39.12 -9.55
C TYR D 69 -9.54 -38.89 -10.93
N TYR D 70 -10.37 -39.85 -11.38
CA TYR D 70 -11.18 -39.67 -12.57
C TYR D 70 -12.55 -39.17 -12.13
N TYR D 71 -13.02 -38.09 -12.74
CA TYR D 71 -14.28 -37.49 -12.37
C TYR D 71 -15.38 -37.72 -13.40
N TRP D 72 -16.49 -38.29 -12.95
CA TRP D 72 -17.62 -38.59 -13.83
C TRP D 72 -18.85 -37.78 -13.46
N TYR D 73 -19.21 -36.84 -14.32
CA TYR D 73 -20.39 -36.00 -14.11
C TYR D 73 -21.55 -36.50 -14.97
N GLY D 74 -22.77 -36.34 -14.47
CA GLY D 74 -23.93 -36.81 -15.19
C GLY D 74 -25.25 -36.25 -14.67
N GLU D 75 -26.23 -36.18 -15.55
CA GLU D 75 -27.55 -35.67 -15.21
C GLU D 75 -28.41 -36.76 -14.59
N TYR D 76 -29.49 -36.36 -13.93
CA TYR D 76 -30.47 -37.31 -13.41
C TYR D 76 -31.74 -36.60 -12.93
N ARG D 77 -32.88 -37.05 -13.45
CA ARG D 77 -34.18 -36.47 -13.10
C ARG D 77 -34.66 -36.94 -11.74
N ASP D 78 -35.91 -36.61 -11.42
CA ASP D 78 -36.52 -37.02 -10.17
C ASP D 78 -37.79 -37.85 -10.41
N ASP D 79 -38.92 -37.18 -10.64
CA ASP D 79 -40.18 -37.85 -10.86
C ASP D 79 -40.85 -37.33 -12.14
N SER D 80 -40.90 -36.01 -12.26
CA SER D 80 -41.53 -35.36 -13.40
C SER D 80 -40.60 -35.28 -14.60
N ASN D 81 -39.57 -36.11 -14.61
CA ASN D 81 -38.59 -36.14 -15.69
C ASN D 81 -37.95 -34.79 -15.95
N LEU D 82 -37.86 -33.97 -14.90
CA LEU D 82 -37.23 -32.66 -14.99
C LEU D 82 -35.87 -32.69 -14.32
N PHE D 83 -34.99 -31.77 -14.71
CA PHE D 83 -33.65 -31.68 -14.13
C PHE D 83 -33.69 -31.51 -12.62
N LEU D 84 -33.07 -32.44 -11.92
CA LEU D 84 -33.01 -32.39 -10.46
C LEU D 84 -31.61 -32.01 -9.98
N GLY D 85 -30.61 -32.34 -10.79
CA GLY D 85 -29.24 -32.02 -10.46
C GLY D 85 -28.22 -32.84 -11.22
N VAL D 86 -27.01 -32.31 -11.33
CA VAL D 86 -25.90 -33.03 -11.95
C VAL D 86 -25.00 -33.63 -10.88
N SER D 87 -24.83 -34.95 -10.93
CA SER D 87 -24.06 -35.66 -9.91
C SER D 87 -22.58 -35.76 -10.28
N CYS D 88 -21.76 -36.07 -9.28
CA CYS D 88 -20.33 -36.23 -9.50
C CYS D 88 -19.80 -37.48 -8.81
N TYR D 89 -19.01 -38.26 -9.54
CA TYR D 89 -18.42 -39.48 -9.00
C TYR D 89 -16.93 -39.54 -9.32
N ARG D 90 -16.12 -39.80 -8.31
CA ARG D 90 -14.67 -39.89 -8.49
C ARG D 90 -14.16 -41.30 -8.22
N SER D 91 -13.10 -41.69 -8.90
CA SER D 91 -12.50 -43.01 -8.72
C SER D 91 -11.14 -43.11 -9.39
N LYS D 92 -10.24 -43.89 -8.79
CA LYS D 92 -8.91 -44.09 -9.35
C LYS D 92 -8.88 -45.33 -10.23
N ASP D 93 -9.75 -46.29 -9.92
CA ASP D 93 -9.75 -47.58 -10.60
C ASP D 93 -10.74 -47.66 -11.75
N LEU D 94 -11.60 -46.65 -11.87
CA LEU D 94 -12.56 -46.57 -12.96
C LEU D 94 -13.68 -47.60 -12.87
N VAL D 95 -13.83 -48.23 -11.71
CA VAL D 95 -14.89 -49.22 -11.50
C VAL D 95 -15.73 -48.91 -10.26
N ASN D 96 -15.07 -48.78 -9.11
CA ASN D 96 -15.77 -48.42 -7.89
C ASN D 96 -15.76 -46.91 -7.67
N TRP D 97 -16.90 -46.28 -7.95
CA TRP D 97 -17.00 -44.83 -7.90
C TRP D 97 -17.54 -44.31 -6.58
N GLU D 98 -16.88 -43.29 -6.05
CA GLU D 98 -17.33 -42.64 -4.82
C GLU D 98 -18.20 -41.43 -5.16
N TYR D 99 -19.36 -41.36 -4.52
CA TYR D 99 -20.33 -40.30 -4.79
C TYR D 99 -20.01 -39.02 -4.02
N ARG D 100 -19.60 -37.99 -4.75
CA ARG D 100 -19.24 -36.71 -4.14
C ARG D 100 -20.39 -35.72 -4.24
N GLY D 101 -21.42 -35.91 -3.43
CA GLY D 101 -22.56 -35.02 -3.39
C GLY D 101 -23.07 -34.64 -4.77
N GLU D 102 -23.37 -33.36 -4.95
CA GLU D 102 -23.88 -32.85 -6.22
C GLU D 102 -23.14 -31.58 -6.63
N VAL D 103 -22.76 -31.49 -7.90
CA VAL D 103 -22.08 -30.31 -8.41
C VAL D 103 -23.06 -29.21 -8.79
N LEU D 104 -24.17 -29.60 -9.41
CA LEU D 104 -25.23 -28.65 -9.76
C LEU D 104 -26.59 -29.18 -9.32
N SER D 105 -27.45 -28.28 -8.85
CA SER D 105 -28.79 -28.64 -8.41
C SER D 105 -29.83 -27.71 -9.02
N ARG D 106 -31.09 -28.06 -8.85
CA ARG D 106 -32.18 -27.24 -9.35
C ARG D 106 -32.31 -25.93 -8.57
N ASN D 107 -31.50 -25.80 -7.52
CA ASN D 107 -31.49 -24.60 -6.70
C ASN D 107 -30.27 -23.74 -6.93
N SER D 108 -29.46 -24.13 -7.92
CA SER D 108 -28.24 -23.39 -8.25
C SER D 108 -28.57 -22.10 -8.99
N ALA D 109 -29.81 -22.00 -9.47
CA ALA D 109 -30.25 -20.84 -10.24
C ALA D 109 -31.75 -20.88 -10.46
N PRO D 110 -32.38 -19.70 -10.56
CA PRO D 110 -33.83 -19.57 -10.79
C PRO D 110 -34.28 -20.35 -12.02
N GLU D 111 -33.50 -20.28 -13.09
CA GLU D 111 -33.83 -20.97 -14.34
C GLU D 111 -33.79 -22.48 -14.19
N LEU D 112 -33.19 -22.95 -13.09
CA LEU D 112 -32.97 -24.38 -12.91
C LEU D 112 -34.01 -25.03 -12.01
N ASN D 113 -34.88 -24.21 -11.42
CA ASN D 113 -35.96 -24.71 -10.56
C ASN D 113 -36.88 -25.67 -11.30
N HIS D 114 -37.17 -25.35 -12.56
CA HIS D 114 -38.08 -26.15 -13.38
C HIS D 114 -37.62 -26.14 -14.83
N CYS D 115 -36.66 -27.00 -15.15
CA CYS D 115 -36.11 -27.02 -16.50
C CYS D 115 -35.55 -28.39 -16.87
N ASN D 116 -34.98 -28.48 -18.07
CA ASN D 116 -34.34 -29.71 -18.53
C ASN D 116 -32.88 -29.48 -18.90
N ILE D 117 -31.98 -30.08 -18.12
CA ILE D 117 -30.56 -30.03 -18.43
C ILE D 117 -30.14 -31.36 -19.04
N GLU D 118 -29.42 -31.31 -20.15
CA GLU D 118 -29.01 -32.52 -20.85
C GLU D 118 -27.52 -32.55 -21.18
N ARG D 119 -26.94 -33.75 -21.13
CA ARG D 119 -25.55 -33.97 -21.52
C ARG D 119 -24.60 -32.94 -20.93
N PRO D 120 -24.43 -32.97 -19.60
CA PRO D 120 -23.49 -32.07 -18.90
C PRO D 120 -22.05 -32.55 -19.02
N LYS D 121 -21.18 -31.70 -19.53
CA LYS D 121 -19.76 -32.05 -19.65
C LYS D 121 -18.92 -31.08 -18.83
N VAL D 122 -17.75 -31.53 -18.40
CA VAL D 122 -16.84 -30.70 -17.62
C VAL D 122 -15.41 -30.77 -18.15
N MET D 123 -14.76 -29.61 -18.22
CA MET D 123 -13.39 -29.53 -18.71
C MET D 123 -12.55 -28.68 -17.77
N TYR D 124 -11.23 -28.74 -17.93
CA TYR D 124 -10.32 -27.98 -17.07
C TYR D 124 -9.52 -26.97 -17.86
N ASN D 125 -9.51 -25.73 -17.39
CA ASN D 125 -8.75 -24.67 -18.04
C ASN D 125 -7.36 -24.53 -17.43
N ALA D 126 -6.34 -24.85 -18.21
CA ALA D 126 -4.97 -24.89 -17.71
C ALA D 126 -4.51 -23.54 -17.13
N SER D 127 -4.73 -22.47 -17.87
CA SER D 127 -4.28 -21.15 -17.47
C SER D 127 -4.99 -20.65 -16.21
N THR D 128 -6.31 -20.61 -16.24
CA THR D 128 -7.09 -20.08 -15.12
C THR D 128 -7.06 -21.02 -13.91
N GLY D 129 -7.15 -22.32 -14.17
CA GLY D 129 -7.12 -23.30 -13.12
C GLY D 129 -8.51 -23.58 -12.55
N GLU D 130 -9.53 -23.26 -13.32
CA GLU D 130 -10.90 -23.49 -12.90
C GLU D 130 -11.63 -24.44 -13.85
N PHE D 131 -12.66 -25.11 -13.34
CA PHE D 131 -13.41 -26.07 -14.14
C PHE D 131 -14.64 -25.45 -14.77
N VAL D 132 -14.73 -25.51 -16.10
CA VAL D 132 -15.88 -24.99 -16.82
C VAL D 132 -16.80 -26.11 -17.27
N MET D 133 -18.08 -25.96 -16.98
CA MET D 133 -19.07 -26.99 -17.27
C MET D 133 -20.11 -26.52 -18.29
N TRP D 134 -20.20 -27.23 -19.40
CA TRP D 134 -21.17 -26.91 -20.45
C TRP D 134 -22.31 -27.92 -20.46
N MET D 135 -23.45 -27.51 -21.00
CA MET D 135 -24.64 -28.35 -20.99
C MET D 135 -25.73 -27.84 -21.93
N HIS D 136 -26.83 -28.59 -21.99
CA HIS D 136 -27.96 -28.25 -22.84
C HIS D 136 -29.18 -27.91 -21.99
N TRP D 137 -29.71 -26.70 -22.18
CA TRP D 137 -30.80 -26.21 -21.34
C TRP D 137 -32.12 -26.09 -22.10
N GLU D 138 -33.20 -26.50 -21.44
CA GLU D 138 -34.55 -26.37 -21.98
C GLU D 138 -35.51 -25.88 -20.90
N ASN D 139 -36.51 -25.11 -21.29
CA ASN D 139 -37.42 -24.49 -20.34
C ASN D 139 -38.25 -25.48 -19.51
N GLY D 140 -38.30 -26.73 -19.96
CA GLY D 140 -39.01 -27.76 -19.23
C GLY D 140 -40.44 -27.97 -19.68
N ILE D 141 -40.92 -27.09 -20.54
CA ILE D 141 -42.28 -27.19 -21.07
C ILE D 141 -42.24 -27.55 -22.56
N ASN D 142 -41.14 -27.17 -23.22
CA ASN D 142 -40.93 -27.51 -24.62
C ASN D 142 -39.45 -27.59 -24.98
N TYR D 143 -39.16 -27.68 -26.26
CA TYR D 143 -37.79 -27.73 -26.75
C TYR D 143 -37.54 -26.63 -27.78
N GLY D 144 -38.13 -25.47 -27.56
CA GLY D 144 -38.01 -24.36 -28.50
C GLY D 144 -36.79 -23.49 -28.25
N GLN D 145 -36.41 -23.36 -26.98
CA GLN D 145 -35.28 -22.51 -26.62
C GLN D 145 -33.96 -23.06 -27.15
N ALA D 146 -33.71 -24.34 -26.92
CA ALA D 146 -32.51 -25.00 -27.40
C ALA D 146 -31.27 -24.12 -27.21
N ARG D 147 -30.86 -23.94 -25.96
CA ARG D 147 -29.73 -23.08 -25.64
C ARG D 147 -28.66 -23.82 -24.85
N ALA D 148 -27.48 -23.23 -24.77
CA ALA D 148 -26.36 -23.82 -24.03
C ALA D 148 -26.17 -23.09 -22.71
N ALA D 149 -25.83 -23.85 -21.66
CA ALA D 149 -25.62 -23.26 -20.34
C ALA D 149 -24.20 -23.49 -19.86
N VAL D 150 -23.70 -22.58 -19.03
CA VAL D 150 -22.34 -22.66 -18.52
C VAL D 150 -22.30 -22.55 -17.00
N ALA D 151 -21.32 -23.22 -16.40
CA ALA D 151 -21.07 -23.13 -14.97
C ALA D 151 -19.59 -23.30 -14.70
N TYR D 152 -19.14 -22.88 -13.52
CA TYR D 152 -17.73 -22.99 -13.18
C TYR D 152 -17.51 -23.21 -11.69
N SER D 153 -16.33 -23.73 -11.35
CA SER D 153 -15.98 -24.00 -9.95
C SER D 153 -14.48 -24.17 -9.79
N LYS D 154 -13.94 -23.71 -8.66
CA LYS D 154 -12.53 -23.87 -8.37
C LYS D 154 -12.20 -25.33 -8.06
N THR D 155 -13.18 -26.04 -7.51
CA THR D 155 -13.02 -27.44 -7.13
C THR D 155 -13.79 -28.35 -8.09
N PRO D 156 -13.19 -29.49 -8.47
CA PRO D 156 -13.85 -30.43 -9.38
C PRO D 156 -15.14 -31.00 -8.81
N ASP D 157 -15.14 -31.36 -7.53
CA ASP D 157 -16.31 -31.96 -6.91
C ASP D 157 -17.10 -30.97 -6.05
N GLY D 158 -16.73 -29.70 -6.14
CA GLY D 158 -17.42 -28.67 -5.39
C GLY D 158 -18.65 -28.16 -6.13
N LYS D 159 -19.53 -27.47 -5.40
CA LYS D 159 -20.74 -26.92 -5.99
C LYS D 159 -20.43 -25.81 -6.99
N PHE D 160 -20.72 -26.06 -8.26
CA PHE D 160 -20.49 -25.07 -9.31
C PHE D 160 -21.44 -23.88 -9.16
N THR D 161 -20.97 -22.71 -9.60
CA THR D 161 -21.80 -21.52 -9.60
C THR D 161 -22.34 -21.26 -11.00
N TYR D 162 -23.67 -21.26 -11.12
CA TYR D 162 -24.32 -21.11 -12.42
C TYR D 162 -24.06 -19.73 -13.03
N ILE D 163 -23.73 -19.70 -14.31
CA ILE D 163 -23.48 -18.45 -15.01
C ILE D 163 -24.73 -17.98 -15.76
N ARG D 164 -25.07 -18.68 -16.84
CA ARG D 164 -26.20 -18.31 -17.66
C ARG D 164 -26.55 -19.39 -18.67
N SER D 165 -27.58 -19.12 -19.48
CA SER D 165 -27.96 -19.99 -20.57
C SER D 165 -28.27 -19.11 -21.79
N PHE D 166 -27.84 -19.54 -22.96
CA PHE D 166 -27.96 -18.69 -24.15
C PHE D 166 -27.85 -19.47 -25.46
N ARG D 167 -28.32 -18.85 -26.53
CA ARG D 167 -28.16 -19.41 -27.87
C ARG D 167 -26.98 -18.75 -28.56
N PRO D 168 -25.94 -19.55 -28.89
CA PRO D 168 -24.70 -19.06 -29.49
C PRO D 168 -24.92 -18.05 -30.61
N MET D 169 -24.06 -17.04 -30.68
CA MET D 169 -24.12 -16.04 -31.75
C MET D 169 -25.44 -15.28 -31.79
N GLN D 170 -26.07 -15.12 -30.63
CA GLN D 170 -27.38 -14.47 -30.56
C GLN D 170 -27.28 -12.99 -30.92
N ASP D 171 -26.11 -12.39 -30.67
CA ASP D 171 -25.93 -10.97 -30.90
C ASP D 171 -25.37 -10.69 -32.30
N THR D 172 -25.22 -11.76 -33.09
CA THR D 172 -24.71 -11.61 -34.46
C THR D 172 -25.83 -11.18 -35.40
N GLY D 173 -27.06 -11.21 -34.89
CA GLY D 173 -28.22 -10.88 -35.69
C GLY D 173 -28.74 -12.07 -36.45
N VAL D 174 -28.04 -13.20 -36.33
CA VAL D 174 -28.43 -14.43 -37.01
C VAL D 174 -29.68 -15.02 -36.36
N MET D 175 -30.57 -15.57 -37.18
CA MET D 175 -31.79 -16.18 -36.67
C MET D 175 -31.89 -17.64 -37.09
N ASP D 176 -32.13 -18.52 -36.12
CA ASP D 176 -32.20 -19.95 -36.37
C ASP D 176 -33.58 -20.48 -36.05
N HIS D 177 -34.49 -20.40 -37.02
CA HIS D 177 -35.84 -20.95 -36.87
C HIS D 177 -36.65 -20.28 -35.77
N GLY D 178 -36.88 -18.98 -35.90
CA GLY D 178 -37.73 -18.25 -34.97
C GLY D 178 -37.01 -17.37 -33.97
N LEU D 179 -36.03 -17.94 -33.28
CA LEU D 179 -35.33 -17.21 -32.23
C LEU D 179 -33.92 -16.79 -32.67
N PRO D 180 -33.45 -15.66 -32.13
CA PRO D 180 -32.10 -15.13 -32.44
C PRO D 180 -31.01 -16.05 -31.93
N GLY D 181 -29.95 -16.22 -32.72
CA GLY D 181 -28.84 -17.08 -32.35
C GLY D 181 -29.05 -18.51 -32.79
N TYR D 182 -27.94 -19.21 -33.06
CA TYR D 182 -28.00 -20.61 -33.49
C TYR D 182 -28.60 -21.49 -32.40
N MET D 183 -29.31 -22.53 -32.82
CA MET D 183 -29.85 -23.51 -31.88
C MET D 183 -28.73 -24.37 -31.34
N SER D 184 -28.90 -24.86 -30.12
CA SER D 184 -27.88 -25.69 -29.49
C SER D 184 -28.53 -26.80 -28.65
N ARG D 185 -28.60 -27.99 -29.22
CA ARG D 185 -29.18 -29.13 -28.52
C ARG D 185 -28.10 -30.03 -27.94
N ASP D 186 -28.00 -31.26 -28.46
CA ASP D 186 -26.95 -32.18 -28.02
C ASP D 186 -25.58 -31.52 -28.13
N CYS D 187 -24.83 -31.54 -27.03
CA CYS D 187 -23.57 -30.81 -26.96
C CYS D 187 -22.43 -31.64 -26.38
N ASN D 188 -21.21 -31.14 -26.52
CA ASN D 188 -20.03 -31.78 -25.96
C ASN D 188 -18.83 -30.84 -26.02
N VAL D 189 -17.88 -31.02 -25.10
CA VAL D 189 -16.72 -30.15 -25.02
C VAL D 189 -15.44 -30.84 -25.45
N PHE D 190 -14.45 -30.05 -25.85
CA PHE D 190 -13.16 -30.60 -26.26
C PHE D 190 -12.03 -29.59 -26.03
N VAL D 191 -10.93 -30.08 -25.44
CA VAL D 191 -9.76 -29.25 -25.22
C VAL D 191 -8.61 -29.67 -26.12
N ASP D 192 -8.21 -28.78 -27.03
CA ASP D 192 -7.15 -29.05 -27.97
C ASP D 192 -5.80 -29.13 -27.24
N THR D 193 -4.78 -29.59 -27.95
CA THR D 193 -3.44 -29.71 -27.37
C THR D 193 -2.82 -28.34 -27.11
N ASP D 194 -3.14 -27.38 -27.96
CA ASP D 194 -2.60 -26.02 -27.84
C ASP D 194 -3.25 -25.25 -26.70
N GLY D 195 -4.29 -25.82 -26.12
CA GLY D 195 -4.98 -25.19 -25.00
C GLY D 195 -6.26 -24.48 -25.40
N LYS D 196 -6.60 -24.56 -26.68
CA LYS D 196 -7.82 -23.93 -27.19
C LYS D 196 -9.06 -24.71 -26.72
N GLY D 197 -10.06 -23.98 -26.26
CA GLY D 197 -11.30 -24.59 -25.82
C GLY D 197 -12.32 -24.64 -26.94
N TYR D 198 -13.12 -25.71 -26.96
CA TYR D 198 -14.12 -25.87 -28.01
C TYR D 198 -15.45 -26.41 -27.47
N PHE D 199 -16.55 -25.96 -28.07
CA PHE D 199 -17.88 -26.42 -27.70
C PHE D 199 -18.65 -26.77 -28.95
N ILE D 200 -19.02 -28.05 -29.08
CA ILE D 200 -19.75 -28.52 -30.25
C ILE D 200 -21.19 -28.90 -29.90
N SER D 201 -22.12 -28.51 -30.76
CA SER D 201 -23.53 -28.81 -30.53
C SER D 201 -24.32 -28.88 -31.84
N ALA D 202 -25.46 -29.56 -31.80
CA ALA D 202 -26.31 -29.70 -32.97
C ALA D 202 -27.19 -28.47 -33.16
N ALA D 203 -27.12 -27.87 -34.35
CA ALA D 203 -27.87 -26.67 -34.66
C ALA D 203 -28.75 -26.87 -35.89
N ASN D 204 -29.45 -25.80 -36.29
CA ASN D 204 -30.31 -25.83 -37.46
C ASN D 204 -31.23 -27.05 -37.45
N GLU D 205 -31.99 -27.21 -36.37
CA GLU D 205 -32.86 -28.36 -36.20
C GLU D 205 -32.11 -29.69 -36.28
N ASN D 206 -30.99 -29.77 -35.58
CA ASN D 206 -30.20 -31.00 -35.53
C ASN D 206 -29.65 -31.44 -36.88
N MET D 207 -29.85 -30.61 -37.91
CA MET D 207 -29.40 -30.95 -39.24
C MET D 207 -27.90 -30.76 -39.40
N ASP D 208 -27.38 -29.70 -38.78
CA ASP D 208 -25.96 -29.39 -38.87
C ASP D 208 -25.27 -29.50 -37.51
N LEU D 209 -23.94 -29.62 -37.55
CA LEU D 209 -23.14 -29.61 -36.33
C LEU D 209 -22.30 -28.34 -36.28
N HIS D 210 -22.37 -27.64 -35.16
CA HIS D 210 -21.61 -26.40 -35.00
C HIS D 210 -20.49 -26.55 -33.98
N LEU D 211 -19.27 -26.25 -34.43
CA LEU D 211 -18.11 -26.27 -33.56
C LEU D 211 -17.70 -24.85 -33.21
N TYR D 212 -17.87 -24.47 -31.95
CA TYR D 212 -17.53 -23.13 -31.51
C TYR D 212 -16.20 -23.12 -30.77
N GLU D 213 -15.33 -22.18 -31.13
CA GLU D 213 -14.11 -21.96 -30.37
C GLU D 213 -14.39 -21.04 -29.20
N LEU D 214 -14.17 -21.54 -27.99
CA LEU D 214 -14.48 -20.79 -26.78
C LEU D 214 -13.43 -19.75 -26.47
N THR D 215 -13.81 -18.77 -25.65
CA THR D 215 -12.87 -17.75 -25.18
C THR D 215 -11.80 -18.39 -24.29
N PRO D 216 -10.66 -17.70 -24.13
CA PRO D 216 -9.53 -18.22 -23.34
C PRO D 216 -9.93 -18.76 -21.96
N ASP D 217 -11.00 -18.24 -21.39
CA ASP D 217 -11.44 -18.68 -20.06
C ASP D 217 -12.47 -19.81 -20.14
N TYR D 218 -12.80 -20.22 -21.35
CA TYR D 218 -13.72 -21.34 -21.59
C TYR D 218 -15.17 -21.03 -21.22
N LYS D 219 -15.41 -19.85 -20.67
CA LYS D 219 -16.74 -19.52 -20.15
C LYS D 219 -17.68 -18.89 -21.17
N ASN D 220 -17.27 -18.90 -22.44
CA ASN D 220 -18.08 -18.27 -23.48
C ASN D 220 -17.60 -18.63 -24.89
N ILE D 221 -18.51 -18.52 -25.87
CA ILE D 221 -18.17 -18.77 -27.26
C ILE D 221 -17.50 -17.55 -27.88
N ALA D 222 -16.32 -17.75 -28.45
CA ALA D 222 -15.59 -16.66 -29.09
C ALA D 222 -15.97 -16.50 -30.55
N SER D 223 -16.05 -17.61 -31.27
CA SER D 223 -16.40 -17.58 -32.69
C SER D 223 -16.83 -18.96 -33.20
N LEU D 224 -17.35 -18.98 -34.42
CA LEU D 224 -17.77 -20.23 -35.05
C LEU D 224 -16.61 -20.83 -35.83
N LYS D 225 -16.05 -21.92 -35.31
CA LYS D 225 -14.90 -22.58 -35.94
C LYS D 225 -15.27 -23.12 -37.32
N ALA D 226 -16.27 -23.98 -37.38
CA ALA D 226 -16.70 -24.56 -38.65
C ALA D 226 -18.04 -25.29 -38.54
N LYS D 227 -18.76 -25.35 -39.65
CA LYS D 227 -20.00 -26.12 -39.73
C LYS D 227 -19.69 -27.51 -40.26
N LEU D 228 -20.01 -28.53 -39.48
CA LEU D 228 -19.66 -29.89 -39.84
C LEU D 228 -20.87 -30.77 -40.16
N PHE D 229 -20.80 -31.50 -41.27
CA PHE D 229 -21.84 -32.44 -41.64
C PHE D 229 -23.21 -31.78 -41.79
N VAL D 230 -23.30 -30.79 -42.66
CA VAL D 230 -24.55 -30.09 -42.90
C VAL D 230 -25.55 -31.02 -43.59
N GLY D 231 -26.77 -31.07 -43.05
CA GLY D 231 -27.82 -31.89 -43.63
C GLY D 231 -27.73 -33.35 -43.23
N GLN D 232 -26.57 -33.74 -42.69
CA GLN D 232 -26.35 -35.13 -42.29
C GLN D 232 -27.21 -35.50 -41.08
N GLN D 233 -27.65 -34.48 -40.35
CA GLN D 233 -28.50 -34.68 -39.18
C GLN D 233 -27.87 -35.62 -38.16
N ARG D 234 -26.66 -35.29 -37.72
CA ARG D 234 -25.98 -36.07 -36.71
C ARG D 234 -26.10 -35.40 -35.35
N GLU D 235 -25.90 -36.16 -34.28
CA GLU D 235 -26.00 -35.62 -32.93
C GLU D 235 -25.30 -36.50 -31.89
N ALA D 236 -25.45 -36.13 -30.62
CA ALA D 236 -24.69 -36.76 -29.54
C ALA D 236 -23.23 -36.94 -29.93
N PRO D 237 -22.56 -35.82 -30.27
CA PRO D 237 -21.19 -35.88 -30.80
C PRO D 237 -20.14 -36.07 -29.71
N CYS D 238 -19.02 -36.69 -30.08
CA CYS D 238 -17.90 -36.86 -29.18
C CYS D 238 -16.59 -36.55 -29.90
N LEU D 239 -15.88 -35.53 -29.42
CA LEU D 239 -14.66 -35.08 -30.08
C LEU D 239 -13.41 -35.43 -29.30
N ILE D 240 -12.46 -36.09 -29.98
CA ILE D 240 -11.23 -36.52 -29.34
C ILE D 240 -10.05 -36.43 -30.31
N LYS D 241 -8.84 -36.36 -29.77
CA LYS D 241 -7.62 -36.28 -30.57
C LYS D 241 -6.67 -37.42 -30.22
N ARG D 242 -6.04 -38.01 -31.23
CA ARG D 242 -5.09 -39.10 -31.00
C ARG D 242 -3.67 -38.67 -31.35
N ASN D 243 -3.26 -38.92 -32.60
CA ASN D 243 -1.92 -38.56 -33.05
C ASN D 243 -1.97 -37.50 -34.14
N GLY D 244 -2.45 -36.31 -33.78
CA GLY D 244 -2.58 -35.22 -34.73
C GLY D 244 -3.82 -35.39 -35.59
N TYR D 245 -4.72 -36.26 -35.15
CA TYR D 245 -5.95 -36.51 -35.87
C TYR D 245 -7.17 -36.28 -34.99
N TYR D 246 -8.17 -35.58 -35.52
CA TYR D 246 -9.41 -35.33 -34.80
C TYR D 246 -10.49 -36.32 -35.21
N TYR D 247 -11.10 -36.96 -34.22
CA TYR D 247 -12.13 -37.95 -34.47
C TYR D 247 -13.47 -37.51 -33.88
N LEU D 248 -14.55 -37.75 -34.62
CA LEU D 248 -15.87 -37.33 -34.19
C LEU D 248 -16.89 -38.47 -34.30
N ILE D 249 -17.40 -38.91 -33.16
CA ILE D 249 -18.40 -39.96 -33.12
C ILE D 249 -19.79 -39.37 -32.93
N THR D 250 -20.70 -39.68 -33.86
CA THR D 250 -22.05 -39.12 -33.81
C THR D 250 -23.10 -40.21 -33.93
N SER D 251 -24.26 -39.96 -33.32
CA SER D 251 -25.38 -40.89 -33.39
C SER D 251 -26.52 -40.27 -34.19
N GLY D 252 -27.26 -41.11 -34.90
CA GLY D 252 -28.38 -40.66 -35.70
C GLY D 252 -29.48 -40.05 -34.84
N CYS D 253 -30.41 -39.36 -35.48
CA CYS D 253 -31.49 -38.68 -34.78
C CYS D 253 -32.76 -39.51 -34.79
N THR D 254 -32.92 -40.35 -33.76
CA THR D 254 -34.10 -41.21 -33.66
C THR D 254 -34.58 -41.37 -32.22
N GLY D 255 -34.62 -40.26 -31.48
CA GLY D 255 -35.11 -40.27 -30.12
C GLY D 255 -34.37 -41.24 -29.23
N TRP D 256 -35.10 -41.90 -28.34
CA TRP D 256 -34.50 -42.89 -27.45
C TRP D 256 -33.97 -44.08 -28.25
N ASN D 257 -34.63 -44.38 -29.37
CA ASN D 257 -34.28 -45.53 -30.19
C ASN D 257 -32.81 -45.55 -30.58
N PRO D 258 -32.07 -46.57 -30.12
CA PRO D 258 -30.67 -46.77 -30.51
C PRO D 258 -30.56 -46.88 -32.02
N ASN D 259 -29.43 -46.43 -32.58
CA ASN D 259 -29.23 -46.45 -34.02
C ASN D 259 -27.77 -46.62 -34.41
N GLN D 260 -27.49 -46.49 -35.70
CA GLN D 260 -26.13 -46.66 -36.20
C GLN D 260 -25.25 -45.46 -35.90
N ALA D 261 -24.21 -45.69 -35.10
CA ALA D 261 -23.25 -44.64 -34.76
C ALA D 261 -22.13 -44.61 -35.81
N LYS D 262 -21.90 -43.43 -36.37
CA LYS D 262 -20.86 -43.27 -37.38
C LYS D 262 -19.73 -42.39 -36.86
N TYR D 263 -18.60 -42.40 -37.56
CA TYR D 263 -17.46 -41.58 -37.17
C TYR D 263 -16.76 -40.98 -38.38
N ALA D 264 -15.96 -39.94 -38.14
CA ALA D 264 -15.19 -39.30 -39.19
C ALA D 264 -13.91 -38.69 -38.63
N TYR D 265 -12.90 -38.53 -39.47
CA TYR D 265 -11.61 -38.02 -39.04
C TYR D 265 -11.14 -36.84 -39.88
N SER D 266 -10.16 -36.11 -39.37
CA SER D 266 -9.60 -34.96 -40.06
C SER D 266 -8.36 -34.44 -39.34
N LYS D 267 -7.40 -33.93 -40.10
CA LYS D 267 -6.18 -33.38 -39.49
C LYS D 267 -6.44 -32.01 -38.88
N ASP D 268 -7.37 -31.26 -39.46
CA ASP D 268 -7.72 -29.94 -38.95
C ASP D 268 -9.21 -29.88 -38.62
N LEU D 269 -9.58 -29.05 -37.66
CA LEU D 269 -10.96 -28.93 -37.24
C LEU D 269 -11.77 -28.10 -38.24
N ALA D 270 -11.13 -27.10 -38.83
CA ALA D 270 -11.80 -26.19 -39.75
C ALA D 270 -12.28 -26.89 -41.02
N SER D 271 -11.47 -27.81 -41.54
CA SER D 271 -11.82 -28.53 -42.76
C SER D 271 -11.03 -29.81 -42.91
N GLY D 272 -11.18 -30.47 -44.05
CA GLY D 272 -10.47 -31.70 -44.33
C GLY D 272 -11.11 -32.92 -43.68
N TRP D 273 -12.41 -32.83 -43.45
CA TRP D 273 -13.13 -33.92 -42.79
C TRP D 273 -13.52 -35.02 -43.79
N SER D 274 -13.40 -36.27 -43.34
CA SER D 274 -13.74 -37.42 -44.17
C SER D 274 -15.23 -37.72 -44.10
N GLN D 275 -15.68 -38.66 -44.92
CA GLN D 275 -17.07 -39.08 -44.91
C GLN D 275 -17.36 -39.91 -43.66
N LEU D 276 -18.65 -40.16 -43.41
CA LEU D 276 -19.05 -40.95 -42.25
C LEU D 276 -18.77 -42.43 -42.47
N TYR D 277 -18.13 -43.05 -41.48
CA TYR D 277 -17.86 -44.48 -41.53
C TYR D 277 -18.55 -45.20 -40.37
N ASN D 278 -19.22 -46.31 -40.68
CA ASN D 278 -19.95 -47.06 -39.67
C ASN D 278 -19.09 -47.48 -38.48
N LEU D 279 -19.75 -47.73 -37.35
CA LEU D 279 -19.06 -48.15 -36.14
C LEU D 279 -20.01 -48.93 -35.25
N GLY D 280 -19.76 -50.24 -35.11
CA GLY D 280 -20.62 -51.10 -34.33
C GLY D 280 -21.82 -51.57 -35.13
N ASN D 281 -22.71 -52.30 -34.47
CA ASN D 281 -23.90 -52.83 -35.14
C ASN D 281 -24.95 -51.76 -35.39
N SER D 282 -26.13 -52.19 -35.83
CA SER D 282 -27.19 -51.26 -36.21
C SER D 282 -27.74 -50.46 -35.03
N THR D 283 -27.65 -51.03 -33.83
CA THR D 283 -28.19 -50.37 -32.64
C THR D 283 -27.10 -49.92 -31.68
N THR D 284 -25.87 -49.86 -32.16
CA THR D 284 -24.73 -49.51 -31.32
C THR D 284 -24.79 -50.27 -29.99
N TYR D 285 -25.11 -51.55 -30.08
CA TYR D 285 -25.17 -52.40 -28.90
C TYR D 285 -26.17 -51.84 -27.88
N ARG D 286 -27.32 -51.41 -28.38
CA ARG D 286 -28.37 -50.83 -27.54
C ARG D 286 -27.82 -49.71 -26.66
N SER D 287 -27.22 -48.70 -27.29
CA SER D 287 -26.67 -47.56 -26.57
C SER D 287 -26.49 -46.36 -27.49
N GLN D 288 -26.29 -45.19 -26.89
CA GLN D 288 -26.05 -43.97 -27.66
C GLN D 288 -24.77 -43.29 -27.18
N PRO D 289 -23.90 -42.91 -28.12
CA PRO D 289 -22.63 -42.24 -27.80
C PRO D 289 -22.86 -41.05 -26.88
N THR D 290 -21.99 -40.90 -25.88
CA THR D 290 -22.14 -39.83 -24.91
C THR D 290 -20.83 -39.09 -24.66
N PHE D 291 -19.77 -39.83 -24.38
CA PHE D 291 -18.46 -39.25 -24.15
C PHE D 291 -17.34 -40.28 -24.20
N ILE D 292 -16.32 -39.99 -25.00
CA ILE D 292 -15.14 -40.83 -25.08
C ILE D 292 -13.98 -40.13 -24.37
N ILE D 293 -13.08 -40.91 -23.78
CA ILE D 293 -11.98 -40.34 -23.01
C ILE D 293 -10.72 -41.20 -23.06
N PRO D 294 -9.57 -40.56 -23.33
CA PRO D 294 -8.27 -41.23 -23.34
C PRO D 294 -7.86 -41.70 -21.95
N VAL D 295 -7.49 -42.97 -21.82
CA VAL D 295 -7.05 -43.50 -20.53
C VAL D 295 -5.55 -43.80 -20.55
N GLN D 296 -4.77 -42.91 -19.95
CA GLN D 296 -3.32 -43.04 -19.91
C GLN D 296 -2.88 -44.06 -18.86
N GLY D 297 -1.92 -44.91 -19.23
CA GLY D 297 -1.43 -45.93 -18.33
C GLY D 297 0.06 -46.16 -18.47
N SER D 298 0.57 -47.17 -17.77
CA SER D 298 2.00 -47.48 -17.80
C SER D 298 2.42 -48.09 -19.13
N SER D 299 1.63 -49.04 -19.62
CA SER D 299 1.96 -49.74 -20.86
C SER D 299 1.56 -48.93 -22.09
N GLY D 300 0.69 -47.94 -21.89
CA GLY D 300 0.24 -47.10 -22.98
C GLY D 300 -1.17 -46.57 -22.76
N THR D 301 -1.65 -45.79 -23.73
CA THR D 301 -2.98 -45.20 -23.63
C THR D 301 -4.00 -45.91 -24.51
N SER D 302 -5.20 -46.12 -23.96
CA SER D 302 -6.30 -46.73 -24.70
C SER D 302 -7.60 -46.00 -24.39
N TYR D 303 -8.27 -45.51 -25.42
CA TYR D 303 -9.46 -44.68 -25.26
C TYR D 303 -10.68 -45.47 -24.81
N LEU D 304 -11.46 -44.86 -23.92
CA LEU D 304 -12.65 -45.50 -23.36
C LEU D 304 -13.94 -44.88 -23.91
N TYR D 305 -14.85 -45.73 -24.37
CA TYR D 305 -16.14 -45.28 -24.88
C TYR D 305 -17.23 -45.40 -23.81
N MET D 306 -17.98 -44.32 -23.64
CA MET D 306 -19.11 -44.31 -22.72
C MET D 306 -20.41 -44.09 -23.48
N GLY D 307 -21.39 -44.95 -23.24
CA GLY D 307 -22.67 -44.85 -23.94
C GLY D 307 -23.84 -45.01 -22.99
N ASP D 308 -25.00 -44.50 -23.40
CA ASP D 308 -26.20 -44.59 -22.58
C ASP D 308 -27.24 -45.52 -23.21
N ARG D 309 -27.73 -46.47 -22.42
CA ARG D 309 -28.87 -47.29 -22.84
C ARG D 309 -30.12 -46.72 -22.19
N TRP D 310 -30.74 -45.76 -22.89
CA TRP D 310 -31.89 -45.05 -22.34
C TRP D 310 -33.09 -45.96 -22.09
N ALA D 311 -33.64 -45.88 -20.88
CA ALA D 311 -34.81 -46.68 -20.52
C ALA D 311 -36.03 -46.27 -21.33
N GLY D 312 -35.97 -45.07 -21.92
CA GLY D 312 -37.05 -44.58 -22.75
C GLY D 312 -37.30 -45.50 -23.94
N ALA D 313 -36.30 -46.31 -24.27
CA ALA D 313 -36.42 -47.24 -25.39
C ALA D 313 -37.49 -48.29 -25.12
N TRP D 314 -37.70 -48.61 -23.85
CA TRP D 314 -38.71 -49.59 -23.47
C TRP D 314 -39.78 -48.96 -22.57
N GLY D 315 -39.94 -47.65 -22.68
CA GLY D 315 -40.96 -46.94 -21.93
C GLY D 315 -40.63 -46.81 -20.45
N GLY D 316 -39.38 -46.50 -20.15
CA GLY D 316 -38.95 -46.33 -18.78
C GLY D 316 -38.47 -44.92 -18.47
N LYS D 317 -38.43 -44.58 -17.19
CA LYS D 317 -37.94 -43.29 -16.74
C LYS D 317 -36.46 -43.12 -17.11
N VAL D 318 -36.03 -41.88 -17.26
CA VAL D 318 -34.64 -41.60 -17.59
C VAL D 318 -33.70 -42.14 -16.51
N ASN D 319 -34.17 -42.13 -15.26
CA ASN D 319 -33.37 -42.62 -14.14
C ASN D 319 -33.14 -44.13 -14.22
N ASP D 320 -34.02 -44.83 -14.93
CA ASP D 320 -33.89 -46.27 -15.07
C ASP D 320 -32.93 -46.65 -16.19
N SER D 321 -32.38 -45.64 -16.85
CA SER D 321 -31.42 -45.86 -17.92
C SER D 321 -30.18 -46.59 -17.40
N GLN D 322 -29.47 -47.24 -18.31
CA GLN D 322 -28.28 -48.01 -17.95
C GLN D 322 -27.05 -47.52 -18.71
N TYR D 323 -25.88 -48.03 -18.36
CA TYR D 323 -24.64 -47.58 -18.97
C TYR D 323 -23.94 -48.70 -19.72
N VAL D 324 -23.20 -48.32 -20.77
CA VAL D 324 -22.45 -49.29 -21.57
C VAL D 324 -21.07 -48.73 -21.91
N TRP D 325 -20.04 -49.25 -21.25
CA TRP D 325 -18.67 -48.83 -21.51
C TRP D 325 -17.92 -49.90 -22.31
N LEU D 326 -17.26 -49.47 -23.37
CA LEU D 326 -16.56 -50.38 -24.26
C LEU D 326 -15.26 -49.77 -24.78
N PRO D 327 -14.25 -50.60 -25.04
CA PRO D 327 -12.96 -50.15 -25.58
C PRO D 327 -13.06 -49.74 -27.04
N LEU D 328 -12.51 -48.58 -27.36
CA LEU D 328 -12.50 -48.09 -28.74
C LEU D 328 -11.09 -48.22 -29.31
N ASN D 329 -10.90 -49.20 -30.17
CA ASN D 329 -9.58 -49.53 -30.69
C ASN D 329 -9.28 -48.87 -32.03
N PHE D 330 -8.01 -48.50 -32.23
CA PHE D 330 -7.60 -47.84 -33.47
C PHE D 330 -6.73 -48.77 -34.30
N ILE D 331 -7.35 -49.49 -35.22
CA ILE D 331 -6.60 -50.37 -36.12
C ILE D 331 -5.63 -49.56 -36.97
N SER D 332 -6.06 -48.38 -37.40
CA SER D 332 -5.21 -47.47 -38.15
C SER D 332 -5.58 -46.03 -37.82
N ASP D 333 -4.93 -45.08 -38.49
CA ASP D 333 -5.23 -43.67 -38.29
C ASP D 333 -6.55 -43.28 -38.94
N THR D 334 -7.12 -44.22 -39.70
CA THR D 334 -8.36 -43.95 -40.43
C THR D 334 -9.39 -45.06 -40.24
N THR D 335 -9.13 -45.96 -39.30
CA THR D 335 -10.03 -47.08 -39.05
C THR D 335 -10.18 -47.38 -37.56
N LEU D 336 -11.40 -47.25 -37.06
CA LEU D 336 -11.70 -47.52 -35.66
C LEU D 336 -12.59 -48.76 -35.53
N GLU D 337 -12.61 -49.34 -34.34
CA GLU D 337 -13.43 -50.52 -34.08
C GLU D 337 -14.00 -50.50 -32.65
N LEU D 338 -15.28 -50.79 -32.54
CA LEU D 338 -15.95 -50.80 -31.24
C LEU D 338 -16.68 -52.12 -31.02
N PRO D 339 -15.98 -53.11 -30.44
CA PRO D 339 -16.54 -54.42 -30.16
C PRO D 339 -17.36 -54.42 -28.88
N TYR D 340 -18.26 -55.38 -28.74
CA TYR D 340 -19.10 -55.48 -27.54
C TYR D 340 -18.70 -56.68 -26.69
N TYR D 341 -18.34 -56.40 -25.44
CA TYR D 341 -18.02 -57.45 -24.48
C TYR D 341 -18.93 -57.31 -23.27
N ASP D 342 -19.63 -58.38 -22.93
CA ASP D 342 -20.54 -58.36 -21.78
C ASP D 342 -19.81 -57.87 -20.54
N SER D 343 -18.51 -58.11 -20.49
CA SER D 343 -17.65 -57.63 -19.42
C SER D 343 -16.29 -57.26 -20.01
N VAL D 344 -15.75 -56.12 -19.60
CA VAL D 344 -14.51 -55.62 -20.18
C VAL D 344 -13.50 -55.20 -19.11
N LYS D 345 -12.75 -56.17 -18.58
CA LYS D 345 -11.78 -55.88 -17.53
C LYS D 345 -10.87 -54.72 -17.91
N ILE D 346 -10.74 -53.75 -16.99
CA ILE D 346 -9.91 -52.58 -17.23
C ILE D 346 -9.02 -52.28 -16.03
N ASP D 347 -7.78 -51.90 -16.31
CA ASP D 347 -6.83 -51.56 -15.27
C ASP D 347 -6.28 -50.16 -15.51
N ALA D 348 -6.63 -49.23 -14.63
CA ALA D 348 -6.27 -47.83 -14.80
C ALA D 348 -4.76 -47.60 -14.76
N SER D 349 -4.10 -48.24 -13.79
CA SER D 349 -2.66 -48.08 -13.62
C SER D 349 -1.89 -48.38 -14.90
N SER D 350 -2.17 -49.54 -15.48
CA SER D 350 -1.54 -49.95 -16.73
C SER D 350 -2.17 -49.21 -17.92
N GLY D 351 -3.40 -48.75 -17.74
CA GLY D 351 -4.13 -48.07 -18.79
C GLY D 351 -4.51 -49.01 -19.92
N ILE D 352 -5.09 -50.16 -19.57
CA ILE D 352 -5.46 -51.16 -20.56
C ILE D 352 -6.93 -51.56 -20.44
N ILE D 353 -7.60 -51.63 -21.58
CA ILE D 353 -8.99 -52.06 -21.63
C ILE D 353 -9.13 -53.26 -22.55
N SER D 354 -9.68 -54.35 -22.03
CA SER D 354 -9.84 -55.58 -22.81
C SER D 354 -10.98 -56.45 -22.28
N GLU D 355 -11.42 -57.38 -23.11
CA GLU D 355 -12.53 -58.26 -22.74
C GLU D 355 -12.21 -59.06 -21.49
N TYR D 356 -13.25 -59.35 -20.70
CA TYR D 356 -13.08 -60.10 -19.45
C TYR D 356 -13.40 -61.57 -19.64
N ILE D 357 -12.38 -62.41 -19.53
CA ILE D 357 -12.55 -63.85 -19.70
C ILE D 357 -12.37 -64.59 -18.37
N PRO D 358 -13.49 -65.08 -17.81
CA PRO D 358 -13.48 -65.81 -16.54
C PRO D 358 -12.63 -67.09 -16.62
N ASP D 359 -12.85 -67.87 -17.67
CA ASP D 359 -12.11 -69.12 -17.86
C ASP D 359 -11.08 -68.97 -18.98
N THR D 360 -9.82 -68.92 -18.59
CA THR D 360 -8.74 -68.61 -19.53
C THR D 360 -8.14 -69.86 -20.20
N THR D 361 -8.70 -71.03 -19.89
CA THR D 361 -8.20 -72.27 -20.46
C THR D 361 -8.18 -72.19 -21.99
N ARG D 362 -7.06 -72.58 -22.59
CA ARG D 362 -6.89 -72.47 -24.04
C ARG D 362 -6.97 -73.84 -24.73
N TYR D 363 -7.79 -73.92 -25.76
CA TYR D 363 -8.09 -75.20 -26.42
C TYR D 363 -7.62 -75.23 -27.87
N LYS D 364 -7.59 -76.43 -28.44
CA LYS D 364 -7.16 -76.64 -29.83
C LYS D 364 -8.02 -77.72 -30.45
N LEU D 365 -8.98 -77.32 -31.29
CA LEU D 365 -9.98 -78.25 -31.80
C LEU D 365 -9.58 -78.88 -33.14
N VAL D 366 -9.70 -80.20 -33.21
CA VAL D 366 -9.35 -80.95 -34.41
C VAL D 366 -10.50 -81.87 -34.83
N ASN D 367 -10.56 -82.21 -36.12
CA ASN D 367 -11.60 -83.09 -36.63
C ASN D 367 -11.02 -84.41 -37.16
N LYS D 368 -11.82 -85.47 -37.10
CA LYS D 368 -11.37 -86.78 -37.54
C LYS D 368 -10.95 -86.80 -39.01
N ASN D 369 -11.92 -86.62 -39.91
CA ASN D 369 -11.65 -86.64 -41.34
C ASN D 369 -10.53 -85.71 -41.76
N SER D 370 -10.71 -84.42 -41.48
CA SER D 370 -9.72 -83.41 -41.81
C SER D 370 -8.36 -83.73 -41.20
N GLY D 371 -8.38 -84.31 -40.00
CA GLY D 371 -7.16 -84.68 -39.30
C GLY D 371 -6.29 -83.49 -38.99
N LYS D 372 -6.89 -82.30 -39.03
CA LYS D 372 -6.17 -81.06 -38.79
C LYS D 372 -6.97 -80.14 -37.89
N VAL D 373 -6.28 -79.18 -37.27
CA VAL D 373 -6.88 -78.25 -36.33
C VAL D 373 -7.40 -77.00 -37.03
N LEU D 374 -8.39 -76.36 -36.42
CA LEU D 374 -8.94 -75.11 -36.96
C LEU D 374 -7.95 -73.95 -36.76
N ASP D 375 -7.68 -73.22 -37.83
CA ASP D 375 -6.67 -72.18 -37.81
C ASP D 375 -7.17 -70.91 -38.51
N VAL D 376 -6.47 -69.81 -38.28
CA VAL D 376 -6.80 -68.54 -38.91
C VAL D 376 -6.14 -68.43 -40.29
N LEU D 377 -6.70 -67.57 -41.14
CA LEU D 377 -6.17 -67.40 -42.50
C LEU D 377 -4.78 -66.76 -42.49
N ASP D 378 -3.77 -67.54 -42.84
CA ASP D 378 -2.39 -67.05 -42.91
C ASP D 378 -2.02 -66.19 -41.70
N GLY D 379 -2.46 -66.60 -40.52
CA GLY D 379 -2.16 -65.86 -39.31
C GLY D 379 -2.46 -64.38 -39.42
N SER D 380 -3.61 -64.05 -40.01
CA SER D 380 -4.01 -62.66 -40.18
C SER D 380 -4.90 -62.18 -39.03
N VAL D 381 -4.51 -61.06 -38.43
CA VAL D 381 -5.30 -60.43 -37.38
C VAL D 381 -6.10 -59.26 -37.95
N ASP D 382 -6.26 -59.24 -39.27
CA ASP D 382 -7.02 -58.19 -39.94
C ASP D 382 -8.45 -58.65 -40.20
N ASN D 383 -9.43 -57.78 -39.93
CA ASN D 383 -10.83 -58.13 -40.11
C ASN D 383 -11.15 -58.64 -41.51
N ALA D 384 -12.31 -59.29 -41.65
CA ALA D 384 -12.71 -59.89 -42.91
C ALA D 384 -11.82 -61.09 -43.26
N ALA D 385 -11.07 -61.56 -42.26
CA ALA D 385 -10.18 -62.71 -42.44
C ALA D 385 -10.99 -63.99 -42.58
N GLN D 386 -10.42 -64.97 -43.27
CA GLN D 386 -11.08 -66.25 -43.48
C GLN D 386 -10.57 -67.32 -42.51
N ILE D 387 -11.16 -68.51 -42.59
CA ILE D 387 -10.79 -69.60 -41.71
C ILE D 387 -10.68 -70.93 -42.44
N VAL D 388 -9.53 -71.57 -42.30
CA VAL D 388 -9.30 -72.89 -42.89
C VAL D 388 -8.75 -73.83 -41.83
N GLN D 389 -8.39 -75.05 -42.25
CA GLN D 389 -7.89 -76.04 -41.31
C GLN D 389 -6.57 -76.67 -41.77
N TRP D 390 -5.48 -76.27 -41.11
CA TRP D 390 -4.16 -76.83 -41.40
C TRP D 390 -3.73 -77.81 -40.31
N THR D 391 -2.66 -78.54 -40.58
CA THR D 391 -2.14 -79.52 -39.63
C THR D 391 -1.70 -78.86 -38.33
N ASP D 392 -1.50 -79.66 -37.29
CA ASP D 392 -1.05 -79.16 -36.00
C ASP D 392 0.35 -78.57 -36.13
N ASN D 393 0.43 -77.24 -36.20
CA ASN D 393 1.70 -76.56 -36.37
C ASN D 393 2.26 -75.98 -35.07
N GLY D 394 1.45 -76.01 -34.01
CA GLY D 394 1.83 -75.41 -32.75
C GLY D 394 1.89 -73.91 -32.87
N SER D 395 1.38 -73.38 -33.98
CA SER D 395 1.37 -71.96 -34.24
C SER D 395 0.48 -71.22 -33.25
N LEU D 396 0.69 -69.90 -33.16
CA LEU D 396 -0.12 -69.06 -32.28
C LEU D 396 -1.46 -68.73 -32.93
N SER D 397 -2.08 -69.73 -33.56
CA SER D 397 -3.35 -69.53 -34.21
C SER D 397 -4.29 -70.71 -33.94
N GLN D 398 -3.89 -71.57 -33.02
CA GLN D 398 -4.67 -72.77 -32.71
C GLN D 398 -5.29 -72.67 -31.32
N GLN D 399 -4.94 -71.62 -30.59
CA GLN D 399 -5.44 -71.42 -29.23
C GLN D 399 -6.74 -70.62 -29.25
N TRP D 400 -7.76 -71.14 -28.57
CA TRP D 400 -9.06 -70.49 -28.52
C TRP D 400 -9.65 -70.50 -27.12
N TYR D 401 -10.37 -69.43 -26.77
CA TYR D 401 -11.00 -69.35 -25.46
C TYR D 401 -12.49 -69.71 -25.55
N LEU D 402 -13.11 -69.94 -24.40
CA LEU D 402 -14.53 -70.26 -24.35
C LEU D 402 -15.27 -69.41 -23.33
N VAL D 403 -16.25 -68.64 -23.80
CA VAL D 403 -17.08 -67.82 -22.93
C VAL D 403 -18.54 -67.94 -23.33
N ASP D 404 -19.35 -68.48 -22.43
CA ASP D 404 -20.77 -68.72 -22.70
C ASP D 404 -21.59 -67.45 -22.51
N VAL D 405 -22.28 -67.03 -23.57
CA VAL D 405 -23.12 -65.85 -23.51
C VAL D 405 -24.59 -66.21 -23.78
N GLY D 406 -25.44 -65.99 -22.78
CA GLY D 406 -26.85 -66.32 -22.89
C GLY D 406 -27.22 -67.56 -22.12
N GLY D 407 -28.05 -68.41 -22.74
CA GLY D 407 -28.49 -69.63 -22.10
C GLY D 407 -27.47 -70.75 -22.18
N GLY D 408 -27.15 -71.16 -23.40
CA GLY D 408 -26.18 -72.22 -23.61
C GLY D 408 -25.24 -71.93 -24.76
N TYR D 409 -25.61 -70.98 -25.61
CA TYR D 409 -24.78 -70.61 -26.75
C TYR D 409 -23.50 -69.90 -26.31
N LYS D 410 -22.39 -70.63 -26.40
CA LYS D 410 -21.09 -70.09 -26.02
C LYS D 410 -20.50 -69.25 -27.14
N LYS D 411 -19.30 -68.74 -26.92
CA LYS D 411 -18.65 -67.84 -27.88
C LYS D 411 -17.23 -68.29 -28.19
N ILE D 412 -16.94 -68.47 -29.47
CA ILE D 412 -15.62 -68.93 -29.92
C ILE D 412 -14.67 -67.76 -30.13
N VAL D 413 -13.60 -67.72 -29.34
CA VAL D 413 -12.63 -66.63 -29.41
C VAL D 413 -11.24 -67.17 -29.74
N ASN D 414 -10.45 -66.39 -30.48
CA ASN D 414 -9.08 -66.77 -30.79
C ASN D 414 -8.08 -65.91 -30.04
N VAL D 415 -6.85 -66.38 -29.93
CA VAL D 415 -5.83 -65.67 -29.16
C VAL D 415 -5.07 -64.65 -30.00
N LYS D 416 -4.66 -65.05 -31.20
CA LYS D 416 -3.85 -64.19 -32.04
C LYS D 416 -4.54 -62.88 -32.40
N SER D 417 -5.85 -62.94 -32.60
CA SER D 417 -6.62 -61.77 -32.99
C SER D 417 -7.44 -61.21 -31.83
N GLY D 418 -8.04 -62.11 -31.06
CA GLY D 418 -8.90 -61.72 -29.95
C GLY D 418 -10.35 -61.61 -30.38
N ARG D 419 -10.58 -61.75 -31.68
CA ARG D 419 -11.92 -61.68 -32.24
C ARG D 419 -12.63 -63.03 -32.19
N ALA D 420 -13.94 -63.01 -32.43
CA ALA D 420 -14.75 -64.21 -32.34
C ALA D 420 -15.11 -64.76 -33.72
N LEU D 421 -15.19 -66.09 -33.82
CA LEU D 421 -15.53 -66.74 -35.08
C LEU D 421 -17.00 -66.48 -35.42
N ASP D 422 -17.31 -66.42 -36.71
CA ASP D 422 -18.66 -66.10 -37.14
C ASP D 422 -18.95 -66.50 -38.59
N VAL D 423 -20.13 -66.14 -39.07
CA VAL D 423 -20.55 -66.42 -40.43
C VAL D 423 -20.76 -65.11 -41.19
N LYS D 424 -20.01 -64.92 -42.27
CA LYS D 424 -20.04 -63.66 -43.00
C LYS D 424 -21.44 -63.26 -43.45
N ASP D 425 -21.77 -61.99 -43.29
CA ASP D 425 -23.03 -61.43 -43.75
C ASP D 425 -24.25 -62.11 -43.12
N GLU D 426 -24.02 -62.81 -42.01
CA GLU D 426 -25.09 -63.51 -41.32
C GLU D 426 -25.95 -64.28 -42.32
N SER D 427 -25.36 -65.30 -42.95
CA SER D 427 -26.05 -66.10 -43.95
C SER D 427 -26.71 -67.33 -43.33
N LYS D 428 -27.99 -67.52 -43.61
CA LYS D 428 -28.74 -68.65 -43.07
C LYS D 428 -28.76 -69.80 -44.06
N GLU D 429 -28.64 -69.46 -45.35
CA GLU D 429 -28.67 -70.46 -46.41
C GLU D 429 -27.51 -71.43 -46.26
N ASP D 430 -27.62 -72.60 -46.87
CA ASP D 430 -26.59 -73.62 -46.80
C ASP D 430 -25.42 -73.31 -47.73
N GLY D 431 -24.26 -73.06 -47.14
CA GLY D 431 -23.06 -72.77 -47.91
C GLY D 431 -22.47 -71.40 -47.63
N GLY D 432 -22.64 -70.92 -46.41
CA GLY D 432 -22.13 -69.62 -46.02
C GLY D 432 -20.71 -69.69 -45.48
N VAL D 433 -19.79 -69.03 -46.16
CA VAL D 433 -18.38 -69.02 -45.77
C VAL D 433 -18.19 -68.52 -44.34
N LEU D 434 -17.22 -69.11 -43.64
CA LEU D 434 -16.96 -68.73 -42.26
C LEU D 434 -15.89 -67.65 -42.19
N ILE D 435 -16.08 -66.69 -41.28
CA ILE D 435 -15.17 -65.56 -41.15
C ILE D 435 -15.06 -65.08 -39.70
N GLN D 436 -13.85 -64.72 -39.30
CA GLN D 436 -13.60 -64.14 -37.98
C GLN D 436 -13.92 -62.66 -37.99
N TYR D 437 -14.42 -62.15 -36.87
CA TYR D 437 -14.79 -60.75 -36.78
C TYR D 437 -14.84 -60.27 -35.32
N THR D 438 -14.63 -58.98 -35.13
CA THR D 438 -14.69 -58.38 -33.80
C THR D 438 -16.04 -58.64 -33.16
N SER D 439 -16.03 -59.04 -31.89
CA SER D 439 -17.27 -59.34 -31.17
C SER D 439 -18.28 -58.20 -31.29
N ASN D 440 -19.33 -58.43 -32.06
CA ASN D 440 -20.38 -57.43 -32.24
C ASN D 440 -21.68 -57.83 -31.55
N GLY D 441 -21.58 -58.78 -30.63
CA GLY D 441 -22.73 -59.23 -29.87
C GLY D 441 -23.82 -59.84 -30.75
N GLY D 442 -23.45 -60.16 -31.98
CA GLY D 442 -24.39 -60.76 -32.91
C GLY D 442 -24.73 -62.18 -32.56
N TYR D 443 -25.95 -62.60 -32.91
CA TYR D 443 -26.41 -63.95 -32.61
C TYR D 443 -25.60 -64.99 -33.39
N ASN D 444 -25.20 -64.63 -34.61
CA ASN D 444 -24.44 -65.54 -35.45
C ASN D 444 -23.07 -65.89 -34.87
N GLN D 445 -22.62 -65.10 -33.91
CA GLN D 445 -21.33 -65.35 -33.25
C GLN D 445 -21.49 -66.30 -32.06
N HIS D 446 -22.71 -66.75 -31.81
CA HIS D 446 -22.98 -67.67 -30.71
C HIS D 446 -22.95 -69.12 -31.18
N TRP D 447 -22.23 -69.96 -30.44
CA TRP D 447 -22.09 -71.37 -30.81
C TRP D 447 -22.33 -72.29 -29.61
N LYS D 448 -23.26 -73.23 -29.76
CA LYS D 448 -23.55 -74.21 -28.72
C LYS D 448 -22.94 -75.57 -29.08
N PHE D 449 -22.73 -76.41 -28.07
CA PHE D 449 -22.12 -77.72 -28.29
C PHE D 449 -23.11 -78.87 -28.09
N THR D 450 -22.90 -79.95 -28.83
CA THR D 450 -23.76 -81.13 -28.75
C THR D 450 -22.92 -82.40 -28.65
N ASP D 451 -22.59 -82.80 -27.43
CA ASP D 451 -21.72 -83.95 -27.19
C ASP D 451 -22.41 -85.26 -27.56
N ILE D 452 -21.69 -86.11 -28.31
CA ILE D 452 -22.24 -87.38 -28.76
C ILE D 452 -21.35 -88.54 -28.31
N GLY D 453 -20.48 -88.27 -27.34
CA GLY D 453 -19.59 -89.29 -26.82
C GLY D 453 -18.20 -89.22 -27.42
N ASP D 454 -17.25 -89.94 -26.81
CA ASP D 454 -15.87 -89.98 -27.27
C ASP D 454 -15.20 -88.60 -27.20
N GLY D 455 -15.91 -87.62 -26.65
CA GLY D 455 -15.37 -86.29 -26.50
C GLY D 455 -15.50 -85.45 -27.74
N TYR D 456 -16.34 -85.88 -28.69
CA TYR D 456 -16.59 -85.10 -29.89
C TYR D 456 -18.03 -84.60 -29.92
N TYR D 457 -18.20 -83.34 -30.29
CA TYR D 457 -19.51 -82.74 -30.38
C TYR D 457 -19.67 -81.94 -31.66
N LYS D 458 -20.87 -81.41 -31.89
CA LYS D 458 -21.15 -80.61 -33.07
C LYS D 458 -21.50 -79.19 -32.68
N ILE D 459 -20.76 -78.22 -33.21
CA ILE D 459 -21.00 -76.81 -32.94
C ILE D 459 -22.40 -76.45 -33.44
N SER D 460 -22.82 -75.21 -33.19
CA SER D 460 -24.12 -74.74 -33.66
C SER D 460 -24.14 -73.22 -33.79
N SER D 461 -25.11 -72.71 -34.55
CA SER D 461 -25.23 -71.28 -34.77
C SER D 461 -26.58 -70.76 -34.29
N ARG D 462 -26.56 -69.62 -33.61
CA ARG D 462 -27.78 -69.01 -33.10
C ARG D 462 -28.55 -68.30 -34.22
N HIS D 463 -28.11 -68.49 -35.45
CA HIS D 463 -28.76 -67.86 -36.60
C HIS D 463 -29.62 -68.85 -37.38
N CYS D 464 -28.96 -69.71 -38.15
CA CYS D 464 -29.68 -70.68 -38.98
C CYS D 464 -29.77 -72.04 -38.29
N GLY D 465 -28.96 -72.24 -37.26
CA GLY D 465 -28.95 -73.49 -36.53
C GLY D 465 -28.13 -74.56 -37.23
N LYS D 466 -27.49 -74.18 -38.34
CA LYS D 466 -26.65 -75.10 -39.09
C LYS D 466 -25.24 -75.15 -38.50
N LEU D 467 -24.48 -76.18 -38.84
CA LEU D 467 -23.18 -76.39 -38.21
C LEU D 467 -22.02 -76.31 -39.17
N ILE D 468 -20.83 -76.11 -38.62
CA ILE D 468 -19.59 -76.00 -39.38
C ILE D 468 -19.24 -77.30 -40.11
N ASP D 469 -18.59 -77.17 -41.26
CA ASP D 469 -18.20 -78.34 -42.06
C ASP D 469 -16.99 -78.02 -42.95
N VAL D 470 -16.19 -79.05 -43.23
CA VAL D 470 -15.07 -78.91 -44.16
C VAL D 470 -15.56 -79.21 -45.58
N ARG D 471 -15.69 -78.17 -46.39
CA ARG D 471 -16.28 -78.30 -47.72
C ARG D 471 -15.77 -79.51 -48.50
N LYS D 472 -16.70 -80.18 -49.18
CA LYS D 472 -16.40 -81.33 -50.06
C LYS D 472 -15.60 -82.44 -49.39
N TRP D 473 -15.78 -82.62 -48.08
CA TRP D 473 -15.07 -83.66 -47.34
C TRP D 473 -13.56 -83.50 -47.45
N SER D 474 -13.13 -82.30 -47.85
CA SER D 474 -11.71 -82.04 -48.09
C SER D 474 -10.87 -82.29 -46.83
N THR D 475 -9.60 -82.63 -47.04
CA THR D 475 -8.68 -82.85 -45.93
C THR D 475 -7.32 -82.24 -46.23
N GLU D 476 -7.27 -81.38 -47.24
CA GLU D 476 -6.03 -80.73 -47.64
C GLU D 476 -5.84 -79.43 -46.86
N ASP D 477 -4.63 -78.90 -46.90
CA ASP D 477 -4.33 -77.62 -46.26
C ASP D 477 -4.98 -76.47 -47.01
N GLY D 478 -5.95 -75.82 -46.37
CA GLY D 478 -6.68 -74.73 -46.98
C GLY D 478 -8.15 -75.06 -47.14
N GLY D 479 -8.61 -76.07 -46.39
CA GLY D 479 -10.00 -76.47 -46.43
C GLY D 479 -10.92 -75.36 -45.98
N ILE D 480 -11.81 -74.92 -46.87
CA ILE D 480 -12.69 -73.80 -46.57
C ILE D 480 -13.76 -74.20 -45.56
N ILE D 481 -13.68 -73.62 -44.37
CA ILE D 481 -14.64 -73.89 -43.31
C ILE D 481 -15.90 -73.03 -43.50
N GLN D 482 -17.07 -73.65 -43.38
CA GLN D 482 -18.32 -72.92 -43.50
C GLN D 482 -19.52 -73.68 -42.97
N GLN D 483 -20.71 -73.17 -43.27
CA GLN D 483 -21.97 -73.75 -42.80
C GLN D 483 -22.57 -74.74 -43.80
N TRP D 484 -23.07 -75.86 -43.29
CA TRP D 484 -23.75 -76.84 -44.14
C TRP D 484 -24.73 -77.67 -43.31
N SER D 485 -25.77 -78.18 -43.95
CA SER D 485 -26.76 -79.00 -43.27
C SER D 485 -26.17 -80.32 -42.78
N ASP D 486 -26.69 -80.81 -41.67
CA ASP D 486 -26.21 -82.05 -41.06
C ASP D 486 -26.96 -83.25 -41.62
N ALA D 487 -26.29 -84.04 -42.45
CA ALA D 487 -26.89 -85.22 -43.03
C ALA D 487 -26.18 -86.48 -42.53
N GLY D 488 -25.26 -86.28 -41.61
CA GLY D 488 -24.50 -87.38 -41.05
C GLY D 488 -23.02 -87.26 -41.35
N GLY D 489 -22.61 -86.11 -41.87
CA GLY D 489 -21.22 -85.87 -42.22
C GLY D 489 -20.29 -86.12 -41.06
N THR D 490 -19.18 -86.82 -41.32
CA THR D 490 -18.24 -87.17 -40.26
C THR D 490 -17.31 -86.01 -39.93
N ASN D 491 -17.09 -85.13 -40.91
CA ASN D 491 -16.22 -83.98 -40.71
C ASN D 491 -16.97 -82.74 -40.25
N GLN D 492 -18.12 -82.97 -39.62
CA GLN D 492 -18.92 -81.89 -39.05
C GLN D 492 -18.74 -81.84 -37.54
N HIS D 493 -18.40 -82.98 -36.95
CA HIS D 493 -18.18 -83.08 -35.52
C HIS D 493 -16.82 -82.49 -35.16
N TRP D 494 -16.71 -81.93 -33.97
CA TRP D 494 -15.47 -81.30 -33.51
C TRP D 494 -15.15 -81.62 -32.06
N LYS D 495 -13.97 -82.20 -31.83
CA LYS D 495 -13.56 -82.60 -30.50
C LYS D 495 -13.00 -81.41 -29.71
N LEU D 496 -13.32 -81.35 -28.42
CA LEU D 496 -12.80 -80.30 -27.56
C LEU D 496 -11.49 -80.75 -26.92
N VAL D 497 -10.38 -80.39 -27.55
CA VAL D 497 -9.06 -80.81 -27.07
C VAL D 497 -8.38 -79.67 -26.30
N LEU D 498 -7.64 -80.04 -25.25
CA LEU D 498 -6.95 -79.06 -24.42
C LEU D 498 -5.49 -78.90 -24.84
N VAL D 499 -4.85 -77.86 -24.35
CA VAL D 499 -3.44 -77.61 -24.64
C VAL D 499 -2.71 -77.08 -23.41
N GLU E 39 -57.39 74.03 8.43
CA GLU E 39 -58.15 73.20 9.35
C GLU E 39 -57.21 72.39 10.24
N GLY E 40 -56.20 73.07 10.81
CA GLY E 40 -55.24 72.41 11.68
C GLY E 40 -55.71 72.41 13.12
N VAL E 41 -56.86 71.78 13.36
CA VAL E 41 -57.46 71.74 14.68
C VAL E 41 -57.36 70.35 15.30
N ILE E 42 -57.07 70.31 16.59
CA ILE E 42 -56.95 69.05 17.32
C ILE E 42 -57.89 69.00 18.52
N VAL E 43 -58.61 67.89 18.67
CA VAL E 43 -59.53 67.71 19.77
C VAL E 43 -58.89 66.88 20.89
N ASN E 44 -58.45 67.56 21.94
CA ASN E 44 -57.82 66.87 23.07
C ASN E 44 -58.77 65.93 23.79
N GLY E 45 -58.20 64.99 24.55
CA GLY E 45 -58.99 64.04 25.30
C GLY E 45 -59.64 62.99 24.42
N THR E 46 -59.03 62.72 23.28
CA THR E 46 -59.54 61.71 22.35
C THR E 46 -58.40 60.90 21.73
N GLN E 47 -58.76 59.96 20.86
CA GLN E 47 -57.76 59.17 20.13
C GLN E 47 -57.65 59.65 18.69
N PHE E 48 -56.54 60.31 18.37
CA PHE E 48 -56.34 60.87 17.05
C PHE E 48 -56.40 59.78 15.98
N LYS E 49 -56.83 60.18 14.78
CA LYS E 49 -56.95 59.24 13.66
C LYS E 49 -55.89 59.53 12.60
N ASP E 50 -55.32 58.48 12.03
CA ASP E 50 -54.36 58.65 10.94
C ASP E 50 -55.10 58.99 9.65
N THR E 51 -54.35 59.19 8.57
CA THR E 51 -54.93 59.55 7.29
C THR E 51 -55.83 58.43 6.76
N SER E 52 -55.60 57.22 7.24
CA SER E 52 -56.39 56.06 6.81
C SER E 52 -57.68 55.93 7.61
N GLY E 53 -57.86 56.82 8.58
CA GLY E 53 -59.06 56.82 9.41
C GLY E 53 -59.00 55.85 10.56
N ASN E 54 -57.82 55.29 10.81
CA ASN E 54 -57.63 54.34 11.90
C ASN E 54 -57.02 54.99 13.14
N VAL E 55 -57.33 54.44 14.30
CA VAL E 55 -56.85 54.99 15.56
C VAL E 55 -55.32 54.97 15.64
N ILE E 56 -54.74 56.11 15.99
CA ILE E 56 -53.29 56.22 16.14
C ILE E 56 -52.82 55.60 17.45
N HIS E 57 -51.98 54.57 17.34
CA HIS E 57 -51.46 53.91 18.53
C HIS E 57 -49.98 54.22 18.78
N ALA E 58 -49.71 55.41 19.28
CA ALA E 58 -48.36 55.85 19.60
C ALA E 58 -48.32 56.47 20.99
N HIS E 59 -48.47 55.65 22.01
CA HIS E 59 -48.58 56.13 23.38
C HIS E 59 -47.23 56.32 24.06
N GLY E 60 -47.17 57.27 25.00
CA GLY E 60 -45.95 57.55 25.73
C GLY E 60 -44.74 57.74 24.83
N GLY E 61 -44.96 58.24 23.63
CA GLY E 61 -43.88 58.39 22.66
C GLY E 61 -43.34 59.80 22.59
N GLY E 62 -42.47 60.03 21.60
CA GLY E 62 -41.90 61.34 21.37
C GLY E 62 -42.05 61.75 19.92
N MET E 63 -41.47 62.89 19.55
CA MET E 63 -41.57 63.37 18.18
C MET E 63 -40.25 63.95 17.68
N LEU E 64 -40.00 63.80 16.39
CA LEU E 64 -38.75 64.24 15.79
C LEU E 64 -39.01 65.12 14.57
N LYS E 65 -38.21 66.18 14.44
CA LYS E 65 -38.30 67.06 13.29
C LYS E 65 -37.09 66.85 12.38
N HIS E 66 -37.32 66.19 11.25
CA HIS E 66 -36.24 65.91 10.30
C HIS E 66 -36.69 66.18 8.87
N GLY E 67 -36.14 67.23 8.27
CA GLY E 67 -36.49 67.60 6.91
C GLY E 67 -37.83 68.30 6.84
N ASP E 68 -38.68 67.86 5.91
CA ASP E 68 -39.99 68.47 5.72
C ASP E 68 -41.07 67.71 6.49
N TYR E 69 -40.65 66.74 7.30
CA TYR E 69 -41.61 65.89 8.00
C TYR E 69 -41.40 65.85 9.51
N TYR E 70 -42.51 65.77 10.24
CA TYR E 70 -42.49 65.50 11.67
C TYR E 70 -42.77 64.03 11.90
N TYR E 71 -41.87 63.36 12.61
CA TYR E 71 -42.03 61.93 12.88
C TYR E 71 -42.46 61.67 14.32
N TRP E 72 -43.64 61.08 14.47
CA TRP E 72 -44.21 60.81 15.79
C TRP E 72 -44.09 59.32 16.14
N TYR E 73 -43.29 59.02 17.16
CA TYR E 73 -43.11 57.64 17.60
C TYR E 73 -43.84 57.40 18.91
N GLY E 74 -44.11 56.13 19.21
CA GLY E 74 -44.82 55.77 20.43
C GLY E 74 -44.98 54.27 20.57
N GLU E 75 -45.29 53.82 21.78
CA GLU E 75 -45.44 52.40 22.05
C GLU E 75 -46.79 51.88 21.54
N TYR E 76 -46.94 50.56 21.55
CA TYR E 76 -48.13 49.91 21.02
C TYR E 76 -48.18 48.49 21.57
N ARG E 77 -49.18 48.22 22.42
CA ARG E 77 -49.23 46.95 23.13
C ARG E 77 -50.28 45.99 22.58
N ASP E 78 -50.24 44.75 23.06
CA ASP E 78 -51.13 43.71 22.55
C ASP E 78 -52.22 43.31 23.55
N ASP E 79 -52.63 42.06 23.49
CA ASP E 79 -53.69 41.54 24.35
C ASP E 79 -53.26 41.54 25.81
N SER E 80 -52.16 40.86 26.10
CA SER E 80 -51.65 40.76 27.46
C SER E 80 -51.01 42.06 27.94
N ASN E 81 -51.29 43.14 27.21
CA ASN E 81 -50.75 44.45 27.56
C ASN E 81 -49.23 44.48 27.45
N LEU E 82 -48.67 43.55 26.67
CA LEU E 82 -47.23 43.46 26.50
C LEU E 82 -46.78 44.24 25.26
N PHE E 83 -45.47 44.39 25.10
CA PHE E 83 -44.92 45.11 23.97
C PHE E 83 -45.26 44.43 22.65
N LEU E 84 -45.83 45.19 21.73
CA LEU E 84 -46.20 44.68 20.42
C LEU E 84 -45.36 45.34 19.33
N GLY E 85 -45.01 46.60 19.53
CA GLY E 85 -44.18 47.32 18.58
C GLY E 85 -44.19 48.82 18.79
N VAL E 86 -43.19 49.49 18.23
CA VAL E 86 -43.12 50.95 18.29
C VAL E 86 -43.54 51.56 16.96
N SER E 87 -44.71 52.19 16.95
CA SER E 87 -45.28 52.73 15.73
C SER E 87 -44.65 54.07 15.33
N CYS E 88 -44.78 54.40 14.05
CA CYS E 88 -44.26 55.65 13.52
C CYS E 88 -45.27 56.34 12.62
N TYR E 89 -45.59 57.59 12.94
CA TYR E 89 -46.50 58.40 12.13
C TYR E 89 -45.80 59.66 11.68
N ARG E 90 -45.94 60.01 10.41
CA ARG E 90 -45.31 61.22 9.90
C ARG E 90 -46.35 62.23 9.40
N SER E 91 -46.02 63.52 9.52
CA SER E 91 -46.92 64.58 9.09
C SER E 91 -46.17 65.89 8.90
N LYS E 92 -46.73 66.78 8.10
CA LYS E 92 -46.12 68.08 7.87
C LYS E 92 -46.82 69.18 8.66
N ASP E 93 -48.11 68.97 8.95
CA ASP E 93 -48.92 69.97 9.62
C ASP E 93 -49.21 69.60 11.08
N LEU E 94 -48.69 68.45 11.52
CA LEU E 94 -48.89 67.98 12.89
C LEU E 94 -50.34 67.62 13.18
N VAL E 95 -51.18 67.60 12.15
CA VAL E 95 -52.58 67.27 12.32
C VAL E 95 -52.95 65.99 11.57
N ASN E 96 -52.63 65.96 10.27
CA ASN E 96 -52.87 64.78 9.45
C ASN E 96 -51.68 63.84 9.44
N TRP E 97 -51.75 62.79 10.25
CA TRP E 97 -50.65 61.84 10.38
C TRP E 97 -50.88 60.59 9.55
N GLU E 98 -49.92 60.25 8.69
CA GLU E 98 -50.00 59.03 7.91
C GLU E 98 -49.17 57.93 8.54
N TYR E 99 -49.78 56.76 8.70
CA TYR E 99 -49.12 55.62 9.34
C TYR E 99 -48.02 55.03 8.47
N ARG E 100 -46.81 54.98 9.01
CA ARG E 100 -45.66 54.48 8.24
C ARG E 100 -45.36 53.02 8.55
N GLY E 101 -45.74 52.58 9.74
CA GLY E 101 -45.53 51.20 10.14
C GLY E 101 -44.82 51.07 11.47
N GLU E 102 -44.42 49.85 11.81
CA GLU E 102 -43.72 49.59 13.07
C GLU E 102 -42.22 49.63 12.84
N VAL E 103 -41.57 50.69 13.32
CA VAL E 103 -40.13 50.83 13.18
C VAL E 103 -39.40 49.82 14.06
N LEU E 104 -40.12 49.29 15.05
CA LEU E 104 -39.58 48.25 15.92
C LEU E 104 -40.73 47.35 16.36
N SER E 105 -40.47 46.05 16.46
CA SER E 105 -41.52 45.10 16.82
C SER E 105 -41.01 44.00 17.73
N ARG E 106 -41.92 43.13 18.17
CA ARG E 106 -41.57 42.01 19.03
C ARG E 106 -40.71 40.99 18.30
N ASN E 107 -40.58 41.17 16.98
CA ASN E 107 -39.79 40.26 16.16
C ASN E 107 -38.43 40.85 15.80
N SER E 108 -38.14 42.04 16.33
CA SER E 108 -36.88 42.71 16.03
C SER E 108 -35.71 42.06 16.76
N ALA E 109 -35.99 41.36 17.85
CA ALA E 109 -34.96 40.72 18.65
C ALA E 109 -35.57 39.70 19.60
N PRO E 110 -34.80 38.66 19.95
CA PRO E 110 -35.25 37.60 20.88
C PRO E 110 -35.78 38.18 22.19
N GLU E 111 -35.07 39.16 22.74
CA GLU E 111 -35.50 39.84 23.96
C GLU E 111 -36.91 40.41 23.82
N LEU E 112 -37.26 40.81 22.61
CA LEU E 112 -38.49 41.55 22.37
C LEU E 112 -39.70 40.64 22.11
N ASN E 113 -39.44 39.35 21.92
CA ASN E 113 -40.51 38.39 21.71
C ASN E 113 -41.57 38.46 22.79
N HIS E 114 -41.14 38.62 24.04
CA HIS E 114 -42.04 38.69 25.18
C HIS E 114 -41.47 39.62 26.24
N CYS E 115 -41.81 40.89 26.17
CA CYS E 115 -41.27 41.89 27.09
C CYS E 115 -42.19 43.10 27.23
N ASN E 116 -41.67 44.15 27.82
CA ASN E 116 -42.45 45.37 28.02
C ASN E 116 -41.61 46.60 27.74
N ILE E 117 -41.94 47.31 26.67
CA ILE E 117 -41.24 48.54 26.30
C ILE E 117 -42.18 49.74 26.38
N GLU E 118 -41.73 50.79 27.05
CA GLU E 118 -42.55 51.98 27.20
C GLU E 118 -41.72 53.25 27.12
N ARG E 119 -42.35 54.31 26.62
CA ARG E 119 -41.70 55.61 26.46
C ARG E 119 -40.47 55.57 25.58
N PRO E 120 -40.64 55.17 24.31
CA PRO E 120 -39.54 55.17 23.33
C PRO E 120 -39.36 56.54 22.71
N LYS E 121 -38.11 57.00 22.63
CA LYS E 121 -37.81 58.31 22.03
C LYS E 121 -36.77 58.17 20.93
N VAL E 122 -36.86 59.03 19.92
CA VAL E 122 -35.93 59.00 18.80
C VAL E 122 -35.17 60.31 18.66
N MET E 123 -33.85 60.21 18.55
CA MET E 123 -32.99 61.38 18.40
C MET E 123 -32.11 61.24 17.16
N TYR E 124 -31.84 62.36 16.50
CA TYR E 124 -31.03 62.35 15.29
C TYR E 124 -29.59 62.79 15.56
N ASN E 125 -28.64 62.05 15.01
CA ASN E 125 -27.23 62.38 15.14
C ASN E 125 -26.69 63.05 13.88
N ALA E 126 -26.43 64.34 13.96
CA ALA E 126 -25.98 65.12 12.81
C ALA E 126 -24.65 64.62 12.25
N SER E 127 -23.75 64.21 13.14
CA SER E 127 -22.41 63.78 12.73
C SER E 127 -22.43 62.45 11.98
N THR E 128 -23.09 61.46 12.55
CA THR E 128 -23.13 60.13 11.96
C THR E 128 -24.22 60.00 10.89
N GLY E 129 -25.23 60.85 10.99
CA GLY E 129 -26.31 60.86 10.02
C GLY E 129 -27.33 59.77 10.24
N GLU E 130 -27.22 59.06 11.36
CA GLU E 130 -28.14 57.98 11.67
C GLU E 130 -29.05 58.34 12.85
N PHE E 131 -30.21 57.71 12.90
CA PHE E 131 -31.18 57.94 13.97
C PHE E 131 -30.98 56.94 15.11
N VAL E 132 -30.93 57.45 16.34
CA VAL E 132 -30.79 56.59 17.51
C VAL E 132 -32.05 56.63 18.36
N MET E 133 -32.48 55.47 18.82
CA MET E 133 -33.74 55.34 19.56
C MET E 133 -33.53 54.72 20.94
N TRP E 134 -33.90 55.45 21.98
CA TRP E 134 -33.80 54.96 23.35
C TRP E 134 -35.19 54.63 23.91
N MET E 135 -35.24 53.74 24.89
CA MET E 135 -36.52 53.31 25.44
C MET E 135 -36.35 52.62 26.80
N HIS E 136 -37.49 52.34 27.44
CA HIS E 136 -37.51 51.65 28.72
C HIS E 136 -37.86 50.18 28.52
N TRP E 137 -37.02 49.29 29.03
CA TRP E 137 -37.20 47.85 28.79
C TRP E 137 -37.48 47.06 30.07
N GLU E 138 -38.41 46.12 29.98
CA GLU E 138 -38.72 45.20 31.07
C GLU E 138 -38.93 43.79 30.52
N ASN E 139 -38.68 42.77 31.34
CA ASN E 139 -38.73 41.39 30.88
C ASN E 139 -40.12 40.88 30.51
N GLY E 140 -41.15 41.61 30.93
CA GLY E 140 -42.51 41.27 30.58
C GLY E 140 -43.28 40.56 31.67
N ILE E 141 -42.58 40.09 32.70
CA ILE E 141 -43.22 39.41 33.82
C ILE E 141 -43.18 40.27 35.08
N ASN E 142 -42.16 41.12 35.18
CA ASN E 142 -42.00 42.01 36.32
C ASN E 142 -41.23 43.28 35.96
N TYR E 143 -41.08 44.15 36.95
CA TYR E 143 -40.36 45.41 36.75
C TYR E 143 -39.06 45.44 37.56
N GLY E 144 -38.40 44.28 37.66
CA GLY E 144 -37.18 44.17 38.43
C GLY E 144 -35.94 44.51 37.64
N GLN E 145 -36.03 44.38 36.31
CA GLN E 145 -34.90 44.63 35.44
C GLN E 145 -34.58 46.11 35.32
N ALA E 146 -35.59 46.92 35.01
CA ALA E 146 -35.41 48.35 34.83
C ALA E 146 -34.21 48.65 33.93
N ARG E 147 -34.34 48.31 32.65
CA ARG E 147 -33.24 48.48 31.70
C ARG E 147 -33.52 49.58 30.70
N ALA E 148 -32.47 50.03 30.01
CA ALA E 148 -32.62 50.95 28.90
C ALA E 148 -32.23 50.23 27.61
N ALA E 149 -33.03 50.39 26.58
CA ALA E 149 -32.78 49.73 25.31
C ALA E 149 -32.45 50.71 24.21
N VAL E 150 -31.48 50.37 23.38
CA VAL E 150 -31.03 51.24 22.30
C VAL E 150 -31.18 50.56 20.94
N ALA E 151 -31.58 51.33 19.94
CA ALA E 151 -31.73 50.84 18.58
C ALA E 151 -31.46 51.98 17.61
N TYR E 152 -30.95 51.65 16.42
CA TYR E 152 -30.63 52.68 15.44
C TYR E 152 -31.11 52.33 14.04
N SER E 153 -31.16 53.35 13.18
CA SER E 153 -31.60 53.18 11.80
C SER E 153 -31.00 54.31 10.96
N LYS E 154 -30.94 54.11 9.65
CA LYS E 154 -30.42 55.15 8.76
C LYS E 154 -31.57 55.98 8.19
N THR E 155 -32.79 55.52 8.44
CA THR E 155 -33.99 56.23 8.01
C THR E 155 -34.90 56.50 9.19
N PRO E 156 -35.65 57.60 9.15
CA PRO E 156 -36.56 57.95 10.24
C PRO E 156 -37.75 57.01 10.34
N ASP E 157 -38.34 56.66 9.20
CA ASP E 157 -39.54 55.82 9.17
C ASP E 157 -39.26 54.43 8.63
N GLY E 158 -38.03 53.94 8.84
CA GLY E 158 -37.65 52.61 8.38
C GLY E 158 -37.47 51.65 9.53
N LYS E 159 -37.20 50.38 9.20
CA LYS E 159 -36.98 49.36 10.20
C LYS E 159 -35.70 49.61 10.99
N PHE E 160 -35.83 49.85 12.29
CA PHE E 160 -34.68 50.03 13.17
C PHE E 160 -34.03 48.68 13.48
N THR E 161 -32.72 48.70 13.67
CA THR E 161 -32.01 47.50 14.08
C THR E 161 -31.74 47.55 15.58
N TYR E 162 -32.31 46.60 16.31
CA TYR E 162 -32.15 46.55 17.76
C TYR E 162 -30.70 46.29 18.13
N ILE E 163 -30.22 46.99 19.16
CA ILE E 163 -28.85 46.80 19.63
C ILE E 163 -28.80 45.94 20.88
N ARG E 164 -29.20 46.52 22.01
CA ARG E 164 -29.14 45.81 23.28
C ARG E 164 -29.92 46.53 24.37
N SER E 165 -30.14 45.84 25.49
CA SER E 165 -30.75 46.43 26.67
C SER E 165 -29.81 46.27 27.85
N PHE E 166 -29.70 47.32 28.67
CA PHE E 166 -28.73 47.29 29.77
C PHE E 166 -29.06 48.32 30.85
N ARG E 167 -28.52 48.09 32.04
CA ARG E 167 -28.61 49.06 33.13
C ARG E 167 -27.35 49.91 33.15
N PRO E 168 -27.51 51.24 32.99
CA PRO E 168 -26.39 52.18 32.88
C PRO E 168 -25.34 52.01 33.97
N MET E 169 -24.08 52.15 33.58
CA MET E 169 -22.96 52.12 34.52
C MET E 169 -22.89 50.81 35.29
N GLN E 170 -23.11 49.69 34.60
CA GLN E 170 -23.12 48.38 35.25
C GLN E 170 -21.72 47.82 35.44
N ASP E 171 -20.77 48.30 34.65
CA ASP E 171 -19.40 47.80 34.70
C ASP E 171 -18.52 48.66 35.61
N THR E 172 -19.13 49.61 36.31
CA THR E 172 -18.39 50.49 37.21
C THR E 172 -18.42 49.96 38.65
N GLY E 173 -19.14 48.87 38.87
CA GLY E 173 -19.24 48.27 40.18
C GLY E 173 -20.45 48.76 40.96
N VAL E 174 -21.09 49.79 40.42
CA VAL E 174 -22.28 50.37 41.04
C VAL E 174 -23.42 49.36 41.09
N MET E 175 -24.13 49.34 42.22
CA MET E 175 -25.29 48.47 42.37
C MET E 175 -26.53 49.25 42.79
N ASP E 176 -27.67 48.85 42.25
CA ASP E 176 -28.91 49.55 42.53
C ASP E 176 -30.02 48.56 42.89
N HIS E 177 -30.16 48.30 44.19
CA HIS E 177 -31.18 47.40 44.70
C HIS E 177 -31.02 45.96 44.22
N GLY E 178 -29.83 45.40 44.44
CA GLY E 178 -29.58 43.99 44.17
C GLY E 178 -28.99 43.67 42.81
N LEU E 179 -29.05 44.62 41.89
CA LEU E 179 -28.52 44.40 40.54
C LEU E 179 -27.50 45.46 40.13
N PRO E 180 -26.46 45.03 39.40
CA PRO E 180 -25.39 45.93 38.95
C PRO E 180 -25.89 46.98 37.96
N GLY E 181 -25.50 48.23 38.20
CA GLY E 181 -25.89 49.33 37.33
C GLY E 181 -27.13 50.05 37.81
N TYR E 182 -27.21 51.34 37.50
CA TYR E 182 -28.36 52.14 37.89
C TYR E 182 -29.64 51.62 37.24
N MET E 183 -30.77 51.82 37.91
CA MET E 183 -32.06 51.43 37.35
C MET E 183 -32.48 52.44 36.29
N SER E 184 -33.28 52.00 35.33
CA SER E 184 -33.74 52.88 34.27
C SER E 184 -35.21 52.63 33.94
N ARG E 185 -36.07 53.51 34.43
CA ARG E 185 -37.51 53.41 34.18
C ARG E 185 -37.94 54.44 33.13
N ASP E 186 -38.78 55.39 33.56
CA ASP E 186 -39.21 56.48 32.68
C ASP E 186 -37.99 57.20 32.13
N CYS E 187 -38.00 57.45 30.83
CA CYS E 187 -36.81 58.00 30.16
C CYS E 187 -37.15 59.07 29.13
N ASN E 188 -36.10 59.71 28.61
CA ASN E 188 -36.24 60.70 27.54
C ASN E 188 -34.88 61.10 27.00
N VAL E 189 -34.85 61.68 25.81
CA VAL E 189 -33.59 62.07 25.18
C VAL E 189 -33.53 63.57 24.91
N PHE E 190 -32.32 64.11 24.85
CA PHE E 190 -32.12 65.52 24.61
C PHE E 190 -30.81 65.81 23.88
N VAL E 191 -30.89 66.50 22.75
CA VAL E 191 -29.72 66.88 21.98
C VAL E 191 -29.39 68.35 22.23
N ASP E 192 -28.25 68.60 22.88
CA ASP E 192 -27.83 69.95 23.20
C ASP E 192 -27.38 70.70 21.95
N THR E 193 -27.15 71.99 22.09
CA THR E 193 -26.74 72.84 20.97
C THR E 193 -25.30 72.58 20.54
N ASP E 194 -24.53 71.93 21.41
CA ASP E 194 -23.14 71.63 21.11
C ASP E 194 -22.97 70.25 20.47
N GLY E 195 -24.08 69.64 20.08
CA GLY E 195 -24.04 68.33 19.45
C GLY E 195 -24.00 67.18 20.44
N LYS E 196 -23.90 67.51 21.72
CA LYS E 196 -23.88 66.49 22.77
C LYS E 196 -25.24 65.82 22.90
N GLY E 197 -25.22 64.49 23.06
CA GLY E 197 -26.45 63.73 23.25
C GLY E 197 -26.62 63.34 24.69
N TYR E 198 -27.86 63.39 25.18
CA TYR E 198 -28.13 63.07 26.58
C TYR E 198 -29.32 62.12 26.73
N PHE E 199 -29.22 61.26 27.74
CA PHE E 199 -30.30 60.32 28.06
C PHE E 199 -30.64 60.44 29.54
N ILE E 200 -31.91 60.71 29.83
CA ILE E 200 -32.35 60.88 31.21
C ILE E 200 -33.38 59.81 31.60
N SER E 201 -33.21 59.24 32.77
CA SER E 201 -34.14 58.22 33.26
C SER E 201 -34.26 58.24 34.78
N ALA E 202 -35.28 57.56 35.29
CA ALA E 202 -35.51 57.50 36.73
C ALA E 202 -34.81 56.30 37.35
N ALA E 203 -33.91 56.56 38.29
CA ALA E 203 -33.14 55.50 38.93
C ALA E 203 -33.44 55.42 40.43
N ASN E 204 -32.69 54.57 41.12
CA ASN E 204 -32.87 54.38 42.57
C ASN E 204 -34.33 54.21 42.96
N GLU E 205 -34.97 53.19 42.39
CA GLU E 205 -36.37 52.91 42.68
C GLU E 205 -37.26 54.13 42.42
N ASN E 206 -36.98 54.82 41.31
CA ASN E 206 -37.79 55.96 40.89
C ASN E 206 -37.68 57.18 41.79
N MET E 207 -36.74 57.13 42.74
CA MET E 207 -36.55 58.24 43.67
C MET E 207 -35.74 59.37 43.06
N ASP E 208 -34.72 59.02 42.27
CA ASP E 208 -33.83 60.02 41.70
C ASP E 208 -33.92 60.07 40.18
N LEU E 209 -33.38 61.13 39.59
CA LEU E 209 -33.32 61.26 38.14
C LEU E 209 -31.88 61.37 37.68
N HIS E 210 -31.44 60.41 36.88
CA HIS E 210 -30.08 60.41 36.35
C HIS E 210 -30.03 60.98 34.94
N LEU E 211 -29.09 61.89 34.71
CA LEU E 211 -28.86 62.44 33.38
C LEU E 211 -27.55 61.89 32.84
N TYR E 212 -27.63 61.09 31.78
CA TYR E 212 -26.46 60.45 31.21
C TYR E 212 -25.99 61.15 29.94
N GLU E 213 -24.68 61.21 29.75
CA GLU E 213 -24.11 61.76 28.54
C GLU E 213 -23.76 60.64 27.56
N LEU E 214 -24.42 60.65 26.41
CA LEU E 214 -24.24 59.59 25.42
C LEU E 214 -22.91 59.75 24.67
N THR E 215 -22.39 58.63 24.20
CA THR E 215 -21.19 58.63 23.36
C THR E 215 -21.47 59.43 22.10
N PRO E 216 -20.40 59.83 21.38
CA PRO E 216 -20.53 60.66 20.18
C PRO E 216 -21.59 60.16 19.20
N ASP E 217 -21.80 58.84 19.13
CA ASP E 217 -22.75 58.28 18.18
C ASP E 217 -24.14 58.08 18.77
N TYR E 218 -24.33 58.54 20.01
CA TYR E 218 -25.62 58.47 20.70
C TYR E 218 -26.06 57.05 21.03
N LYS E 219 -25.30 56.06 20.59
CA LYS E 219 -25.72 54.67 20.73
C LYS E 219 -25.21 53.99 22.00
N ASN E 220 -24.65 54.77 22.92
CA ASN E 220 -24.14 54.23 24.17
C ASN E 220 -23.92 55.31 25.22
N ILE E 221 -24.13 54.94 26.49
CA ILE E 221 -23.92 55.88 27.59
C ILE E 221 -22.43 55.99 27.91
N ALA E 222 -21.93 57.23 27.96
CA ALA E 222 -20.50 57.46 28.19
C ALA E 222 -20.19 57.77 29.65
N SER E 223 -21.03 58.57 30.29
CA SER E 223 -20.81 58.96 31.67
C SER E 223 -22.06 59.54 32.33
N LEU E 224 -22.00 59.72 33.64
CA LEU E 224 -23.12 60.29 34.39
C LEU E 224 -22.96 61.80 34.53
N LYS E 225 -23.74 62.54 33.74
CA LYS E 225 -23.68 64.00 33.76
C LYS E 225 -23.94 64.56 35.15
N ALA E 226 -25.08 64.17 35.74
CA ALA E 226 -25.45 64.63 37.06
C ALA E 226 -26.70 63.93 37.61
N LYS E 227 -26.86 63.98 38.92
CA LYS E 227 -28.05 63.46 39.57
C LYS E 227 -28.96 64.63 39.95
N LEU E 228 -30.21 64.59 39.50
CA LEU E 228 -31.11 65.71 39.68
C LEU E 228 -32.36 65.36 40.49
N PHE E 229 -32.73 66.24 41.41
CA PHE E 229 -33.95 66.10 42.20
C PHE E 229 -34.00 64.76 42.93
N VAL E 230 -33.00 64.51 43.76
CA VAL E 230 -32.91 63.27 44.52
C VAL E 230 -33.97 63.20 45.61
N GLY E 231 -34.61 62.04 45.74
CA GLY E 231 -35.60 61.83 46.78
C GLY E 231 -36.94 62.47 46.50
N GLN E 232 -37.00 63.29 45.46
CA GLN E 232 -38.23 64.01 45.13
C GLN E 232 -39.18 63.16 44.29
N GLN E 233 -38.68 62.02 43.81
CA GLN E 233 -39.49 61.06 43.08
C GLN E 233 -40.25 61.68 41.91
N ARG E 234 -39.50 62.18 40.93
CA ARG E 234 -40.09 62.76 39.73
C ARG E 234 -39.97 61.78 38.57
N GLU E 235 -41.01 61.71 37.75
CA GLU E 235 -41.04 60.77 36.63
C GLU E 235 -41.48 61.43 35.32
N ALA E 236 -41.56 60.63 34.26
CA ALA E 236 -41.92 61.13 32.94
C ALA E 236 -41.21 62.44 32.63
N PRO E 237 -39.87 62.43 32.65
CA PRO E 237 -39.08 63.65 32.45
C PRO E 237 -39.07 64.12 31.00
N CYS E 238 -39.05 65.44 30.80
CA CYS E 238 -38.98 66.02 29.47
C CYS E 238 -37.95 67.15 29.46
N LEU E 239 -36.80 66.91 28.84
CA LEU E 239 -35.72 67.88 28.83
C LEU E 239 -35.76 68.72 27.55
N ILE E 240 -35.76 70.04 27.71
CA ILE E 240 -35.76 70.95 26.57
C ILE E 240 -34.84 72.15 26.82
N LYS E 241 -34.75 73.03 25.83
CA LYS E 241 -33.92 74.23 25.93
C LYS E 241 -34.50 75.35 25.09
N ARG E 242 -34.46 76.58 25.61
CA ARG E 242 -35.05 77.72 24.92
C ARG E 242 -34.01 78.80 24.60
N ASN E 243 -33.80 79.72 25.53
CA ASN E 243 -32.85 80.81 25.34
C ASN E 243 -31.66 80.72 26.30
N GLY E 244 -30.88 79.66 26.16
CA GLY E 244 -29.73 79.45 27.03
C GLY E 244 -30.16 78.85 28.35
N TYR E 245 -31.45 78.53 28.47
CA TYR E 245 -32.00 77.92 29.67
C TYR E 245 -32.48 76.50 29.40
N TYR E 246 -32.12 75.58 30.28
CA TYR E 246 -32.59 74.20 30.21
C TYR E 246 -33.85 74.06 31.05
N TYR E 247 -34.85 73.38 30.51
CA TYR E 247 -36.12 73.19 31.22
C TYR E 247 -36.45 71.71 31.38
N LEU E 248 -36.87 71.33 32.58
CA LEU E 248 -37.18 69.93 32.87
C LEU E 248 -38.60 69.76 33.41
N ILE E 249 -39.49 69.28 32.55
CA ILE E 249 -40.87 69.02 32.96
C ILE E 249 -41.04 67.57 33.39
N THR E 250 -41.53 67.38 34.61
CA THR E 250 -41.71 66.03 35.14
C THR E 250 -43.09 65.84 35.74
N SER E 251 -43.40 64.62 36.17
CA SER E 251 -44.67 64.30 36.79
C SER E 251 -44.45 63.52 38.08
N GLY E 252 -45.47 63.47 38.92
CA GLY E 252 -45.41 62.71 40.15
C GLY E 252 -45.49 61.22 39.88
N CYS E 253 -45.21 60.42 40.90
CA CYS E 253 -45.25 58.97 40.78
C CYS E 253 -46.52 58.41 41.41
N THR E 254 -47.58 58.30 40.61
CA THR E 254 -48.86 57.82 41.11
C THR E 254 -49.54 56.89 40.10
N GLY E 255 -48.75 56.02 39.48
CA GLY E 255 -49.28 55.04 38.54
C GLY E 255 -50.01 55.66 37.37
N TRP E 256 -51.11 55.04 36.96
CA TRP E 256 -51.91 55.56 35.86
C TRP E 256 -52.56 56.89 36.26
N ASN E 257 -52.96 56.99 37.52
CA ASN E 257 -53.62 58.18 38.03
C ASN E 257 -52.82 59.45 37.76
N PRO E 258 -53.43 60.40 37.03
CA PRO E 258 -52.80 61.68 36.71
C PRO E 258 -52.49 62.48 37.98
N ASN E 259 -51.42 63.27 37.93
CA ASN E 259 -51.01 64.06 39.09
C ASN E 259 -50.59 65.46 38.71
N GLN E 260 -49.93 66.15 39.64
CA GLN E 260 -49.48 67.52 39.42
C GLN E 260 -48.12 67.56 38.72
N ALA E 261 -48.09 68.14 37.52
CA ALA E 261 -46.85 68.27 36.77
C ALA E 261 -46.09 69.51 37.23
N LYS E 262 -44.79 69.38 37.38
CA LYS E 262 -43.94 70.49 37.81
C LYS E 262 -42.79 70.70 36.84
N TYR E 263 -42.08 71.83 36.99
CA TYR E 263 -40.97 72.14 36.12
C TYR E 263 -39.85 72.85 36.86
N ALA E 264 -38.68 72.91 36.24
CA ALA E 264 -37.53 73.61 36.81
C ALA E 264 -36.59 74.06 35.70
N TYR E 265 -35.75 75.03 35.98
CA TYR E 265 -34.84 75.58 34.98
C TYR E 265 -33.40 75.65 35.49
N SER E 266 -32.47 75.86 34.57
CA SER E 266 -31.07 75.98 34.92
C SER E 266 -30.24 76.45 33.73
N LYS E 267 -29.16 77.17 34.01
CA LYS E 267 -28.27 77.66 32.95
C LYS E 267 -27.35 76.54 32.47
N ASP E 268 -27.10 75.57 33.35
CA ASP E 268 -26.24 74.44 33.01
C ASP E 268 -26.92 73.12 33.34
N LEU E 269 -26.52 72.05 32.66
CA LEU E 269 -27.10 70.74 32.88
C LEU E 269 -26.54 70.09 34.15
N ALA E 270 -25.26 70.28 34.39
CA ALA E 270 -24.59 69.65 35.53
C ALA E 270 -25.18 70.10 36.87
N SER E 271 -25.37 71.42 37.01
CA SER E 271 -25.88 71.96 38.27
C SER E 271 -26.56 73.31 38.05
N GLY E 272 -26.98 73.94 39.15
CA GLY E 272 -27.61 75.24 39.10
C GLY E 272 -29.10 75.16 38.86
N TRP E 273 -29.70 74.01 39.18
CA TRP E 273 -31.12 73.81 38.97
C TRP E 273 -31.98 74.48 40.04
N SER E 274 -33.06 75.12 39.61
CA SER E 274 -33.98 75.78 40.53
C SER E 274 -34.89 74.75 41.20
N GLN E 275 -35.81 75.23 42.03
CA GLN E 275 -36.77 74.37 42.70
C GLN E 275 -37.91 74.00 41.76
N LEU E 276 -38.83 73.18 42.25
CA LEU E 276 -39.94 72.70 41.44
C LEU E 276 -41.13 73.66 41.49
N TYR E 277 -41.51 74.16 40.33
CA TYR E 277 -42.66 75.05 40.21
C TYR E 277 -43.81 74.34 39.51
N ASN E 278 -45.01 74.49 40.04
CA ASN E 278 -46.20 73.85 39.47
C ASN E 278 -46.43 74.26 38.02
N LEU E 279 -47.14 73.42 37.28
CA LEU E 279 -47.44 73.67 35.88
C LEU E 279 -48.74 73.00 35.50
N GLY E 280 -49.78 73.79 35.27
CA GLY E 280 -51.11 73.27 35.01
C GLY E 280 -51.87 73.08 36.31
N ASN E 281 -52.84 72.19 36.31
CA ASN E 281 -53.60 71.91 37.54
C ASN E 281 -53.07 70.67 38.27
N SER E 282 -53.76 70.29 39.33
CA SER E 282 -53.35 69.17 40.16
C SER E 282 -53.44 67.83 39.43
N THR E 283 -53.91 67.86 38.19
CA THR E 283 -54.11 66.64 37.42
C THR E 283 -53.43 66.75 36.05
N THR E 284 -52.74 67.88 35.83
CA THR E 284 -52.15 68.16 34.54
C THR E 284 -53.18 67.97 33.43
N TYR E 285 -54.43 68.30 33.75
CA TYR E 285 -55.52 68.18 32.79
C TYR E 285 -55.72 66.74 32.36
N ARG E 286 -55.69 65.84 33.34
CA ARG E 286 -55.85 64.41 33.10
C ARG E 286 -54.89 63.90 32.02
N SER E 287 -53.59 64.07 32.27
CA SER E 287 -52.57 63.60 31.35
C SER E 287 -51.22 63.52 32.03
N GLN E 288 -50.28 62.82 31.41
CA GLN E 288 -48.92 62.73 31.92
C GLN E 288 -47.93 63.13 30.83
N PRO E 289 -47.00 64.05 31.17
CA PRO E 289 -45.99 64.52 30.22
C PRO E 289 -45.26 63.36 29.56
N THR E 290 -45.01 63.46 28.26
CA THR E 290 -44.30 62.42 27.54
C THR E 290 -43.18 62.98 26.69
N PHE E 291 -43.39 64.16 26.12
CA PHE E 291 -42.39 64.80 25.27
C PHE E 291 -42.78 66.23 24.90
N ILE E 292 -41.79 67.11 24.87
CA ILE E 292 -42.01 68.49 24.47
C ILE E 292 -41.10 68.86 23.30
N ILE E 293 -41.70 69.29 22.19
CA ILE E 293 -40.94 69.62 20.99
C ILE E 293 -41.25 71.02 20.48
N PRO E 294 -40.20 71.81 20.19
CA PRO E 294 -40.37 73.16 19.64
C PRO E 294 -40.85 73.13 18.20
N VAL E 295 -41.96 73.81 17.93
CA VAL E 295 -42.49 73.90 16.58
C VAL E 295 -42.12 75.25 15.97
N GLN E 296 -41.08 75.26 15.15
CA GLN E 296 -40.58 76.49 14.56
C GLN E 296 -41.22 76.78 13.21
N GLY E 297 -41.58 78.04 12.98
CA GLY E 297 -42.20 78.46 11.74
C GLY E 297 -41.67 79.77 11.23
N SER E 298 -42.46 80.45 10.41
CA SER E 298 -42.05 81.71 9.82
C SER E 298 -42.07 82.86 10.83
N SER E 299 -43.18 83.00 11.54
CA SER E 299 -43.34 84.07 12.53
C SER E 299 -42.43 83.86 13.74
N GLY E 300 -42.51 82.67 14.34
CA GLY E 300 -41.71 82.37 15.52
C GLY E 300 -41.76 80.91 15.91
N THR E 301 -41.42 80.63 17.17
CA THR E 301 -41.40 79.26 17.67
C THR E 301 -42.28 79.08 18.90
N SER E 302 -43.28 78.20 18.79
CA SER E 302 -44.14 77.89 19.92
C SER E 302 -43.99 76.42 20.31
N TYR E 303 -43.50 76.19 21.52
CA TYR E 303 -43.26 74.83 22.01
C TYR E 303 -44.56 74.05 22.21
N LEU E 304 -44.59 72.84 21.67
CA LEU E 304 -45.77 71.99 21.78
C LEU E 304 -45.60 70.91 22.84
N TYR E 305 -46.63 70.74 23.67
CA TYR E 305 -46.59 69.76 24.75
C TYR E 305 -47.47 68.55 24.42
N MET E 306 -46.86 67.37 24.44
CA MET E 306 -47.58 66.13 24.23
C MET E 306 -47.76 65.40 25.55
N GLY E 307 -48.97 64.90 25.78
CA GLY E 307 -49.29 64.19 27.01
C GLY E 307 -50.17 62.99 26.76
N ASP E 308 -50.13 62.03 27.68
CA ASP E 308 -50.95 60.83 27.55
C ASP E 308 -52.04 60.76 28.62
N ARG E 309 -53.27 60.53 28.18
CA ARG E 309 -54.37 60.28 29.10
C ARG E 309 -54.57 58.77 29.21
N TRP E 310 -53.77 58.14 30.06
CA TRP E 310 -53.76 56.69 30.18
C TRP E 310 -55.11 56.10 30.57
N ALA E 311 -55.56 55.11 29.79
CA ALA E 311 -56.83 54.45 30.03
C ALA E 311 -56.79 53.63 31.32
N GLY E 312 -55.59 53.38 31.82
CA GLY E 312 -55.42 52.62 33.04
C GLY E 312 -56.05 53.32 34.23
N ALA E 313 -56.23 54.63 34.11
CA ALA E 313 -56.82 55.43 35.17
C ALA E 313 -58.28 55.06 35.41
N TRP E 314 -58.94 54.53 34.38
CA TRP E 314 -60.33 54.12 34.51
C TRP E 314 -60.54 52.66 34.12
N GLY E 315 -59.50 51.85 34.28
CA GLY E 315 -59.59 50.43 34.03
C GLY E 315 -59.73 50.06 32.56
N GLY E 316 -58.89 50.65 31.72
CA GLY E 316 -58.87 50.32 30.31
C GLY E 316 -57.48 49.90 29.86
N LYS E 317 -57.40 49.18 28.75
CA LYS E 317 -56.11 48.74 28.22
C LYS E 317 -55.33 49.93 27.67
N VAL E 318 -54.01 49.81 27.67
CA VAL E 318 -53.13 50.89 27.21
C VAL E 318 -53.53 51.42 25.83
N ASN E 319 -53.96 50.51 24.95
CA ASN E 319 -54.35 50.90 23.60
C ASN E 319 -55.64 51.72 23.57
N ASP E 320 -56.25 51.90 24.73
CA ASP E 320 -57.45 52.73 24.85
C ASP E 320 -57.11 54.13 25.34
N SER E 321 -55.84 54.35 25.65
CA SER E 321 -55.38 55.64 26.15
C SER E 321 -55.61 56.73 25.11
N GLN E 322 -55.66 57.98 25.57
CA GLN E 322 -55.92 59.11 24.69
C GLN E 322 -54.76 60.10 24.72
N TYR E 323 -54.86 61.17 23.94
CA TYR E 323 -53.79 62.15 23.83
C TYR E 323 -54.24 63.55 24.23
N VAL E 324 -53.33 64.31 24.84
CA VAL E 324 -53.60 65.68 25.21
C VAL E 324 -52.44 66.60 24.80
N TRP E 325 -52.66 67.38 23.75
CA TRP E 325 -51.65 68.30 23.25
C TRP E 325 -52.00 69.75 23.59
N LEU E 326 -51.06 70.43 24.25
CA LEU E 326 -51.27 71.82 24.64
C LEU E 326 -50.01 72.65 24.40
N PRO E 327 -50.19 73.95 24.15
CA PRO E 327 -49.05 74.85 23.95
C PRO E 327 -48.35 75.17 25.28
N LEU E 328 -47.03 75.10 25.29
CA LEU E 328 -46.26 75.48 26.47
C LEU E 328 -45.74 76.90 26.32
N ASN E 329 -46.41 77.84 26.97
CA ASN E 329 -46.08 79.25 26.85
C ASN E 329 -44.99 79.68 27.83
N PHE E 330 -44.11 80.58 27.37
CA PHE E 330 -43.04 81.09 28.22
C PHE E 330 -43.24 82.58 28.52
N ILE E 331 -43.89 82.86 29.64
CA ILE E 331 -44.10 84.24 30.07
C ILE E 331 -42.75 84.92 30.26
N SER E 332 -41.80 84.19 30.84
CA SER E 332 -40.44 84.67 31.00
C SER E 332 -39.48 83.49 30.92
N ASP E 333 -38.19 83.77 31.09
CA ASP E 333 -37.19 82.70 31.06
C ASP E 333 -37.28 81.80 32.28
N THR E 334 -38.07 82.23 33.27
CA THR E 334 -38.21 81.48 34.51
C THR E 334 -39.66 81.15 34.83
N THR E 335 -40.58 81.67 34.02
CA THR E 335 -42.01 81.45 34.25
C THR E 335 -42.66 80.75 33.07
N LEU E 336 -43.08 79.50 33.28
CA LEU E 336 -43.75 78.74 32.24
C LEU E 336 -45.24 78.63 32.49
N GLU E 337 -46.00 78.38 31.43
CA GLU E 337 -47.46 78.34 31.51
C GLU E 337 -48.03 77.25 30.62
N LEU E 338 -48.84 76.37 31.20
CA LEU E 338 -49.47 75.30 30.45
C LEU E 338 -50.99 75.38 30.56
N PRO E 339 -51.63 76.12 29.64
CA PRO E 339 -53.08 76.27 29.63
C PRO E 339 -53.76 75.06 29.01
N TYR E 340 -55.05 74.89 29.30
CA TYR E 340 -55.82 73.79 28.71
C TYR E 340 -56.89 74.29 27.74
N TYR E 341 -56.83 73.78 26.51
CA TYR E 341 -57.81 74.13 25.49
C TYR E 341 -58.49 72.87 24.97
N ASP E 342 -59.81 72.81 25.10
CA ASP E 342 -60.58 71.67 24.60
C ASP E 342 -60.20 71.41 23.14
N SER E 343 -59.89 72.47 22.42
CA SER E 343 -59.47 72.38 21.03
C SER E 343 -58.25 73.27 20.79
N VAL E 344 -57.23 72.72 20.14
CA VAL E 344 -56.02 73.46 19.87
C VAL E 344 -55.74 73.56 18.37
N LYS E 345 -55.49 74.77 17.90
CA LYS E 345 -55.15 74.98 16.49
C LYS E 345 -53.65 75.05 16.29
N ILE E 346 -53.16 74.29 15.31
CA ILE E 346 -51.73 74.24 15.03
C ILE E 346 -51.44 74.64 13.59
N ASP E 347 -50.43 75.48 13.40
CA ASP E 347 -50.00 75.87 12.07
C ASP E 347 -48.49 75.78 11.97
N ALA E 348 -47.99 74.63 11.54
CA ALA E 348 -46.56 74.35 11.51
C ALA E 348 -45.78 75.35 10.66
N SER E 349 -46.36 75.75 9.53
CA SER E 349 -45.70 76.69 8.63
C SER E 349 -45.35 78.00 9.32
N SER E 350 -46.29 78.55 10.06
CA SER E 350 -46.07 79.81 10.77
C SER E 350 -45.47 79.57 12.15
N GLY E 351 -45.73 78.39 12.70
CA GLY E 351 -45.24 78.04 14.03
C GLY E 351 -46.15 78.54 15.13
N ILE E 352 -47.46 78.50 14.87
CA ILE E 352 -48.44 78.97 15.83
C ILE E 352 -49.20 77.83 16.49
N ILE E 353 -49.24 77.86 17.83
CA ILE E 353 -50.02 76.91 18.59
C ILE E 353 -50.87 77.66 19.62
N SER E 354 -52.14 77.89 19.27
CA SER E 354 -53.03 78.66 20.14
C SER E 354 -54.38 77.98 20.31
N GLU E 355 -55.24 78.58 21.13
CA GLU E 355 -56.57 78.06 21.37
C GLU E 355 -57.44 78.17 20.12
N TYR E 356 -58.27 77.17 19.87
CA TYR E 356 -59.18 77.21 18.73
C TYR E 356 -60.57 77.66 19.17
N ILE E 357 -61.02 78.78 18.64
CA ILE E 357 -62.36 79.29 18.96
C ILE E 357 -63.34 78.94 17.84
N PRO E 358 -64.28 78.04 18.14
CA PRO E 358 -65.29 77.59 17.17
C PRO E 358 -66.08 78.75 16.58
N ASP E 359 -66.38 79.75 17.41
CA ASP E 359 -67.14 80.92 16.97
C ASP E 359 -66.34 82.19 17.16
N THR E 360 -65.74 82.68 16.08
CA THR E 360 -64.84 83.83 16.15
C THR E 360 -65.59 85.16 16.23
N THR E 361 -66.84 85.11 16.69
CA THR E 361 -67.63 86.33 16.86
C THR E 361 -67.16 87.13 18.07
N ARG E 362 -66.67 88.34 17.82
CA ARG E 362 -66.19 89.21 18.88
C ARG E 362 -67.35 89.97 19.54
N TYR E 363 -67.19 90.29 20.81
CA TYR E 363 -68.27 90.94 21.56
C TYR E 363 -67.78 92.10 22.43
N LYS E 364 -68.75 92.91 22.87
CA LYS E 364 -68.50 93.96 23.85
C LYS E 364 -69.53 93.83 24.97
N LEU E 365 -69.05 93.87 26.21
CA LEU E 365 -69.95 93.75 27.37
C LEU E 365 -70.22 95.11 27.99
N VAL E 366 -71.38 95.67 27.67
CA VAL E 366 -71.75 97.01 28.13
C VAL E 366 -72.57 96.95 29.42
N ASN E 367 -72.16 97.73 30.41
CA ASN E 367 -72.89 97.82 31.67
C ASN E 367 -74.07 98.77 31.54
N LYS E 368 -75.24 98.35 32.04
CA LYS E 368 -76.44 99.18 31.95
C LYS E 368 -76.33 100.44 32.80
N ASN E 369 -75.77 100.32 33.99
CA ASN E 369 -75.66 101.44 34.91
C ASN E 369 -74.65 102.50 34.48
N SER E 370 -73.43 102.06 34.20
CA SER E 370 -72.35 102.98 33.84
C SER E 370 -72.31 103.29 32.35
N GLY E 371 -72.81 102.36 31.54
CA GLY E 371 -72.77 102.51 30.10
C GLY E 371 -71.42 102.14 29.52
N LYS E 372 -70.46 101.89 30.41
CA LYS E 372 -69.11 101.52 29.98
C LYS E 372 -69.03 100.03 29.65
N VAL E 373 -67.91 99.61 29.09
CA VAL E 373 -67.73 98.22 28.66
C VAL E 373 -66.66 97.49 29.47
N LEU E 374 -66.72 96.17 29.46
CA LEU E 374 -65.75 95.35 30.18
C LEU E 374 -64.37 95.44 29.52
N ASP E 375 -63.34 95.64 30.33
CA ASP E 375 -62.00 95.85 29.81
C ASP E 375 -60.93 95.31 30.76
N VAL E 376 -59.69 95.29 30.29
CA VAL E 376 -58.55 94.90 31.10
C VAL E 376 -57.71 96.13 31.44
N LEU E 377 -57.21 96.18 32.67
CA LEU E 377 -56.41 97.31 33.12
C LEU E 377 -55.24 97.58 32.19
N ASP E 378 -55.20 98.79 31.63
CA ASP E 378 -54.14 99.18 30.70
C ASP E 378 -54.09 98.29 29.47
N GLY E 379 -55.15 97.52 29.27
CA GLY E 379 -55.22 96.60 28.14
C GLY E 379 -54.01 95.69 28.06
N SER E 380 -53.50 95.31 29.22
CA SER E 380 -52.31 94.46 29.29
C SER E 380 -52.64 93.02 28.91
N VAL E 381 -51.65 92.32 28.37
CA VAL E 381 -51.82 90.92 28.02
C VAL E 381 -51.17 90.03 29.08
N ASP E 382 -50.58 90.66 30.09
CA ASP E 382 -49.93 89.94 31.18
C ASP E 382 -50.94 89.10 31.96
N ASN E 383 -50.45 88.04 32.59
CA ASN E 383 -51.32 87.12 33.33
C ASN E 383 -51.82 87.73 34.64
N ALA E 384 -53.02 87.33 35.05
CA ALA E 384 -53.60 87.79 36.31
C ALA E 384 -53.91 89.28 36.29
N ALA E 385 -54.02 89.85 35.10
CA ALA E 385 -54.32 91.27 34.95
C ALA E 385 -55.70 91.60 35.51
N GLN E 386 -55.82 92.78 36.10
CA GLN E 386 -57.06 93.18 36.75
C GLN E 386 -58.12 93.59 35.74
N ILE E 387 -59.36 93.20 35.99
CA ILE E 387 -60.47 93.49 35.08
C ILE E 387 -61.26 94.71 35.56
N VAL E 388 -61.29 95.75 34.73
CA VAL E 388 -61.99 96.97 35.07
C VAL E 388 -62.91 97.43 33.93
N GLN E 389 -63.83 98.34 34.24
CA GLN E 389 -64.69 98.91 33.22
C GLN E 389 -64.06 100.17 32.67
N TRP E 390 -64.26 100.42 31.37
CA TRP E 390 -63.70 101.60 30.73
C TRP E 390 -64.64 102.12 29.65
N THR E 391 -64.42 103.37 29.24
CA THR E 391 -65.22 103.98 28.20
C THR E 391 -65.05 103.22 26.88
N ASP E 392 -66.12 103.17 26.09
CA ASP E 392 -66.08 102.47 24.81
C ASP E 392 -65.21 103.23 23.81
N ASN E 393 -63.95 102.84 23.71
CA ASN E 393 -63.02 103.47 22.78
C ASN E 393 -62.63 102.55 21.63
N GLY E 394 -63.21 101.36 21.61
CA GLY E 394 -62.99 100.41 20.53
C GLY E 394 -61.66 99.70 20.60
N SER E 395 -60.93 99.91 21.70
CA SER E 395 -59.63 99.28 21.88
C SER E 395 -59.75 97.77 21.78
N LEU E 396 -58.65 97.11 21.43
CA LEU E 396 -58.65 95.66 21.25
C LEU E 396 -58.84 94.93 22.57
N SER E 397 -58.56 95.63 23.66
CA SER E 397 -58.61 95.03 25.00
C SER E 397 -60.05 94.89 25.49
N GLN E 398 -61.00 95.41 24.72
CA GLN E 398 -62.40 95.41 25.13
C GLN E 398 -63.25 94.47 24.27
N GLN E 399 -62.59 93.55 23.59
CA GLN E 399 -63.28 92.56 22.77
C GLN E 399 -63.10 91.17 23.36
N TRP E 400 -64.15 90.36 23.31
CA TRP E 400 -64.14 89.06 23.95
C TRP E 400 -64.78 87.96 23.10
N TYR E 401 -64.18 86.77 23.12
CA TYR E 401 -64.76 85.60 22.48
C TYR E 401 -65.63 84.86 23.49
N LEU E 402 -66.62 84.14 22.98
CA LEU E 402 -67.48 83.32 23.83
C LEU E 402 -67.38 81.84 23.45
N VAL E 403 -66.53 81.11 24.17
CA VAL E 403 -66.29 79.70 23.90
C VAL E 403 -67.18 78.80 24.74
N ASP E 404 -68.07 78.08 24.08
CA ASP E 404 -69.00 77.17 24.76
C ASP E 404 -68.24 76.00 25.38
N VAL E 405 -68.45 75.78 26.68
CA VAL E 405 -67.76 74.70 27.38
C VAL E 405 -68.73 73.64 27.89
N GLY E 406 -69.94 73.64 27.33
CA GLY E 406 -70.94 72.65 27.69
C GLY E 406 -71.55 72.86 29.06
N GLY E 407 -72.75 72.33 29.25
CA GLY E 407 -73.45 72.46 30.51
C GLY E 407 -74.25 73.74 30.61
N GLY E 408 -74.28 74.49 29.52
CA GLY E 408 -74.98 75.76 29.49
C GLY E 408 -74.08 76.91 29.88
N TYR E 409 -72.84 76.58 30.27
CA TYR E 409 -71.86 77.59 30.66
C TYR E 409 -70.91 77.91 29.51
N LYS E 410 -70.28 79.07 29.59
CA LYS E 410 -69.36 79.52 28.54
C LYS E 410 -68.11 80.15 29.15
N LYS E 411 -67.06 80.23 28.34
CA LYS E 411 -65.81 80.85 28.78
C LYS E 411 -65.63 82.19 28.09
N ILE E 412 -65.34 83.23 28.87
CA ILE E 412 -65.17 84.58 28.35
C ILE E 412 -63.71 84.89 28.11
N VAL E 413 -63.27 84.76 26.85
CA VAL E 413 -61.87 84.94 26.51
C VAL E 413 -61.60 86.29 25.87
N ASN E 414 -60.59 86.99 26.38
CA ASN E 414 -60.18 88.26 25.81
C ASN E 414 -59.55 88.05 24.43
N VAL E 415 -59.60 89.08 23.59
CA VAL E 415 -59.07 88.98 22.24
C VAL E 415 -57.58 89.33 22.18
N LYS E 416 -57.22 90.47 22.76
CA LYS E 416 -55.84 90.91 22.77
C LYS E 416 -54.93 89.86 23.40
N SER E 417 -55.38 89.31 24.52
CA SER E 417 -54.66 88.23 25.19
C SER E 417 -55.54 86.99 25.26
N GLY E 418 -54.95 85.84 24.98
CA GLY E 418 -55.70 84.58 24.96
C GLY E 418 -56.23 84.18 26.33
N ARG E 419 -55.99 85.03 27.32
CA ARG E 419 -56.42 84.73 28.69
C ARG E 419 -57.94 84.74 28.82
N ALA E 420 -58.44 84.12 29.88
CA ALA E 420 -59.87 84.04 30.11
C ALA E 420 -60.28 84.73 31.41
N LEU E 421 -61.54 85.16 31.48
CA LEU E 421 -62.05 85.85 32.66
C LEU E 421 -62.41 84.83 33.75
N ASP E 422 -61.81 84.98 34.92
CA ASP E 422 -62.12 84.08 36.04
C ASP E 422 -62.17 84.80 37.39
N VAL E 423 -62.78 84.13 38.37
CA VAL E 423 -62.82 84.64 39.73
C VAL E 423 -61.51 84.33 40.43
N LYS E 424 -60.77 85.38 40.78
CA LYS E 424 -59.44 85.23 41.37
C LYS E 424 -59.45 84.34 42.60
N ASP E 425 -58.47 83.44 42.68
CA ASP E 425 -58.31 82.55 43.83
C ASP E 425 -59.55 81.70 44.10
N GLU E 426 -60.37 81.52 43.06
CA GLU E 426 -61.61 80.76 43.19
C GLU E 426 -62.42 81.19 44.41
N SER E 427 -62.57 82.50 44.58
CA SER E 427 -63.31 83.05 45.70
C SER E 427 -64.79 82.74 45.60
N LYS E 428 -65.45 82.58 46.74
CA LYS E 428 -66.88 82.32 46.80
C LYS E 428 -67.61 83.41 47.56
N GLU E 429 -66.88 84.47 47.91
CA GLU E 429 -67.44 85.55 48.71
C GLU E 429 -67.70 86.79 47.87
N ASP E 430 -68.56 87.66 48.37
CA ASP E 430 -68.86 88.93 47.70
C ASP E 430 -67.61 89.80 47.64
N GLY E 431 -67.51 90.59 46.58
CA GLY E 431 -66.37 91.48 46.41
C GLY E 431 -65.18 90.80 45.76
N GLY E 432 -65.35 89.53 45.40
CA GLY E 432 -64.30 88.78 44.74
C GLY E 432 -63.92 89.43 43.42
N VAL E 433 -62.73 90.03 43.38
CA VAL E 433 -62.26 90.71 42.18
C VAL E 433 -62.01 89.73 41.05
N LEU E 434 -62.36 90.15 39.83
CA LEU E 434 -62.17 89.31 38.65
C LEU E 434 -60.92 89.72 37.87
N ILE E 435 -60.18 88.73 37.38
CA ILE E 435 -58.98 88.98 36.60
C ILE E 435 -58.94 88.06 35.39
N GLN E 436 -58.08 88.39 34.42
CA GLN E 436 -57.85 87.50 33.29
C GLN E 436 -56.69 86.57 33.63
N TYR E 437 -56.92 85.27 33.51
CA TYR E 437 -55.91 84.29 33.86
C TYR E 437 -55.83 83.20 32.80
N THR E 438 -54.75 82.44 32.81
CA THR E 438 -54.56 81.36 31.84
C THR E 438 -55.69 80.34 31.96
N SER E 439 -56.17 79.85 30.83
CA SER E 439 -57.23 78.86 30.82
C SER E 439 -56.78 77.58 31.53
N ASN E 440 -57.59 77.11 32.48
CA ASN E 440 -57.25 75.91 33.24
C ASN E 440 -58.44 75.01 33.49
N GLY E 441 -59.53 75.27 32.79
CA GLY E 441 -60.72 74.43 32.88
C GLY E 441 -61.40 74.49 34.22
N GLY E 442 -60.94 75.39 35.09
CA GLY E 442 -61.55 75.57 36.39
C GLY E 442 -62.95 76.12 36.28
N TYR E 443 -63.82 75.72 37.20
CA TYR E 443 -65.22 76.18 37.19
C TYR E 443 -65.35 77.67 37.47
N ASN E 444 -64.26 78.27 37.97
CA ASN E 444 -64.26 79.71 38.21
C ASN E 444 -64.01 80.48 36.92
N GLN E 445 -63.89 79.75 35.82
CA GLN E 445 -63.68 80.35 34.51
C GLN E 445 -64.88 80.11 33.60
N HIS E 446 -65.92 79.48 34.16
CA HIS E 446 -67.15 79.21 33.43
C HIS E 446 -68.26 80.14 33.88
N TRP E 447 -68.96 80.74 32.90
CA TRP E 447 -70.00 81.71 33.19
C TRP E 447 -71.31 81.35 32.48
N LYS E 448 -72.42 81.52 33.18
CA LYS E 448 -73.74 81.29 32.57
C LYS E 448 -74.45 82.61 32.29
N PHE E 449 -75.01 82.72 31.09
CA PHE E 449 -75.73 83.92 30.68
C PHE E 449 -77.23 83.76 30.86
N THR E 450 -77.80 84.56 31.75
CA THR E 450 -79.23 84.54 32.02
C THR E 450 -79.91 85.77 31.43
N ASP E 451 -80.74 85.55 30.42
CA ASP E 451 -81.44 86.65 29.74
C ASP E 451 -82.51 87.26 30.63
N ILE E 452 -82.49 88.59 30.74
CA ILE E 452 -83.48 89.31 31.53
C ILE E 452 -84.29 90.28 30.67
N GLY E 453 -84.04 90.22 29.36
CA GLY E 453 -84.79 91.03 28.41
C GLY E 453 -84.02 92.21 27.84
N ASP E 454 -84.47 92.68 26.68
CA ASP E 454 -83.86 93.83 26.02
C ASP E 454 -82.36 93.68 25.78
N GLY E 455 -81.93 92.46 25.46
CA GLY E 455 -80.55 92.21 25.11
C GLY E 455 -79.58 92.35 26.27
N TYR E 456 -80.12 92.44 27.49
CA TYR E 456 -79.29 92.49 28.68
C TYR E 456 -79.25 91.14 29.39
N TYR E 457 -78.07 90.77 29.88
CA TYR E 457 -77.88 89.48 30.53
C TYR E 457 -77.40 89.60 31.97
N LYS E 458 -77.59 88.53 32.73
CA LYS E 458 -77.12 88.46 34.11
C LYS E 458 -76.09 87.32 34.21
N ILE E 459 -74.81 87.68 34.08
CA ILE E 459 -73.74 86.70 34.00
C ILE E 459 -73.35 86.16 35.38
N SER E 460 -73.68 84.90 35.63
CA SER E 460 -73.36 84.26 36.90
C SER E 460 -72.17 83.31 36.77
N SER E 461 -71.44 83.14 37.88
CA SER E 461 -70.28 82.25 37.89
C SER E 461 -70.71 80.82 38.20
N ARG E 462 -69.99 79.87 37.61
CA ARG E 462 -70.30 78.45 37.79
C ARG E 462 -69.83 77.96 39.15
N HIS E 463 -68.93 78.71 39.76
CA HIS E 463 -68.32 78.32 41.03
C HIS E 463 -69.28 78.48 42.20
N CYS E 464 -69.79 79.68 42.40
CA CYS E 464 -70.69 79.96 43.52
C CYS E 464 -72.06 80.44 43.06
N GLY E 465 -72.12 81.09 41.91
CA GLY E 465 -73.37 81.58 41.37
C GLY E 465 -73.47 83.08 41.39
N LYS E 466 -72.46 83.74 41.98
CA LYS E 466 -72.43 85.19 42.06
C LYS E 466 -72.29 85.82 40.68
N LEU E 467 -72.72 87.07 40.55
CA LEU E 467 -72.76 87.74 39.26
C LEU E 467 -71.56 88.66 39.05
N ILE E 468 -71.34 89.05 37.79
CA ILE E 468 -70.32 90.03 37.47
C ILE E 468 -70.79 91.40 37.92
N ASP E 469 -70.10 91.98 38.89
CA ASP E 469 -70.55 93.22 39.52
C ASP E 469 -69.54 94.35 39.37
N VAL E 470 -70.04 95.58 39.28
CA VAL E 470 -69.18 96.76 39.23
C VAL E 470 -69.06 97.35 40.63
N ARG E 471 -67.85 97.34 41.17
CA ARG E 471 -67.63 97.77 42.54
C ARG E 471 -68.27 99.12 42.86
N LYS E 472 -69.26 99.09 43.75
CA LYS E 472 -69.90 100.31 44.23
C LYS E 472 -70.59 101.10 43.13
N TRP E 473 -71.13 100.38 42.14
CA TRP E 473 -71.89 101.01 41.07
C TRP E 473 -71.08 102.09 40.34
N SER E 474 -69.76 101.96 40.39
CA SER E 474 -68.87 102.95 39.78
C SER E 474 -69.28 103.28 38.35
N THR E 475 -69.15 104.55 37.98
CA THR E 475 -69.52 105.00 36.64
C THR E 475 -68.34 105.64 35.93
N GLU E 476 -67.16 105.58 36.54
CA GLU E 476 -65.96 106.15 35.96
C GLU E 476 -65.03 105.08 35.39
N ASP E 477 -64.01 105.51 34.67
CA ASP E 477 -63.02 104.60 34.11
C ASP E 477 -62.20 103.95 35.22
N GLY E 478 -61.82 102.69 34.99
CA GLY E 478 -61.02 101.96 35.96
C GLY E 478 -61.88 101.34 37.05
N GLY E 479 -63.19 101.33 36.84
CA GLY E 479 -64.12 100.73 37.79
C GLY E 479 -63.86 99.25 37.94
N ILE E 480 -63.40 98.86 39.13
CA ILE E 480 -63.04 97.47 39.40
C ILE E 480 -64.23 96.52 39.23
N ILE E 481 -64.05 95.50 38.41
CA ILE E 481 -65.07 94.48 38.21
C ILE E 481 -64.88 93.34 39.21
N GLN E 482 -65.97 92.86 39.79
CA GLN E 482 -65.90 91.86 40.84
C GLN E 482 -67.06 90.87 40.72
N GLN E 483 -67.28 90.09 41.78
CA GLN E 483 -68.43 89.20 41.85
C GLN E 483 -69.27 89.55 43.07
N TRP E 484 -70.58 89.39 42.94
CA TRP E 484 -71.49 89.74 44.03
C TRP E 484 -72.79 88.97 43.91
N SER E 485 -73.46 88.75 45.03
CA SER E 485 -74.74 88.05 45.05
C SER E 485 -75.76 88.78 44.19
N ASP E 486 -76.77 88.06 43.72
CA ASP E 486 -77.81 88.64 42.89
C ASP E 486 -78.60 89.68 43.69
N ALA E 487 -78.38 90.95 43.37
CA ALA E 487 -79.03 92.05 44.08
C ALA E 487 -80.06 92.76 43.22
N GLY E 488 -80.11 92.40 41.94
CA GLY E 488 -81.07 92.98 41.02
C GLY E 488 -80.72 94.39 40.60
N GLY E 489 -79.49 94.81 40.89
CA GLY E 489 -79.03 96.14 40.53
C GLY E 489 -78.65 96.23 39.07
N THR E 490 -78.78 97.42 38.49
CA THR E 490 -78.45 97.64 37.08
C THR E 490 -76.95 97.53 36.85
N ASN E 491 -76.18 97.59 37.93
CA ASN E 491 -74.73 97.46 37.84
C ASN E 491 -74.31 96.01 37.62
N GLN E 492 -75.29 95.11 37.68
CA GLN E 492 -75.03 93.68 37.49
C GLN E 492 -75.56 93.20 36.15
N HIS E 493 -76.08 94.13 35.36
CA HIS E 493 -76.66 93.80 34.07
C HIS E 493 -75.73 94.21 32.93
N TRP E 494 -75.52 93.30 31.99
CA TRP E 494 -74.59 93.55 30.89
C TRP E 494 -75.25 93.31 29.53
N LYS E 495 -74.94 94.17 28.57
CA LYS E 495 -75.48 94.04 27.21
C LYS E 495 -74.44 93.46 26.28
N LEU E 496 -74.84 92.45 25.51
CA LEU E 496 -73.93 91.79 24.58
C LEU E 496 -73.99 92.45 23.20
N VAL E 497 -72.93 93.18 22.86
CA VAL E 497 -72.88 93.91 21.59
C VAL E 497 -71.88 93.31 20.62
N LEU E 498 -72.34 93.01 19.42
CA LEU E 498 -71.48 92.44 18.38
C LEU E 498 -70.56 93.49 17.77
N VAL E 499 -69.38 93.08 17.35
CA VAL E 499 -68.42 93.98 16.72
C VAL E 499 -67.71 93.30 15.55
N GLU F 39 -6.18 8.63 6.28
CA GLU F 39 -6.99 8.50 7.49
C GLU F 39 -7.08 9.81 8.25
N GLY F 40 -7.13 9.73 9.57
CA GLY F 40 -7.18 10.91 10.42
C GLY F 40 -5.82 11.56 10.55
N VAL F 41 -5.30 12.07 9.43
CA VAL F 41 -3.97 12.66 9.40
C VAL F 41 -3.99 14.11 8.92
N ILE F 42 -3.21 14.95 9.60
CA ILE F 42 -3.09 16.35 9.24
C ILE F 42 -1.67 16.69 8.80
N VAL F 43 -1.55 17.45 7.72
CA VAL F 43 -0.24 17.88 7.24
C VAL F 43 -0.01 19.36 7.55
N ASN F 44 0.82 19.63 8.55
CA ASN F 44 1.11 21.00 8.96
C ASN F 44 1.86 21.79 7.89
N GLY F 45 1.67 23.11 7.90
CA GLY F 45 2.34 23.98 6.96
C GLY F 45 1.63 24.08 5.63
N THR F 46 0.36 23.67 5.61
CA THR F 46 -0.44 23.72 4.39
C THR F 46 -1.83 24.29 4.68
N GLN F 47 -2.55 24.62 3.61
CA GLN F 47 -3.93 25.09 3.73
C GLN F 47 -4.89 23.91 3.68
N PHE F 48 -5.46 23.56 4.83
CA PHE F 48 -6.39 22.45 4.92
C PHE F 48 -7.57 22.67 3.97
N LYS F 49 -8.09 21.58 3.42
CA LYS F 49 -9.25 21.66 2.53
C LYS F 49 -10.48 21.04 3.19
N ASP F 50 -11.64 21.62 2.89
CA ASP F 50 -12.90 21.11 3.41
C ASP F 50 -13.38 19.93 2.58
N THR F 51 -14.49 19.33 3.00
CA THR F 51 -15.02 18.14 2.34
C THR F 51 -15.37 18.39 0.88
N SER F 52 -15.46 19.65 0.49
CA SER F 52 -15.81 20.01 -0.88
C SER F 52 -14.58 20.29 -1.74
N GLY F 53 -13.39 20.21 -1.13
CA GLY F 53 -12.15 20.38 -1.87
C GLY F 53 -11.63 21.81 -1.87
N ASN F 54 -12.42 22.73 -1.34
CA ASN F 54 -12.03 24.13 -1.26
C ASN F 54 -11.13 24.41 -0.07
N VAL F 55 -10.24 25.38 -0.21
CA VAL F 55 -9.35 25.76 0.88
C VAL F 55 -10.13 26.32 2.06
N ILE F 56 -9.83 25.84 3.25
CA ILE F 56 -10.49 26.32 4.45
C ILE F 56 -9.97 27.71 4.82
N HIS F 57 -10.88 28.67 4.90
CA HIS F 57 -10.50 30.02 5.30
C HIS F 57 -11.05 30.39 6.67
N ALA F 58 -10.30 30.05 7.71
CA ALA F 58 -10.66 30.34 9.09
C ALA F 58 -9.41 30.67 9.88
N HIS F 59 -8.80 31.81 9.57
CA HIS F 59 -7.52 32.18 10.15
C HIS F 59 -7.66 32.82 11.53
N GLY F 60 -6.64 32.62 12.36
CA GLY F 60 -6.65 33.15 13.72
C GLY F 60 -7.94 32.88 14.45
N GLY F 61 -8.57 31.75 14.15
CA GLY F 61 -9.85 31.42 14.73
C GLY F 61 -9.76 30.51 15.94
N GLY F 62 -10.91 29.99 16.36
CA GLY F 62 -10.99 29.10 17.50
C GLY F 62 -11.90 27.93 17.22
N MET F 63 -12.19 27.14 18.25
CA MET F 63 -13.03 25.96 18.09
C MET F 63 -13.98 25.76 19.28
N LEU F 64 -15.16 25.22 18.99
CA LEU F 64 -16.18 24.99 20.00
C LEU F 64 -16.69 23.56 19.94
N LYS F 65 -16.71 22.89 21.09
CA LYS F 65 -17.20 21.51 21.17
C LYS F 65 -18.63 21.47 21.70
N HIS F 66 -19.59 21.40 20.78
CA HIS F 66 -21.00 21.35 21.17
C HIS F 66 -21.69 20.16 20.51
N GLY F 67 -22.30 19.32 21.34
CA GLY F 67 -22.95 18.11 20.84
C GLY F 67 -21.94 17.10 20.35
N ASP F 68 -22.19 16.53 19.17
CA ASP F 68 -21.29 15.54 18.60
C ASP F 68 -20.35 16.19 17.59
N TYR F 69 -20.45 17.50 17.44
CA TYR F 69 -19.69 18.22 16.43
C TYR F 69 -18.70 19.23 17.01
N TYR F 70 -17.60 19.42 16.30
CA TYR F 70 -16.65 20.50 16.59
C TYR F 70 -16.86 21.62 15.60
N TYR F 71 -16.96 22.84 16.10
CA TYR F 71 -17.17 24.00 15.23
C TYR F 71 -15.91 24.88 15.19
N TRP F 72 -15.39 25.08 13.99
CA TRP F 72 -14.16 25.85 13.80
C TRP F 72 -14.45 27.19 13.14
N TYR F 73 -14.37 28.26 13.91
CA TYR F 73 -14.60 29.61 13.41
C TYR F 73 -13.28 30.30 13.12
N GLY F 74 -13.27 31.23 12.18
CA GLY F 74 -12.07 31.95 11.83
C GLY F 74 -12.29 33.11 10.87
N GLU F 75 -11.22 33.86 10.61
CA GLU F 75 -11.27 35.01 9.72
C GLU F 75 -11.43 34.58 8.26
N TYR F 76 -12.12 35.40 7.49
CA TYR F 76 -12.23 35.22 6.05
C TYR F 76 -12.10 36.58 5.38
N ARG F 77 -10.91 36.84 4.82
CA ARG F 77 -10.60 38.16 4.30
C ARG F 77 -10.38 38.17 2.79
N ASP F 78 -10.52 39.33 2.17
CA ASP F 78 -10.32 39.47 0.74
C ASP F 78 -8.86 39.75 0.40
N ASP F 79 -8.59 40.01 -0.87
CA ASP F 79 -7.21 40.26 -1.32
C ASP F 79 -6.62 41.51 -0.69
N SER F 80 -7.49 42.42 -0.23
CA SER F 80 -7.05 43.66 0.39
C SER F 80 -6.96 43.52 1.90
N ASN F 81 -6.91 42.27 2.37
CA ASN F 81 -6.87 41.98 3.80
C ASN F 81 -8.01 42.63 4.58
N LEU F 82 -9.16 42.78 3.93
CA LEU F 82 -10.34 43.35 4.57
C LEU F 82 -11.33 42.25 4.96
N PHE F 83 -12.16 42.54 5.95
CA PHE F 83 -13.10 41.57 6.49
C PHE F 83 -14.20 41.21 5.49
N LEU F 84 -14.35 39.92 5.22
CA LEU F 84 -15.43 39.41 4.38
C LEU F 84 -16.45 38.63 5.19
N GLY F 85 -15.99 38.06 6.30
CA GLY F 85 -16.87 37.30 7.18
C GLY F 85 -16.14 36.35 8.10
N VAL F 86 -16.87 35.84 9.10
CA VAL F 86 -16.33 34.83 10.00
C VAL F 86 -16.92 33.48 9.61
N SER F 87 -16.07 32.61 9.06
CA SER F 87 -16.51 31.33 8.53
C SER F 87 -16.66 30.26 9.60
N CYS F 88 -17.59 29.34 9.39
CA CYS F 88 -17.82 28.25 10.33
C CYS F 88 -17.66 26.88 9.65
N TYR F 89 -16.78 26.07 10.22
CA TYR F 89 -16.56 24.71 9.70
C TYR F 89 -16.89 23.68 10.77
N ARG F 90 -17.62 22.64 10.38
CA ARG F 90 -18.07 21.63 11.33
C ARG F 90 -17.42 20.28 11.05
N SER F 91 -17.23 19.48 12.09
CA SER F 91 -16.61 18.17 11.95
C SER F 91 -16.79 17.30 13.19
N LYS F 92 -16.72 15.99 13.01
CA LYS F 92 -16.81 15.06 14.13
C LYS F 92 -15.43 14.49 14.48
N ASP F 93 -14.56 14.38 13.48
CA ASP F 93 -13.26 13.74 13.66
C ASP F 93 -12.09 14.73 13.66
N LEU F 94 -12.40 16.01 13.50
CA LEU F 94 -11.38 17.06 13.51
C LEU F 94 -10.43 16.98 12.31
N VAL F 95 -10.74 16.08 11.37
CA VAL F 95 -9.90 15.93 10.18
C VAL F 95 -10.66 16.33 8.93
N ASN F 96 -11.92 15.92 8.84
CA ASN F 96 -12.77 16.27 7.70
C ASN F 96 -13.75 17.38 8.07
N TRP F 97 -13.52 18.57 7.55
CA TRP F 97 -14.33 19.74 7.91
C TRP F 97 -15.34 20.10 6.83
N GLU F 98 -16.59 20.26 7.25
CA GLU F 98 -17.69 20.61 6.34
C GLU F 98 -18.01 22.10 6.44
N TYR F 99 -17.84 22.82 5.34
CA TYR F 99 -18.11 24.24 5.30
C TYR F 99 -19.59 24.53 5.56
N ARG F 100 -19.84 25.41 6.52
CA ARG F 100 -21.21 25.73 6.92
C ARG F 100 -21.61 27.16 6.55
N GLY F 101 -20.73 27.86 5.85
CA GLY F 101 -20.97 29.23 5.45
C GLY F 101 -20.47 30.23 6.47
N GLU F 102 -20.84 31.49 6.29
CA GLU F 102 -20.44 32.54 7.21
C GLU F 102 -21.50 32.79 8.29
N VAL F 103 -21.11 32.59 9.55
CA VAL F 103 -22.01 32.87 10.67
C VAL F 103 -22.12 34.38 10.87
N LEU F 104 -21.11 35.10 10.39
CA LEU F 104 -21.12 36.56 10.41
C LEU F 104 -20.42 37.08 9.16
N SER F 105 -20.98 38.12 8.55
CA SER F 105 -20.44 38.62 7.30
C SER F 105 -20.22 40.12 7.29
N ARG F 106 -19.62 40.59 6.21
CA ARG F 106 -19.33 42.00 6.01
C ARG F 106 -20.62 42.78 5.78
N ASN F 107 -21.71 42.04 5.63
CA ASN F 107 -23.02 42.62 5.37
C ASN F 107 -23.91 42.59 6.60
N SER F 108 -23.43 41.94 7.66
CA SER F 108 -24.20 41.78 8.88
C SER F 108 -24.52 43.10 9.57
N ALA F 109 -23.70 44.12 9.29
CA ALA F 109 -23.87 45.43 9.90
C ALA F 109 -23.16 46.50 9.07
N PRO F 110 -23.70 47.73 9.08
CA PRO F 110 -23.13 48.84 8.31
C PRO F 110 -21.69 49.15 8.68
N GLU F 111 -21.36 49.06 9.98
CA GLU F 111 -20.01 49.35 10.43
C GLU F 111 -19.06 48.21 10.10
N LEU F 112 -19.58 47.17 9.46
CA LEU F 112 -18.77 46.03 9.06
C LEU F 112 -18.52 46.01 7.55
N ASN F 113 -19.23 46.87 6.81
CA ASN F 113 -19.09 46.93 5.36
C ASN F 113 -17.64 47.09 4.89
N HIS F 114 -16.88 47.90 5.61
CA HIS F 114 -15.48 48.12 5.29
C HIS F 114 -14.66 48.21 6.57
N CYS F 115 -14.18 47.05 7.03
CA CYS F 115 -13.45 46.99 8.29
C CYS F 115 -12.50 45.81 8.33
N ASN F 116 -12.08 45.44 9.54
CA ASN F 116 -11.16 44.35 9.75
C ASN F 116 -11.41 43.64 11.08
N ILE F 117 -12.04 42.47 11.02
CA ILE F 117 -12.27 41.67 12.21
C ILE F 117 -11.18 40.60 12.34
N GLU F 118 -10.63 40.47 13.53
CA GLU F 118 -9.54 39.52 13.75
C GLU F 118 -9.78 38.63 14.97
N ARG F 119 -9.39 37.37 14.85
CA ARG F 119 -9.44 36.41 15.95
C ARG F 119 -10.82 36.27 16.57
N PRO F 120 -11.83 35.91 15.75
CA PRO F 120 -13.17 35.68 16.29
C PRO F 120 -13.24 34.38 17.08
N LYS F 121 -13.81 34.43 18.28
CA LYS F 121 -13.95 33.25 19.12
C LYS F 121 -15.41 33.04 19.52
N VAL F 122 -15.83 31.79 19.64
CA VAL F 122 -17.21 31.49 20.00
C VAL F 122 -17.30 30.69 21.30
N MET F 123 -18.20 31.10 22.17
CA MET F 123 -18.41 30.44 23.44
C MET F 123 -19.88 30.14 23.65
N TYR F 124 -20.18 29.03 24.33
CA TYR F 124 -21.56 28.64 24.58
C TYR F 124 -21.98 28.93 26.02
N ASN F 125 -23.10 29.62 26.17
CA ASN F 125 -23.65 29.92 27.48
C ASN F 125 -24.67 28.86 27.91
N ALA F 126 -24.30 28.06 28.91
CA ALA F 126 -25.14 26.95 29.36
C ALA F 126 -26.52 27.41 29.80
N SER F 127 -26.58 28.49 30.57
CA SER F 127 -27.85 28.97 31.12
C SER F 127 -28.76 29.56 30.04
N THR F 128 -28.21 30.44 29.21
CA THR F 128 -29.00 31.12 28.19
C THR F 128 -29.23 30.21 26.98
N GLY F 129 -28.33 29.26 26.77
CA GLY F 129 -28.43 28.35 25.66
C GLY F 129 -28.07 29.00 24.34
N GLU F 130 -27.45 30.17 24.41
CA GLU F 130 -27.07 30.92 23.23
C GLU F 130 -25.57 30.88 22.99
N PHE F 131 -25.17 31.09 21.74
CA PHE F 131 -23.77 31.15 21.37
C PHE F 131 -23.32 32.60 21.20
N VAL F 132 -22.31 32.99 21.97
CA VAL F 132 -21.80 34.35 21.91
C VAL F 132 -20.43 34.40 21.23
N MET F 133 -20.27 35.33 20.30
CA MET F 133 -19.02 35.46 19.57
C MET F 133 -18.31 36.76 19.92
N TRP F 134 -17.04 36.65 20.30
CA TRP F 134 -16.22 37.82 20.60
C TRP F 134 -15.10 37.96 19.57
N MET F 135 -14.78 39.19 19.21
CA MET F 135 -13.82 39.44 18.15
C MET F 135 -13.11 40.77 18.31
N HIS F 136 -12.02 40.94 17.56
CA HIS F 136 -11.25 42.18 17.56
C HIS F 136 -11.65 43.04 16.37
N TRP F 137 -12.21 44.22 16.64
CA TRP F 137 -12.68 45.10 15.58
C TRP F 137 -11.67 46.18 15.23
N GLU F 138 -11.52 46.44 13.94
CA GLU F 138 -10.65 47.49 13.45
C GLU F 138 -11.22 48.08 12.17
N ASN F 139 -10.83 49.31 11.85
CA ASN F 139 -11.21 49.92 10.58
C ASN F 139 -10.31 49.41 9.47
N GLY F 140 -10.70 49.68 8.23
CA GLY F 140 -9.94 49.20 7.08
C GLY F 140 -8.58 49.86 6.95
N ILE F 141 -8.40 50.99 7.60
CA ILE F 141 -7.18 51.78 7.46
C ILE F 141 -6.04 51.30 8.35
N ASN F 142 -6.28 51.27 9.66
CA ASN F 142 -5.22 50.92 10.60
C ASN F 142 -5.72 50.18 11.83
N TYR F 143 -4.82 49.95 12.79
CA TYR F 143 -5.16 49.29 14.03
C TYR F 143 -5.31 50.30 15.16
N GLY F 144 -5.62 51.54 14.80
CA GLY F 144 -5.70 52.62 15.77
C GLY F 144 -6.90 52.53 16.70
N GLN F 145 -8.02 52.05 16.19
CA GLN F 145 -9.25 51.96 16.97
C GLN F 145 -9.12 50.99 18.14
N ALA F 146 -8.68 49.76 17.84
CA ALA F 146 -8.44 48.75 18.86
C ALA F 146 -9.64 48.58 19.79
N ARG F 147 -10.76 48.10 19.25
CA ARG F 147 -11.95 47.84 20.05
C ARG F 147 -12.37 46.39 19.91
N ALA F 148 -13.36 45.99 20.70
CA ALA F 148 -13.87 44.62 20.68
C ALA F 148 -15.34 44.60 20.26
N ALA F 149 -15.76 43.55 19.59
CA ALA F 149 -17.13 43.44 19.11
C ALA F 149 -17.79 42.15 19.59
N VAL F 150 -19.12 42.16 19.65
CA VAL F 150 -19.88 41.00 20.14
C VAL F 150 -21.05 40.66 19.22
N ALA F 151 -21.35 39.37 19.11
CA ALA F 151 -22.51 38.91 18.36
C ALA F 151 -23.04 37.63 19.00
N TYR F 152 -24.31 37.32 18.75
CA TYR F 152 -24.92 36.13 19.35
C TYR F 152 -25.80 35.36 18.36
N SER F 153 -26.10 34.11 18.70
CA SER F 153 -26.94 33.27 17.87
C SER F 153 -27.52 32.10 18.68
N LYS F 154 -28.67 31.61 18.24
CA LYS F 154 -29.32 30.48 18.91
C LYS F 154 -28.61 29.18 18.54
N THR F 155 -28.06 29.13 17.34
CA THR F 155 -27.38 27.94 16.84
C THR F 155 -25.92 28.26 16.54
N PRO F 156 -25.05 27.24 16.62
CA PRO F 156 -23.61 27.41 16.40
C PRO F 156 -23.26 27.73 14.96
N ASP F 157 -24.00 27.17 14.01
CA ASP F 157 -23.71 27.36 12.60
C ASP F 157 -24.75 28.25 11.91
N GLY F 158 -25.58 28.90 12.70
CA GLY F 158 -26.58 29.80 12.16
C GLY F 158 -26.02 31.19 11.93
N LYS F 159 -26.85 32.08 11.39
CA LYS F 159 -26.43 33.45 11.13
C LYS F 159 -26.44 34.28 12.41
N PHE F 160 -25.25 34.53 12.95
CA PHE F 160 -25.11 35.35 14.15
C PHE F 160 -25.63 36.76 13.90
N THR F 161 -26.29 37.33 14.90
CA THR F 161 -26.76 38.70 14.82
C THR F 161 -25.74 39.60 15.52
N TYR F 162 -25.31 40.64 14.82
CA TYR F 162 -24.29 41.55 15.33
C TYR F 162 -24.86 42.46 16.42
N ILE F 163 -24.09 42.66 17.48
CA ILE F 163 -24.51 43.54 18.57
C ILE F 163 -23.87 44.92 18.46
N ARG F 164 -22.58 44.99 18.77
CA ARG F 164 -21.88 46.27 18.79
C ARG F 164 -20.38 46.10 18.93
N SER F 165 -19.64 47.16 18.59
CA SER F 165 -18.20 47.20 18.82
C SER F 165 -17.89 48.31 19.80
N PHE F 166 -16.94 48.08 20.69
CA PHE F 166 -16.67 49.03 21.77
C PHE F 166 -15.31 48.82 22.42
N ARG F 167 -14.86 49.83 23.15
CA ARG F 167 -13.65 49.72 23.95
C ARG F 167 -14.03 49.50 25.41
N PRO F 168 -13.51 48.43 26.02
CA PRO F 168 -13.85 48.02 27.38
C PRO F 168 -13.66 49.13 28.42
N MET F 169 -14.63 49.27 29.31
CA MET F 169 -14.53 50.20 30.45
C MET F 169 -14.53 51.66 30.02
N GLN F 170 -15.26 51.98 28.96
CA GLN F 170 -15.34 53.36 28.50
C GLN F 170 -16.25 54.19 29.41
N ASP F 171 -17.02 53.50 30.25
CA ASP F 171 -17.90 54.16 31.21
C ASP F 171 -17.10 54.84 32.32
N THR F 172 -16.05 54.17 32.78
CA THR F 172 -15.25 54.67 33.89
C THR F 172 -14.40 55.87 33.52
N GLY F 173 -14.61 56.40 32.30
CA GLY F 173 -13.90 57.57 31.85
C GLY F 173 -12.42 57.34 31.64
N VAL F 174 -12.01 56.08 31.69
CA VAL F 174 -10.60 55.72 31.49
C VAL F 174 -10.16 56.06 30.07
N MET F 175 -8.90 56.48 29.94
CA MET F 175 -8.33 56.80 28.64
C MET F 175 -7.13 55.90 28.34
N ASP F 176 -7.04 55.44 27.10
CA ASP F 176 -5.90 54.61 26.69
C ASP F 176 -5.35 55.10 25.36
N HIS F 177 -4.31 55.93 25.43
CA HIS F 177 -3.66 56.46 24.23
C HIS F 177 -4.60 57.29 23.37
N GLY F 178 -5.28 58.24 24.00
CA GLY F 178 -6.07 59.23 23.27
C GLY F 178 -7.53 58.90 23.06
N LEU F 179 -7.96 57.73 23.53
CA LEU F 179 -9.35 57.32 23.36
C LEU F 179 -9.96 56.75 24.65
N PRO F 180 -11.26 56.99 24.85
CA PRO F 180 -11.99 56.48 26.03
C PRO F 180 -12.09 54.97 26.02
N GLY F 181 -11.81 54.33 27.16
CA GLY F 181 -11.85 52.89 27.26
C GLY F 181 -10.52 52.25 26.93
N TYR F 182 -10.23 51.12 27.57
CA TYR F 182 -8.98 50.41 27.31
C TYR F 182 -8.91 49.96 25.87
N MET F 183 -7.69 49.85 25.34
CA MET F 183 -7.48 49.33 23.99
C MET F 183 -7.69 47.82 24.01
N SER F 184 -8.25 47.29 22.93
CA SER F 184 -8.52 45.87 22.85
C SER F 184 -8.22 45.32 21.45
N ARG F 185 -7.14 44.55 21.34
CA ARG F 185 -6.75 43.96 20.07
C ARG F 185 -6.85 42.43 20.11
N ASP F 186 -5.72 41.75 20.06
CA ASP F 186 -5.69 40.28 20.10
C ASP F 186 -6.50 39.77 21.28
N CYS F 187 -7.52 38.95 21.00
CA CYS F 187 -8.44 38.51 22.03
C CYS F 187 -8.64 36.99 22.04
N ASN F 188 -9.40 36.53 23.03
CA ASN F 188 -9.75 35.12 23.17
C ASN F 188 -10.70 34.94 24.34
N VAL F 189 -11.57 33.93 24.25
CA VAL F 189 -12.57 33.71 25.28
C VAL F 189 -12.27 32.48 26.14
N PHE F 190 -12.88 32.42 27.31
CA PHE F 190 -12.70 31.30 28.23
C PHE F 190 -13.90 31.13 29.15
N VAL F 191 -14.35 29.89 29.31
CA VAL F 191 -15.45 29.59 30.23
C VAL F 191 -14.94 28.75 31.40
N ASP F 192 -15.13 29.25 32.61
CA ASP F 192 -14.65 28.57 33.80
C ASP F 192 -15.60 27.47 34.24
N THR F 193 -15.14 26.62 35.15
CA THR F 193 -15.94 25.50 35.64
C THR F 193 -17.16 26.00 36.43
N ASP F 194 -17.04 27.19 37.00
CA ASP F 194 -18.13 27.77 37.79
C ASP F 194 -19.24 28.31 36.91
N GLY F 195 -18.97 28.42 35.62
CA GLY F 195 -19.97 28.89 34.67
C GLY F 195 -19.77 30.35 34.26
N LYS F 196 -18.71 30.96 34.78
CA LYS F 196 -18.41 32.35 34.45
C LYS F 196 -17.60 32.46 33.16
N GLY F 197 -17.96 33.42 32.32
CA GLY F 197 -17.25 33.64 31.07
C GLY F 197 -16.22 34.75 31.19
N TYR F 198 -15.22 34.72 30.33
CA TYR F 198 -14.15 35.72 30.37
C TYR F 198 -13.70 36.11 28.98
N PHE F 199 -13.12 37.31 28.88
CA PHE F 199 -12.64 37.84 27.61
C PHE F 199 -11.28 38.52 27.83
N ILE F 200 -10.24 37.93 27.27
CA ILE F 200 -8.89 38.46 27.43
C ILE F 200 -8.38 39.12 26.16
N SER F 201 -7.80 40.31 26.30
CA SER F 201 -7.29 41.05 25.16
C SER F 201 -6.07 41.89 25.53
N ALA F 202 -5.30 42.28 24.52
CA ALA F 202 -4.12 43.10 24.72
C ALA F 202 -4.48 44.58 24.77
N ALA F 203 -4.09 45.24 25.84
CA ALA F 203 -4.41 46.65 26.04
C ALA F 203 -3.16 47.51 26.20
N ASN F 204 -3.37 48.81 26.36
CA ASN F 204 -2.26 49.75 26.54
C ASN F 204 -1.20 49.59 25.46
N GLU F 205 -1.63 49.66 24.21
CA GLU F 205 -0.74 49.48 23.06
C GLU F 205 -0.06 48.11 23.09
N ASN F 206 -0.83 47.09 23.45
CA ASN F 206 -0.35 45.71 23.44
C ASN F 206 0.66 45.39 24.54
N MET F 207 0.95 46.38 25.38
CA MET F 207 1.94 46.20 26.45
C MET F 207 1.41 45.33 27.58
N ASP F 208 0.11 45.42 27.84
CA ASP F 208 -0.51 44.69 28.94
C ASP F 208 -1.62 43.77 28.48
N LEU F 209 -1.99 42.81 29.31
CA LEU F 209 -3.12 41.94 29.03
C LEU F 209 -4.25 42.18 30.04
N HIS F 210 -5.45 42.40 29.52
CA HIS F 210 -6.61 42.64 30.38
C HIS F 210 -7.57 41.47 30.35
N LEU F 211 -7.76 40.84 31.51
CA LEU F 211 -8.75 39.78 31.65
C LEU F 211 -10.06 40.35 32.16
N TYR F 212 -11.09 40.31 31.32
CA TYR F 212 -12.39 40.86 31.69
C TYR F 212 -13.37 39.76 32.05
N GLU F 213 -14.15 39.97 33.11
CA GLU F 213 -15.22 39.06 33.47
C GLU F 213 -16.51 39.50 32.78
N LEU F 214 -17.13 38.57 32.05
CA LEU F 214 -18.33 38.87 31.29
C LEU F 214 -19.58 38.82 32.15
N THR F 215 -20.62 39.53 31.71
CA THR F 215 -21.92 39.48 32.38
C THR F 215 -22.50 38.08 32.26
N PRO F 216 -23.50 37.76 33.10
CA PRO F 216 -24.09 36.41 33.12
C PRO F 216 -24.44 35.87 31.74
N ASP F 217 -24.84 36.75 30.82
CA ASP F 217 -25.27 36.31 29.49
C ASP F 217 -24.14 36.34 28.46
N TYR F 218 -22.92 36.63 28.92
CA TYR F 218 -21.73 36.61 28.07
C TYR F 218 -21.71 37.72 27.01
N LYS F 219 -22.79 38.48 26.89
CA LYS F 219 -22.91 39.48 25.84
C LYS F 219 -22.35 40.84 26.23
N ASN F 220 -21.59 40.90 27.33
CA ASN F 220 -21.06 42.17 27.80
C ASN F 220 -19.96 41.99 28.84
N ILE F 221 -19.14 43.02 29.01
CA ILE F 221 -18.09 43.01 30.01
C ILE F 221 -18.60 43.58 31.32
N ALA F 222 -18.48 42.79 32.40
CA ALA F 222 -19.00 43.17 33.70
C ALA F 222 -17.96 43.90 34.55
N SER F 223 -16.72 43.43 34.49
CA SER F 223 -15.65 44.02 35.29
C SER F 223 -14.27 43.57 34.82
N LEU F 224 -13.24 44.23 35.32
CA LEU F 224 -11.86 43.86 35.01
C LEU F 224 -11.33 42.88 36.04
N LYS F 225 -11.26 41.61 35.64
CA LYS F 225 -10.82 40.55 36.54
C LYS F 225 -9.42 40.82 37.08
N ALA F 226 -8.48 41.10 36.17
CA ALA F 226 -7.10 41.38 36.56
C ALA F 226 -6.24 41.81 35.39
N LYS F 227 -5.18 42.56 35.70
CA LYS F 227 -4.20 42.95 34.69
C LYS F 227 -3.03 41.97 34.75
N LEU F 228 -2.87 41.17 33.70
CA LEU F 228 -1.87 40.11 33.71
C LEU F 228 -0.66 40.42 32.84
N PHE F 229 0.52 40.11 33.37
CA PHE F 229 1.77 40.30 32.65
C PHE F 229 1.90 41.72 32.08
N VAL F 230 2.02 42.69 32.97
CA VAL F 230 2.15 44.08 32.57
C VAL F 230 3.55 44.36 32.04
N GLY F 231 3.62 45.08 30.94
CA GLY F 231 4.91 45.45 30.35
C GLY F 231 5.54 44.32 29.56
N GLN F 232 5.09 43.09 29.82
CA GLN F 232 5.63 41.92 29.13
C GLN F 232 5.39 42.00 27.63
N GLN F 233 4.34 42.71 27.25
CA GLN F 233 4.00 42.90 25.84
C GLN F 233 3.68 41.59 25.16
N ARG F 234 2.97 40.70 25.87
CA ARG F 234 2.53 39.44 25.30
C ARG F 234 1.20 39.64 24.57
N GLU F 235 1.00 38.88 23.50
CA GLU F 235 -0.25 38.96 22.75
C GLU F 235 -0.74 37.58 22.29
N ALA F 236 -1.80 37.58 21.48
CA ALA F 236 -2.41 36.34 21.01
C ALA F 236 -2.60 35.36 22.16
N PRO F 237 -3.37 35.76 23.17
CA PRO F 237 -3.53 34.94 24.38
C PRO F 237 -4.40 33.70 24.13
N CYS F 238 -4.11 32.63 24.85
CA CYS F 238 -4.94 31.43 24.83
C CYS F 238 -5.15 30.92 26.24
N LEU F 239 -6.37 31.10 26.76
CA LEU F 239 -6.67 30.75 28.14
C LEU F 239 -7.38 29.40 28.25
N ILE F 240 -6.79 28.49 29.02
CA ILE F 240 -7.38 27.18 29.25
C ILE F 240 -7.25 26.77 30.71
N LYS F 241 -7.83 25.62 31.05
CA LYS F 241 -7.79 25.13 32.42
C LYS F 241 -7.74 23.61 32.45
N ARG F 242 -6.90 23.06 33.34
CA ARG F 242 -6.76 21.61 33.45
C ARG F 242 -6.39 21.19 34.87
N ASN F 243 -7.24 20.37 35.48
CA ASN F 243 -6.99 19.85 36.82
C ASN F 243 -6.74 20.94 37.86
N GLY F 244 -7.63 21.93 37.91
CA GLY F 244 -7.54 22.99 38.90
C GLY F 244 -6.43 23.99 38.61
N TYR F 245 -5.83 23.87 37.43
CA TYR F 245 -4.76 24.78 37.01
C TYR F 245 -5.17 25.59 35.79
N TYR F 246 -4.88 26.90 35.82
CA TYR F 246 -5.12 27.76 34.67
C TYR F 246 -3.83 27.91 33.86
N TYR F 247 -3.98 27.95 32.54
CA TYR F 247 -2.82 28.04 31.66
C TYR F 247 -3.01 29.14 30.63
N LEU F 248 -1.96 29.93 30.42
CA LEU F 248 -2.02 31.03 29.47
C LEU F 248 -0.87 30.95 28.47
N ILE F 249 -1.21 30.65 27.22
CA ILE F 249 -0.23 30.60 26.15
C ILE F 249 -0.24 31.92 25.39
N THR F 250 0.93 32.55 25.28
CA THR F 250 1.03 33.84 24.62
C THR F 250 2.16 33.87 23.59
N SER F 251 2.24 34.97 22.85
CA SER F 251 3.31 35.17 21.88
C SER F 251 3.76 36.63 21.89
N GLY F 252 5.01 36.86 21.52
CA GLY F 252 5.54 38.22 21.49
C GLY F 252 4.84 39.08 20.45
N CYS F 253 5.24 40.34 20.35
CA CYS F 253 4.66 41.24 19.37
C CYS F 253 5.66 41.56 18.26
N THR F 254 5.64 40.76 17.21
CA THR F 254 6.56 40.94 16.09
C THR F 254 5.82 40.96 14.76
N GLY F 255 4.59 41.45 14.77
CA GLY F 255 3.79 41.53 13.56
C GLY F 255 3.43 40.16 13.01
N TRP F 256 3.50 40.01 11.70
CA TRP F 256 3.19 38.74 11.05
C TRP F 256 4.30 37.73 11.31
N ASN F 257 5.53 38.22 11.46
CA ASN F 257 6.68 37.35 11.70
C ASN F 257 6.53 36.50 12.94
N PRO F 258 6.74 35.19 12.81
CA PRO F 258 6.65 34.25 13.93
C PRO F 258 7.69 34.55 15.00
N ASN F 259 7.38 34.24 16.25
CA ASN F 259 8.29 34.48 17.36
C ASN F 259 8.19 33.40 18.44
N GLN F 260 9.00 33.55 19.48
CA GLN F 260 9.00 32.58 20.58
C GLN F 260 7.68 32.63 21.35
N ALA F 261 7.03 31.47 21.44
CA ALA F 261 5.80 31.36 22.21
C ALA F 261 6.11 30.95 23.65
N LYS F 262 5.41 31.55 24.59
CA LYS F 262 5.62 31.25 26.00
C LYS F 262 4.32 30.88 26.69
N TYR F 263 4.42 30.25 27.85
CA TYR F 263 3.24 29.86 28.60
C TYR F 263 3.43 30.10 30.10
N ALA F 264 2.33 30.30 30.80
CA ALA F 264 2.36 30.49 32.24
C ALA F 264 1.15 29.81 32.89
N TYR F 265 1.28 29.48 34.18
CA TYR F 265 0.20 28.81 34.89
C TYR F 265 -0.11 29.50 36.21
N SER F 266 -1.23 29.10 36.82
CA SER F 266 -1.65 29.68 38.09
C SER F 266 -2.78 28.88 38.71
N LYS F 267 -2.93 28.99 40.03
CA LYS F 267 -4.01 28.30 40.73
C LYS F 267 -5.25 29.18 40.77
N ASP F 268 -5.07 30.46 40.45
CA ASP F 268 -6.16 31.42 40.45
C ASP F 268 -6.07 32.35 39.23
N LEU F 269 -7.21 32.85 38.78
CA LEU F 269 -7.27 33.76 37.65
C LEU F 269 -6.81 35.16 38.06
N ALA F 270 -7.27 35.62 39.22
CA ALA F 270 -6.96 36.96 39.70
C ALA F 270 -5.48 37.16 39.93
N SER F 271 -4.86 36.25 40.67
CA SER F 271 -3.44 36.35 41.00
C SER F 271 -2.80 34.98 41.17
N GLY F 272 -1.48 34.98 41.38
CA GLY F 272 -0.75 33.74 41.59
C GLY F 272 -0.13 33.20 40.32
N TRP F 273 -0.09 34.03 39.29
CA TRP F 273 0.48 33.63 38.01
C TRP F 273 1.99 33.49 38.07
N SER F 274 2.50 32.41 37.50
CA SER F 274 3.94 32.14 37.48
C SER F 274 4.65 33.03 36.46
N GLN F 275 5.89 32.67 36.15
CA GLN F 275 6.68 33.41 35.17
C GLN F 275 6.46 32.87 33.76
N LEU F 276 7.12 33.47 32.80
CA LEU F 276 7.01 33.05 31.40
C LEU F 276 8.04 31.99 31.04
N TYR F 277 7.57 30.79 30.75
CA TYR F 277 8.44 29.70 30.32
C TYR F 277 8.33 29.51 28.81
N ASN F 278 9.45 29.19 28.18
CA ASN F 278 9.49 28.98 26.73
C ASN F 278 8.67 27.78 26.28
N LEU F 279 8.02 27.91 25.13
CA LEU F 279 7.20 26.85 24.56
C LEU F 279 7.46 26.76 23.06
N GLY F 280 7.95 25.60 22.62
CA GLY F 280 8.31 25.41 21.23
C GLY F 280 9.66 26.04 20.94
N ASN F 281 10.00 26.16 19.67
CA ASN F 281 11.28 26.74 19.28
C ASN F 281 11.20 28.26 19.14
N SER F 282 12.25 28.85 18.56
CA SER F 282 12.35 30.31 18.47
C SER F 282 11.24 30.95 17.65
N THR F 283 10.61 30.17 16.78
CA THR F 283 9.56 30.70 15.92
C THR F 283 8.25 29.95 16.11
N THR F 284 8.16 29.18 17.19
CA THR F 284 6.99 28.36 17.46
C THR F 284 6.64 27.52 16.23
N TYR F 285 7.68 27.08 15.52
CA TYR F 285 7.51 26.25 14.33
C TYR F 285 6.85 27.05 13.22
N ARG F 286 7.28 28.29 13.06
CA ARG F 286 6.74 29.18 12.04
C ARG F 286 5.22 29.28 12.15
N SER F 287 4.75 29.62 13.33
CA SER F 287 3.31 29.79 13.57
C SER F 287 3.06 30.68 14.78
N GLN F 288 1.82 31.15 14.92
CA GLN F 288 1.44 31.96 16.07
C GLN F 288 0.19 31.41 16.75
N PRO F 289 0.26 31.19 18.07
CA PRO F 289 -0.86 30.66 18.85
C PRO F 289 -2.16 31.42 18.58
N THR F 290 -3.27 30.69 18.53
CA THR F 290 -4.57 31.30 18.28
C THR F 290 -5.66 30.72 19.17
N PHE F 291 -5.54 29.43 19.48
CA PHE F 291 -6.52 28.76 20.34
C PHE F 291 -6.08 27.34 20.70
N ILE F 292 -6.46 26.92 21.90
CA ILE F 292 -6.16 25.57 22.37
C ILE F 292 -7.42 24.92 22.95
N ILE F 293 -7.75 23.73 22.45
CA ILE F 293 -8.98 23.06 22.87
C ILE F 293 -8.72 21.60 23.27
N PRO F 294 -9.31 21.17 24.40
CA PRO F 294 -9.19 19.79 24.87
C PRO F 294 -10.06 18.83 24.05
N VAL F 295 -9.48 17.70 23.67
CA VAL F 295 -10.20 16.67 22.93
C VAL F 295 -10.41 15.45 23.82
N GLN F 296 -11.63 15.29 24.33
CA GLN F 296 -11.94 14.21 25.27
C GLN F 296 -12.50 12.98 24.56
N GLY F 297 -11.82 11.85 24.75
CA GLY F 297 -12.24 10.59 24.15
C GLY F 297 -12.36 9.48 25.18
N SER F 298 -12.45 8.24 24.69
CA SER F 298 -12.60 7.09 25.57
C SER F 298 -11.32 6.78 26.35
N SER F 299 -10.18 6.83 25.67
CA SER F 299 -8.90 6.52 26.30
C SER F 299 -8.48 7.61 27.28
N GLY F 300 -8.72 8.86 26.92
CA GLY F 300 -8.36 9.99 27.77
C GLY F 300 -8.67 11.32 27.12
N THR F 301 -7.91 12.35 27.50
CA THR F 301 -8.10 13.68 26.97
C THR F 301 -6.78 14.33 26.56
N SER F 302 -6.67 14.67 25.28
CA SER F 302 -5.49 15.37 24.78
C SER F 302 -5.83 16.83 24.48
N TYR F 303 -4.81 17.64 24.24
CA TYR F 303 -5.02 19.05 23.95
C TYR F 303 -4.48 19.46 22.58
N LEU F 304 -5.35 20.04 21.77
CA LEU F 304 -5.00 20.44 20.41
C LEU F 304 -4.59 21.90 20.34
N TYR F 305 -3.38 22.14 19.85
CA TYR F 305 -2.90 23.51 19.65
C TYR F 305 -3.18 23.98 18.23
N MET F 306 -3.91 25.08 18.11
CA MET F 306 -4.20 25.67 16.81
C MET F 306 -3.33 26.91 16.58
N GLY F 307 -2.60 26.91 15.48
CA GLY F 307 -1.72 28.02 15.15
C GLY F 307 -1.91 28.50 13.72
N ASP F 308 -1.38 29.69 13.44
CA ASP F 308 -1.46 30.25 12.10
C ASP F 308 -0.07 30.56 11.53
N ARG F 309 0.19 30.04 10.34
CA ARG F 309 1.41 30.39 9.62
C ARG F 309 1.08 31.55 8.67
N TRP F 310 0.96 32.74 9.24
CA TRP F 310 0.55 33.91 8.48
C TRP F 310 1.43 34.14 7.25
N ALA F 311 0.80 34.26 6.09
CA ALA F 311 1.52 34.49 4.84
C ALA F 311 2.18 35.87 4.85
N GLY F 312 1.69 36.74 5.73
CA GLY F 312 2.23 38.09 5.84
C GLY F 312 3.70 38.08 6.24
N ALA F 313 4.12 36.99 6.87
CA ALA F 313 5.51 36.85 7.31
C ALA F 313 6.47 36.91 6.13
N TRP F 314 5.96 36.61 4.93
CA TRP F 314 6.77 36.68 3.72
C TRP F 314 6.14 37.58 2.66
N GLY F 315 5.34 38.54 3.11
CA GLY F 315 4.76 39.54 2.22
C GLY F 315 3.48 39.08 1.54
N GLY F 316 2.94 37.96 1.98
CA GLY F 316 1.72 37.42 1.39
C GLY F 316 0.48 37.90 2.11
N LYS F 317 -0.66 37.89 1.40
CA LYS F 317 -1.93 38.28 1.98
C LYS F 317 -2.47 37.18 2.90
N VAL F 318 -3.41 37.55 3.77
CA VAL F 318 -3.96 36.61 4.73
C VAL F 318 -4.58 35.39 4.06
N ASN F 319 -5.09 35.58 2.84
CA ASN F 319 -5.72 34.50 2.10
C ASN F 319 -4.79 33.31 1.89
N ASP F 320 -3.49 33.60 1.85
CA ASP F 320 -2.49 32.57 1.56
C ASP F 320 -1.88 32.00 2.84
N SER F 321 -2.48 32.34 3.99
CA SER F 321 -1.97 31.86 5.26
C SER F 321 -2.26 30.37 5.45
N GLN F 322 -1.42 29.72 6.26
CA GLN F 322 -1.53 28.27 6.47
C GLN F 322 -1.83 27.93 7.92
N TYR F 323 -1.95 26.65 8.22
CA TYR F 323 -2.32 26.20 9.56
C TYR F 323 -1.30 25.24 10.14
N VAL F 324 -1.17 25.27 11.47
CA VAL F 324 -0.27 24.36 12.19
C VAL F 324 -0.95 23.82 13.43
N TRP F 325 -1.37 22.56 13.37
CA TRP F 325 -1.99 21.90 14.52
C TRP F 325 -1.05 20.90 15.16
N LEU F 326 -0.81 21.07 16.46
CA LEU F 326 0.11 20.21 17.19
C LEU F 326 -0.49 19.79 18.53
N PRO F 327 -0.05 18.65 19.07
CA PRO F 327 -0.51 18.19 20.38
C PRO F 327 0.20 18.94 21.51
N LEU F 328 -0.58 19.45 22.47
CA LEU F 328 -0.01 20.12 23.63
C LEU F 328 0.09 19.13 24.79
N ASN F 329 1.30 18.67 25.07
CA ASN F 329 1.51 17.65 26.09
C ASN F 329 1.81 18.23 27.47
N PHE F 330 1.19 17.65 28.49
CA PHE F 330 1.40 18.07 29.87
C PHE F 330 2.24 17.05 30.64
N ILE F 331 3.56 17.18 30.54
CA ILE F 331 4.47 16.32 31.26
C ILE F 331 4.16 16.36 32.75
N SER F 332 3.78 17.55 33.22
CA SER F 332 3.38 17.77 34.60
C SER F 332 2.54 19.03 34.68
N ASP F 333 1.94 19.28 35.84
CA ASP F 333 1.15 20.48 36.05
C ASP F 333 2.02 21.73 35.90
N THR F 334 3.33 21.53 36.03
CA THR F 334 4.29 22.62 35.94
C THR F 334 5.03 22.63 34.60
N THR F 335 5.35 21.43 34.11
CA THR F 335 6.11 21.29 32.87
C THR F 335 5.22 21.00 31.67
N LEU F 336 5.27 21.89 30.69
CA LEU F 336 4.50 21.74 29.45
C LEU F 336 5.42 21.78 28.24
N GLU F 337 5.03 21.11 27.16
CA GLU F 337 5.83 21.13 25.94
C GLU F 337 4.98 20.96 24.69
N LEU F 338 5.45 21.57 23.59
CA LEU F 338 4.75 21.52 22.32
C LEU F 338 5.64 20.95 21.23
N PRO F 339 5.55 19.64 21.01
CA PRO F 339 6.36 18.95 19.98
C PRO F 339 5.91 19.33 18.58
N TYR F 340 6.83 19.25 17.62
CA TYR F 340 6.49 19.55 16.23
C TYR F 340 6.52 18.30 15.36
N TYR F 341 5.42 18.02 14.69
CA TYR F 341 5.31 16.88 13.80
C TYR F 341 4.89 17.34 12.42
N ASP F 342 5.58 16.87 11.39
CA ASP F 342 5.23 17.22 10.02
C ASP F 342 3.84 16.70 9.69
N SER F 343 3.45 15.62 10.37
CA SER F 343 2.13 15.03 10.20
C SER F 343 1.59 14.60 11.56
N VAL F 344 0.37 15.02 11.87
CA VAL F 344 -0.23 14.71 13.16
C VAL F 344 -1.44 13.78 13.03
N LYS F 345 -1.46 12.73 13.84
CA LYS F 345 -2.57 11.80 13.85
C LYS F 345 -3.61 12.22 14.89
N ILE F 346 -4.85 12.39 14.45
CA ILE F 346 -5.92 12.80 15.35
C ILE F 346 -7.04 11.77 15.41
N ASP F 347 -7.29 11.25 16.60
CA ASP F 347 -8.38 10.31 16.83
C ASP F 347 -9.33 10.88 17.87
N ALA F 348 -10.37 11.56 17.39
CA ALA F 348 -11.30 12.26 18.27
C ALA F 348 -12.06 11.33 19.21
N SER F 349 -12.57 10.22 18.66
CA SER F 349 -13.36 9.28 19.44
C SER F 349 -12.58 8.73 20.63
N SER F 350 -11.31 8.43 20.42
CA SER F 350 -10.47 7.91 21.49
C SER F 350 -9.91 9.04 22.35
N GLY F 351 -9.74 10.21 21.74
CA GLY F 351 -9.19 11.36 22.44
C GLY F 351 -7.68 11.33 22.48
N ILE F 352 -7.08 10.92 21.35
CA ILE F 352 -5.63 10.80 21.27
C ILE F 352 -5.07 11.66 20.14
N ILE F 353 -4.00 12.40 20.45
CA ILE F 353 -3.30 13.18 19.44
C ILE F 353 -1.81 12.89 19.53
N SER F 354 -1.27 12.28 18.47
CA SER F 354 0.14 11.91 18.46
C SER F 354 0.76 12.16 17.09
N GLU F 355 2.04 11.82 16.96
CA GLU F 355 2.74 11.98 15.70
C GLU F 355 2.33 10.89 14.72
N TYR F 356 2.16 11.27 13.45
CA TYR F 356 1.86 10.29 12.42
C TYR F 356 3.14 9.75 11.78
N ILE F 357 3.38 8.45 11.98
CA ILE F 357 4.57 7.82 11.43
C ILE F 357 4.22 7.06 10.14
N PRO F 358 4.66 7.59 8.99
CA PRO F 358 4.38 7.00 7.69
C PRO F 358 4.82 5.55 7.59
N ASP F 359 6.02 5.25 8.10
CA ASP F 359 6.56 3.91 8.06
C ASP F 359 6.68 3.33 9.46
N THR F 360 5.80 2.40 9.79
CA THR F 360 5.75 1.83 11.14
C THR F 360 6.71 0.66 11.30
N THR F 361 7.67 0.55 10.38
CA THR F 361 8.67 -0.51 10.44
C THR F 361 9.61 -0.31 11.63
N ARG F 362 9.48 -1.19 12.63
CA ARG F 362 10.36 -1.13 13.79
C ARG F 362 11.78 -1.56 13.43
N TYR F 363 12.77 -0.93 14.05
CA TYR F 363 14.17 -1.24 13.78
C TYR F 363 14.98 -1.47 15.06
N LYS F 364 16.22 -1.92 14.88
CA LYS F 364 17.16 -2.07 15.98
C LYS F 364 18.57 -1.71 15.52
N LEU F 365 19.21 -0.80 16.23
CA LEU F 365 20.55 -0.36 15.87
C LEU F 365 21.63 -1.07 16.69
N VAL F 366 22.37 -1.96 16.05
CA VAL F 366 23.41 -2.73 16.72
C VAL F 366 24.80 -2.19 16.37
N ASN F 367 25.64 -2.05 17.39
CA ASN F 367 27.00 -1.57 17.18
C ASN F 367 27.95 -2.70 16.80
N LYS F 368 28.73 -2.47 15.74
CA LYS F 368 29.67 -3.48 15.25
C LYS F 368 30.58 -4.00 16.36
N ASN F 369 31.33 -3.10 16.99
CA ASN F 369 32.27 -3.47 18.04
C ASN F 369 31.56 -4.02 19.28
N SER F 370 30.85 -3.15 19.97
CA SER F 370 30.20 -3.51 21.23
C SER F 370 29.29 -4.72 21.08
N GLY F 371 28.50 -4.75 20.02
CA GLY F 371 27.54 -5.82 19.81
C GLY F 371 26.24 -5.55 20.53
N LYS F 372 26.19 -4.41 21.22
CA LYS F 372 24.98 -4.00 21.94
C LYS F 372 24.04 -3.24 21.00
N VAL F 373 22.83 -2.98 21.47
CA VAL F 373 21.83 -2.28 20.67
C VAL F 373 21.53 -0.90 21.26
N LEU F 374 21.14 0.03 20.40
CA LEU F 374 20.78 1.38 20.83
C LEU F 374 19.56 1.30 21.75
N ASP F 375 19.69 1.89 22.93
CA ASP F 375 18.65 1.79 23.94
C ASP F 375 18.53 3.07 24.77
N VAL F 376 17.48 3.14 25.58
CA VAL F 376 17.26 4.27 26.49
C VAL F 376 17.41 3.79 27.93
N LEU F 377 18.13 4.55 28.74
CA LEU F 377 18.36 4.19 30.14
C LEU F 377 17.07 3.81 30.86
N ASP F 378 17.01 2.57 31.33
CA ASP F 378 15.87 2.06 32.08
C ASP F 378 14.57 2.14 31.27
N GLY F 379 14.70 2.18 29.96
CA GLY F 379 13.55 2.31 29.08
C GLY F 379 12.65 3.46 29.50
N SER F 380 13.27 4.51 30.04
CA SER F 380 12.54 5.66 30.54
C SER F 380 11.89 6.45 29.41
N VAL F 381 10.71 7.00 29.67
CA VAL F 381 10.01 7.83 28.70
C VAL F 381 10.14 9.29 29.07
N ASP F 382 10.88 9.56 30.15
CA ASP F 382 11.11 10.92 30.61
C ASP F 382 11.86 11.74 29.57
N ASN F 383 11.66 13.05 29.59
CA ASN F 383 12.30 13.94 28.64
C ASN F 383 13.79 14.07 28.92
N ALA F 384 14.58 14.17 27.84
CA ALA F 384 16.02 14.34 27.95
C ALA F 384 16.70 13.14 28.63
N ALA F 385 16.10 11.97 28.48
CA ALA F 385 16.68 10.74 29.01
C ALA F 385 17.94 10.35 28.25
N GLN F 386 18.93 9.84 28.97
CA GLN F 386 20.22 9.51 28.38
C GLN F 386 20.17 8.25 27.51
N ILE F 387 20.84 8.30 26.37
CA ILE F 387 20.88 7.17 25.45
C ILE F 387 22.11 6.30 25.67
N VAL F 388 21.88 5.01 25.89
CA VAL F 388 22.98 4.08 26.15
C VAL F 388 22.83 2.81 25.32
N GLN F 389 23.91 2.04 25.23
CA GLN F 389 23.87 0.75 24.56
C GLN F 389 23.59 -0.35 25.58
N TRP F 390 22.70 -1.27 25.23
CA TRP F 390 22.35 -2.36 26.14
C TRP F 390 22.26 -3.66 25.37
N THR F 391 22.28 -4.79 26.09
CA THR F 391 22.18 -6.11 25.46
C THR F 391 20.83 -6.30 24.79
N ASP F 392 20.85 -6.87 23.59
CA ASP F 392 19.63 -7.16 22.86
C ASP F 392 18.71 -8.06 23.68
N ASN F 393 17.74 -7.46 24.34
CA ASN F 393 16.81 -8.22 25.18
C ASN F 393 15.37 -8.11 24.69
N GLY F 394 15.20 -7.58 23.49
CA GLY F 394 13.88 -7.44 22.90
C GLY F 394 12.97 -6.49 23.65
N SER F 395 13.58 -5.55 24.38
CA SER F 395 12.81 -4.57 25.12
C SER F 395 12.24 -3.51 24.18
N LEU F 396 11.13 -2.89 24.58
CA LEU F 396 10.49 -1.86 23.77
C LEU F 396 11.43 -0.70 23.46
N SER F 397 12.18 -0.26 24.46
CA SER F 397 13.02 0.92 24.34
C SER F 397 14.20 0.74 23.37
N GLN F 398 14.34 -0.47 22.85
CA GLN F 398 15.45 -0.80 21.95
C GLN F 398 15.01 -0.81 20.48
N GLN F 399 13.76 -0.45 20.24
CA GLN F 399 13.22 -0.40 18.88
C GLN F 399 12.94 1.04 18.47
N TRP F 400 13.19 1.36 17.21
CA TRP F 400 13.10 2.73 16.74
C TRP F 400 12.42 2.84 15.38
N TYR F 401 11.67 3.92 15.17
CA TYR F 401 11.08 4.23 13.88
C TYR F 401 12.05 5.07 13.06
N LEU F 402 11.77 5.21 11.77
CA LEU F 402 12.58 6.05 10.91
C LEU F 402 11.72 6.98 10.06
N VAL F 403 11.69 8.26 10.43
CA VAL F 403 10.87 9.25 9.73
C VAL F 403 11.73 10.15 8.84
N ASP F 404 11.64 9.95 7.53
CA ASP F 404 12.39 10.76 6.58
C ASP F 404 11.91 12.21 6.66
N VAL F 405 12.85 13.14 6.71
CA VAL F 405 12.53 14.56 6.78
C VAL F 405 13.13 15.33 5.61
N GLY F 406 13.32 14.64 4.49
CA GLY F 406 13.88 15.26 3.30
C GLY F 406 15.37 15.50 3.40
N GLY F 407 16.00 15.82 2.28
CA GLY F 407 17.42 16.09 2.25
C GLY F 407 18.27 14.86 2.49
N GLY F 408 17.61 13.70 2.59
CA GLY F 408 18.31 12.45 2.82
C GLY F 408 18.45 12.13 4.30
N TYR F 409 18.08 13.09 5.15
CA TYR F 409 18.17 12.90 6.59
C TYR F 409 16.88 12.31 7.15
N LYS F 410 16.98 11.70 8.33
CA LYS F 410 15.84 11.04 8.94
C LYS F 410 15.81 11.23 10.45
N LYS F 411 14.61 11.19 11.02
CA LYS F 411 14.43 11.21 12.46
C LYS F 411 14.48 9.79 13.01
N ILE F 412 15.22 9.60 14.09
CA ILE F 412 15.26 8.31 14.76
C ILE F 412 14.41 8.36 16.02
N VAL F 413 13.13 8.04 15.86
CA VAL F 413 12.18 8.15 16.96
C VAL F 413 12.05 6.84 17.74
N ASN F 414 12.16 6.94 19.06
CA ASN F 414 11.96 5.78 19.93
C ASN F 414 10.53 5.28 19.82
N VAL F 415 10.31 4.01 20.15
CA VAL F 415 8.97 3.43 20.10
C VAL F 415 8.29 3.49 21.45
N LYS F 416 9.00 3.07 22.49
CA LYS F 416 8.47 3.10 23.84
C LYS F 416 7.97 4.50 24.18
N SER F 417 8.80 5.49 23.87
CA SER F 417 8.42 6.89 24.03
C SER F 417 8.46 7.57 22.67
N GLY F 418 7.70 8.64 22.51
CA GLY F 418 7.63 9.35 21.23
C GLY F 418 8.78 10.31 21.04
N ARG F 419 9.83 10.14 21.83
CA ARG F 419 10.98 11.04 21.78
C ARG F 419 11.88 10.71 20.59
N ALA F 420 12.55 11.73 20.06
CA ALA F 420 13.46 11.53 18.94
C ALA F 420 14.91 11.58 19.40
N LEU F 421 15.78 10.85 18.69
CA LEU F 421 17.20 10.86 19.00
C LEU F 421 17.72 12.29 18.84
N ASP F 422 18.33 12.80 19.90
CA ASP F 422 18.68 14.22 19.96
C ASP F 422 20.08 14.47 20.52
N VAL F 423 20.79 15.39 19.88
CA VAL F 423 22.09 15.82 20.36
C VAL F 423 21.90 16.93 21.40
N LYS F 424 22.14 16.59 22.66
CA LYS F 424 21.86 17.51 23.76
C LYS F 424 22.45 18.91 23.54
N ASP F 425 21.60 19.92 23.70
CA ASP F 425 22.02 21.32 23.63
C ASP F 425 22.62 21.70 22.29
N GLU F 426 22.19 21.02 21.23
CA GLU F 426 22.68 21.29 19.89
C GLU F 426 24.21 21.38 19.87
N SER F 427 24.84 20.54 20.66
CA SER F 427 26.31 20.55 20.77
C SER F 427 26.96 20.23 19.44
N LYS F 428 28.14 20.82 19.22
CA LYS F 428 28.91 20.57 18.00
C LYS F 428 30.31 20.08 18.37
N GLU F 429 30.44 19.50 19.56
CA GLU F 429 31.73 19.05 20.06
C GLU F 429 31.78 17.54 20.22
N ASP F 430 32.98 16.97 20.16
CA ASP F 430 33.17 15.55 20.40
C ASP F 430 32.79 15.21 21.83
N GLY F 431 32.11 14.09 22.01
CA GLY F 431 31.71 13.64 23.33
C GLY F 431 30.34 14.11 23.75
N GLY F 432 29.72 14.94 22.91
CA GLY F 432 28.39 15.45 23.19
C GLY F 432 27.38 14.34 23.42
N VAL F 433 26.95 14.19 24.66
CA VAL F 433 26.00 13.15 25.04
C VAL F 433 24.72 13.19 24.22
N LEU F 434 24.23 12.02 23.82
CA LEU F 434 22.97 11.91 23.08
C LEU F 434 21.83 11.52 24.01
N ILE F 435 20.70 12.20 23.87
CA ILE F 435 19.53 11.92 24.68
C ILE F 435 18.28 11.84 23.81
N GLN F 436 17.19 11.37 24.39
CA GLN F 436 15.90 11.40 23.71
C GLN F 436 15.15 12.67 24.11
N TYR F 437 14.84 13.51 23.14
CA TYR F 437 14.21 14.79 23.44
C TYR F 437 12.99 15.03 22.57
N THR F 438 12.11 15.92 23.04
CA THR F 438 10.91 16.28 22.29
C THR F 438 11.26 16.78 20.90
N SER F 439 10.52 16.30 19.91
CA SER F 439 10.73 16.74 18.53
C SER F 439 10.54 18.25 18.40
N ASN F 440 11.55 18.93 17.88
CA ASN F 440 11.49 20.38 17.73
C ASN F 440 11.96 20.86 16.35
N GLY F 441 12.14 19.92 15.43
CA GLY F 441 12.51 20.25 14.06
C GLY F 441 13.93 20.74 13.92
N GLY F 442 14.72 20.63 14.99
CA GLY F 442 16.11 21.04 14.96
C GLY F 442 16.99 20.06 14.22
N TYR F 443 18.02 20.58 13.55
CA TYR F 443 18.94 19.73 12.81
C TYR F 443 19.67 18.75 13.71
N ASN F 444 19.71 19.05 15.00
CA ASN F 444 20.33 18.16 15.98
C ASN F 444 19.43 16.96 16.28
N GLN F 445 18.38 16.81 15.48
CA GLN F 445 17.49 15.66 15.59
C GLN F 445 17.37 14.95 14.24
N HIS F 446 18.10 15.46 13.25
CA HIS F 446 18.13 14.85 11.93
C HIS F 446 19.41 14.05 11.73
N TRP F 447 19.27 12.80 11.27
CA TRP F 447 20.40 11.91 11.10
C TRP F 447 20.48 11.34 9.69
N LYS F 448 21.68 11.24 9.16
CA LYS F 448 21.91 10.65 7.84
C LYS F 448 22.56 9.28 7.96
N PHE F 449 22.09 8.34 7.15
CA PHE F 449 22.65 7.00 7.12
C PHE F 449 23.57 6.81 5.92
N THR F 450 24.81 6.43 6.16
CA THR F 450 25.78 6.20 5.10
C THR F 450 26.31 4.78 5.16
N ASP F 451 26.14 4.03 4.07
CA ASP F 451 26.55 2.63 4.03
C ASP F 451 28.04 2.49 3.76
N ILE F 452 28.68 1.59 4.50
CA ILE F 452 30.11 1.32 4.31
C ILE F 452 30.36 -0.15 4.02
N GLY F 453 29.27 -0.90 3.84
CA GLY F 453 29.36 -2.32 3.53
C GLY F 453 28.98 -3.20 4.71
N ASP F 454 28.68 -4.46 4.41
CA ASP F 454 28.31 -5.44 5.43
C ASP F 454 27.03 -5.06 6.18
N GLY F 455 26.25 -4.16 5.57
CA GLY F 455 24.99 -3.74 6.16
C GLY F 455 25.16 -2.80 7.34
N TYR F 456 26.38 -2.29 7.50
CA TYR F 456 26.66 -1.33 8.57
C TYR F 456 26.70 0.09 8.03
N TYR F 457 26.19 1.03 8.83
CA TYR F 457 26.15 2.44 8.45
C TYR F 457 26.89 3.31 9.45
N LYS F 458 27.31 4.50 9.00
CA LYS F 458 27.82 5.51 9.91
C LYS F 458 26.85 6.69 9.96
N ILE F 459 25.97 6.67 10.95
CA ILE F 459 24.90 7.65 11.08
C ILE F 459 25.41 9.02 11.52
N SER F 460 25.62 9.90 10.56
CA SER F 460 26.11 11.25 10.85
C SER F 460 24.96 12.17 11.26
N SER F 461 25.31 13.34 11.79
CA SER F 461 24.30 14.31 12.22
C SER F 461 24.25 15.49 11.26
N ARG F 462 23.05 16.00 11.00
CA ARG F 462 22.85 17.07 10.04
C ARG F 462 23.41 18.40 10.54
N HIS F 463 23.49 18.54 11.85
CA HIS F 463 23.94 19.80 12.46
C HIS F 463 25.39 20.12 12.13
N CYS F 464 26.31 19.29 12.64
CA CYS F 464 27.74 19.54 12.44
C CYS F 464 28.38 18.51 11.51
N GLY F 465 27.93 17.27 11.61
CA GLY F 465 28.45 16.21 10.76
C GLY F 465 28.96 15.02 11.54
N LYS F 466 29.30 15.23 12.81
CA LYS F 466 29.77 14.15 13.67
C LYS F 466 28.71 13.07 13.78
N LEU F 467 29.15 11.82 13.92
CA LEU F 467 28.24 10.69 13.89
C LEU F 467 28.13 9.97 15.24
N ILE F 468 27.10 9.13 15.37
CA ILE F 468 26.84 8.39 16.59
C ILE F 468 28.05 7.54 16.99
N ASP F 469 28.49 7.70 18.24
CA ASP F 469 29.68 7.02 18.72
C ASP F 469 29.46 6.43 20.11
N VAL F 470 30.13 5.31 20.39
CA VAL F 470 30.09 4.69 21.70
C VAL F 470 31.28 5.18 22.53
N ARG F 471 30.98 5.82 23.66
CA ARG F 471 32.03 6.43 24.48
C ARG F 471 33.14 5.45 24.83
N LYS F 472 34.34 5.74 24.34
CA LYS F 472 35.52 4.94 24.64
C LYS F 472 35.35 3.46 24.32
N TRP F 473 34.71 3.16 23.19
CA TRP F 473 34.59 1.80 22.69
C TRP F 473 34.03 0.84 23.74
N SER F 474 33.16 1.34 24.61
CA SER F 474 32.58 0.51 25.65
C SER F 474 31.95 -0.74 25.06
N THR F 475 32.12 -1.87 25.74
CA THR F 475 31.59 -3.15 25.27
C THR F 475 30.48 -3.64 26.18
N GLU F 476 30.38 -3.05 27.37
CA GLU F 476 29.41 -3.48 28.35
C GLU F 476 28.14 -2.63 28.32
N ASP F 477 27.18 -2.99 29.18
CA ASP F 477 25.91 -2.28 29.26
C ASP F 477 26.10 -0.89 29.84
N GLY F 478 25.11 -0.01 29.62
CA GLY F 478 25.17 1.35 30.12
C GLY F 478 26.16 2.20 29.35
N GLY F 479 26.75 1.64 28.31
CA GLY F 479 27.70 2.36 27.47
C GLY F 479 27.10 3.64 26.92
N ILE F 480 27.64 4.77 27.35
CA ILE F 480 27.11 6.07 26.97
C ILE F 480 27.25 6.35 25.47
N ILE F 481 26.13 6.61 24.82
CA ILE F 481 26.13 6.97 23.41
C ILE F 481 26.37 8.47 23.26
N GLN F 482 27.31 8.83 22.40
CA GLN F 482 27.66 10.25 22.22
C GLN F 482 27.88 10.62 20.77
N GLN F 483 28.41 11.83 20.57
CA GLN F 483 28.67 12.36 19.24
C GLN F 483 30.18 12.47 19.06
N TRP F 484 30.67 12.12 17.88
CA TRP F 484 32.11 12.16 17.65
C TRP F 484 32.45 12.25 16.16
N SER F 485 33.59 12.85 15.85
CA SER F 485 34.05 12.97 14.47
C SER F 485 34.35 11.59 13.88
N ASP F 486 34.29 11.49 12.57
CA ASP F 486 34.51 10.22 11.89
C ASP F 486 35.95 9.73 12.05
N ALA F 487 36.15 8.73 12.90
CA ALA F 487 37.47 8.18 13.15
C ALA F 487 37.65 6.85 12.42
N GLY F 488 36.56 6.32 11.88
CA GLY F 488 36.60 5.06 11.16
C GLY F 488 36.76 3.87 12.09
N GLY F 489 36.13 3.95 13.26
CA GLY F 489 36.20 2.88 14.24
C GLY F 489 34.96 2.01 14.25
N THR F 490 35.11 0.76 14.67
CA THR F 490 34.00 -0.17 14.72
C THR F 490 32.99 0.22 15.79
N ASN F 491 33.39 1.14 16.66
CA ASN F 491 32.51 1.66 17.70
C ASN F 491 31.56 2.72 17.14
N GLN F 492 31.82 3.12 15.90
CA GLN F 492 31.02 4.14 15.24
C GLN F 492 30.11 3.53 14.18
N HIS F 493 30.35 2.26 13.86
CA HIS F 493 29.58 1.57 12.83
C HIS F 493 28.36 0.87 13.42
N TRP F 494 27.22 1.07 12.78
CA TRP F 494 25.96 0.51 13.28
C TRP F 494 25.25 -0.33 12.22
N LYS F 495 24.58 -1.39 12.67
CA LYS F 495 23.83 -2.25 11.77
C LYS F 495 22.33 -2.07 11.98
N LEU F 496 21.59 -1.94 10.88
CA LEU F 496 20.15 -1.74 10.94
C LEU F 496 19.41 -3.07 10.81
N VAL F 497 18.84 -3.53 11.92
CA VAL F 497 18.16 -4.83 11.95
C VAL F 497 16.66 -4.67 12.16
N LEU F 498 15.87 -5.30 11.31
CA LEU F 498 14.41 -5.22 11.40
C LEU F 498 13.88 -6.12 12.50
N VAL F 499 12.59 -5.97 12.81
CA VAL F 499 11.95 -6.77 13.84
C VAL F 499 10.43 -6.80 13.66
#